data_2K3A
#
_entry.id   2K3A
#
_entity_poly.entity_id   1
_entity_poly.type   'polypeptide(L)'
_entity_poly.pdbx_seq_one_letter_code
;MKKLVTATTLTAGIGAAIVGLDHGNEADAAEQTQPTNQSTTQSTSGSSANLYTAGQCTWYVYDKVGGNIGSTWGNANNWA
SAASSAGYTVNNSPEAGSILQSTAGGYGHVAYVENVNSDGSVEVSEMNYNGGPFSVSERTISAGEASSYNYIHLN
;
_entity_poly.pdbx_strand_id   A
#
# COMPACT_ATOMS: atom_id res chain seq x y z
N MET A 1 -4.97 -26.49 94.79
CA MET A 1 -6.40 -26.23 94.47
C MET A 1 -6.62 -24.85 93.82
N LYS A 2 -7.79 -24.65 93.21
CA LYS A 2 -8.17 -23.38 92.55
C LYS A 2 -7.44 -23.15 91.21
N LYS A 3 -6.11 -23.29 91.20
CA LYS A 3 -5.33 -23.09 89.96
C LYS A 3 -5.85 -23.97 88.81
N LEU A 4 -6.44 -23.33 87.81
CA LEU A 4 -7.04 -24.03 86.65
C LEU A 4 -6.01 -24.17 85.51
N VAL A 5 -5.75 -25.40 85.09
CA VAL A 5 -4.82 -25.65 83.98
C VAL A 5 -5.47 -25.31 82.62
N THR A 6 -5.22 -24.09 82.14
CA THR A 6 -5.80 -23.62 80.86
C THR A 6 -4.99 -24.12 79.65
N ALA A 7 -5.67 -24.72 78.67
CA ALA A 7 -5.01 -25.21 77.46
C ALA A 7 -4.95 -24.13 76.37
N THR A 8 -3.74 -23.68 76.05
CA THR A 8 -3.56 -22.61 75.04
C THR A 8 -3.50 -23.16 73.60
N THR A 9 -4.01 -24.39 73.41
CA THR A 9 -3.99 -25.02 72.09
C THR A 9 -4.83 -24.25 71.05
N LEU A 10 -4.29 -24.14 69.84
CA LEU A 10 -5.01 -23.53 68.71
C LEU A 10 -4.63 -24.19 67.38
N THR A 11 -5.60 -24.84 66.74
CA THR A 11 -5.38 -25.53 65.46
C THR A 11 -5.36 -24.53 64.29
N ALA A 12 -4.24 -24.47 63.57
CA ALA A 12 -4.10 -23.55 62.44
C ALA A 12 -3.69 -24.28 61.15
N GLY A 13 -4.58 -24.27 60.16
CA GLY A 13 -4.27 -24.88 58.86
C GLY A 13 -3.67 -23.88 57.87
N ILE A 14 -2.75 -24.34 57.04
CA ILE A 14 -2.10 -23.47 56.04
C ILE A 14 -2.53 -23.80 54.60
N GLY A 15 -2.94 -22.78 53.86
CA GLY A 15 -3.37 -22.95 52.47
C GLY A 15 -2.23 -22.88 51.46
N ALA A 16 -2.56 -23.02 50.18
CA ALA A 16 -1.54 -22.99 49.11
C ALA A 16 -1.91 -22.03 47.97
N ALA A 17 -0.97 -21.19 47.57
CA ALA A 17 -1.18 -20.26 46.46
C ALA A 17 -0.84 -20.91 45.11
N ILE A 18 -1.81 -21.64 44.54
CA ILE A 18 -1.62 -22.27 43.22
C ILE A 18 -2.04 -21.34 42.07
N VAL A 19 -1.37 -21.46 40.93
CA VAL A 19 -1.62 -20.56 39.79
C VAL A 19 -1.99 -21.35 38.51
N GLY A 20 -2.91 -20.80 37.71
CA GLY A 20 -3.28 -21.41 36.44
C GLY A 20 -2.79 -20.61 35.22
N LEU A 21 -2.24 -21.32 34.23
CA LEU A 21 -1.69 -20.67 33.03
C LEU A 21 -2.76 -20.52 31.93
N ASP A 22 -2.48 -19.66 30.95
CA ASP A 22 -3.42 -19.41 29.85
C ASP A 22 -3.03 -20.17 28.57
N HIS A 23 -3.99 -20.87 27.98
CA HIS A 23 -3.77 -21.61 26.73
C HIS A 23 -5.10 -21.95 26.04
N GLY A 24 -5.37 -21.33 24.89
CA GLY A 24 -6.65 -21.52 24.21
C GLY A 24 -6.54 -22.16 22.83
N ASN A 25 -7.14 -21.51 21.83
CA ASN A 25 -7.22 -22.05 20.46
C ASN A 25 -5.99 -21.69 19.61
N GLU A 26 -5.69 -22.55 18.63
CA GLU A 26 -4.56 -22.32 17.70
C GLU A 26 -5.00 -21.60 16.42
N ALA A 27 -4.04 -21.30 15.54
CA ALA A 27 -4.31 -20.53 14.31
C ALA A 27 -4.17 -21.37 13.03
N ASP A 28 -4.69 -20.83 11.92
CA ASP A 28 -4.67 -21.53 10.62
C ASP A 28 -3.58 -20.96 9.69
N ALA A 29 -2.87 -21.84 8.99
CA ALA A 29 -1.83 -21.42 8.03
C ALA A 29 -2.40 -21.25 6.61
N ALA A 30 -1.78 -20.37 5.82
CA ALA A 30 -2.20 -20.12 4.43
C ALA A 30 -1.25 -20.79 3.43
N GLU A 31 -1.43 -20.51 2.14
CA GLU A 31 -0.53 -21.05 1.10
C GLU A 31 -0.41 -20.10 -0.10
N GLN A 32 0.83 -19.80 -0.49
CA GLN A 32 1.12 -18.97 -1.67
C GLN A 32 2.62 -18.92 -1.95
N THR A 33 2.97 -18.73 -3.22
CA THR A 33 4.37 -18.55 -3.61
C THR A 33 4.80 -17.09 -3.47
N GLN A 34 5.53 -16.79 -2.41
CA GLN A 34 5.94 -15.42 -2.09
C GLN A 34 7.29 -15.39 -1.34
N PRO A 35 8.40 -15.11 -2.05
CA PRO A 35 9.74 -15.07 -1.45
C PRO A 35 9.93 -13.87 -0.49
N THR A 36 9.64 -14.09 0.79
CA THR A 36 9.81 -13.05 1.82
C THR A 36 11.18 -13.18 2.51
N ASN A 37 11.88 -12.06 2.63
CA ASN A 37 13.21 -12.06 3.26
C ASN A 37 13.12 -11.81 4.77
N GLN A 38 12.01 -11.24 5.22
CA GLN A 38 11.82 -10.91 6.64
C GLN A 38 11.11 -12.03 7.42
N SER A 39 11.17 -11.96 8.74
CA SER A 39 10.40 -12.87 9.62
C SER A 39 8.92 -12.40 9.69
N THR A 40 8.06 -13.06 8.94
CA THR A 40 6.68 -12.60 8.75
C THR A 40 5.74 -13.00 9.88
N THR A 41 5.16 -12.00 10.55
CA THR A 41 4.06 -12.22 11.50
C THR A 41 2.80 -12.69 10.74
N GLN A 42 2.15 -13.73 11.25
CA GLN A 42 1.01 -14.35 10.55
C GLN A 42 -0.08 -13.32 10.16
N SER A 43 -0.07 -12.89 8.90
CA SER A 43 -1.06 -11.92 8.40
C SER A 43 -1.63 -12.37 7.04
N THR A 44 -2.86 -11.94 6.75
CA THR A 44 -3.53 -12.28 5.49
C THR A 44 -3.02 -11.41 4.32
N SER A 45 -3.50 -11.68 3.12
CA SER A 45 -3.05 -10.96 1.92
C SER A 45 -4.21 -10.54 1.01
N GLY A 46 -4.69 -9.31 1.20
CA GLY A 46 -5.70 -8.76 0.29
C GLY A 46 -5.07 -7.93 -0.82
N SER A 47 -4.30 -8.59 -1.69
CA SER A 47 -3.52 -7.89 -2.72
C SER A 47 -4.32 -7.70 -4.02
N SER A 48 -4.66 -6.45 -4.31
CA SER A 48 -5.40 -6.10 -5.54
C SER A 48 -5.05 -4.69 -6.02
N ALA A 49 -5.26 -4.43 -7.31
CA ALA A 49 -5.05 -3.08 -7.87
C ALA A 49 -5.91 -2.02 -7.15
N ASN A 50 -5.53 -0.75 -7.26
CA ASN A 50 -6.24 0.33 -6.56
C ASN A 50 -7.73 0.40 -6.95
N LEU A 51 -8.60 -0.04 -6.04
CA LEU A 51 -10.06 -0.04 -6.28
C LEU A 51 -10.75 1.15 -5.58
N TYR A 52 -9.96 2.10 -5.07
CA TYR A 52 -10.51 3.23 -4.32
C TYR A 52 -10.71 4.46 -5.23
N THR A 53 -11.57 5.38 -4.81
CA THR A 53 -11.84 6.60 -5.60
C THR A 53 -10.64 7.56 -5.59
N ALA A 54 -10.35 8.16 -6.74
CA ALA A 54 -9.19 9.03 -6.91
C ALA A 54 -9.44 10.44 -6.31
N GLY A 55 -8.76 10.75 -5.21
CA GLY A 55 -8.92 12.06 -4.59
C GLY A 55 -8.81 12.01 -3.06
N GLN A 56 -9.18 10.87 -2.47
CA GLN A 56 -9.11 10.71 -1.02
C GLN A 56 -7.68 10.33 -0.58
N CYS A 57 -7.30 10.73 0.64
CA CYS A 57 -5.93 10.48 1.12
C CYS A 57 -5.60 8.98 1.15
N THR A 58 -6.59 8.15 1.42
CA THR A 58 -6.43 6.70 1.43
C THR A 58 -6.10 6.14 0.03
N TRP A 59 -6.50 6.86 -1.02
CA TRP A 59 -6.32 6.41 -2.40
C TRP A 59 -4.84 6.21 -2.77
N TYR A 60 -4.04 7.29 -2.69
CA TYR A 60 -2.62 7.21 -3.07
C TYR A 60 -1.84 6.27 -2.14
N VAL A 61 -2.26 6.17 -0.88
CA VAL A 61 -1.65 5.23 0.06
C VAL A 61 -1.83 3.78 -0.41
N TYR A 62 -3.04 3.47 -0.88
CA TYR A 62 -3.38 2.14 -1.40
C TYR A 62 -2.47 1.79 -2.59
N ASP A 63 -2.13 2.79 -3.41
CA ASP A 63 -1.25 2.59 -4.56
C ASP A 63 0.23 2.48 -4.12
N LYS A 64 0.63 3.35 -3.20
CA LYS A 64 2.00 3.34 -2.65
C LYS A 64 2.33 2.00 -1.97
N VAL A 65 1.33 1.39 -1.35
CA VAL A 65 1.50 0.11 -0.65
C VAL A 65 1.36 -1.09 -1.61
N GLY A 66 1.31 -0.81 -2.91
CA GLY A 66 1.22 -1.87 -3.91
C GLY A 66 -0.11 -2.60 -3.92
N GLY A 67 -1.11 -2.02 -3.25
CA GLY A 67 -2.43 -2.62 -3.20
C GLY A 67 -2.50 -3.93 -2.42
N ASN A 68 -1.49 -4.18 -1.57
CA ASN A 68 -1.44 -5.43 -0.78
C ASN A 68 -2.34 -5.38 0.47
N ILE A 69 -3.18 -4.35 0.54
CA ILE A 69 -4.16 -4.21 1.62
C ILE A 69 -5.59 -4.27 1.08
N GLY A 70 -6.54 -4.70 1.90
CA GLY A 70 -7.92 -4.86 1.46
C GLY A 70 -8.69 -3.54 1.35
N SER A 71 -9.28 -3.29 0.17
CA SER A 71 -10.13 -2.09 -0.03
C SER A 71 -11.37 -2.12 0.89
N THR A 72 -11.69 -3.32 1.40
CA THR A 72 -12.85 -3.52 2.28
C THR A 72 -12.68 -2.90 3.69
N TRP A 73 -11.62 -2.12 3.89
CA TRP A 73 -11.39 -1.44 5.18
C TRP A 73 -12.28 -0.19 5.34
N GLY A 74 -12.34 0.64 4.30
CA GLY A 74 -13.17 1.85 4.36
C GLY A 74 -12.34 3.13 4.49
N ASN A 75 -12.69 3.99 5.45
CA ASN A 75 -11.98 5.25 5.67
C ASN A 75 -10.75 5.06 6.56
N ALA A 76 -9.85 6.05 6.52
CA ALA A 76 -8.60 5.98 7.29
C ALA A 76 -8.84 5.84 8.79
N ASN A 77 -9.99 6.32 9.26
CA ASN A 77 -10.36 6.22 10.68
C ASN A 77 -10.53 4.75 11.10
N ASN A 78 -11.03 3.92 10.19
CA ASN A 78 -11.30 2.51 10.51
C ASN A 78 -10.11 1.59 10.12
N TRP A 79 -9.25 2.06 9.20
CA TRP A 79 -8.18 1.23 8.61
C TRP A 79 -7.48 0.27 9.61
N ALA A 80 -6.95 0.80 10.71
CA ALA A 80 -6.24 -0.04 11.71
C ALA A 80 -7.17 -1.09 12.34
N SER A 81 -8.42 -0.70 12.59
CA SER A 81 -9.42 -1.62 13.16
C SER A 81 -9.80 -2.72 12.17
N ALA A 82 -10.09 -2.32 10.94
CA ALA A 82 -10.40 -3.26 9.85
C ALA A 82 -9.21 -4.18 9.57
N ALA A 83 -8.00 -3.62 9.60
CA ALA A 83 -6.77 -4.41 9.46
C ALA A 83 -6.72 -5.56 10.48
N SER A 84 -6.93 -5.22 11.75
CA SER A 84 -7.01 -6.23 12.83
C SER A 84 -8.13 -7.24 12.53
N SER A 85 -9.29 -6.73 12.14
CA SER A 85 -10.46 -7.58 11.82
C SER A 85 -10.22 -8.45 10.58
N ALA A 86 -9.32 -8.01 9.70
CA ALA A 86 -9.01 -8.74 8.46
C ALA A 86 -7.84 -9.73 8.65
N GLY A 87 -7.12 -9.59 9.76
CA GLY A 87 -5.98 -10.46 10.05
C GLY A 87 -4.64 -9.86 9.61
N TYR A 88 -4.45 -8.57 9.87
CA TYR A 88 -3.19 -7.88 9.57
C TYR A 88 -2.40 -7.56 10.86
N THR A 89 -1.25 -6.92 10.69
CA THR A 89 -0.36 -6.59 11.82
C THR A 89 -0.36 -5.07 12.11
N VAL A 90 -0.97 -4.66 13.21
CA VAL A 90 -1.05 -3.23 13.57
C VAL A 90 -0.32 -2.93 14.89
N ASN A 91 0.81 -2.22 14.79
CA ASN A 91 1.56 -1.78 15.98
C ASN A 91 2.06 -0.35 15.81
N ASN A 92 2.31 0.34 16.92
CA ASN A 92 2.78 1.73 16.87
C ASN A 92 4.29 1.83 16.58
N SER A 93 4.88 0.71 16.14
CA SER A 93 6.30 0.65 15.80
C SER A 93 6.59 1.38 14.47
N PRO A 94 7.39 2.47 14.49
CA PRO A 94 7.75 3.21 13.28
C PRO A 94 8.72 2.42 12.38
N GLU A 95 8.19 1.86 11.30
CA GLU A 95 8.96 1.01 10.39
C GLU A 95 8.56 1.26 8.92
N ALA A 96 9.50 1.04 7.99
CA ALA A 96 9.25 1.25 6.56
C ALA A 96 8.30 0.19 5.99
N GLY A 97 7.59 0.57 4.91
CA GLY A 97 6.62 -0.35 4.31
C GLY A 97 5.37 -0.53 5.17
N SER A 98 4.97 0.53 5.86
CA SER A 98 3.81 0.49 6.75
C SER A 98 2.96 1.75 6.59
N ILE A 99 1.69 1.67 6.98
CA ILE A 99 0.77 2.82 6.93
C ILE A 99 0.48 3.34 8.33
N LEU A 100 0.67 4.65 8.58
CA LEU A 100 0.38 5.22 9.89
C LEU A 100 -1.03 5.83 9.93
N GLN A 101 -1.79 5.48 10.96
CA GLN A 101 -3.19 5.94 11.12
C GLN A 101 -3.28 7.13 12.08
N SER A 102 -3.94 8.21 11.63
CA SER A 102 -4.14 9.41 12.46
C SER A 102 -5.48 9.41 13.20
N THR A 103 -6.55 8.97 12.52
CA THR A 103 -7.95 9.01 13.02
C THR A 103 -8.51 10.44 13.20
N ALA A 104 -7.70 11.36 13.72
CA ALA A 104 -8.11 12.75 13.92
C ALA A 104 -8.47 13.43 12.58
N GLY A 105 -9.24 14.53 12.66
CA GLY A 105 -9.65 15.25 11.46
C GLY A 105 -11.05 14.87 10.98
N GLY A 106 -11.64 13.85 11.58
CA GLY A 106 -12.98 13.42 11.20
C GLY A 106 -13.02 11.99 10.63
N TYR A 107 -12.75 11.87 9.34
CA TYR A 107 -12.74 10.55 8.67
C TYR A 107 -11.37 9.87 8.78
N GLY A 108 -10.43 10.53 9.46
CA GLY A 108 -9.08 9.98 9.62
C GLY A 108 -8.15 10.29 8.46
N HIS A 109 -6.85 10.29 8.73
CA HIS A 109 -5.83 10.48 7.69
C HIS A 109 -4.73 9.41 7.79
N VAL A 110 -4.13 9.06 6.64
CA VAL A 110 -3.07 8.05 6.58
C VAL A 110 -2.04 8.39 5.49
N ALA A 111 -0.86 7.77 5.59
CA ALA A 111 0.21 7.93 4.60
C ALA A 111 1.15 6.71 4.61
N TYR A 112 1.94 6.55 3.56
CA TYR A 112 2.83 5.39 3.43
C TYR A 112 4.27 5.73 3.89
N VAL A 113 4.81 4.92 4.80
CA VAL A 113 6.15 5.15 5.32
C VAL A 113 7.25 4.74 4.32
N GLU A 114 7.92 5.73 3.74
CA GLU A 114 9.02 5.50 2.80
C GLU A 114 10.27 4.98 3.52
N ASN A 115 10.61 5.62 4.63
CA ASN A 115 11.83 5.29 5.39
C ASN A 115 11.79 5.88 6.82
N VAL A 116 12.44 5.18 7.75
CA VAL A 116 12.54 5.65 9.14
C VAL A 116 14.00 5.83 9.54
N ASN A 117 14.33 7.00 10.09
CA ASN A 117 15.71 7.32 10.48
C ASN A 117 16.05 6.78 11.88
N SER A 118 17.35 6.54 12.12
CA SER A 118 17.83 6.15 13.45
C SER A 118 17.46 7.22 14.48
N ASP A 119 17.46 8.47 14.03
CA ASP A 119 16.98 9.61 14.81
C ASP A 119 15.55 9.37 15.35
N GLY A 120 14.76 8.63 14.58
CA GLY A 120 13.38 8.35 14.96
C GLY A 120 12.36 9.01 14.03
N SER A 121 12.82 10.03 13.29
CA SER A 121 11.96 10.73 12.33
C SER A 121 11.45 9.79 11.23
N VAL A 122 10.13 9.76 11.07
CA VAL A 122 9.48 8.86 10.11
C VAL A 122 9.03 9.61 8.85
N GLU A 123 9.59 9.23 7.70
CA GLU A 123 9.28 9.88 6.43
C GLU A 123 8.10 9.20 5.71
N VAL A 124 6.94 9.83 5.78
CA VAL A 124 5.72 9.27 5.18
C VAL A 124 5.31 10.05 3.91
N SER A 125 5.19 9.32 2.80
CA SER A 125 4.83 9.93 1.51
C SER A 125 3.32 10.15 1.39
N GLU A 126 2.94 11.40 1.17
CA GLU A 126 1.53 11.76 0.94
C GLU A 126 1.38 12.70 -0.27
N MET A 127 0.36 12.44 -1.09
CA MET A 127 0.11 13.24 -2.29
C MET A 127 -0.62 14.55 -1.96
N ASN A 128 0.00 15.68 -2.32
CA ASN A 128 -0.62 16.99 -2.13
C ASN A 128 -1.57 17.30 -3.30
N TYR A 129 -1.26 16.75 -4.47
CA TYR A 129 -2.10 16.89 -5.68
C TYR A 129 -2.06 18.30 -6.29
N ASN A 130 -2.40 19.32 -5.49
CA ASN A 130 -2.43 20.71 -5.95
C ASN A 130 -1.11 21.10 -6.67
N GLY A 131 -1.11 20.96 -7.99
CA GLY A 131 0.08 21.24 -8.79
C GLY A 131 0.26 20.28 -9.95
N GLY A 132 -0.06 19.00 -9.72
CA GLY A 132 0.06 17.98 -10.76
C GLY A 132 -0.54 16.64 -10.35
N PRO A 133 -0.73 15.71 -11.30
CA PRO A 133 -1.39 14.40 -11.03
C PRO A 133 -0.60 13.53 -10.04
N PHE A 134 0.72 13.69 -10.01
CA PHE A 134 1.58 12.92 -9.11
C PHE A 134 2.37 13.83 -8.15
N SER A 135 1.81 15.01 -7.83
CA SER A 135 2.44 15.92 -6.86
C SER A 135 2.44 15.31 -5.45
N VAL A 136 3.42 14.46 -5.18
CA VAL A 136 3.56 13.79 -3.89
C VAL A 136 4.76 14.35 -3.11
N SER A 137 4.73 14.24 -1.78
CA SER A 137 5.84 14.72 -0.93
C SER A 137 6.05 13.84 0.29
N GLU A 138 7.31 13.53 0.60
CA GLU A 138 7.65 12.67 1.74
C GLU A 138 7.71 13.47 3.05
N ARG A 139 6.59 13.48 3.76
CA ARG A 139 6.46 14.23 5.03
C ARG A 139 7.28 13.60 6.15
N THR A 140 8.36 14.29 6.55
CA THR A 140 9.25 13.79 7.63
C THR A 140 8.72 14.18 9.01
N ILE A 141 8.03 13.26 9.66
CA ILE A 141 7.46 13.50 11.00
C ILE A 141 8.46 13.16 12.11
N SER A 142 8.43 13.93 13.20
CA SER A 142 9.30 13.69 14.36
C SER A 142 8.90 12.40 15.10
N ALA A 143 9.89 11.72 15.68
CA ALA A 143 9.67 10.45 16.38
C ALA A 143 8.50 10.48 17.37
N GLY A 144 8.49 11.49 18.24
CA GLY A 144 7.44 11.62 19.25
C GLY A 144 6.03 11.67 18.64
N GLU A 145 5.86 12.52 17.64
CA GLU A 145 4.56 12.67 16.96
C GLU A 145 4.23 11.42 16.11
N ALA A 146 5.24 10.87 15.46
CA ALA A 146 5.07 9.70 14.59
C ALA A 146 4.59 8.46 15.38
N SER A 147 5.26 8.18 16.50
CA SER A 147 4.91 7.01 17.34
C SER A 147 3.49 7.12 17.90
N SER A 148 2.90 8.31 17.81
CA SER A 148 1.54 8.55 18.29
C SER A 148 0.48 7.92 17.35
N TYR A 149 0.92 7.42 16.19
CA TYR A 149 0.01 6.84 15.19
C TYR A 149 0.08 5.30 15.16
N ASN A 150 -0.99 4.67 14.67
CA ASN A 150 -1.04 3.20 14.51
C ASN A 150 -0.43 2.78 13.15
N TYR A 151 0.67 2.04 13.18
CA TYR A 151 1.32 1.57 11.93
C TYR A 151 0.84 0.17 11.53
N ILE A 152 0.27 0.06 10.33
CA ILE A 152 -0.10 -1.23 9.75
C ILE A 152 1.06 -1.82 8.95
N HIS A 153 1.65 -2.89 9.46
CA HIS A 153 2.80 -3.54 8.82
C HIS A 153 2.36 -4.76 7.98
N LEU A 154 2.92 -4.89 6.78
CA LEU A 154 2.55 -6.01 5.90
C LEU A 154 3.50 -7.20 6.02
N ASN A 155 3.14 -8.14 6.89
CA ASN A 155 3.89 -9.40 7.01
C ASN A 155 3.12 -10.55 6.33
N MET A 1 -58.74 10.98 -16.16
CA MET A 1 -57.61 11.10 -15.21
C MET A 1 -56.76 9.82 -15.21
N LYS A 2 -55.65 9.83 -15.95
CA LYS A 2 -54.74 8.68 -15.99
C LYS A 2 -53.60 8.81 -14.97
N LYS A 3 -53.12 7.67 -14.48
CA LYS A 3 -52.04 7.65 -13.48
C LYS A 3 -50.72 7.16 -14.10
N LEU A 4 -49.67 7.97 -13.98
CA LEU A 4 -48.36 7.63 -14.53
C LEU A 4 -47.63 6.58 -13.66
N VAL A 5 -47.62 5.34 -14.13
CA VAL A 5 -46.90 4.25 -13.46
C VAL A 5 -45.44 4.18 -13.93
N THR A 6 -44.82 5.34 -14.12
CA THR A 6 -43.46 5.44 -14.66
C THR A 6 -42.38 5.34 -13.57
N ALA A 7 -41.25 4.72 -13.91
CA ALA A 7 -40.08 4.64 -13.02
C ALA A 7 -38.81 5.07 -13.76
N THR A 8 -38.06 6.02 -13.19
CA THR A 8 -36.85 6.54 -13.84
C THR A 8 -35.70 6.70 -12.83
N THR A 9 -34.72 5.80 -12.88
CA THR A 9 -33.61 5.80 -11.91
C THR A 9 -32.44 6.71 -12.38
N LEU A 10 -31.62 7.16 -11.43
CA LEU A 10 -30.47 8.04 -11.73
C LEU A 10 -29.14 7.26 -11.71
N THR A 11 -29.22 5.94 -11.91
CA THR A 11 -28.04 5.06 -11.84
C THR A 11 -26.96 5.42 -12.87
N ALA A 12 -25.70 5.12 -12.55
CA ALA A 12 -24.56 5.47 -13.40
C ALA A 12 -23.99 4.25 -14.14
N GLY A 13 -23.11 4.50 -15.11
CA GLY A 13 -22.48 3.42 -15.86
C GLY A 13 -21.08 3.07 -15.34
N ILE A 14 -21.00 2.05 -14.49
CA ILE A 14 -19.72 1.63 -13.89
C ILE A 14 -19.08 0.49 -14.69
N GLY A 15 -17.86 0.72 -15.20
CA GLY A 15 -17.14 -0.30 -15.95
C GLY A 15 -16.13 -1.08 -15.11
N ALA A 16 -14.96 -1.36 -15.69
CA ALA A 16 -13.92 -2.12 -14.99
C ALA A 16 -12.53 -1.87 -15.61
N ALA A 17 -11.60 -1.35 -14.81
CA ALA A 17 -10.24 -1.09 -15.28
C ALA A 17 -9.20 -1.42 -14.20
N ILE A 18 -8.55 -2.58 -14.33
CA ILE A 18 -7.53 -3.01 -13.36
C ILE A 18 -6.19 -2.30 -13.63
N VAL A 19 -6.08 -1.06 -13.16
CA VAL A 19 -4.86 -0.26 -13.35
C VAL A 19 -4.48 0.48 -12.05
N GLY A 20 -3.25 0.25 -11.59
CA GLY A 20 -2.75 0.93 -10.39
C GLY A 20 -1.26 0.71 -10.18
N LEU A 21 -0.43 1.54 -10.82
CA LEU A 21 1.02 1.37 -10.77
C LEU A 21 1.74 2.58 -11.40
N ASP A 22 2.61 3.23 -10.63
CA ASP A 22 3.46 4.29 -11.15
C ASP A 22 4.88 4.19 -10.56
N HIS A 23 5.79 3.53 -11.29
CA HIS A 23 7.18 3.32 -10.85
C HIS A 23 7.28 2.40 -9.61
N GLY A 24 6.14 1.99 -9.05
CA GLY A 24 6.13 1.14 -7.87
C GLY A 24 6.41 -0.34 -8.16
N ASN A 25 6.58 -0.67 -9.44
CA ASN A 25 6.86 -2.05 -9.86
C ASN A 25 8.30 -2.47 -9.49
N GLU A 26 9.16 -1.50 -9.25
CA GLU A 26 10.56 -1.78 -8.89
C GLU A 26 10.83 -1.48 -7.42
N ALA A 27 11.48 -2.41 -6.74
CA ALA A 27 11.80 -2.29 -5.31
C ALA A 27 13.14 -2.97 -4.99
N ASP A 28 13.99 -2.29 -4.21
CA ASP A 28 15.32 -2.81 -3.88
C ASP A 28 15.27 -4.16 -3.12
N ALA A 29 16.39 -4.87 -3.11
CA ALA A 29 16.48 -6.21 -2.48
C ALA A 29 16.84 -6.13 -0.99
N ALA A 30 16.83 -4.92 -0.42
CA ALA A 30 17.10 -4.71 1.02
C ALA A 30 16.06 -5.42 1.90
N GLU A 31 16.47 -6.50 2.55
CA GLU A 31 15.58 -7.30 3.39
C GLU A 31 15.74 -6.96 4.88
N GLN A 32 14.65 -6.48 5.50
CA GLN A 32 14.65 -6.15 6.93
C GLN A 32 14.16 -7.35 7.77
N THR A 33 15.03 -7.87 8.65
CA THR A 33 14.72 -9.08 9.44
C THR A 33 14.60 -8.78 10.94
N GLN A 34 13.37 -8.56 11.41
CA GLN A 34 13.10 -8.40 12.85
C GLN A 34 12.16 -9.51 13.36
N PRO A 35 12.66 -10.42 14.24
CA PRO A 35 11.84 -11.51 14.81
C PRO A 35 10.71 -11.00 15.71
N THR A 36 9.50 -10.95 15.18
CA THR A 36 8.32 -10.47 15.93
C THR A 36 7.25 -11.56 16.07
N ASN A 37 6.40 -11.41 17.08
CA ASN A 37 5.34 -12.39 17.35
C ASN A 37 4.11 -12.21 16.45
N GLN A 38 4.34 -11.74 15.22
CA GLN A 38 3.25 -11.48 14.26
C GLN A 38 2.84 -12.77 13.51
N SER A 39 3.39 -13.91 13.92
CA SER A 39 3.07 -15.19 13.28
C SER A 39 1.58 -15.54 13.42
N THR A 40 0.84 -15.37 12.33
CA THR A 40 -0.61 -15.66 12.32
C THR A 40 -1.03 -16.34 11.01
N THR A 41 -2.15 -17.05 11.04
CA THR A 41 -2.68 -17.69 9.84
C THR A 41 -3.51 -16.69 9.01
N GLN A 42 -2.86 -16.02 8.07
CA GLN A 42 -3.50 -14.96 7.27
C GLN A 42 -3.82 -15.43 5.85
N SER A 43 -4.93 -14.93 5.30
CA SER A 43 -5.34 -15.24 3.93
C SER A 43 -5.02 -14.08 2.98
N THR A 44 -4.52 -14.39 1.79
CA THR A 44 -4.15 -13.38 0.80
C THR A 44 -5.37 -12.58 0.30
N SER A 45 -5.40 -11.29 0.61
CA SER A 45 -6.48 -10.40 0.16
C SER A 45 -5.96 -9.33 -0.81
N GLY A 46 -6.85 -8.45 -1.27
CA GLY A 46 -6.47 -7.39 -2.21
C GLY A 46 -7.06 -7.60 -3.61
N SER A 47 -6.20 -7.87 -4.58
CA SER A 47 -6.60 -8.21 -5.98
C SER A 47 -7.57 -7.20 -6.62
N SER A 48 -7.75 -6.03 -6.01
CA SER A 48 -8.67 -5.01 -6.54
C SER A 48 -7.93 -3.93 -7.34
N ALA A 49 -8.65 -3.26 -8.23
CA ALA A 49 -8.07 -2.21 -9.07
C ALA A 49 -7.82 -0.92 -8.27
N ASN A 50 -8.89 -0.20 -7.96
CA ASN A 50 -8.80 1.08 -7.25
C ASN A 50 -10.18 1.48 -6.71
N LEU A 51 -10.49 1.06 -5.49
CA LEU A 51 -11.82 1.27 -4.90
C LEU A 51 -11.95 2.65 -4.23
N TYR A 52 -11.25 3.64 -4.78
CA TYR A 52 -11.30 5.03 -4.27
C TYR A 52 -11.28 6.02 -5.44
N THR A 53 -11.29 7.32 -5.12
CA THR A 53 -11.28 8.37 -6.16
C THR A 53 -9.99 9.20 -6.13
N ALA A 54 -9.58 9.70 -7.29
CA ALA A 54 -8.33 10.45 -7.44
C ALA A 54 -8.30 11.72 -6.58
N GLY A 55 -7.57 11.66 -5.46
CA GLY A 55 -7.47 12.81 -4.56
C GLY A 55 -7.43 12.40 -3.09
N GLN A 56 -8.05 11.27 -2.77
CA GLN A 56 -8.11 10.78 -1.39
C GLN A 56 -6.75 10.21 -0.94
N CYS A 57 -6.40 10.41 0.34
CA CYS A 57 -5.20 9.82 0.93
C CYS A 57 -5.23 8.29 0.79
N THR A 58 -6.37 7.70 1.12
CA THR A 58 -6.59 6.25 0.98
C THR A 58 -6.30 5.77 -0.44
N TRP A 59 -6.75 6.56 -1.42
CA TRP A 59 -6.51 6.30 -2.84
C TRP A 59 -5.01 6.14 -3.14
N TYR A 60 -4.23 7.15 -2.77
CA TYR A 60 -2.78 7.17 -3.05
C TYR A 60 -2.04 6.02 -2.34
N VAL A 61 -2.40 5.77 -1.08
CA VAL A 61 -1.76 4.70 -0.29
C VAL A 61 -1.94 3.32 -0.94
N TYR A 62 -3.12 3.07 -1.51
CA TYR A 62 -3.41 1.79 -2.13
C TYR A 62 -2.48 1.52 -3.33
N ASP A 63 -2.12 2.59 -4.05
CA ASP A 63 -1.18 2.49 -5.18
C ASP A 63 0.26 2.23 -4.65
N LYS A 64 0.66 3.00 -3.64
CA LYS A 64 1.98 2.84 -2.99
C LYS A 64 2.19 1.42 -2.45
N VAL A 65 1.15 0.83 -1.87
CA VAL A 65 1.25 -0.52 -1.29
C VAL A 65 1.04 -1.62 -2.36
N GLY A 66 1.01 -1.21 -3.63
CA GLY A 66 0.89 -2.16 -4.73
C GLY A 66 -0.40 -2.98 -4.68
N GLY A 67 -1.42 -2.46 -4.01
CA GLY A 67 -2.69 -3.17 -3.88
C GLY A 67 -2.60 -4.49 -3.12
N ASN A 68 -1.66 -4.59 -2.18
CA ASN A 68 -1.49 -5.82 -1.39
C ASN A 68 -2.28 -5.78 -0.06
N ILE A 69 -3.34 -4.97 -0.01
CA ILE A 69 -4.18 -4.86 1.18
C ILE A 69 -5.68 -4.89 0.83
N GLY A 70 -6.50 -5.30 1.79
CA GLY A 70 -7.95 -5.30 1.60
C GLY A 70 -8.53 -3.89 1.52
N SER A 71 -8.66 -3.37 0.30
CA SER A 71 -9.11 -1.97 0.09
C SER A 71 -10.61 -1.76 0.38
N THR A 72 -11.21 -2.66 1.16
CA THR A 72 -12.63 -2.53 1.52
C THR A 72 -12.82 -1.72 2.82
N TRP A 73 -11.71 -1.29 3.43
CA TRP A 73 -11.75 -0.55 4.70
C TRP A 73 -12.43 0.84 4.55
N GLY A 74 -12.19 1.51 3.42
CA GLY A 74 -12.81 2.81 3.18
C GLY A 74 -12.17 3.94 3.98
N ASN A 75 -12.92 4.48 4.95
CA ASN A 75 -12.44 5.60 5.78
C ASN A 75 -11.09 5.30 6.43
N ALA A 76 -10.17 6.26 6.37
CA ALA A 76 -8.81 6.07 6.85
C ALA A 76 -8.76 5.73 8.36
N ASN A 77 -9.62 6.37 9.15
CA ASN A 77 -9.65 6.13 10.61
C ASN A 77 -10.05 4.69 10.96
N ASN A 78 -10.50 3.94 9.96
CA ASN A 78 -10.93 2.54 10.15
C ASN A 78 -9.78 1.54 9.86
N TRP A 79 -8.74 2.02 9.17
CA TRP A 79 -7.68 1.12 8.65
C TRP A 79 -6.95 0.34 9.76
N ALA A 80 -6.63 1.00 10.86
CA ALA A 80 -5.87 0.36 11.95
C ALA A 80 -6.68 -0.76 12.62
N SER A 81 -7.86 -0.43 13.13
CA SER A 81 -8.73 -1.41 13.79
C SER A 81 -9.16 -2.54 12.84
N ALA A 82 -9.56 -2.16 11.62
CA ALA A 82 -9.97 -3.14 10.60
C ALA A 82 -8.84 -4.13 10.28
N ALA A 83 -7.64 -3.61 10.05
CA ALA A 83 -6.45 -4.44 9.83
C ALA A 83 -6.21 -5.41 11.00
N SER A 84 -6.24 -4.87 12.22
CA SER A 84 -6.03 -5.68 13.43
C SER A 84 -7.05 -6.82 13.56
N SER A 85 -8.30 -6.54 13.23
CA SER A 85 -9.37 -7.56 13.29
C SER A 85 -9.28 -8.55 12.12
N ALA A 86 -8.97 -8.03 10.93
CA ALA A 86 -8.91 -8.86 9.71
C ALA A 86 -7.80 -9.91 9.77
N GLY A 87 -6.67 -9.57 10.39
CA GLY A 87 -5.55 -10.50 10.48
C GLY A 87 -4.22 -9.89 10.04
N TYR A 88 -4.15 -8.56 10.00
CA TYR A 88 -2.91 -7.85 9.67
C TYR A 88 -2.09 -7.58 10.95
N THR A 89 -0.91 -7.00 10.76
CA THR A 89 0.02 -6.76 11.88
C THR A 89 0.03 -5.28 12.27
N VAL A 90 -0.81 -4.91 13.23
CA VAL A 90 -0.96 -3.52 13.65
C VAL A 90 -0.26 -3.23 15.00
N ASN A 91 0.74 -2.37 14.97
CA ASN A 91 1.46 -1.95 16.19
C ASN A 91 2.05 -0.54 16.02
N ASN A 92 2.73 -0.05 17.05
CA ASN A 92 3.32 1.29 17.00
C ASN A 92 4.77 1.27 16.50
N SER A 93 5.21 0.13 15.99
CA SER A 93 6.55 0.00 15.41
C SER A 93 6.61 0.73 14.05
N PRO A 94 7.36 1.83 13.96
CA PRO A 94 7.33 2.73 12.77
C PRO A 94 8.10 2.21 11.54
N GLU A 95 8.67 1.00 11.64
CA GLU A 95 9.51 0.45 10.56
C GLU A 95 8.87 0.60 9.17
N ALA A 96 9.70 0.98 8.19
CA ALA A 96 9.25 1.33 6.83
C ALA A 96 8.61 0.15 6.07
N GLY A 97 8.06 0.44 4.89
CA GLY A 97 7.37 -0.58 4.10
C GLY A 97 6.01 -0.94 4.69
N SER A 98 5.33 0.05 5.26
CA SER A 98 4.04 -0.15 5.92
C SER A 98 3.21 1.13 5.89
N ILE A 99 2.03 1.09 6.51
CA ILE A 99 1.09 2.24 6.49
C ILE A 99 0.76 2.72 7.91
N LEU A 100 0.89 4.02 8.17
CA LEU A 100 0.52 4.57 9.49
C LEU A 100 -0.89 5.17 9.45
N GLN A 101 -1.70 4.83 10.46
CA GLN A 101 -3.07 5.32 10.56
C GLN A 101 -3.15 6.47 11.58
N SER A 102 -3.30 7.69 11.07
CA SER A 102 -3.33 8.89 11.92
C SER A 102 -4.76 9.36 12.17
N THR A 103 -5.18 9.33 13.43
CA THR A 103 -6.54 9.75 13.82
C THR A 103 -6.72 11.28 13.86
N ALA A 104 -5.66 12.02 13.49
CA ALA A 104 -5.70 13.48 13.48
C ALA A 104 -5.94 14.03 12.05
N GLY A 105 -7.05 13.63 11.45
CA GLY A 105 -7.37 14.07 10.09
C GLY A 105 -8.84 13.86 9.71
N GLY A 106 -9.26 14.44 8.59
CA GLY A 106 -10.64 14.30 8.14
C GLY A 106 -11.03 12.85 7.83
N TYR A 107 -11.70 12.20 8.79
CA TYR A 107 -12.08 10.79 8.68
C TYR A 107 -10.83 9.89 8.67
N GLY A 108 -9.77 10.37 9.31
CA GLY A 108 -8.52 9.64 9.39
C GLY A 108 -7.49 10.09 8.35
N HIS A 109 -6.22 9.76 8.57
CA HIS A 109 -5.16 10.08 7.63
C HIS A 109 -4.13 8.95 7.55
N VAL A 110 -4.10 8.24 6.42
CA VAL A 110 -3.16 7.13 6.22
C VAL A 110 -2.10 7.48 5.15
N ALA A 111 -0.89 6.98 5.35
CA ALA A 111 0.21 7.20 4.40
C ALA A 111 1.22 6.05 4.43
N TYR A 112 1.97 5.89 3.35
CA TYR A 112 2.96 4.81 3.26
C TYR A 112 4.33 5.28 3.76
N VAL A 113 4.95 4.49 4.63
CA VAL A 113 6.22 4.86 5.27
C VAL A 113 7.43 4.52 4.39
N GLU A 114 8.13 5.56 3.94
CA GLU A 114 9.31 5.40 3.08
C GLU A 114 10.55 4.99 3.89
N ASN A 115 10.83 5.74 4.96
CA ASN A 115 12.03 5.50 5.77
C ASN A 115 11.87 6.08 7.19
N VAL A 116 12.55 5.45 8.15
CA VAL A 116 12.56 5.92 9.54
C VAL A 116 14.00 6.08 10.03
N ASN A 117 14.34 7.25 10.57
CA ASN A 117 15.70 7.54 11.02
C ASN A 117 15.90 7.19 12.50
N SER A 118 17.11 6.78 12.86
CA SER A 118 17.46 6.46 14.25
C SER A 118 17.36 7.69 15.17
N ASP A 119 17.32 8.88 14.57
CA ASP A 119 17.09 10.12 15.33
C ASP A 119 15.63 10.22 15.83
N GLY A 120 14.80 9.26 15.41
CA GLY A 120 13.40 9.25 15.82
C GLY A 120 12.49 10.06 14.89
N SER A 121 12.44 9.69 13.62
CA SER A 121 11.61 10.41 12.64
C SER A 121 11.03 9.46 11.58
N VAL A 122 9.74 9.59 11.32
CA VAL A 122 9.04 8.75 10.35
C VAL A 122 8.71 9.52 9.06
N GLU A 123 9.34 9.14 7.95
CA GLU A 123 9.16 9.82 6.67
C GLU A 123 8.16 9.06 5.78
N VAL A 124 7.05 9.72 5.42
CA VAL A 124 5.96 9.07 4.66
C VAL A 124 5.54 9.89 3.42
N SER A 125 5.11 9.19 2.36
CA SER A 125 4.66 9.84 1.12
C SER A 125 3.23 10.38 1.23
N GLU A 126 3.06 11.68 0.99
CA GLU A 126 1.73 12.31 0.97
C GLU A 126 1.41 12.87 -0.42
N MET A 127 0.15 12.78 -0.83
CA MET A 127 -0.30 13.44 -2.05
C MET A 127 -0.89 14.82 -1.73
N ASN A 128 -0.13 15.88 -2.01
CA ASN A 128 -0.58 17.24 -1.68
C ASN A 128 -1.63 17.77 -2.67
N TYR A 129 -2.86 17.28 -2.52
CA TYR A 129 -3.97 17.67 -3.40
C TYR A 129 -4.25 19.18 -3.35
N ASN A 130 -3.84 19.83 -2.26
CA ASN A 130 -3.99 21.28 -2.11
C ASN A 130 -3.24 22.03 -3.22
N GLY A 131 -2.16 21.43 -3.71
CA GLY A 131 -1.45 21.96 -4.87
C GLY A 131 -1.79 21.20 -6.13
N GLY A 132 -1.69 19.87 -6.07
CA GLY A 132 -2.03 19.03 -7.22
C GLY A 132 -2.17 17.56 -6.83
N PRO A 133 -3.36 16.94 -7.06
CA PRO A 133 -3.60 15.52 -6.72
C PRO A 133 -2.74 14.53 -7.53
N PHE A 134 -1.81 15.06 -8.33
CA PHE A 134 -0.88 14.24 -9.12
C PHE A 134 0.57 14.44 -8.65
N SER A 135 0.74 15.25 -7.60
CA SER A 135 2.08 15.58 -7.10
C SER A 135 2.29 15.05 -5.67
N VAL A 136 3.43 14.40 -5.44
CA VAL A 136 3.70 13.75 -4.15
C VAL A 136 4.84 14.42 -3.38
N SER A 137 4.66 14.53 -2.05
CA SER A 137 5.72 15.04 -1.16
C SER A 137 5.82 14.19 0.11
N GLU A 138 7.04 13.86 0.51
CA GLU A 138 7.27 13.04 1.71
C GLU A 138 7.47 13.92 2.96
N ARG A 139 6.59 13.76 3.95
CA ARG A 139 6.73 14.50 5.22
C ARG A 139 7.65 13.74 6.20
N THR A 140 8.33 14.46 7.09
CA THR A 140 9.16 13.84 8.11
C THR A 140 8.61 14.11 9.52
N ILE A 141 7.96 13.11 10.09
CA ILE A 141 7.29 13.25 11.39
C ILE A 141 8.26 12.99 12.57
N SER A 142 8.28 13.89 13.55
CA SER A 142 9.10 13.70 14.76
C SER A 142 8.53 12.60 15.66
N ALA A 143 9.40 11.89 16.38
CA ALA A 143 8.97 10.77 17.24
C ALA A 143 7.81 11.15 18.19
N GLY A 144 7.92 12.31 18.83
CA GLY A 144 6.88 12.79 19.74
C GLY A 144 5.51 12.96 19.07
N GLU A 145 5.50 13.13 17.75
CA GLU A 145 4.25 13.27 16.99
C GLU A 145 3.84 11.93 16.36
N ALA A 146 4.83 11.14 15.93
CA ALA A 146 4.59 9.82 15.32
C ALA A 146 3.93 8.84 16.31
N SER A 147 4.14 9.09 17.60
CA SER A 147 3.48 8.30 18.64
C SER A 147 1.96 8.41 18.55
N SER A 148 1.26 7.31 18.85
CA SER A 148 -0.22 7.22 18.77
C SER A 148 -0.72 6.92 17.34
N TYR A 149 0.21 6.84 16.37
CA TYR A 149 -0.14 6.41 15.01
C TYR A 149 0.08 4.89 14.87
N ASN A 150 -0.93 4.18 14.40
CA ASN A 150 -0.86 2.71 14.29
C ASN A 150 -0.35 2.27 12.91
N TYR A 151 0.80 1.58 12.89
CA TYR A 151 1.42 1.14 11.65
C TYR A 151 0.97 -0.28 11.25
N ILE A 152 0.24 -0.38 10.14
CA ILE A 152 -0.17 -1.67 9.59
C ILE A 152 0.99 -2.30 8.78
N HIS A 153 1.50 -3.43 9.26
CA HIS A 153 2.61 -4.12 8.59
C HIS A 153 2.11 -5.36 7.84
N LEU A 154 2.75 -5.69 6.72
CA LEU A 154 2.34 -6.84 5.90
C LEU A 154 3.27 -8.04 6.11
N ASN A 155 2.69 -9.20 6.42
CA ASN A 155 3.47 -10.42 6.63
C ASN A 155 3.85 -11.07 5.29
N MET A 1 44.79 -10.05 -66.51
CA MET A 1 45.46 -10.25 -65.20
C MET A 1 46.17 -8.97 -64.71
N LYS A 2 45.56 -8.27 -63.76
CA LYS A 2 46.19 -7.13 -63.11
C LYS A 2 46.83 -7.55 -61.78
N LYS A 3 47.89 -6.85 -61.37
CA LYS A 3 48.57 -7.16 -60.11
C LYS A 3 47.92 -6.42 -58.93
N LEU A 4 47.00 -7.10 -58.25
CA LEU A 4 46.24 -6.48 -57.16
C LEU A 4 45.69 -7.51 -56.17
N VAL A 5 45.33 -7.04 -54.98
CA VAL A 5 44.71 -7.88 -53.95
C VAL A 5 43.46 -7.21 -53.37
N THR A 6 42.41 -7.99 -53.09
CA THR A 6 41.19 -7.46 -52.47
C THR A 6 41.35 -7.37 -50.94
N ALA A 7 41.50 -6.16 -50.43
CA ALA A 7 41.76 -5.93 -49.01
C ALA A 7 40.49 -6.05 -48.16
N THR A 8 40.65 -6.49 -46.91
CA THR A 8 39.52 -6.63 -45.98
C THR A 8 40.01 -6.70 -44.53
N THR A 9 39.09 -6.57 -43.58
CA THR A 9 39.43 -6.66 -42.14
C THR A 9 38.25 -7.20 -41.33
N LEU A 10 38.51 -8.25 -40.55
CA LEU A 10 37.47 -8.88 -39.73
C LEU A 10 37.95 -9.11 -38.28
N THR A 11 37.06 -8.87 -37.32
CA THR A 11 37.33 -9.07 -35.90
C THR A 11 36.03 -9.08 -35.08
N ALA A 12 35.58 -10.27 -34.67
CA ALA A 12 34.30 -10.41 -33.96
C ALA A 12 34.45 -10.28 -32.44
N GLY A 13 33.89 -9.21 -31.88
CA GLY A 13 33.88 -9.02 -30.43
C GLY A 13 32.51 -9.28 -29.82
N ILE A 14 32.41 -10.29 -28.96
CA ILE A 14 31.12 -10.68 -28.35
C ILE A 14 31.09 -10.35 -26.85
N GLY A 15 29.91 -9.95 -26.36
CA GLY A 15 29.74 -9.62 -24.95
C GLY A 15 28.61 -10.41 -24.28
N ALA A 16 28.84 -10.83 -23.04
CA ALA A 16 27.84 -11.61 -22.29
C ALA A 16 27.04 -10.72 -21.32
N ALA A 17 25.72 -10.94 -21.26
CA ALA A 17 24.84 -10.20 -20.33
C ALA A 17 24.72 -10.93 -18.98
N ILE A 18 25.24 -10.32 -17.92
CA ILE A 18 25.25 -10.92 -16.58
C ILE A 18 24.07 -10.44 -15.72
N VAL A 19 23.50 -11.34 -14.93
CA VAL A 19 22.38 -11.02 -14.03
C VAL A 19 22.82 -11.03 -12.55
N GLY A 20 22.12 -10.27 -11.71
CA GLY A 20 22.47 -10.21 -10.29
C GLY A 20 21.29 -9.86 -9.37
N LEU A 21 20.93 -10.79 -8.48
CA LEU A 21 19.87 -10.57 -7.49
C LEU A 21 20.23 -11.25 -6.16
N ASP A 22 19.96 -10.58 -5.03
CA ASP A 22 20.36 -11.10 -3.71
C ASP A 22 19.16 -11.27 -2.75
N HIS A 23 19.37 -12.09 -1.71
CA HIS A 23 18.38 -12.27 -0.64
C HIS A 23 19.04 -12.91 0.59
N GLY A 24 19.37 -12.10 1.58
CA GLY A 24 20.08 -12.58 2.77
C GLY A 24 19.20 -13.38 3.74
N ASN A 25 19.83 -13.97 4.75
CA ASN A 25 19.11 -14.74 5.78
C ASN A 25 18.42 -13.81 6.80
N GLU A 26 17.09 -13.82 6.79
CA GLU A 26 16.29 -12.86 7.57
C GLU A 26 16.10 -13.29 9.04
N ALA A 27 16.11 -12.30 9.93
CA ALA A 27 15.65 -12.50 11.31
C ALA A 27 14.16 -12.15 11.42
N ASP A 28 13.58 -12.30 12.62
CA ASP A 28 12.15 -12.04 12.81
C ASP A 28 11.85 -11.34 14.15
N ALA A 29 10.92 -10.39 14.12
CA ALA A 29 10.48 -9.71 15.33
C ALA A 29 9.37 -10.51 16.02
N ALA A 30 9.69 -11.08 17.18
CA ALA A 30 8.77 -12.01 17.86
C ALA A 30 7.69 -11.30 18.68
N GLU A 31 6.56 -11.00 18.05
CA GLU A 31 5.35 -10.59 18.78
C GLU A 31 4.71 -11.83 19.42
N GLN A 32 4.43 -11.79 20.73
CA GLN A 32 3.89 -12.96 21.43
C GLN A 32 2.60 -13.48 20.75
N THR A 33 2.76 -14.58 20.01
CA THR A 33 1.66 -15.16 19.22
C THR A 33 0.54 -15.74 20.09
N GLN A 34 -0.39 -14.88 20.48
CA GLN A 34 -1.57 -15.30 21.24
C GLN A 34 -2.86 -14.77 20.60
N PRO A 35 -3.94 -15.58 20.57
CA PRO A 35 -5.22 -15.17 19.97
C PRO A 35 -5.87 -13.99 20.71
N THR A 36 -5.80 -12.80 20.10
CA THR A 36 -6.35 -11.57 20.73
C THR A 36 -7.77 -11.25 20.21
N ASN A 37 -7.99 -11.40 18.91
CA ASN A 37 -9.29 -11.08 18.31
C ASN A 37 -10.14 -12.34 18.08
N GLN A 38 -11.45 -12.22 18.36
CA GLN A 38 -12.39 -13.34 18.22
C GLN A 38 -13.07 -13.33 16.84
N SER A 39 -13.25 -12.15 16.26
CA SER A 39 -13.97 -11.99 14.99
C SER A 39 -13.14 -12.43 13.77
N THR A 40 -12.29 -13.45 13.95
CA THR A 40 -11.42 -13.95 12.88
C THR A 40 -12.14 -14.99 12.00
N THR A 41 -12.79 -14.51 10.94
CA THR A 41 -13.46 -15.39 9.97
C THR A 41 -12.81 -15.26 8.59
N GLN A 42 -12.49 -16.39 7.96
CA GLN A 42 -11.77 -16.38 6.68
C GLN A 42 -12.65 -15.86 5.53
N SER A 43 -12.42 -14.62 5.13
CA SER A 43 -13.10 -14.05 3.96
C SER A 43 -12.50 -14.59 2.67
N THR A 44 -12.84 -15.84 2.34
CA THR A 44 -12.23 -16.56 1.20
C THR A 44 -12.61 -15.92 -0.14
N SER A 45 -11.91 -14.84 -0.50
CA SER A 45 -12.15 -14.10 -1.74
C SER A 45 -11.12 -12.98 -1.91
N GLY A 46 -10.91 -12.21 -0.84
CA GLY A 46 -9.97 -11.10 -0.89
C GLY A 46 -10.46 -9.93 -1.77
N SER A 47 -9.54 -9.05 -2.15
CA SER A 47 -9.88 -7.94 -3.05
C SER A 47 -9.41 -8.20 -4.48
N SER A 48 -10.14 -7.66 -5.45
CA SER A 48 -9.80 -7.78 -6.87
C SER A 48 -9.78 -6.41 -7.57
N ALA A 49 -10.08 -5.35 -6.82
CA ALA A 49 -10.16 -4.00 -7.39
C ALA A 49 -9.90 -2.90 -6.33
N ASN A 50 -9.86 -1.65 -6.79
CA ASN A 50 -9.66 -0.50 -5.90
C ASN A 50 -11.02 0.02 -5.40
N LEU A 51 -11.24 -0.04 -4.08
CA LEU A 51 -12.52 0.41 -3.48
C LEU A 51 -12.43 1.86 -2.95
N TYR A 52 -11.40 2.58 -3.38
CA TYR A 52 -11.24 3.99 -2.97
C TYR A 52 -11.47 4.94 -4.15
N THR A 53 -11.37 6.24 -3.90
CA THR A 53 -11.56 7.27 -4.94
C THR A 53 -10.29 8.08 -5.18
N ALA A 54 -10.11 8.56 -6.41
CA ALA A 54 -8.89 9.26 -6.83
C ALA A 54 -8.66 10.57 -6.05
N GLY A 55 -7.41 11.01 -5.99
CA GLY A 55 -7.06 12.25 -5.30
C GLY A 55 -6.85 12.09 -3.80
N GLN A 56 -7.60 11.17 -3.18
CA GLN A 56 -7.53 10.98 -1.73
C GLN A 56 -6.27 10.22 -1.29
N CYS A 57 -5.80 10.51 -0.08
CA CYS A 57 -4.61 9.84 0.48
C CYS A 57 -4.78 8.31 0.48
N THR A 58 -5.97 7.84 0.82
CA THR A 58 -6.27 6.40 0.80
C THR A 58 -5.97 5.77 -0.57
N TRP A 59 -6.34 6.47 -1.64
CA TRP A 59 -6.06 6.03 -3.01
C TRP A 59 -4.55 5.95 -3.29
N TYR A 60 -3.85 7.02 -2.95
CA TYR A 60 -2.39 7.11 -3.15
C TYR A 60 -1.64 6.01 -2.39
N VAL A 61 -1.89 5.91 -1.08
CA VAL A 61 -1.24 4.91 -0.24
C VAL A 61 -1.55 3.48 -0.71
N TYR A 62 -2.78 3.28 -1.21
CA TYR A 62 -3.20 1.99 -1.74
C TYR A 62 -2.25 1.49 -2.85
N ASP A 63 -1.93 2.37 -3.78
CA ASP A 63 -1.02 2.04 -4.88
C ASP A 63 0.43 1.89 -4.36
N LYS A 64 0.80 2.74 -3.40
CA LYS A 64 2.12 2.69 -2.76
C LYS A 64 2.37 1.35 -2.04
N VAL A 65 1.32 0.79 -1.44
CA VAL A 65 1.42 -0.50 -0.76
C VAL A 65 1.11 -1.66 -1.74
N GLY A 66 1.06 -1.36 -3.03
CA GLY A 66 0.86 -2.38 -4.06
C GLY A 66 -0.48 -3.11 -3.97
N GLY A 67 -1.43 -2.52 -3.26
CA GLY A 67 -2.74 -3.15 -3.07
C GLY A 67 -2.70 -4.43 -2.24
N ASN A 68 -1.61 -4.64 -1.50
CA ASN A 68 -1.45 -5.85 -0.68
C ASN A 68 -2.20 -5.75 0.66
N ILE A 69 -3.39 -5.14 0.63
CA ILE A 69 -4.19 -4.92 1.85
C ILE A 69 -5.68 -5.16 1.59
N GLY A 70 -6.50 -4.91 2.61
CA GLY A 70 -7.95 -4.97 2.45
C GLY A 70 -8.51 -3.70 1.79
N SER A 71 -8.58 -3.69 0.47
CA SER A 71 -9.02 -2.51 -0.30
C SER A 71 -10.38 -1.96 0.17
N THR A 72 -11.16 -2.78 0.89
CA THR A 72 -12.52 -2.41 1.30
C THR A 72 -12.57 -1.79 2.71
N TRP A 73 -11.43 -1.30 3.21
CA TRP A 73 -11.37 -0.66 4.53
C TRP A 73 -12.14 0.67 4.56
N GLY A 74 -12.08 1.43 3.46
CA GLY A 74 -12.82 2.69 3.36
C GLY A 74 -12.03 3.91 3.82
N ASN A 75 -12.66 4.77 4.62
CA ASN A 75 -12.00 5.98 5.14
C ASN A 75 -10.81 5.64 6.04
N ALA A 76 -9.82 6.53 6.07
CA ALA A 76 -8.55 6.26 6.75
C ALA A 76 -8.71 5.87 8.23
N ASN A 77 -9.74 6.40 8.89
CA ASN A 77 -9.98 6.11 10.31
C ASN A 77 -10.36 4.63 10.56
N ASN A 78 -10.87 3.95 9.53
CA ASN A 78 -11.34 2.57 9.67
C ASN A 78 -10.24 1.54 9.34
N TRP A 79 -9.15 2.01 8.70
CA TRP A 79 -8.06 1.13 8.24
C TRP A 79 -7.53 0.19 9.35
N ALA A 80 -6.91 0.76 10.39
CA ALA A 80 -6.33 -0.05 11.48
C ALA A 80 -7.39 -0.93 12.17
N SER A 81 -8.55 -0.34 12.47
CA SER A 81 -9.67 -1.06 13.11
C SER A 81 -10.07 -2.31 12.30
N ALA A 82 -10.01 -2.19 10.97
CA ALA A 82 -10.33 -3.31 10.08
C ALA A 82 -9.12 -4.24 9.86
N ALA A 83 -7.92 -3.68 9.96
CA ALA A 83 -6.67 -4.46 9.80
C ALA A 83 -6.61 -5.63 10.77
N SER A 84 -6.86 -5.35 12.05
CA SER A 84 -6.86 -6.39 13.10
C SER A 84 -7.91 -7.46 12.79
N SER A 85 -9.15 -7.03 12.59
CA SER A 85 -10.28 -7.93 12.26
C SER A 85 -9.99 -8.79 11.01
N ALA A 86 -9.32 -8.20 10.02
CA ALA A 86 -9.00 -8.89 8.77
C ALA A 86 -7.76 -9.81 8.92
N GLY A 87 -7.05 -9.69 10.06
CA GLY A 87 -5.91 -10.55 10.32
C GLY A 87 -4.57 -9.93 9.90
N TYR A 88 -4.39 -8.64 10.16
CA TYR A 88 -3.13 -7.94 9.90
C TYR A 88 -2.42 -7.55 11.20
N THR A 89 -1.27 -6.89 11.08
CA THR A 89 -0.46 -6.53 12.25
C THR A 89 -0.47 -5.02 12.52
N VAL A 90 -1.22 -4.59 13.53
CA VAL A 90 -1.28 -3.19 13.93
C VAL A 90 -0.28 -2.91 15.07
N ASN A 91 0.87 -2.34 14.72
CA ASN A 91 1.92 -2.00 15.69
C ASN A 91 2.26 -0.50 15.65
N ASN A 92 2.79 0.01 16.75
CA ASN A 92 3.26 1.41 16.79
C ASN A 92 4.70 1.54 16.27
N SER A 93 5.31 0.39 15.94
CA SER A 93 6.66 0.37 15.35
C SER A 93 6.65 1.00 13.95
N PRO A 94 7.30 2.17 13.78
CA PRO A 94 7.24 2.96 12.54
C PRO A 94 8.15 2.43 11.40
N GLU A 95 8.54 1.16 11.48
CA GLU A 95 9.48 0.57 10.50
C GLU A 95 9.09 0.86 9.04
N ALA A 96 10.10 1.12 8.20
CA ALA A 96 9.89 1.51 6.80
C ALA A 96 9.12 0.43 6.01
N GLY A 97 8.28 0.89 5.08
CA GLY A 97 7.42 -0.04 4.34
C GLY A 97 6.13 -0.37 5.08
N SER A 98 5.47 0.65 5.62
CA SER A 98 4.21 0.48 6.36
C SER A 98 3.32 1.71 6.22
N ILE A 99 2.13 1.64 6.81
CA ILE A 99 1.14 2.71 6.71
C ILE A 99 0.74 3.21 8.10
N LEU A 100 0.94 4.50 8.37
CA LEU A 100 0.55 5.07 9.67
C LEU A 100 -0.87 5.65 9.60
N GLN A 101 -1.64 5.44 10.65
CA GLN A 101 -3.02 5.94 10.72
C GLN A 101 -3.13 7.16 11.66
N SER A 102 -3.23 8.34 11.08
CA SER A 102 -3.44 9.57 11.85
C SER A 102 -4.89 9.66 12.36
N THR A 103 -5.10 9.25 13.61
CA THR A 103 -6.43 9.26 14.24
C THR A 103 -6.74 10.60 14.93
N ALA A 104 -5.92 11.61 14.66
CA ALA A 104 -6.07 12.93 15.31
C ALA A 104 -7.38 13.64 14.91
N GLY A 105 -7.90 13.32 13.72
CA GLY A 105 -9.17 13.91 13.28
C GLY A 105 -9.33 13.93 11.76
N GLY A 106 -10.41 14.55 11.29
CA GLY A 106 -10.66 14.68 9.86
C GLY A 106 -10.93 13.34 9.16
N TYR A 107 -11.71 12.48 9.83
CA TYR A 107 -12.04 11.15 9.31
C TYR A 107 -10.80 10.26 9.14
N GLY A 108 -9.70 10.66 9.77
CA GLY A 108 -8.46 9.90 9.70
C GLY A 108 -7.59 10.27 8.50
N HIS A 109 -6.30 10.01 8.62
CA HIS A 109 -5.35 10.22 7.52
C HIS A 109 -4.32 9.09 7.46
N VAL A 110 -3.84 8.77 6.26
CA VAL A 110 -2.87 7.69 6.08
C VAL A 110 -1.79 8.07 5.05
N ALA A 111 -0.56 7.63 5.29
CA ALA A 111 0.56 7.87 4.38
C ALA A 111 1.54 6.70 4.42
N TYR A 112 2.28 6.49 3.33
CA TYR A 112 3.24 5.40 3.23
C TYR A 112 4.62 5.82 3.76
N VAL A 113 5.18 5.02 4.67
CA VAL A 113 6.48 5.31 5.28
C VAL A 113 7.64 5.00 4.31
N GLU A 114 8.25 6.06 3.76
CA GLU A 114 9.38 5.90 2.83
C GLU A 114 10.66 5.51 3.56
N ASN A 115 11.02 6.27 4.60
CA ASN A 115 12.27 6.03 5.35
C ASN A 115 12.14 6.42 6.83
N VAL A 116 12.84 5.65 7.68
CA VAL A 116 12.87 5.92 9.12
C VAL A 116 14.30 6.24 9.59
N ASN A 117 14.44 7.33 10.33
CA ASN A 117 15.75 7.75 10.84
C ASN A 117 16.05 7.11 12.21
N SER A 118 17.33 6.84 12.48
CA SER A 118 17.74 6.23 13.75
C SER A 118 17.28 7.05 14.95
N ASP A 119 17.30 8.38 14.80
CA ASP A 119 16.83 9.29 15.85
C ASP A 119 15.34 9.09 16.16
N GLY A 120 14.61 8.52 15.20
CA GLY A 120 13.18 8.25 15.40
C GLY A 120 12.29 8.93 14.35
N SER A 121 12.81 9.97 13.71
CA SER A 121 12.03 10.73 12.72
C SER A 121 11.54 9.85 11.57
N VAL A 122 10.23 9.90 11.32
CA VAL A 122 9.59 9.08 10.28
C VAL A 122 9.21 9.94 9.06
N GLU A 123 9.72 9.56 7.89
CA GLU A 123 9.46 10.29 6.66
C GLU A 123 8.44 9.55 5.79
N VAL A 124 7.24 10.13 5.68
CA VAL A 124 6.13 9.52 4.94
C VAL A 124 5.84 10.30 3.65
N SER A 125 5.16 9.65 2.70
CA SER A 125 4.81 10.28 1.43
C SER A 125 3.30 10.60 1.34
N GLU A 126 2.98 11.86 1.08
CA GLU A 126 1.59 12.32 0.93
C GLU A 126 1.28 12.66 -0.53
N MET A 127 0.07 13.15 -0.79
CA MET A 127 -0.36 13.51 -2.14
C MET A 127 -1.21 14.79 -2.14
N ASN A 128 -0.91 15.68 -3.09
CA ASN A 128 -1.69 16.91 -3.29
C ASN A 128 -1.70 17.81 -2.03
N TYR A 129 -0.64 17.73 -1.25
CA TYR A 129 -0.48 18.61 -0.06
C TYR A 129 0.01 20.00 -0.51
N ASN A 130 0.43 20.85 0.43
CA ASN A 130 0.83 22.23 0.08
C ASN A 130 2.05 22.25 -0.87
N GLY A 131 1.77 22.37 -2.17
CA GLY A 131 2.83 22.38 -3.17
C GLY A 131 2.30 22.34 -4.60
N GLY A 132 1.61 21.26 -4.95
CA GLY A 132 1.07 21.12 -6.31
C GLY A 132 0.21 19.87 -6.50
N PRO A 133 -0.74 19.89 -7.45
CA PRO A 133 -1.62 18.74 -7.71
C PRO A 133 -0.89 17.54 -8.35
N PHE A 134 -1.27 16.34 -7.91
CA PHE A 134 -0.66 15.08 -8.40
C PHE A 134 0.83 14.99 -8.01
N SER A 135 1.28 15.85 -7.11
CA SER A 135 2.68 15.85 -6.65
C SER A 135 2.80 15.13 -5.29
N VAL A 136 3.87 14.35 -5.13
CA VAL A 136 4.11 13.62 -3.88
C VAL A 136 4.81 14.50 -2.84
N SER A 137 4.14 14.72 -1.71
CA SER A 137 4.67 15.57 -0.64
C SER A 137 5.32 14.73 0.48
N GLU A 138 6.64 14.76 0.54
CA GLU A 138 7.39 13.99 1.55
C GLU A 138 7.41 14.72 2.90
N ARG A 139 6.69 14.18 3.88
CA ARG A 139 6.48 14.82 5.17
C ARG A 139 7.27 14.10 6.29
N THR A 140 8.15 14.84 6.96
CA THR A 140 8.97 14.28 8.05
C THR A 140 8.33 14.53 9.42
N ILE A 141 7.72 13.48 10.00
CA ILE A 141 7.05 13.59 11.29
C ILE A 141 8.00 13.25 12.45
N SER A 142 7.87 13.98 13.56
CA SER A 142 8.70 13.73 14.75
C SER A 142 8.38 12.37 15.39
N ALA A 143 9.41 11.71 15.93
CA ALA A 143 9.27 10.38 16.52
C ALA A 143 8.09 10.28 17.52
N GLY A 144 8.01 11.25 18.43
CA GLY A 144 6.95 11.27 19.44
C GLY A 144 5.54 11.19 18.85
N GLU A 145 5.21 12.15 17.98
CA GLU A 145 3.88 12.18 17.33
C GLU A 145 3.69 10.95 16.42
N ALA A 146 4.75 10.59 15.69
CA ALA A 146 4.72 9.44 14.77
C ALA A 146 4.33 8.13 15.48
N SER A 147 5.01 7.82 16.59
CA SER A 147 4.77 6.58 17.35
C SER A 147 3.35 6.53 17.95
N SER A 148 2.65 7.66 17.94
CA SER A 148 1.27 7.74 18.44
C SER A 148 0.27 7.27 17.38
N TYR A 149 0.76 7.10 16.15
CA TYR A 149 -0.09 6.64 15.04
C TYR A 149 -0.01 5.11 14.88
N ASN A 150 -1.07 4.51 14.34
CA ASN A 150 -1.14 3.06 14.15
C ASN A 150 -0.48 2.64 12.83
N TYR A 151 0.64 1.92 12.91
CA TYR A 151 1.36 1.45 11.71
C TYR A 151 0.93 0.03 11.32
N ILE A 152 0.28 -0.10 10.18
CA ILE A 152 -0.14 -1.41 9.66
C ILE A 152 1.04 -2.12 8.97
N HIS A 153 1.28 -3.37 9.37
CA HIS A 153 2.35 -4.18 8.77
C HIS A 153 1.78 -5.47 8.16
N LEU A 154 2.37 -5.91 7.05
CA LEU A 154 1.84 -7.05 6.28
C LEU A 154 2.57 -8.36 6.60
N ASN A 155 1.80 -9.40 6.91
CA ASN A 155 2.35 -10.73 7.24
C ASN A 155 2.52 -11.61 6.00
N MET A 1 -25.31 -16.29 66.34
CA MET A 1 -24.46 -17.51 66.16
C MET A 1 -23.42 -17.30 65.05
N LYS A 2 -22.21 -17.80 65.26
CA LYS A 2 -21.13 -17.67 64.26
C LYS A 2 -21.15 -18.86 63.27
N LYS A 3 -21.66 -18.62 62.06
CA LYS A 3 -21.73 -19.66 61.03
C LYS A 3 -20.78 -19.36 59.86
N LEU A 4 -20.37 -20.40 59.13
CA LEU A 4 -19.58 -20.20 57.92
C LEU A 4 -20.50 -19.79 56.76
N VAL A 5 -20.33 -18.56 56.28
CA VAL A 5 -21.15 -18.03 55.18
C VAL A 5 -21.08 -18.93 53.93
N THR A 6 -19.88 -19.47 53.66
CA THR A 6 -19.64 -20.28 52.45
C THR A 6 -20.12 -19.55 51.18
N ALA A 7 -19.28 -18.65 50.68
CA ALA A 7 -19.65 -17.83 49.52
C ALA A 7 -18.41 -17.47 48.68
N THR A 8 -18.66 -17.13 47.40
CA THR A 8 -17.58 -16.76 46.48
C THR A 8 -16.82 -15.52 46.97
N THR A 9 -15.70 -15.75 47.65
CA THR A 9 -14.87 -14.66 48.18
C THR A 9 -13.53 -14.58 47.45
N LEU A 10 -13.32 -13.49 46.71
CA LEU A 10 -12.06 -13.26 45.98
C LEU A 10 -11.84 -14.35 44.92
N THR A 11 -12.93 -14.91 44.40
CA THR A 11 -12.87 -15.95 43.37
C THR A 11 -13.61 -15.50 42.11
N ALA A 12 -12.95 -15.60 40.97
CA ALA A 12 -13.53 -15.17 39.69
C ALA A 12 -13.25 -16.18 38.55
N GLY A 13 -12.13 -16.87 38.63
CA GLY A 13 -11.75 -17.82 37.58
C GLY A 13 -11.16 -17.14 36.35
N ILE A 14 -10.00 -16.52 36.51
CA ILE A 14 -9.33 -15.79 35.42
C ILE A 14 -8.72 -16.76 34.40
N GLY A 15 -9.55 -17.21 33.47
CA GLY A 15 -9.09 -18.12 32.42
C GLY A 15 -10.21 -18.50 31.44
N ALA A 16 -9.88 -18.56 30.15
CA ALA A 16 -10.87 -18.89 29.12
C ALA A 16 -10.19 -19.31 27.80
N ALA A 17 -10.23 -20.60 27.49
CA ALA A 17 -9.62 -21.12 26.27
C ALA A 17 -10.50 -20.86 25.03
N ILE A 18 -10.61 -19.59 24.65
CA ILE A 18 -11.42 -19.19 23.50
C ILE A 18 -10.64 -19.35 22.18
N VAL A 19 -9.31 -19.39 22.27
CA VAL A 19 -8.46 -19.54 21.09
C VAL A 19 -8.38 -21.00 20.60
N GLY A 20 -9.12 -21.30 19.53
CA GLY A 20 -9.10 -22.64 18.94
C GLY A 20 -9.36 -22.62 17.44
N LEU A 21 -8.63 -21.77 16.72
CA LEU A 21 -8.81 -21.62 15.27
C LEU A 21 -7.48 -21.32 14.56
N ASP A 22 -7.50 -21.39 13.22
CA ASP A 22 -6.29 -21.14 12.42
C ASP A 22 -6.29 -19.72 11.79
N HIS A 23 -7.06 -19.55 10.70
CA HIS A 23 -7.11 -18.27 9.98
C HIS A 23 -8.07 -18.34 8.78
N GLY A 24 -8.18 -19.51 8.16
CA GLY A 24 -9.10 -19.68 7.02
C GLY A 24 -8.50 -19.24 5.69
N ASN A 25 -8.24 -17.93 5.55
CA ASN A 25 -7.67 -17.38 4.32
C ASN A 25 -6.23 -17.87 4.06
N GLU A 26 -5.70 -17.55 2.88
CA GLU A 26 -4.35 -17.98 2.49
C GLU A 26 -3.58 -16.86 1.75
N ALA A 27 -2.28 -16.79 1.99
CA ALA A 27 -1.39 -15.88 1.25
C ALA A 27 -0.84 -16.59 0.00
N ASP A 28 -1.53 -16.42 -1.12
CA ASP A 28 -1.24 -17.17 -2.35
C ASP A 28 -0.04 -16.59 -3.15
N ALA A 29 -0.08 -16.72 -4.48
CA ALA A 29 1.06 -16.37 -5.34
C ALA A 29 1.32 -14.86 -5.41
N ALA A 30 2.21 -14.38 -4.54
CA ALA A 30 2.68 -12.98 -4.56
C ALA A 30 4.21 -12.95 -4.67
N GLU A 31 4.74 -12.10 -5.56
CA GLU A 31 6.20 -12.04 -5.78
C GLU A 31 6.89 -11.19 -4.69
N GLN A 32 6.21 -10.15 -4.23
CA GLN A 32 6.75 -9.28 -3.18
C GLN A 32 6.66 -9.99 -1.81
N THR A 33 7.68 -10.78 -1.50
CA THR A 33 7.71 -11.55 -0.24
C THR A 33 9.15 -11.83 0.24
N GLN A 34 9.50 -11.26 1.39
CA GLN A 34 10.81 -11.50 2.00
C GLN A 34 10.66 -12.26 3.32
N PRO A 35 11.31 -13.44 3.47
CA PRO A 35 11.21 -14.26 4.69
C PRO A 35 11.56 -13.49 5.96
N THR A 36 10.54 -12.90 6.57
CA THR A 36 10.69 -12.11 7.81
C THR A 36 9.64 -12.49 8.85
N ASN A 37 8.55 -13.12 8.39
CA ASN A 37 7.39 -13.53 9.23
C ASN A 37 6.87 -12.42 10.16
N GLN A 38 7.62 -12.06 11.20
CA GLN A 38 7.24 -11.01 12.15
C GLN A 38 6.09 -11.46 13.08
N SER A 39 4.92 -11.72 12.51
CA SER A 39 3.76 -12.19 13.30
C SER A 39 3.77 -13.72 13.44
N THR A 40 2.89 -14.24 14.29
CA THR A 40 2.78 -15.69 14.49
C THR A 40 1.49 -16.25 13.85
N THR A 41 0.54 -15.37 13.54
CA THR A 41 -0.70 -15.76 12.87
C THR A 41 -0.88 -14.95 11.58
N GLN A 42 -0.71 -15.60 10.44
CA GLN A 42 -0.76 -14.93 9.14
C GLN A 42 -2.17 -14.93 8.54
N SER A 43 -2.82 -13.77 8.57
CA SER A 43 -4.12 -13.58 7.90
C SER A 43 -4.03 -12.41 6.90
N THR A 44 -4.22 -12.70 5.62
CA THR A 44 -4.04 -11.68 4.56
C THR A 44 -5.12 -11.78 3.48
N SER A 45 -5.53 -10.61 2.96
CA SER A 45 -6.50 -10.53 1.86
C SER A 45 -6.09 -9.43 0.87
N GLY A 46 -5.34 -9.81 -0.16
CA GLY A 46 -4.87 -8.83 -1.14
C GLY A 46 -5.83 -8.64 -2.31
N SER A 47 -6.58 -7.54 -2.30
CA SER A 47 -7.51 -7.22 -3.38
C SER A 47 -6.85 -6.35 -4.46
N SER A 48 -6.96 -6.75 -5.72
CA SER A 48 -6.36 -5.99 -6.84
C SER A 48 -7.31 -4.90 -7.35
N ALA A 49 -8.59 -5.00 -6.98
CA ALA A 49 -9.59 -4.00 -7.35
C ALA A 49 -9.59 -2.80 -6.38
N ASN A 50 -9.02 -1.68 -6.81
CA ASN A 50 -8.97 -0.46 -6.00
C ASN A 50 -10.37 0.18 -5.91
N LEU A 51 -10.97 0.14 -4.72
CA LEU A 51 -12.33 0.66 -4.51
C LEU A 51 -12.33 2.12 -4.02
N TYR A 52 -11.21 2.81 -4.20
CA TYR A 52 -11.10 4.23 -3.84
C TYR A 52 -11.12 5.12 -5.08
N THR A 53 -11.08 6.44 -4.87
CA THR A 53 -11.19 7.40 -5.98
C THR A 53 -9.99 8.36 -6.01
N ALA A 54 -9.63 8.82 -7.21
CA ALA A 54 -8.52 9.76 -7.38
C ALA A 54 -8.78 11.07 -6.64
N GLY A 55 -8.02 11.31 -5.58
CA GLY A 55 -8.23 12.49 -4.74
C GLY A 55 -8.12 12.17 -3.25
N GLN A 56 -8.36 10.92 -2.90
CA GLN A 56 -8.19 10.46 -1.51
C GLN A 56 -6.73 10.11 -1.22
N CYS A 57 -6.25 10.48 -0.04
CA CYS A 57 -4.89 10.09 0.38
C CYS A 57 -4.79 8.56 0.46
N THR A 58 -5.89 7.93 0.87
CA THR A 58 -6.00 6.47 0.91
C THR A 58 -5.70 5.85 -0.46
N TRP A 59 -6.27 6.45 -1.51
CA TRP A 59 -6.04 6.01 -2.90
C TRP A 59 -4.55 6.00 -3.25
N TYR A 60 -3.85 7.10 -2.97
CA TYR A 60 -2.41 7.20 -3.27
C TYR A 60 -1.60 6.17 -2.46
N VAL A 61 -1.89 6.04 -1.18
CA VAL A 61 -1.20 5.07 -0.32
C VAL A 61 -1.42 3.64 -0.82
N TYR A 62 -2.63 3.38 -1.33
CA TYR A 62 -2.99 2.06 -1.88
C TYR A 62 -2.01 1.65 -2.99
N ASP A 63 -1.66 2.61 -3.86
CA ASP A 63 -0.68 2.37 -4.93
C ASP A 63 0.73 2.15 -4.33
N LYS A 64 1.12 3.04 -3.42
CA LYS A 64 2.44 2.97 -2.77
C LYS A 64 2.70 1.62 -2.07
N VAL A 65 1.66 1.06 -1.46
CA VAL A 65 1.78 -0.23 -0.76
C VAL A 65 1.64 -1.41 -1.74
N GLY A 66 1.37 -1.11 -3.01
CA GLY A 66 1.25 -2.15 -4.04
C GLY A 66 -0.13 -2.80 -4.10
N GLY A 67 -1.08 -2.25 -3.37
CA GLY A 67 -2.43 -2.82 -3.33
C GLY A 67 -2.52 -4.08 -2.46
N ASN A 68 -1.48 -4.36 -1.69
CA ASN A 68 -1.43 -5.58 -0.85
C ASN A 68 -2.27 -5.43 0.44
N ILE A 69 -3.40 -4.73 0.34
CA ILE A 69 -4.29 -4.51 1.49
C ILE A 69 -5.76 -4.63 1.07
N GLY A 70 -6.67 -4.41 2.03
CA GLY A 70 -8.09 -4.48 1.74
C GLY A 70 -8.68 -3.16 1.25
N SER A 71 -9.02 -3.10 -0.04
CA SER A 71 -9.62 -1.89 -0.63
C SER A 71 -10.98 -1.55 0.00
N THR A 72 -11.56 -2.50 0.73
CA THR A 72 -12.87 -2.31 1.37
C THR A 72 -12.76 -1.63 2.75
N TRP A 73 -11.56 -1.22 3.14
CA TRP A 73 -11.36 -0.57 4.45
C TRP A 73 -12.04 0.80 4.51
N GLY A 74 -12.07 1.52 3.40
CA GLY A 74 -12.82 2.76 3.32
C GLY A 74 -12.16 3.94 4.04
N ASN A 75 -12.84 4.49 5.04
CA ASN A 75 -12.35 5.67 5.77
C ASN A 75 -10.98 5.43 6.41
N ALA A 76 -10.08 6.39 6.24
CA ALA A 76 -8.70 6.28 6.75
C ALA A 76 -8.65 6.04 8.28
N ASN A 77 -9.69 6.46 8.99
CA ASN A 77 -9.75 6.27 10.45
C ASN A 77 -10.12 4.81 10.82
N ASN A 78 -10.53 4.03 9.82
CA ASN A 78 -11.00 2.65 10.04
C ASN A 78 -9.92 1.62 9.65
N TRP A 79 -8.81 2.08 9.09
CA TRP A 79 -7.77 1.18 8.55
C TRP A 79 -7.10 0.33 9.65
N ALA A 80 -6.78 0.94 10.78
CA ALA A 80 -6.14 0.23 11.90
C ALA A 80 -7.06 -0.85 12.46
N SER A 81 -8.34 -0.52 12.64
CA SER A 81 -9.34 -1.47 13.14
C SER A 81 -9.57 -2.61 12.15
N ALA A 82 -9.77 -2.27 10.88
CA ALA A 82 -9.98 -3.27 9.82
C ALA A 82 -8.78 -4.21 9.70
N ALA A 83 -7.58 -3.65 9.75
CA ALA A 83 -6.33 -4.43 9.73
C ALA A 83 -6.30 -5.45 10.89
N SER A 84 -6.44 -4.96 12.12
CA SER A 84 -6.42 -5.84 13.30
C SER A 84 -7.59 -6.83 13.30
N SER A 85 -8.72 -6.42 12.71
CA SER A 85 -9.91 -7.28 12.61
C SER A 85 -9.73 -8.37 11.54
N ALA A 86 -9.02 -8.04 10.47
CA ALA A 86 -8.75 -8.99 9.39
C ALA A 86 -7.59 -9.94 9.73
N GLY A 87 -6.70 -9.49 10.62
CA GLY A 87 -5.56 -10.32 11.02
C GLY A 87 -4.22 -9.70 10.66
N TYR A 88 -4.22 -8.47 10.16
CA TYR A 88 -2.99 -7.75 9.84
C TYR A 88 -2.29 -7.26 11.12
N THR A 89 -1.00 -7.01 11.02
CA THR A 89 -0.16 -6.70 12.18
C THR A 89 -0.01 -5.18 12.40
N VAL A 90 -0.89 -4.62 13.23
CA VAL A 90 -0.89 -3.19 13.54
C VAL A 90 -0.12 -2.90 14.84
N ASN A 91 0.89 -2.03 14.77
CA ASN A 91 1.70 -1.67 15.93
C ASN A 91 2.15 -0.21 15.86
N ASN A 92 2.66 0.31 16.98
CA ASN A 92 3.21 1.67 17.03
C ASN A 92 4.66 1.71 16.52
N SER A 93 5.24 0.54 16.22
CA SER A 93 6.57 0.43 15.64
C SER A 93 6.62 1.13 14.26
N PRO A 94 7.37 2.25 14.15
CA PRO A 94 7.34 3.12 12.95
C PRO A 94 8.21 2.64 11.78
N GLU A 95 8.54 1.34 11.77
CA GLU A 95 9.42 0.77 10.73
C GLU A 95 8.89 1.00 9.31
N ALA A 96 9.82 1.14 8.37
CA ALA A 96 9.50 1.39 6.96
C ALA A 96 8.75 0.21 6.31
N GLY A 97 8.06 0.50 5.21
CA GLY A 97 7.27 -0.54 4.54
C GLY A 97 5.95 -0.80 5.24
N SER A 98 5.26 0.27 5.63
CA SER A 98 3.98 0.17 6.34
C SER A 98 3.15 1.43 6.16
N ILE A 99 1.96 1.45 6.75
CA ILE A 99 1.03 2.58 6.64
C ILE A 99 0.65 3.11 8.02
N LEU A 100 0.90 4.39 8.28
CA LEU A 100 0.55 4.98 9.59
C LEU A 100 -0.80 5.72 9.52
N GLN A 101 -1.65 5.48 10.51
CA GLN A 101 -2.97 6.12 10.56
C GLN A 101 -3.00 7.30 11.55
N SER A 102 -3.24 8.49 11.03
CA SER A 102 -3.44 9.69 11.84
C SER A 102 -4.93 10.03 11.93
N THR A 103 -5.50 9.97 13.13
CA THR A 103 -6.93 10.26 13.33
C THR A 103 -7.20 11.77 13.29
N ALA A 104 -7.01 12.36 12.12
CA ALA A 104 -7.24 13.79 11.91
C ALA A 104 -8.73 14.12 11.69
N GLY A 105 -9.05 15.41 11.72
CA GLY A 105 -10.43 15.86 11.58
C GLY A 105 -11.05 15.50 10.22
N GLY A 106 -10.22 15.35 9.19
CA GLY A 106 -10.74 15.03 7.85
C GLY A 106 -11.10 13.55 7.68
N TYR A 107 -11.87 13.01 8.63
CA TYR A 107 -12.31 11.60 8.59
C TYR A 107 -11.11 10.62 8.57
N GLY A 108 -9.99 11.06 9.15
CA GLY A 108 -8.79 10.23 9.20
C GLY A 108 -7.82 10.50 8.06
N HIS A 109 -6.54 10.25 8.30
CA HIS A 109 -5.49 10.45 7.30
C HIS A 109 -4.43 9.34 7.36
N VAL A 110 -4.10 8.75 6.22
CA VAL A 110 -3.08 7.71 6.16
C VAL A 110 -2.01 8.03 5.10
N ALA A 111 -0.78 7.62 5.37
CA ALA A 111 0.34 7.82 4.43
C ALA A 111 1.29 6.60 4.44
N TYR A 112 2.03 6.41 3.36
CA TYR A 112 2.97 5.28 3.26
C TYR A 112 4.34 5.64 3.85
N VAL A 113 4.81 4.80 4.77
CA VAL A 113 6.14 4.97 5.37
C VAL A 113 7.25 4.50 4.42
N GLU A 114 7.95 5.45 3.81
CA GLU A 114 9.02 5.13 2.85
C GLU A 114 10.35 4.80 3.56
N ASN A 115 10.74 5.66 4.50
CA ASN A 115 12.00 5.49 5.22
C ASN A 115 11.94 6.08 6.64
N VAL A 116 12.73 5.51 7.56
CA VAL A 116 12.74 5.96 8.96
C VAL A 116 14.17 6.28 9.42
N ASN A 117 14.32 7.38 10.17
CA ASN A 117 15.62 7.76 10.72
C ASN A 117 15.97 6.91 11.95
N SER A 118 17.25 6.93 12.35
CA SER A 118 17.73 6.15 13.51
C SER A 118 17.07 6.63 14.82
N ASP A 119 16.73 7.91 14.90
CA ASP A 119 16.06 8.47 16.08
C ASP A 119 14.59 8.03 16.17
N GLY A 120 13.90 7.99 15.02
CA GLY A 120 12.49 7.61 15.00
C GLY A 120 11.66 8.40 14.01
N SER A 121 12.21 9.49 13.46
CA SER A 121 11.51 10.30 12.46
C SER A 121 11.06 9.45 11.26
N VAL A 122 9.79 9.58 10.92
CA VAL A 122 9.18 8.79 9.86
C VAL A 122 8.91 9.63 8.60
N GLU A 123 9.53 9.24 7.49
CA GLU A 123 9.33 9.92 6.21
C GLU A 123 8.19 9.24 5.41
N VAL A 124 7.04 9.93 5.33
CA VAL A 124 5.84 9.36 4.70
C VAL A 124 5.46 10.07 3.39
N SER A 125 4.87 9.32 2.47
CA SER A 125 4.41 9.86 1.19
C SER A 125 2.89 10.13 1.22
N GLU A 126 2.53 11.42 1.17
CA GLU A 126 1.12 11.84 1.15
C GLU A 126 0.83 12.71 -0.10
N MET A 127 -0.37 13.30 -0.16
CA MET A 127 -0.78 14.15 -1.29
C MET A 127 -1.53 15.40 -0.79
N ASN A 128 -1.30 16.55 -1.44
CA ASN A 128 -1.90 17.82 -0.99
C ASN A 128 -2.59 18.57 -2.15
N TYR A 129 -1.79 19.13 -3.06
CA TYR A 129 -2.30 20.03 -4.11
C TYR A 129 -3.10 19.28 -5.19
N ASN A 130 -4.42 19.28 -5.05
CA ASN A 130 -5.30 18.74 -6.08
C ASN A 130 -5.27 19.61 -7.35
N GLY A 131 -4.33 19.30 -8.23
CA GLY A 131 -4.16 20.07 -9.45
C GLY A 131 -3.03 19.52 -10.31
N GLY A 132 -1.92 19.17 -9.67
CA GLY A 132 -0.84 18.49 -10.37
C GLY A 132 -1.12 17.00 -10.57
N PRO A 133 -0.44 16.34 -11.53
CA PRO A 133 -0.69 14.93 -11.85
C PRO A 133 -0.54 13.97 -10.64
N PHE A 134 0.31 14.35 -9.69
CA PHE A 134 0.52 13.55 -8.48
C PHE A 134 0.54 14.41 -7.21
N SER A 135 1.31 15.51 -7.26
CA SER A 135 1.45 16.42 -6.10
C SER A 135 1.73 15.65 -4.80
N VAL A 136 2.86 14.97 -4.75
CA VAL A 136 3.23 14.15 -3.60
C VAL A 136 3.99 14.95 -2.54
N SER A 137 3.52 14.88 -1.31
CA SER A 137 4.20 15.54 -0.17
C SER A 137 5.00 14.52 0.64
N GLU A 138 6.28 14.80 0.86
CA GLU A 138 7.14 13.94 1.67
C GLU A 138 7.31 14.54 3.07
N ARG A 139 6.46 14.12 4.00
CA ARG A 139 6.46 14.69 5.34
C ARG A 139 7.25 13.82 6.34
N THR A 140 8.25 14.44 6.97
CA THR A 140 9.03 13.76 8.02
C THR A 140 8.45 14.07 9.40
N ILE A 141 7.90 13.04 10.06
CA ILE A 141 7.25 13.21 11.36
C ILE A 141 8.14 12.71 12.51
N SER A 142 8.39 13.57 13.50
CA SER A 142 9.21 13.20 14.68
C SER A 142 8.55 12.06 15.48
N ALA A 143 9.38 11.18 16.05
CA ALA A 143 8.90 10.00 16.79
C ALA A 143 7.85 10.36 17.86
N GLY A 144 8.10 11.44 18.60
CA GLY A 144 7.16 11.87 19.65
C GLY A 144 5.73 12.08 19.15
N GLU A 145 5.60 12.31 17.84
CA GLU A 145 4.28 12.46 17.21
C GLU A 145 3.89 11.17 16.47
N ALA A 146 4.83 10.64 15.69
CA ALA A 146 4.61 9.47 14.84
C ALA A 146 4.22 8.21 15.64
N SER A 147 4.86 7.99 16.78
CA SER A 147 4.65 6.78 17.60
C SER A 147 3.19 6.64 18.07
N SER A 148 2.41 7.71 18.02
CA SER A 148 0.99 7.65 18.41
C SER A 148 0.12 7.05 17.30
N TYR A 149 0.59 7.15 16.05
CA TYR A 149 -0.18 6.68 14.90
C TYR A 149 -0.09 5.15 14.75
N ASN A 150 -1.15 4.54 14.22
CA ASN A 150 -1.19 3.08 14.04
C ASN A 150 -0.50 2.65 12.74
N TYR A 151 0.59 1.90 12.86
CA TYR A 151 1.32 1.40 11.68
C TYR A 151 0.87 -0.01 11.29
N ILE A 152 0.20 -0.12 10.15
CA ILE A 152 -0.22 -1.42 9.61
C ILE A 152 0.94 -2.10 8.86
N HIS A 153 1.43 -3.22 9.41
CA HIS A 153 2.52 -3.98 8.78
C HIS A 153 1.97 -5.25 8.09
N LEU A 154 2.44 -5.52 6.88
CA LEU A 154 1.94 -6.65 6.08
C LEU A 154 2.88 -7.87 6.16
N ASN A 155 2.34 -9.01 6.59
CA ASN A 155 3.11 -10.26 6.64
C ASN A 155 2.85 -11.11 5.38
N MET A 1 -52.06 -65.90 25.90
CA MET A 1 -51.64 -66.40 24.56
C MET A 1 -51.60 -65.27 23.52
N LYS A 2 -51.92 -64.05 23.94
CA LYS A 2 -51.98 -62.89 23.02
C LYS A 2 -50.87 -61.88 23.30
N LYS A 3 -49.97 -61.70 22.33
CA LYS A 3 -48.91 -60.69 22.42
C LYS A 3 -48.39 -60.28 21.02
N LEU A 4 -48.85 -59.12 20.53
CA LEU A 4 -48.46 -58.63 19.21
C LEU A 4 -47.78 -57.25 19.30
N VAL A 5 -46.45 -57.25 19.42
CA VAL A 5 -45.68 -55.99 19.52
C VAL A 5 -44.38 -56.06 18.69
N THR A 6 -43.92 -54.90 18.21
CA THR A 6 -42.65 -54.82 17.46
C THR A 6 -42.09 -53.39 17.46
N ALA A 7 -40.77 -53.27 17.60
CA ALA A 7 -40.11 -51.95 17.63
C ALA A 7 -38.98 -51.86 16.60
N THR A 8 -39.25 -51.14 15.50
CA THR A 8 -38.26 -50.96 14.42
C THR A 8 -37.56 -49.59 14.54
N THR A 9 -36.24 -49.58 14.35
CA THR A 9 -35.44 -48.34 14.52
C THR A 9 -34.52 -48.06 13.32
N LEU A 10 -34.87 -48.59 12.15
CA LEU A 10 -34.08 -48.37 10.94
C LEU A 10 -34.32 -46.95 10.39
N THR A 11 -33.57 -45.98 10.89
CA THR A 11 -33.75 -44.57 10.52
C THR A 11 -32.45 -43.95 9.96
N ALA A 12 -31.51 -44.80 9.56
CA ALA A 12 -30.21 -44.32 9.05
C ALA A 12 -30.35 -43.59 7.69
N GLY A 13 -29.89 -42.34 7.65
CA GLY A 13 -29.93 -41.55 6.42
C GLY A 13 -28.76 -40.57 6.31
N ILE A 14 -27.55 -41.11 6.32
CA ILE A 14 -26.32 -40.30 6.31
C ILE A 14 -26.01 -39.73 4.91
N GLY A 15 -25.53 -38.49 4.88
CA GLY A 15 -25.18 -37.84 3.62
C GLY A 15 -24.72 -36.39 3.81
N ALA A 16 -23.47 -36.11 3.45
CA ALA A 16 -22.89 -34.77 3.65
C ALA A 16 -21.92 -34.39 2.52
N ALA A 17 -21.57 -33.10 2.44
CA ALA A 17 -20.66 -32.60 1.39
C ALA A 17 -19.79 -31.44 1.90
N ILE A 18 -18.58 -31.34 1.35
CA ILE A 18 -17.67 -30.22 1.65
C ILE A 18 -17.06 -29.64 0.35
N VAL A 19 -16.62 -28.38 0.40
CA VAL A 19 -15.99 -27.74 -0.77
C VAL A 19 -14.79 -26.88 -0.34
N GLY A 20 -13.73 -26.89 -1.15
CA GLY A 20 -12.51 -26.16 -0.80
C GLY A 20 -12.05 -25.18 -1.87
N LEU A 21 -12.42 -23.91 -1.72
CA LEU A 21 -11.96 -22.86 -2.64
C LEU A 21 -10.57 -22.34 -2.24
N ASP A 22 -9.52 -22.94 -2.80
CA ASP A 22 -8.15 -22.57 -2.45
C ASP A 22 -7.68 -21.32 -3.23
N HIS A 23 -7.46 -20.23 -2.50
CA HIS A 23 -6.98 -18.97 -3.09
C HIS A 23 -6.01 -18.25 -2.13
N GLY A 24 -5.38 -17.18 -2.62
CA GLY A 24 -4.48 -16.39 -1.78
C GLY A 24 -3.01 -16.51 -2.19
N ASN A 25 -2.43 -15.40 -2.63
CA ASN A 25 -1.01 -15.34 -3.00
C ASN A 25 -0.22 -14.49 -1.99
N GLU A 26 1.01 -14.10 -2.36
CA GLU A 26 1.83 -13.21 -1.54
C GLU A 26 2.78 -12.36 -2.40
N ALA A 27 3.55 -11.49 -1.75
CA ALA A 27 4.55 -10.68 -2.43
C ALA A 27 5.96 -11.22 -2.17
N ASP A 28 6.97 -10.55 -2.71
CA ASP A 28 8.37 -10.95 -2.51
C ASP A 28 8.92 -10.44 -1.16
N ALA A 29 8.11 -9.68 -0.45
CA ALA A 29 8.51 -9.10 0.85
C ALA A 29 8.49 -10.14 1.98
N ALA A 30 9.68 -10.51 2.46
CA ALA A 30 9.82 -11.46 3.57
C ALA A 30 11.11 -11.19 4.38
N GLU A 31 11.22 -11.82 5.54
CA GLU A 31 12.39 -11.62 6.42
C GLU A 31 12.98 -12.95 6.90
N GLN A 32 14.31 -13.02 6.99
CA GLN A 32 15.01 -14.24 7.41
C GLN A 32 14.83 -14.50 8.92
N THR A 33 13.71 -15.11 9.29
CA THR A 33 13.41 -15.43 10.69
C THR A 33 12.18 -16.35 10.81
N GLN A 34 11.90 -16.82 12.01
CA GLN A 34 10.70 -17.64 12.27
C GLN A 34 9.68 -16.88 13.13
N PRO A 35 8.69 -16.22 12.48
CA PRO A 35 7.60 -15.52 13.19
C PRO A 35 6.70 -16.49 13.98
N THR A 36 6.20 -16.05 15.12
CA THR A 36 5.36 -16.90 15.99
C THR A 36 4.05 -17.33 15.30
N ASN A 37 3.97 -18.60 14.96
CA ASN A 37 2.78 -19.15 14.30
C ASN A 37 1.73 -19.57 15.35
N GLN A 38 1.15 -18.59 16.04
CA GLN A 38 0.11 -18.86 17.05
C GLN A 38 -1.15 -19.45 16.40
N SER A 39 -1.80 -18.67 15.56
CA SER A 39 -3.02 -19.12 14.87
C SER A 39 -2.70 -19.86 13.57
N THR A 40 -3.35 -20.99 13.33
CA THR A 40 -3.14 -21.78 12.11
C THR A 40 -3.92 -21.22 10.90
N THR A 41 -4.17 -19.91 10.93
CA THR A 41 -4.89 -19.23 9.84
C THR A 41 -4.46 -17.76 9.75
N GLN A 42 -3.83 -17.39 8.63
CA GLN A 42 -3.41 -16.00 8.38
C GLN A 42 -4.29 -15.32 7.32
N SER A 43 -3.97 -14.05 7.03
CA SER A 43 -4.77 -13.26 6.07
C SER A 43 -3.94 -12.89 4.83
N THR A 44 -4.57 -12.97 3.66
CA THR A 44 -3.93 -12.57 2.39
C THR A 44 -4.91 -11.80 1.49
N SER A 45 -5.85 -11.11 2.11
CA SER A 45 -6.91 -10.39 1.38
C SER A 45 -6.41 -9.03 0.89
N GLY A 46 -5.63 -9.03 -0.19
CA GLY A 46 -5.09 -7.80 -0.75
C GLY A 46 -5.62 -7.51 -2.15
N SER A 47 -6.48 -6.50 -2.27
CA SER A 47 -7.02 -6.09 -3.58
C SER A 47 -6.02 -5.21 -4.33
N SER A 48 -5.35 -5.80 -5.32
CA SER A 48 -4.31 -5.10 -6.10
C SER A 48 -4.91 -4.09 -7.08
N ALA A 49 -6.10 -4.37 -7.58
CA ALA A 49 -6.81 -3.45 -8.47
C ALA A 49 -7.38 -2.24 -7.72
N ASN A 50 -7.69 -1.16 -8.44
CA ASN A 50 -8.18 0.06 -7.81
C ASN A 50 -9.72 0.03 -7.64
N LEU A 51 -10.18 -0.21 -6.41
CA LEU A 51 -11.62 -0.18 -6.09
C LEU A 51 -12.03 1.15 -5.45
N TYR A 52 -11.08 2.07 -5.28
CA TYR A 52 -11.34 3.32 -4.54
C TYR A 52 -11.23 4.55 -5.47
N THR A 53 -11.81 5.69 -5.04
CA THR A 53 -11.79 6.93 -5.86
C THR A 53 -10.40 7.57 -5.88
N ALA A 54 -10.05 8.18 -7.02
CA ALA A 54 -8.72 8.76 -7.23
C ALA A 54 -8.61 10.17 -6.63
N GLY A 55 -7.39 10.53 -6.20
CA GLY A 55 -7.14 11.86 -5.65
C GLY A 55 -7.03 11.88 -4.12
N GLN A 56 -7.82 11.02 -3.46
CA GLN A 56 -7.81 10.94 -1.99
C GLN A 56 -6.47 10.38 -1.46
N CYS A 57 -6.06 10.82 -0.27
CA CYS A 57 -4.82 10.34 0.36
C CYS A 57 -4.82 8.82 0.51
N THR A 58 -5.96 8.28 0.94
CA THR A 58 -6.15 6.82 1.06
C THR A 58 -5.87 6.11 -0.27
N TRP A 59 -6.31 6.72 -1.36
CA TRP A 59 -6.06 6.20 -2.71
C TRP A 59 -4.56 6.09 -3.02
N TYR A 60 -3.83 7.19 -2.82
CA TYR A 60 -2.40 7.21 -3.11
C TYR A 60 -1.63 6.18 -2.26
N VAL A 61 -2.00 6.07 -0.98
CA VAL A 61 -1.41 5.07 -0.09
C VAL A 61 -1.74 3.65 -0.57
N TYR A 62 -2.94 3.49 -1.12
CA TYR A 62 -3.40 2.22 -1.70
C TYR A 62 -2.44 1.73 -2.81
N ASP A 63 -2.05 2.63 -3.70
CA ASP A 63 -1.05 2.33 -4.74
C ASP A 63 0.37 2.17 -4.13
N LYS A 64 0.70 3.04 -3.17
CA LYS A 64 2.03 3.01 -2.54
C LYS A 64 2.29 1.69 -1.79
N VAL A 65 1.23 1.08 -1.25
CA VAL A 65 1.35 -0.22 -0.59
C VAL A 65 1.28 -1.39 -1.60
N GLY A 66 1.26 -1.05 -2.89
CA GLY A 66 1.23 -2.07 -3.93
C GLY A 66 -0.09 -2.84 -3.99
N GLY A 67 -1.15 -2.26 -3.44
CA GLY A 67 -2.46 -2.91 -3.43
C GLY A 67 -2.48 -4.20 -2.60
N ASN A 68 -1.62 -4.30 -1.59
CA ASN A 68 -1.59 -5.48 -0.71
C ASN A 68 -2.51 -5.29 0.51
N ILE A 69 -3.55 -4.46 0.35
CA ILE A 69 -4.55 -4.22 1.40
C ILE A 69 -5.96 -4.34 0.83
N GLY A 70 -6.98 -4.21 1.68
CA GLY A 70 -8.37 -4.34 1.24
C GLY A 70 -9.07 -2.99 1.10
N SER A 71 -9.70 -2.75 -0.05
CA SER A 71 -10.45 -1.49 -0.28
C SER A 71 -11.63 -1.34 0.69
N THR A 72 -12.11 -2.46 1.23
CA THR A 72 -13.23 -2.46 2.19
C THR A 72 -12.93 -1.64 3.46
N TRP A 73 -11.65 -1.34 3.69
CA TRP A 73 -11.24 -0.53 4.85
C TRP A 73 -11.89 0.87 4.81
N GLY A 74 -12.03 1.41 3.60
CA GLY A 74 -12.75 2.68 3.41
C GLY A 74 -12.10 3.89 4.05
N ASN A 75 -12.84 4.57 4.93
CA ASN A 75 -12.36 5.82 5.57
C ASN A 75 -11.09 5.58 6.39
N ALA A 76 -10.18 6.55 6.34
CA ALA A 76 -8.86 6.42 6.98
C ALA A 76 -8.94 6.18 8.49
N ASN A 77 -10.05 6.57 9.12
CA ASN A 77 -10.24 6.36 10.56
C ASN A 77 -10.53 4.89 10.90
N ASN A 78 -10.80 4.09 9.87
CA ASN A 78 -11.18 2.68 10.05
C ASN A 78 -10.00 1.71 9.77
N TRP A 79 -9.06 2.14 8.93
CA TRP A 79 -7.96 1.29 8.44
C TRP A 79 -7.34 0.37 9.52
N ALA A 80 -6.80 0.94 10.61
CA ALA A 80 -6.16 0.14 11.66
C ALA A 80 -7.11 -0.91 12.25
N SER A 81 -8.35 -0.51 12.50
CA SER A 81 -9.38 -1.42 13.04
C SER A 81 -9.68 -2.57 12.06
N ALA A 82 -9.81 -2.22 10.77
CA ALA A 82 -10.07 -3.20 9.72
C ALA A 82 -8.91 -4.21 9.59
N ALA A 83 -7.68 -3.70 9.64
CA ALA A 83 -6.48 -4.55 9.65
C ALA A 83 -6.49 -5.51 10.84
N SER A 84 -6.75 -4.97 12.02
CA SER A 84 -6.84 -5.77 13.26
C SER A 84 -7.94 -6.82 13.18
N SER A 85 -9.08 -6.44 12.61
CA SER A 85 -10.24 -7.34 12.49
C SER A 85 -10.03 -8.41 11.42
N ALA A 86 -9.37 -8.04 10.32
CA ALA A 86 -9.11 -8.96 9.21
C ALA A 86 -8.04 -10.01 9.54
N GLY A 87 -7.02 -9.61 10.31
CA GLY A 87 -5.96 -10.55 10.70
C GLY A 87 -4.56 -10.05 10.32
N TYR A 88 -4.37 -8.74 10.34
CA TYR A 88 -3.07 -8.14 10.03
C TYR A 88 -2.31 -7.73 11.32
N THR A 89 -1.12 -7.19 11.16
CA THR A 89 -0.25 -6.85 12.31
C THR A 89 -0.15 -5.33 12.52
N VAL A 90 -0.99 -4.78 13.39
CA VAL A 90 -1.00 -3.35 13.69
C VAL A 90 -0.18 -3.04 14.95
N ASN A 91 0.95 -2.36 14.78
CA ASN A 91 1.84 -2.04 15.90
C ASN A 91 2.20 -0.54 15.91
N ASN A 92 2.94 -0.10 16.92
CA ASN A 92 3.50 1.26 16.93
C ASN A 92 4.89 1.29 16.28
N SER A 93 5.37 0.13 15.84
CA SER A 93 6.63 0.03 15.10
C SER A 93 6.62 0.91 13.85
N PRO A 94 7.54 1.91 13.78
CA PRO A 94 7.56 2.89 12.70
C PRO A 94 8.34 2.44 11.45
N GLU A 95 8.68 1.15 11.38
CA GLU A 95 9.51 0.62 10.28
C GLU A 95 8.84 0.83 8.91
N ALA A 96 9.68 1.12 7.89
CA ALA A 96 9.20 1.43 6.54
C ALA A 96 8.41 0.27 5.91
N GLY A 97 7.66 0.59 4.86
CA GLY A 97 6.79 -0.41 4.23
C GLY A 97 5.47 -0.59 4.97
N SER A 98 5.13 0.36 5.82
CA SER A 98 3.92 0.28 6.66
C SER A 98 3.04 1.51 6.47
N ILE A 99 1.78 1.44 6.93
CA ILE A 99 0.87 2.59 6.85
C ILE A 99 0.54 3.11 8.27
N LEU A 100 0.70 4.41 8.50
CA LEU A 100 0.38 4.97 9.82
C LEU A 100 -1.00 5.67 9.82
N GLN A 101 -1.80 5.38 10.83
CA GLN A 101 -3.14 5.97 10.95
C GLN A 101 -3.11 7.24 11.80
N SER A 102 -3.29 8.39 11.15
CA SER A 102 -3.27 9.69 11.85
C SER A 102 -4.67 10.07 12.38
N THR A 103 -5.72 9.70 11.65
CA THR A 103 -7.13 10.01 12.00
C THR A 103 -7.39 11.51 12.21
N ALA A 104 -6.48 12.36 11.71
CA ALA A 104 -6.60 13.80 11.89
C ALA A 104 -7.69 14.41 10.97
N GLY A 105 -8.94 14.41 11.45
CA GLY A 105 -10.04 14.99 10.69
C GLY A 105 -11.30 14.13 10.67
N GLY A 106 -12.34 14.60 10.00
CA GLY A 106 -13.61 13.88 9.94
C GLY A 106 -13.51 12.53 9.24
N TYR A 107 -12.89 12.52 8.06
CA TYR A 107 -12.70 11.27 7.30
C TYR A 107 -11.52 10.46 7.87
N GLY A 108 -10.67 11.15 8.62
CA GLY A 108 -9.44 10.55 9.13
C GLY A 108 -8.23 10.88 8.25
N HIS A 109 -7.13 10.15 8.43
CA HIS A 109 -5.93 10.34 7.59
C HIS A 109 -4.94 9.19 7.77
N VAL A 110 -4.31 8.79 6.65
CA VAL A 110 -3.30 7.73 6.63
C VAL A 110 -2.23 8.01 5.57
N ALA A 111 -1.02 7.50 5.78
CA ALA A 111 0.08 7.69 4.82
C ALA A 111 1.02 6.48 4.81
N TYR A 112 1.80 6.33 3.74
CA TYR A 112 2.70 5.19 3.59
C TYR A 112 4.15 5.56 3.99
N VAL A 113 4.74 4.76 4.87
CA VAL A 113 6.10 5.01 5.37
C VAL A 113 7.17 4.58 4.36
N GLU A 114 7.94 5.56 3.86
CA GLU A 114 9.01 5.31 2.89
C GLU A 114 10.34 4.96 3.56
N ASN A 115 10.66 5.63 4.67
CA ASN A 115 11.97 5.44 5.32
C ASN A 115 11.99 5.93 6.78
N VAL A 116 12.76 5.23 7.62
CA VAL A 116 12.97 5.63 9.02
C VAL A 116 14.36 6.27 9.19
N ASN A 117 14.49 7.18 10.15
CA ASN A 117 15.74 7.93 10.37
C ASN A 117 16.41 7.57 11.71
N SER A 118 17.66 8.02 11.89
CA SER A 118 18.39 7.83 13.15
C SER A 118 17.70 8.57 14.31
N ASP A 119 17.06 9.69 13.97
CA ASP A 119 16.26 10.44 14.95
C ASP A 119 15.02 9.64 15.40
N GLY A 120 14.72 8.55 14.70
CA GLY A 120 13.48 7.83 14.91
C GLY A 120 12.32 8.46 14.13
N SER A 121 12.62 9.55 13.43
CA SER A 121 11.64 10.28 12.63
C SER A 121 11.17 9.46 11.42
N VAL A 122 9.87 9.46 11.17
CA VAL A 122 9.26 8.68 10.10
C VAL A 122 8.93 9.55 8.88
N GLU A 123 9.48 9.19 7.73
CA GLU A 123 9.21 9.89 6.47
C GLU A 123 8.08 9.20 5.68
N VAL A 124 6.92 9.84 5.64
CA VAL A 124 5.75 9.27 4.96
C VAL A 124 5.46 9.96 3.62
N SER A 125 4.90 9.20 2.68
CA SER A 125 4.57 9.72 1.34
C SER A 125 3.10 10.12 1.23
N GLU A 126 2.86 11.43 1.16
CA GLU A 126 1.50 11.97 1.01
C GLU A 126 1.32 12.57 -0.39
N MET A 127 0.10 12.94 -0.76
CA MET A 127 -0.14 13.55 -2.07
C MET A 127 -0.52 15.04 -1.95
N ASN A 128 0.25 15.88 -2.65
CA ASN A 128 -0.01 17.32 -2.69
C ASN A 128 -1.15 17.64 -3.67
N TYR A 129 -2.38 17.64 -3.15
CA TYR A 129 -3.57 17.93 -3.96
C TYR A 129 -3.69 19.42 -4.33
N ASN A 130 -2.63 20.18 -4.09
CA ASN A 130 -2.61 21.61 -4.43
C ASN A 130 -1.96 21.82 -5.81
N GLY A 131 -2.76 21.70 -6.86
CA GLY A 131 -2.26 21.92 -8.22
C GLY A 131 -1.26 20.86 -8.69
N GLY A 132 -1.70 19.60 -8.71
CA GLY A 132 -0.83 18.52 -9.16
C GLY A 132 -1.35 17.13 -8.79
N PRO A 133 -2.08 16.45 -9.70
CA PRO A 133 -2.63 15.10 -9.45
C PRO A 133 -1.55 14.03 -9.22
N PHE A 134 -0.31 14.36 -9.54
CA PHE A 134 0.82 13.44 -9.34
C PHE A 134 1.85 14.03 -8.38
N SER A 135 1.56 15.22 -7.85
CA SER A 135 2.47 15.91 -6.92
C SER A 135 2.52 15.20 -5.57
N VAL A 136 3.71 14.81 -5.14
CA VAL A 136 3.90 14.08 -3.89
C VAL A 136 4.55 14.97 -2.81
N SER A 137 4.20 14.74 -1.55
CA SER A 137 4.78 15.48 -0.42
C SER A 137 5.25 14.53 0.67
N GLU A 138 6.54 14.58 0.97
CA GLU A 138 7.13 13.71 1.99
C GLU A 138 7.15 14.41 3.36
N ARG A 139 6.36 13.89 4.30
CA ARG A 139 6.27 14.46 5.64
C ARG A 139 7.15 13.69 6.65
N THR A 140 8.11 14.39 7.24
CA THR A 140 9.03 13.78 8.21
C THR A 140 8.55 14.00 9.65
N ILE A 141 7.82 13.04 10.18
CA ILE A 141 7.25 13.13 11.53
C ILE A 141 8.28 12.75 12.60
N SER A 142 8.42 13.57 13.64
CA SER A 142 9.37 13.30 14.74
C SER A 142 9.01 11.99 15.48
N ALA A 143 10.02 11.32 16.02
CA ALA A 143 9.83 10.02 16.71
C ALA A 143 8.69 10.06 17.75
N GLY A 144 8.74 11.06 18.63
CA GLY A 144 7.71 11.20 19.68
C GLY A 144 6.29 11.32 19.12
N GLU A 145 6.11 12.21 18.15
CA GLU A 145 4.80 12.44 17.52
C GLU A 145 4.38 11.22 16.68
N ALA A 146 5.34 10.60 16.01
CA ALA A 146 5.08 9.43 15.16
C ALA A 146 4.59 8.23 15.97
N SER A 147 5.15 8.04 17.17
CA SER A 147 4.78 6.92 18.06
C SER A 147 3.30 6.96 18.46
N SER A 148 2.62 8.08 18.20
CA SER A 148 1.20 8.23 18.53
C SER A 148 0.30 7.60 17.46
N TYR A 149 0.88 7.30 16.30
CA TYR A 149 0.11 6.78 15.16
C TYR A 149 0.17 5.24 15.07
N ASN A 150 -0.88 4.64 14.51
CA ASN A 150 -0.97 3.18 14.38
C ASN A 150 -0.37 2.70 13.05
N TYR A 151 0.71 1.93 13.12
CA TYR A 151 1.38 1.42 11.92
C TYR A 151 0.90 0.01 11.55
N ILE A 152 0.19 -0.09 10.41
CA ILE A 152 -0.25 -1.38 9.89
C ILE A 152 0.89 -2.09 9.16
N HIS A 153 1.23 -3.29 9.63
CA HIS A 153 2.27 -4.12 9.01
C HIS A 153 1.65 -5.37 8.38
N LEU A 154 2.07 -5.71 7.17
CA LEU A 154 1.49 -6.82 6.43
C LEU A 154 2.15 -8.17 6.80
N ASN A 155 1.33 -9.16 7.13
CA ASN A 155 1.81 -10.49 7.50
C ASN A 155 1.43 -11.55 6.43
N MET A 1 77.20 45.90 -35.68
CA MET A 1 76.30 44.74 -35.93
C MET A 1 74.90 44.99 -35.34
N LYS A 2 74.75 45.99 -34.46
CA LYS A 2 73.45 46.26 -33.84
C LYS A 2 72.49 47.01 -34.77
N LYS A 3 71.91 46.29 -35.72
CA LYS A 3 70.91 46.83 -36.63
C LYS A 3 69.81 45.79 -36.89
N LEU A 4 68.64 46.02 -36.29
CA LEU A 4 67.50 45.09 -36.40
C LEU A 4 67.91 43.68 -35.91
N VAL A 5 67.79 43.44 -34.62
CA VAL A 5 68.17 42.14 -34.04
C VAL A 5 66.93 41.28 -33.73
N THR A 6 67.04 39.97 -33.96
CA THR A 6 65.94 39.05 -33.72
C THR A 6 65.77 38.77 -32.21
N ALA A 7 64.82 39.46 -31.58
CA ALA A 7 64.58 39.30 -30.14
C ALA A 7 63.35 38.42 -29.86
N THR A 8 63.39 37.66 -28.77
CA THR A 8 62.28 36.78 -28.36
C THR A 8 61.78 37.11 -26.95
N THR A 9 60.55 37.62 -26.85
CA THR A 9 59.96 37.99 -25.55
C THR A 9 59.22 36.80 -24.91
N LEU A 10 59.56 36.49 -23.67
CA LEU A 10 58.90 35.38 -22.94
C LEU A 10 58.04 35.92 -21.79
N THR A 11 56.75 36.09 -22.05
CA THR A 11 55.82 36.59 -21.03
C THR A 11 54.91 35.47 -20.48
N ALA A 12 55.13 35.08 -19.23
CA ALA A 12 54.34 33.99 -18.62
C ALA A 12 53.84 34.36 -17.21
N GLY A 13 52.70 33.78 -16.84
CA GLY A 13 52.14 33.98 -15.51
C GLY A 13 51.21 32.84 -15.08
N ILE A 14 51.70 31.99 -14.16
CA ILE A 14 50.92 30.81 -13.73
C ILE A 14 49.89 31.15 -12.64
N GLY A 15 48.86 30.31 -12.54
CA GLY A 15 47.82 30.51 -11.53
C GLY A 15 47.15 29.20 -11.10
N ALA A 16 46.91 29.06 -9.80
CA ALA A 16 46.28 27.86 -9.24
C ALA A 16 45.61 28.15 -7.88
N ALA A 17 44.32 27.86 -7.78
CA ALA A 17 43.57 28.11 -6.53
C ALA A 17 43.18 26.79 -5.84
N ILE A 18 43.69 26.57 -4.62
CA ILE A 18 43.39 25.37 -3.84
C ILE A 18 42.51 25.71 -2.62
N VAL A 19 41.33 25.08 -2.52
CA VAL A 19 40.40 25.30 -1.40
C VAL A 19 39.29 24.23 -1.38
N GLY A 20 38.91 23.79 -0.17
CA GLY A 20 37.83 22.80 -0.03
C GLY A 20 37.55 22.43 1.42
N LEU A 21 36.70 23.21 2.08
CA LEU A 21 36.37 22.98 3.49
C LEU A 21 35.05 22.19 3.67
N ASP A 22 34.83 21.69 4.88
CA ASP A 22 33.65 20.84 5.19
C ASP A 22 33.13 21.08 6.63
N HIS A 23 31.82 20.86 6.83
CA HIS A 23 31.19 20.96 8.17
C HIS A 23 29.72 20.57 8.12
N GLY A 24 29.21 19.98 9.20
CA GLY A 24 27.80 19.62 9.29
C GLY A 24 27.55 18.26 9.96
N ASN A 25 27.23 18.28 11.25
CA ASN A 25 26.92 17.06 12.01
C ASN A 25 25.58 17.18 12.75
N GLU A 26 24.64 16.29 12.44
CA GLU A 26 23.34 16.24 13.14
C GLU A 26 23.18 14.90 13.88
N ALA A 27 22.60 14.97 15.09
CA ALA A 27 22.44 13.76 15.92
C ALA A 27 21.46 14.00 17.09
N ASP A 28 20.76 12.95 17.50
CA ASP A 28 19.83 13.01 18.64
C ASP A 28 19.49 11.60 19.15
N ALA A 29 19.26 11.47 20.46
CA ALA A 29 18.97 10.16 21.07
C ALA A 29 17.59 10.15 21.75
N ALA A 30 16.68 9.29 21.27
CA ALA A 30 15.33 9.19 21.84
C ALA A 30 14.74 7.78 21.61
N GLU A 31 13.95 7.30 22.59
CA GLU A 31 13.31 5.99 22.48
C GLU A 31 11.90 6.03 23.11
N GLN A 32 10.88 5.75 22.29
CA GLN A 32 9.49 5.81 22.75
C GLN A 32 8.60 4.80 21.99
N THR A 33 7.67 4.17 22.70
CA THR A 33 6.69 3.27 22.08
C THR A 33 5.30 3.44 22.69
N GLN A 34 4.44 4.20 22.02
CA GLN A 34 3.06 4.43 22.49
C GLN A 34 2.13 3.27 22.07
N PRO A 35 1.59 2.51 23.05
CA PRO A 35 0.67 1.41 22.75
C PRO A 35 -0.79 1.86 22.55
N THR A 36 -1.19 2.02 21.28
CA THR A 36 -2.58 2.37 20.94
C THR A 36 -3.30 1.20 20.26
N ASN A 37 -4.18 0.53 21.00
CA ASN A 37 -4.96 -0.60 20.44
C ASN A 37 -6.29 -0.10 19.87
N GLN A 38 -6.41 -0.14 18.54
CA GLN A 38 -7.63 0.30 17.86
C GLN A 38 -8.77 -0.74 17.99
N SER A 39 -9.99 -0.27 18.24
CA SER A 39 -11.15 -1.16 18.35
C SER A 39 -11.48 -1.82 17.00
N THR A 40 -11.22 -3.13 16.91
CA THR A 40 -11.32 -3.85 15.64
C THR A 40 -12.78 -4.11 15.22
N THR A 41 -12.99 -4.31 13.92
CA THR A 41 -14.34 -4.58 13.37
C THR A 41 -14.42 -5.98 12.75
N GLN A 42 -15.51 -6.70 13.03
CA GLN A 42 -15.68 -8.07 12.54
C GLN A 42 -16.10 -8.11 11.05
N SER A 43 -16.39 -6.95 10.48
CA SER A 43 -16.84 -6.83 9.09
C SER A 43 -15.72 -7.25 8.11
N THR A 44 -16.04 -8.20 7.23
CA THR A 44 -15.06 -8.69 6.23
C THR A 44 -15.48 -8.34 4.80
N SER A 45 -14.60 -8.66 3.83
CA SER A 45 -14.85 -8.35 2.42
C SER A 45 -13.81 -9.01 1.52
N GLY A 46 -14.06 -9.00 0.21
CA GLY A 46 -13.14 -9.60 -0.76
C GLY A 46 -12.94 -8.76 -2.01
N SER A 47 -13.00 -7.44 -1.86
CA SER A 47 -12.82 -6.52 -3.00
C SER A 47 -11.35 -6.11 -3.16
N SER A 48 -10.79 -6.37 -4.34
CA SER A 48 -9.39 -6.02 -4.64
C SER A 48 -9.29 -4.70 -5.42
N ALA A 49 -10.40 -4.25 -5.99
CA ALA A 49 -10.42 -3.01 -6.79
C ALA A 49 -10.34 -1.76 -5.91
N ASN A 50 -9.72 -0.70 -6.43
CA ASN A 50 -9.58 0.57 -5.70
C ASN A 50 -10.94 1.24 -5.47
N LEU A 51 -11.54 0.99 -4.29
CA LEU A 51 -12.84 1.56 -3.95
C LEU A 51 -12.75 3.08 -3.69
N TYR A 52 -11.54 3.57 -3.43
CA TYR A 52 -11.31 4.99 -3.18
C TYR A 52 -11.27 5.80 -4.48
N THR A 53 -11.11 7.13 -4.36
CA THR A 53 -11.12 8.02 -5.53
C THR A 53 -9.76 8.62 -5.83
N ALA A 54 -9.54 8.98 -7.10
CA ALA A 54 -8.31 9.65 -7.51
C ALA A 54 -8.12 10.98 -6.78
N GLY A 55 -7.10 11.05 -5.94
CA GLY A 55 -6.85 12.26 -5.15
C GLY A 55 -6.79 11.98 -3.64
N GLN A 56 -7.55 10.98 -3.19
CA GLN A 56 -7.54 10.59 -1.78
C GLN A 56 -6.15 10.12 -1.32
N CYS A 57 -5.74 10.54 -0.12
CA CYS A 57 -4.49 10.05 0.49
C CYS A 57 -4.45 8.52 0.47
N THR A 58 -5.60 7.91 0.78
CA THR A 58 -5.76 6.46 0.79
C THR A 58 -5.45 5.82 -0.57
N TRP A 59 -5.88 6.50 -1.63
CA TRP A 59 -5.67 6.02 -3.01
C TRP A 59 -4.17 5.90 -3.35
N TYR A 60 -3.42 6.97 -3.11
CA TYR A 60 -1.98 6.98 -3.36
C TYR A 60 -1.25 5.92 -2.51
N VAL A 61 -1.53 5.91 -1.21
CA VAL A 61 -0.91 4.94 -0.29
C VAL A 61 -1.23 3.50 -0.70
N TYR A 62 -2.44 3.28 -1.19
CA TYR A 62 -2.86 1.95 -1.66
C TYR A 62 -1.94 1.45 -2.79
N ASP A 63 -1.53 2.37 -3.67
CA ASP A 63 -0.58 2.05 -4.74
C ASP A 63 0.82 1.74 -4.17
N LYS A 64 1.29 2.59 -3.25
CA LYS A 64 2.61 2.41 -2.62
C LYS A 64 2.72 1.07 -1.88
N VAL A 65 1.63 0.61 -1.30
CA VAL A 65 1.61 -0.67 -0.58
C VAL A 65 1.26 -1.86 -1.52
N GLY A 66 1.29 -1.58 -2.83
CA GLY A 66 1.01 -2.61 -3.83
C GLY A 66 -0.40 -3.18 -3.76
N GLY A 67 -1.30 -2.49 -3.05
CA GLY A 67 -2.67 -2.94 -2.90
C GLY A 67 -2.82 -4.24 -2.08
N ASN A 68 -1.73 -4.69 -1.46
CA ASN A 68 -1.73 -5.96 -0.70
C ASN A 68 -2.73 -5.94 0.48
N ILE A 69 -3.11 -4.75 0.92
CA ILE A 69 -4.01 -4.61 2.08
C ILE A 69 -5.49 -4.81 1.72
N GLY A 70 -5.89 -4.39 0.52
CA GLY A 70 -7.31 -4.38 0.16
C GLY A 70 -7.99 -3.05 0.50
N SER A 71 -8.52 -2.36 -0.51
CA SER A 71 -9.07 -1.00 -0.31
C SER A 71 -10.52 -1.03 0.24
N THR A 72 -10.90 -2.14 0.85
CA THR A 72 -12.27 -2.30 1.36
C THR A 72 -12.39 -1.84 2.83
N TRP A 73 -11.36 -1.15 3.33
CA TRP A 73 -11.35 -0.68 4.72
C TRP A 73 -12.11 0.65 4.87
N GLY A 74 -12.12 1.47 3.81
CA GLY A 74 -12.90 2.70 3.81
C GLY A 74 -12.21 3.88 4.48
N ASN A 75 -12.89 4.51 5.44
CA ASN A 75 -12.36 5.69 6.13
C ASN A 75 -11.02 5.39 6.83
N ALA A 76 -10.09 6.34 6.75
CA ALA A 76 -8.73 6.16 7.26
C ALA A 76 -8.71 5.73 8.74
N ASN A 77 -9.57 6.30 9.57
CA ASN A 77 -9.63 5.96 11.00
C ASN A 77 -10.22 4.55 11.24
N ASN A 78 -10.79 3.95 10.19
CA ASN A 78 -11.35 2.58 10.28
C ASN A 78 -10.35 1.53 9.78
N TRP A 79 -9.30 1.98 9.07
CA TRP A 79 -8.27 1.08 8.53
C TRP A 79 -7.70 0.13 9.60
N ALA A 80 -7.14 0.68 10.67
CA ALA A 80 -6.58 -0.13 11.76
C ALA A 80 -7.61 -1.13 12.32
N SER A 81 -8.86 -0.68 12.46
CA SER A 81 -9.95 -1.51 12.98
C SER A 81 -10.18 -2.76 12.11
N ALA A 82 -10.09 -2.60 10.80
CA ALA A 82 -10.27 -3.71 9.86
C ALA A 82 -9.02 -4.60 9.79
N ALA A 83 -7.86 -3.95 9.68
CA ALA A 83 -6.57 -4.65 9.58
C ALA A 83 -6.39 -5.70 10.69
N SER A 84 -6.49 -5.27 11.95
CA SER A 84 -6.28 -6.16 13.10
C SER A 84 -7.37 -7.24 13.22
N SER A 85 -8.35 -7.22 12.33
CA SER A 85 -9.42 -8.23 12.31
C SER A 85 -9.40 -9.05 11.01
N ALA A 86 -8.63 -8.58 10.02
CA ALA A 86 -8.55 -9.25 8.72
C ALA A 86 -7.24 -10.06 8.57
N GLY A 87 -6.48 -10.19 9.65
CA GLY A 87 -5.23 -10.96 9.60
C GLY A 87 -3.98 -10.09 9.49
N TYR A 88 -4.13 -8.79 9.71
CA TYR A 88 -3.01 -7.86 9.62
C TYR A 88 -2.51 -7.44 11.02
N THR A 89 -1.30 -6.90 11.08
CA THR A 89 -0.66 -6.56 12.37
C THR A 89 -0.53 -5.05 12.56
N VAL A 90 -1.46 -4.46 13.32
CA VAL A 90 -1.42 -3.01 13.60
C VAL A 90 -0.68 -2.72 14.92
N ASN A 91 0.55 -2.25 14.80
CA ASN A 91 1.35 -1.84 15.96
C ASN A 91 2.03 -0.49 15.69
N ASN A 92 2.03 0.40 16.69
CA ASN A 92 2.61 1.74 16.54
C ASN A 92 4.12 1.72 16.22
N SER A 93 4.72 0.54 16.21
CA SER A 93 6.13 0.36 15.84
C SER A 93 6.42 0.94 14.44
N PRO A 94 7.22 2.03 14.36
CA PRO A 94 7.52 2.70 13.08
C PRO A 94 8.63 1.99 12.28
N GLU A 95 8.27 1.54 11.08
CA GLU A 95 9.20 0.86 10.17
C GLU A 95 8.90 1.19 8.70
N ALA A 96 9.94 1.29 7.88
CA ALA A 96 9.78 1.52 6.43
C ALA A 96 9.01 0.36 5.76
N GLY A 97 8.03 0.70 4.93
CA GLY A 97 7.21 -0.33 4.29
C GLY A 97 5.95 -0.65 5.09
N SER A 98 5.23 0.39 5.50
CA SER A 98 3.98 0.23 6.25
C SER A 98 3.12 1.50 6.15
N ILE A 99 1.94 1.45 6.75
CA ILE A 99 0.98 2.56 6.67
C ILE A 99 0.59 3.04 8.07
N LEU A 100 0.81 4.33 8.35
CA LEU A 100 0.47 4.87 9.68
C LEU A 100 -0.89 5.60 9.66
N GLN A 101 -1.78 5.15 10.55
CA GLN A 101 -3.10 5.78 10.69
C GLN A 101 -3.04 7.01 11.59
N SER A 102 -3.15 8.19 10.98
CA SER A 102 -3.24 9.44 11.75
C SER A 102 -4.68 9.71 12.17
N THR A 103 -5.04 9.26 13.38
CA THR A 103 -6.38 9.49 13.93
C THR A 103 -6.61 10.97 14.28
N ALA A 104 -5.54 11.75 14.21
CA ALA A 104 -5.60 13.19 14.45
C ALA A 104 -6.58 13.90 13.49
N GLY A 105 -6.64 13.41 12.25
CA GLY A 105 -7.58 13.94 11.27
C GLY A 105 -9.03 13.54 11.56
N GLY A 106 -9.97 14.43 11.22
CA GLY A 106 -11.39 14.18 11.49
C GLY A 106 -11.89 12.86 10.90
N TYR A 107 -11.45 12.54 9.70
CA TYR A 107 -11.80 11.26 9.05
C TYR A 107 -10.57 10.34 8.97
N GLY A 108 -9.43 10.83 9.49
CA GLY A 108 -8.19 10.08 9.46
C GLY A 108 -7.25 10.52 8.34
N HIS A 109 -5.96 10.28 8.53
CA HIS A 109 -4.95 10.57 7.50
C HIS A 109 -3.89 9.46 7.45
N VAL A 110 -3.94 8.63 6.43
CA VAL A 110 -2.98 7.53 6.28
C VAL A 110 -1.93 7.86 5.20
N ALA A 111 -0.67 7.56 5.52
CA ALA A 111 0.44 7.76 4.58
C ALA A 111 1.37 6.54 4.56
N TYR A 112 2.15 6.41 3.49
CA TYR A 112 3.07 5.28 3.37
C TYR A 112 4.46 5.65 3.90
N VAL A 113 4.96 4.86 4.85
CA VAL A 113 6.27 5.12 5.46
C VAL A 113 7.42 4.81 4.49
N GLU A 114 8.12 5.86 4.08
CA GLU A 114 9.28 5.73 3.18
C GLU A 114 10.52 5.26 3.94
N ASN A 115 10.83 5.91 5.06
CA ASN A 115 12.01 5.59 5.87
C ASN A 115 11.95 6.21 7.26
N VAL A 116 12.39 5.44 8.26
CA VAL A 116 12.53 5.95 9.64
C VAL A 116 14.01 6.23 9.93
N ASN A 117 14.31 7.47 10.34
CA ASN A 117 15.71 7.88 10.56
C ASN A 117 16.25 7.38 11.90
N SER A 118 17.59 7.47 12.06
CA SER A 118 18.28 6.97 13.27
C SER A 118 17.59 7.41 14.57
N ASP A 119 17.28 8.70 14.67
CA ASP A 119 16.65 9.27 15.87
C ASP A 119 15.24 8.69 16.10
N GLY A 120 14.45 8.62 15.04
CA GLY A 120 13.08 8.13 15.16
C GLY A 120 12.09 8.83 14.24
N SER A 121 12.42 10.05 13.78
CA SER A 121 11.54 10.80 12.87
C SER A 121 11.24 10.00 11.60
N VAL A 122 9.96 9.91 11.26
CA VAL A 122 9.48 9.05 10.17
C VAL A 122 9.13 9.87 8.90
N GLU A 123 9.81 9.56 7.80
CA GLU A 123 9.53 10.21 6.51
C GLU A 123 8.47 9.42 5.72
N VAL A 124 7.37 10.09 5.37
CA VAL A 124 6.26 9.44 4.67
C VAL A 124 5.96 10.09 3.30
N SER A 125 5.47 9.28 2.35
CA SER A 125 5.07 9.78 1.04
C SER A 125 3.57 10.11 0.99
N GLU A 126 3.24 11.33 0.58
CA GLU A 126 1.85 11.80 0.54
C GLU A 126 1.43 12.23 -0.87
N MET A 127 0.18 12.67 -1.00
CA MET A 127 -0.32 13.28 -2.22
C MET A 127 -1.21 14.49 -1.88
N ASN A 128 -0.70 15.68 -2.14
CA ASN A 128 -1.42 16.93 -1.79
C ASN A 128 -2.18 17.51 -3.00
N TYR A 129 -2.03 16.86 -4.17
CA TYR A 129 -2.77 17.26 -5.38
C TYR A 129 -2.47 18.74 -5.74
N ASN A 130 -1.23 19.16 -5.54
CA ASN A 130 -0.83 20.55 -5.77
C ASN A 130 -0.69 20.85 -7.27
N GLY A 131 0.30 20.24 -7.92
CA GLY A 131 0.57 20.50 -9.34
C GLY A 131 -0.36 19.75 -10.29
N GLY A 132 -1.06 18.74 -9.77
CA GLY A 132 -1.96 17.94 -10.59
C GLY A 132 -2.31 16.60 -9.97
N PRO A 133 -2.76 15.62 -10.79
CA PRO A 133 -3.18 14.28 -10.30
C PRO A 133 -2.12 13.57 -9.44
N PHE A 134 -0.97 13.25 -10.04
CA PHE A 134 0.10 12.53 -9.33
C PHE A 134 1.04 13.48 -8.57
N SER A 135 0.46 14.54 -8.01
CA SER A 135 1.23 15.54 -7.24
C SER A 135 1.61 14.99 -5.86
N VAL A 136 2.80 14.40 -5.77
CA VAL A 136 3.29 13.78 -4.54
C VAL A 136 3.85 14.82 -3.55
N SER A 137 3.96 14.43 -2.28
CA SER A 137 4.55 15.28 -1.24
C SER A 137 5.37 14.43 -0.26
N GLU A 138 6.33 15.06 0.42
CA GLU A 138 7.22 14.33 1.34
C GLU A 138 7.29 15.05 2.70
N ARG A 139 6.92 14.37 3.78
CA ARG A 139 6.88 14.98 5.11
C ARG A 139 7.66 14.16 6.14
N THR A 140 8.50 14.82 6.93
CA THR A 140 9.24 14.15 8.02
C THR A 140 8.54 14.36 9.36
N ILE A 141 7.79 13.34 9.80
CA ILE A 141 7.04 13.42 11.06
C ILE A 141 7.94 13.12 12.27
N SER A 142 7.79 13.92 13.33
CA SER A 142 8.58 13.74 14.56
C SER A 142 8.29 12.39 15.23
N ALA A 143 9.31 11.81 15.87
CA ALA A 143 9.18 10.49 16.52
C ALA A 143 8.00 10.43 17.50
N GLY A 144 7.87 11.46 18.34
CA GLY A 144 6.78 11.52 19.30
C GLY A 144 5.40 11.48 18.65
N GLU A 145 5.18 12.32 17.65
CA GLU A 145 3.92 12.37 16.90
C GLU A 145 3.68 11.05 16.15
N ALA A 146 4.73 10.56 15.51
CA ALA A 146 4.67 9.32 14.72
C ALA A 146 4.27 8.11 15.58
N SER A 147 4.87 7.99 16.76
CA SER A 147 4.58 6.87 17.68
C SER A 147 3.12 6.89 18.15
N SER A 148 2.45 8.03 17.97
CA SER A 148 1.04 8.17 18.36
C SER A 148 0.10 7.61 17.27
N TYR A 149 0.66 7.22 16.13
CA TYR A 149 -0.13 6.72 15.00
C TYR A 149 -0.08 5.18 14.90
N ASN A 150 -1.13 4.59 14.33
CA ASN A 150 -1.24 3.12 14.25
C ASN A 150 -0.64 2.59 12.93
N TYR A 151 0.51 1.94 13.00
CA TYR A 151 1.18 1.41 11.80
C TYR A 151 0.68 0.00 11.42
N ILE A 152 0.03 -0.10 10.27
CA ILE A 152 -0.42 -1.39 9.73
C ILE A 152 0.77 -2.13 9.08
N HIS A 153 1.15 -3.26 9.66
CA HIS A 153 2.25 -4.09 9.12
C HIS A 153 1.71 -5.36 8.46
N LEU A 154 2.34 -5.77 7.35
CA LEU A 154 1.89 -6.94 6.59
C LEU A 154 2.79 -8.16 6.84
N ASN A 155 2.45 -8.98 7.82
CA ASN A 155 3.23 -10.18 8.16
C ASN A 155 2.83 -11.38 7.26
N MET A 1 73.07 40.99 -40.40
CA MET A 1 71.66 41.25 -40.01
C MET A 1 71.41 40.79 -38.56
N LYS A 2 70.30 41.26 -37.98
CA LYS A 2 69.92 40.86 -36.61
C LYS A 2 68.74 39.86 -36.64
N LYS A 3 69.06 38.59 -36.90
CA LYS A 3 68.04 37.53 -36.96
C LYS A 3 68.60 36.21 -36.43
N LEU A 4 68.01 35.70 -35.36
CA LEU A 4 68.46 34.43 -34.75
C LEU A 4 67.32 33.71 -34.01
N VAL A 5 67.56 32.46 -33.64
CA VAL A 5 66.60 31.68 -32.83
C VAL A 5 67.00 31.68 -31.35
N THR A 6 66.01 31.73 -30.46
CA THR A 6 66.26 31.78 -29.02
C THR A 6 66.35 30.38 -28.38
N ALA A 7 66.70 29.40 -29.20
CA ALA A 7 66.78 28.00 -28.76
C ALA A 7 67.67 27.82 -27.51
N THR A 8 67.11 27.19 -26.48
CA THR A 8 67.84 26.94 -25.23
C THR A 8 67.33 25.63 -24.57
N THR A 9 68.11 25.11 -23.62
CA THR A 9 67.75 23.84 -22.95
C THR A 9 68.21 23.80 -21.50
N LEU A 10 67.55 22.98 -20.69
CA LEU A 10 67.92 22.80 -19.28
C LEU A 10 68.27 21.33 -18.98
N THR A 11 69.55 21.06 -18.72
CA THR A 11 69.99 19.71 -18.35
C THR A 11 70.14 19.57 -16.82
N ALA A 12 70.61 18.40 -16.37
CA ALA A 12 70.87 18.12 -14.95
C ALA A 12 69.60 17.90 -14.12
N GLY A 13 68.61 18.80 -14.25
CA GLY A 13 67.38 18.70 -13.47
C GLY A 13 66.38 17.68 -14.01
N ILE A 14 66.87 16.60 -14.61
CA ILE A 14 66.01 15.52 -15.12
C ILE A 14 65.96 14.35 -14.13
N GLY A 15 64.81 14.18 -13.47
CA GLY A 15 64.64 13.10 -12.51
C GLY A 15 63.37 13.26 -11.66
N ALA A 16 62.49 12.26 -11.71
CA ALA A 16 61.22 12.31 -10.96
C ALA A 16 61.10 11.13 -9.96
N ALA A 17 60.45 11.37 -8.83
CA ALA A 17 60.31 10.37 -7.78
C ALA A 17 59.12 9.42 -8.06
N ILE A 18 59.37 8.12 -7.94
CA ILE A 18 58.33 7.12 -8.20
C ILE A 18 57.59 6.72 -6.89
N VAL A 19 56.26 6.73 -6.94
CA VAL A 19 55.44 6.40 -5.76
C VAL A 19 54.81 5.00 -5.86
N GLY A 20 54.09 4.60 -4.81
CA GLY A 20 53.36 3.32 -4.82
C GLY A 20 53.89 2.31 -3.82
N LEU A 21 53.16 2.13 -2.71
CA LEU A 21 53.53 1.16 -1.67
C LEU A 21 52.37 0.88 -0.71
N ASP A 22 52.10 -0.39 -0.44
CA ASP A 22 51.01 -0.80 0.47
C ASP A 22 51.35 -2.09 1.23
N HIS A 23 51.13 -2.07 2.54
CA HIS A 23 51.45 -3.23 3.40
C HIS A 23 50.42 -3.39 4.54
N GLY A 24 50.22 -4.63 5.00
CA GLY A 24 49.36 -4.88 6.15
C GLY A 24 47.86 -4.70 5.87
N ASN A 25 47.23 -5.75 5.33
CA ASN A 25 45.78 -5.74 5.07
C ASN A 25 45.08 -6.94 5.73
N GLU A 26 43.96 -6.69 6.38
CA GLU A 26 43.24 -7.72 7.15
C GLU A 26 42.35 -8.61 6.26
N ALA A 27 41.57 -9.49 6.89
CA ALA A 27 40.69 -10.41 6.17
C ALA A 27 39.58 -10.97 7.09
N ASP A 28 38.36 -10.47 6.91
CA ASP A 28 37.21 -10.96 7.68
C ASP A 28 36.71 -12.32 7.16
N ALA A 29 37.02 -13.39 7.87
CA ALA A 29 36.59 -14.73 7.49
C ALA A 29 35.22 -15.07 8.10
N ALA A 30 34.15 -14.86 7.32
CA ALA A 30 32.77 -15.14 7.77
C ALA A 30 31.75 -14.91 6.64
N GLU A 31 31.04 -15.97 6.26
CA GLU A 31 30.02 -15.89 5.20
C GLU A 31 28.75 -15.17 5.68
N GLN A 32 27.83 -15.92 6.28
CA GLN A 32 26.55 -15.38 6.75
C GLN A 32 26.31 -15.69 8.23
N THR A 33 25.52 -14.86 8.90
CA THR A 33 25.17 -15.08 10.32
C THR A 33 23.76 -14.55 10.64
N GLN A 34 22.76 -15.43 10.53
CA GLN A 34 21.37 -15.07 10.84
C GLN A 34 20.54 -16.31 11.23
N PRO A 35 20.74 -16.82 12.47
CA PRO A 35 20.00 -18.00 12.98
C PRO A 35 18.59 -17.62 13.49
N THR A 36 17.89 -16.78 12.73
CA THR A 36 16.57 -16.26 13.13
C THR A 36 15.46 -16.72 12.17
N ASN A 37 14.84 -17.85 12.47
CA ASN A 37 13.73 -18.37 11.66
C ASN A 37 12.38 -17.79 12.11
N GLN A 38 11.59 -17.30 11.16
CA GLN A 38 10.28 -16.72 11.47
C GLN A 38 9.16 -17.77 11.41
N SER A 39 8.74 -18.26 12.57
CA SER A 39 7.70 -19.29 12.64
C SER A 39 6.29 -18.69 12.58
N THR A 40 5.73 -18.62 11.38
CA THR A 40 4.36 -18.10 11.20
C THR A 40 3.79 -18.45 9.81
N THR A 41 2.46 -18.56 9.74
CA THR A 41 1.77 -18.79 8.47
C THR A 41 1.50 -17.46 7.75
N GLN A 42 2.30 -17.17 6.72
CA GLN A 42 2.20 -15.88 6.02
C GLN A 42 0.89 -15.77 5.20
N SER A 43 -0.04 -14.95 5.69
CA SER A 43 -1.31 -14.71 5.01
C SER A 43 -1.51 -13.21 4.70
N THR A 44 -1.10 -12.78 3.52
CA THR A 44 -1.23 -11.37 3.11
C THR A 44 -2.23 -11.20 1.97
N SER A 45 -3.09 -10.19 2.09
CA SER A 45 -4.06 -9.89 1.02
C SER A 45 -3.37 -9.26 -0.19
N GLY A 46 -3.90 -9.51 -1.38
CA GLY A 46 -3.36 -8.93 -2.60
C GLY A 46 -4.45 -8.54 -3.59
N SER A 47 -4.56 -7.25 -3.89
CA SER A 47 -5.55 -6.75 -4.86
C SER A 47 -5.08 -5.45 -5.52
N SER A 48 -4.69 -5.54 -6.79
CA SER A 48 -4.20 -4.36 -7.54
C SER A 48 -5.33 -3.35 -7.83
N ALA A 49 -6.58 -3.82 -7.80
CA ALA A 49 -7.74 -2.95 -8.05
C ALA A 49 -7.95 -1.95 -6.90
N ASN A 50 -8.02 -0.67 -7.23
CA ASN A 50 -8.19 0.38 -6.21
C ASN A 50 -9.67 0.70 -6.00
N LEU A 51 -10.22 0.25 -4.87
CA LEU A 51 -11.64 0.48 -4.55
C LEU A 51 -11.86 1.80 -3.80
N TYR A 52 -10.98 2.77 -4.02
CA TYR A 52 -11.13 4.11 -3.43
C TYR A 52 -11.23 5.18 -4.53
N THR A 53 -11.13 6.46 -4.16
CA THR A 53 -11.29 7.56 -5.12
C THR A 53 -10.25 8.68 -4.94
N ALA A 54 -9.89 9.31 -6.05
CA ALA A 54 -8.88 10.38 -6.04
C ALA A 54 -9.33 11.59 -5.21
N GLY A 55 -8.39 12.20 -4.50
CA GLY A 55 -8.72 13.30 -3.60
C GLY A 55 -8.75 12.88 -2.15
N GLN A 56 -8.97 11.59 -1.91
CA GLN A 56 -8.94 11.02 -0.56
C GLN A 56 -7.56 10.41 -0.27
N CYS A 57 -7.04 10.61 0.95
CA CYS A 57 -5.72 10.08 1.33
C CYS A 57 -5.60 8.57 1.09
N THR A 58 -6.73 7.88 1.18
CA THR A 58 -6.79 6.42 0.98
C THR A 58 -6.33 6.00 -0.43
N TRP A 59 -6.63 6.82 -1.43
CA TRP A 59 -6.38 6.48 -2.83
C TRP A 59 -4.88 6.27 -3.15
N TYR A 60 -4.07 7.33 -2.99
CA TYR A 60 -2.66 7.28 -3.40
C TYR A 60 -1.82 6.31 -2.54
N VAL A 61 -2.20 6.12 -1.28
CA VAL A 61 -1.50 5.17 -0.41
C VAL A 61 -1.64 3.73 -0.93
N TYR A 62 -2.82 3.42 -1.47
CA TYR A 62 -3.10 2.08 -2.02
C TYR A 62 -2.12 1.73 -3.14
N ASP A 63 -1.72 2.73 -3.92
CA ASP A 63 -0.71 2.57 -4.97
C ASP A 63 0.68 2.34 -4.36
N LYS A 64 1.06 3.21 -3.43
CA LYS A 64 2.37 3.13 -2.75
C LYS A 64 2.61 1.76 -2.07
N VAL A 65 1.55 1.18 -1.52
CA VAL A 65 1.64 -0.13 -0.84
C VAL A 65 1.56 -1.30 -1.85
N GLY A 66 1.33 -0.98 -3.12
CA GLY A 66 1.28 -2.00 -4.17
C GLY A 66 0.04 -2.87 -4.11
N GLY A 67 -1.04 -2.36 -3.53
CA GLY A 67 -2.29 -3.13 -3.40
C GLY A 67 -2.18 -4.33 -2.46
N ASN A 68 -1.23 -4.29 -1.53
CA ASN A 68 -1.02 -5.38 -0.57
C ASN A 68 -1.86 -5.21 0.72
N ILE A 69 -2.91 -4.39 0.64
CA ILE A 69 -3.79 -4.16 1.80
C ILE A 69 -5.26 -4.41 1.43
N GLY A 70 -6.15 -4.27 2.42
CA GLY A 70 -7.57 -4.47 2.19
C GLY A 70 -8.24 -3.29 1.50
N SER A 71 -8.92 -3.55 0.38
CA SER A 71 -9.63 -2.52 -0.38
C SER A 71 -11.00 -2.19 0.23
N THR A 72 -11.45 -3.04 1.16
CA THR A 72 -12.76 -2.86 1.81
C THR A 72 -12.64 -2.10 3.15
N TRP A 73 -11.49 -1.47 3.39
CA TRP A 73 -11.27 -0.74 4.64
C TRP A 73 -12.00 0.62 4.65
N GLY A 74 -12.12 1.23 3.49
CA GLY A 74 -12.89 2.47 3.35
C GLY A 74 -12.20 3.69 3.97
N ASN A 75 -12.85 4.30 4.98
CA ASN A 75 -12.34 5.53 5.61
C ASN A 75 -10.94 5.33 6.21
N ALA A 76 -10.08 6.32 6.02
CA ALA A 76 -8.69 6.25 6.50
C ALA A 76 -8.60 5.96 8.01
N ASN A 77 -9.46 6.62 8.79
CA ASN A 77 -9.47 6.43 10.25
C ASN A 77 -9.98 5.04 10.67
N ASN A 78 -10.38 4.22 9.69
CA ASN A 78 -10.84 2.85 9.95
C ASN A 78 -9.74 1.81 9.64
N TRP A 79 -8.66 2.25 9.00
CA TRP A 79 -7.63 1.33 8.49
C TRP A 79 -6.96 0.50 9.59
N ALA A 80 -6.75 1.10 10.77
CA ALA A 80 -6.14 0.38 11.89
C ALA A 80 -7.06 -0.72 12.43
N SER A 81 -8.31 -0.34 12.70
CA SER A 81 -9.32 -1.30 13.17
C SER A 81 -9.57 -2.41 12.15
N ALA A 82 -9.73 -2.03 10.89
CA ALA A 82 -9.94 -2.98 9.79
C ALA A 82 -8.77 -3.95 9.65
N ALA A 83 -7.55 -3.42 9.55
CA ALA A 83 -6.33 -4.25 9.46
C ALA A 83 -6.26 -5.27 10.61
N SER A 84 -6.49 -4.79 11.84
CA SER A 84 -6.48 -5.65 13.02
C SER A 84 -7.54 -6.77 12.91
N SER A 85 -8.77 -6.38 12.60
CA SER A 85 -9.88 -7.34 12.43
C SER A 85 -9.70 -8.20 11.17
N ALA A 86 -8.88 -7.74 10.23
CA ALA A 86 -8.63 -8.47 8.97
C ALA A 86 -7.60 -9.59 9.16
N GLY A 87 -6.61 -9.35 10.01
CA GLY A 87 -5.55 -10.35 10.22
C GLY A 87 -4.15 -9.79 10.01
N TYR A 88 -4.06 -8.47 9.83
CA TYR A 88 -2.76 -7.80 9.68
C TYR A 88 -2.10 -7.57 11.05
N THR A 89 -1.01 -6.81 11.06
CA THR A 89 -0.26 -6.53 12.30
C THR A 89 -0.17 -5.03 12.58
N VAL A 90 -1.13 -4.51 13.34
CA VAL A 90 -1.20 -3.07 13.64
C VAL A 90 -0.44 -2.74 14.95
N ASN A 91 0.73 -2.15 14.81
CA ASN A 91 1.56 -1.79 15.97
C ASN A 91 1.97 -0.31 15.94
N ASN A 92 2.38 0.22 17.09
CA ASN A 92 2.90 1.59 17.15
C ASN A 92 4.39 1.64 16.80
N SER A 93 4.92 0.50 16.35
CA SER A 93 6.31 0.42 15.86
C SER A 93 6.44 1.10 14.48
N PRO A 94 7.18 2.24 14.40
CA PRO A 94 7.25 3.06 13.18
C PRO A 94 8.17 2.49 12.08
N GLU A 95 8.40 1.18 12.12
CA GLU A 95 9.27 0.50 11.14
C GLU A 95 8.74 0.66 9.70
N ALA A 96 9.67 0.73 8.74
CA ALA A 96 9.34 1.02 7.33
C ALA A 96 8.60 -0.14 6.62
N GLY A 97 8.03 0.16 5.46
CA GLY A 97 7.26 -0.83 4.70
C GLY A 97 5.85 -1.04 5.25
N SER A 98 5.28 0.01 5.82
CA SER A 98 3.93 -0.05 6.42
C SER A 98 3.17 1.27 6.26
N ILE A 99 1.88 1.27 6.58
CA ILE A 99 1.06 2.48 6.51
C ILE A 99 0.74 3.00 7.90
N LEU A 100 0.88 4.31 8.13
CA LEU A 100 0.54 4.88 9.46
C LEU A 100 -0.85 5.51 9.44
N GLN A 101 -1.79 4.84 10.09
CA GLN A 101 -3.16 5.34 10.22
C GLN A 101 -3.19 6.52 11.19
N SER A 102 -3.21 7.73 10.63
CA SER A 102 -3.11 8.96 11.41
C SER A 102 -4.49 9.52 11.75
N THR A 103 -4.91 9.36 13.00
CA THR A 103 -6.22 9.85 13.46
C THR A 103 -6.20 11.36 13.79
N ALA A 104 -5.27 12.09 13.19
CA ALA A 104 -5.10 13.52 13.47
C ALA A 104 -5.62 14.41 12.31
N GLY A 105 -6.86 14.89 12.44
CA GLY A 105 -7.42 15.80 11.45
C GLY A 105 -7.71 15.14 10.09
N GLY A 106 -8.16 15.96 9.13
CA GLY A 106 -8.44 15.46 7.78
C GLY A 106 -9.50 14.37 7.72
N TYR A 107 -10.35 14.30 8.75
CA TYR A 107 -11.37 13.23 8.85
C TYR A 107 -10.71 11.83 8.85
N GLY A 108 -9.41 11.78 9.15
CA GLY A 108 -8.67 10.53 9.09
C GLY A 108 -7.63 10.53 7.97
N HIS A 109 -6.35 10.54 8.34
CA HIS A 109 -5.26 10.58 7.37
C HIS A 109 -4.46 9.27 7.33
N VAL A 110 -3.96 8.91 6.16
CA VAL A 110 -3.07 7.75 5.98
C VAL A 110 -1.99 8.04 4.95
N ALA A 111 -0.77 7.55 5.21
CA ALA A 111 0.35 7.70 4.28
C ALA A 111 1.27 6.48 4.34
N TYR A 112 2.07 6.27 3.31
CA TYR A 112 2.97 5.10 3.26
C TYR A 112 4.38 5.45 3.78
N VAL A 113 4.85 4.67 4.75
CA VAL A 113 6.17 4.89 5.35
C VAL A 113 7.31 4.55 4.39
N GLU A 114 8.02 5.58 3.92
CA GLU A 114 9.15 5.41 3.00
C GLU A 114 10.40 4.89 3.73
N ASN A 115 10.90 5.67 4.69
CA ASN A 115 12.14 5.34 5.40
C ASN A 115 12.13 5.83 6.85
N VAL A 116 12.76 5.06 7.76
CA VAL A 116 12.89 5.45 9.16
C VAL A 116 14.32 5.95 9.45
N ASN A 117 14.41 7.16 10.00
CA ASN A 117 15.71 7.79 10.27
C ASN A 117 16.17 7.55 11.71
N SER A 118 17.48 7.32 11.89
CA SER A 118 18.06 7.03 13.21
C SER A 118 17.84 8.20 14.20
N ASP A 119 17.58 9.40 13.67
CA ASP A 119 17.27 10.57 14.49
C ASP A 119 15.93 10.40 15.25
N GLY A 120 15.15 9.40 14.86
CA GLY A 120 13.82 9.21 15.43
C GLY A 120 12.75 9.97 14.65
N SER A 121 12.82 9.87 13.32
CA SER A 121 11.86 10.55 12.44
C SER A 121 11.41 9.63 11.30
N VAL A 122 10.12 9.66 10.98
CA VAL A 122 9.54 8.79 9.96
C VAL A 122 9.12 9.59 8.72
N GLU A 123 9.71 9.25 7.56
CA GLU A 123 9.33 9.89 6.30
C GLU A 123 8.18 9.14 5.62
N VAL A 124 7.01 9.78 5.55
CA VAL A 124 5.81 9.15 4.97
C VAL A 124 5.35 9.89 3.71
N SER A 125 4.96 9.12 2.69
CA SER A 125 4.52 9.67 1.40
C SER A 125 3.02 10.00 1.41
N GLU A 126 2.70 11.29 1.28
CA GLU A 126 1.32 11.79 1.26
C GLU A 126 1.08 12.77 0.11
N MET A 127 -0.14 13.30 0.01
CA MET A 127 -0.47 14.29 -1.03
C MET A 127 -1.28 15.46 -0.46
N ASN A 128 -0.83 16.69 -0.74
CA ASN A 128 -1.49 17.89 -0.22
C ASN A 128 -2.67 18.30 -1.11
N TYR A 129 -3.85 17.76 -0.76
CA TYR A 129 -5.09 18.03 -1.52
C TYR A 129 -5.47 19.52 -1.48
N ASN A 130 -6.17 19.99 -2.52
CA ASN A 130 -6.59 21.40 -2.67
C ASN A 130 -5.40 22.32 -2.96
N GLY A 131 -4.50 22.49 -2.00
CA GLY A 131 -3.37 23.38 -2.16
C GLY A 131 -2.22 22.78 -2.98
N GLY A 132 -2.46 21.62 -3.56
CA GLY A 132 -1.46 20.97 -4.39
C GLY A 132 -2.06 20.01 -5.41
N PRO A 133 -1.31 19.69 -6.48
CA PRO A 133 -1.76 18.74 -7.50
C PRO A 133 -1.51 17.27 -7.10
N PHE A 134 -1.41 16.38 -8.08
CA PHE A 134 -1.15 14.95 -7.84
C PHE A 134 0.28 14.68 -7.31
N SER A 135 0.98 15.74 -6.88
CA SER A 135 2.38 15.61 -6.45
C SER A 135 2.48 15.00 -5.03
N VAL A 136 3.06 13.81 -4.94
CA VAL A 136 3.25 13.13 -3.66
C VAL A 136 4.48 13.67 -2.91
N SER A 137 4.27 14.13 -1.68
CA SER A 137 5.36 14.67 -0.85
C SER A 137 5.63 13.80 0.39
N GLU A 138 6.90 13.65 0.76
CA GLU A 138 7.27 12.82 1.92
C GLU A 138 7.35 13.67 3.21
N ARG A 139 6.35 13.56 4.08
CA ARG A 139 6.32 14.31 5.33
C ARG A 139 7.15 13.62 6.42
N THR A 140 8.15 14.33 6.94
CA THR A 140 9.00 13.80 8.02
C THR A 140 8.36 14.05 9.39
N ILE A 141 7.84 13.00 10.00
CA ILE A 141 7.16 13.10 11.29
C ILE A 141 8.09 12.73 12.46
N SER A 142 8.00 13.46 13.56
CA SER A 142 8.82 13.19 14.76
C SER A 142 8.37 11.89 15.46
N ALA A 143 9.29 11.26 16.19
CA ALA A 143 9.00 9.98 16.86
C ALA A 143 7.81 10.06 17.84
N GLY A 144 7.72 11.17 18.58
CA GLY A 144 6.61 11.37 19.50
C GLY A 144 5.25 11.39 18.81
N GLU A 145 5.14 12.17 17.74
CA GLU A 145 3.92 12.23 16.94
C GLU A 145 3.66 10.87 16.24
N ALA A 146 4.72 10.26 15.74
CA ALA A 146 4.64 8.95 15.07
C ALA A 146 4.01 7.88 15.98
N SER A 147 4.41 7.89 17.26
CA SER A 147 3.88 6.93 18.24
C SER A 147 2.35 7.08 18.43
N SER A 148 1.83 8.24 18.03
CA SER A 148 0.37 8.51 18.13
C SER A 148 -0.40 7.82 17.00
N TYR A 149 0.31 7.41 15.95
CA TYR A 149 -0.32 6.83 14.77
C TYR A 149 -0.19 5.29 14.76
N ASN A 150 -1.08 4.63 14.03
CA ASN A 150 -1.14 3.16 13.99
C ASN A 150 -0.44 2.62 12.74
N TYR A 151 0.70 1.95 12.90
CA TYR A 151 1.44 1.41 11.76
C TYR A 151 0.98 0.00 11.38
N ILE A 152 0.24 -0.10 10.27
CA ILE A 152 -0.24 -1.38 9.77
C ILE A 152 0.89 -2.16 9.06
N HIS A 153 1.44 -3.16 9.74
CA HIS A 153 2.45 -4.02 9.16
C HIS A 153 1.80 -5.16 8.36
N LEU A 154 2.43 -5.54 7.25
CA LEU A 154 1.78 -6.39 6.25
C LEU A 154 2.26 -7.84 6.31
N ASN A 155 3.02 -8.18 7.35
CA ASN A 155 3.62 -9.53 7.50
C ASN A 155 4.74 -9.74 6.44
N MET A 1 -25.37 11.37 -95.05
CA MET A 1 -24.54 12.15 -94.10
C MET A 1 -23.63 11.23 -93.27
N LYS A 2 -22.89 11.81 -92.32
CA LYS A 2 -21.97 11.04 -91.49
C LYS A 2 -22.33 11.13 -89.99
N LYS A 3 -22.39 9.97 -89.34
CA LYS A 3 -22.64 9.89 -87.89
C LYS A 3 -21.57 9.03 -87.24
N LEU A 4 -20.73 9.64 -86.40
CA LEU A 4 -19.61 8.93 -85.77
C LEU A 4 -20.05 8.08 -84.57
N VAL A 5 -19.23 7.10 -84.21
CA VAL A 5 -19.53 6.21 -83.08
C VAL A 5 -18.27 5.89 -82.26
N THR A 6 -18.42 5.87 -80.93
CA THR A 6 -17.29 5.62 -80.02
C THR A 6 -17.39 4.24 -79.36
N ALA A 7 -18.04 3.30 -80.05
CA ALA A 7 -18.26 1.95 -79.52
C ALA A 7 -16.94 1.19 -79.29
N THR A 8 -16.41 1.30 -78.07
CA THR A 8 -15.21 0.56 -77.67
C THR A 8 -15.33 0.08 -76.22
N THR A 9 -14.63 -0.99 -75.87
CA THR A 9 -14.76 -1.59 -74.53
C THR A 9 -13.42 -1.61 -73.77
N LEU A 10 -13.35 -0.84 -72.67
CA LEU A 10 -12.15 -0.78 -71.83
C LEU A 10 -12.52 -0.76 -70.33
N THR A 11 -12.21 -1.85 -69.62
CA THR A 11 -12.50 -1.96 -68.19
C THR A 11 -11.22 -1.76 -67.35
N ALA A 12 -11.35 -1.12 -66.19
CA ALA A 12 -10.20 -0.87 -65.31
C ALA A 12 -10.54 -1.13 -63.83
N GLY A 13 -9.50 -1.31 -63.01
CA GLY A 13 -9.69 -1.56 -61.57
C GLY A 13 -8.45 -2.09 -60.88
N ILE A 14 -8.24 -1.72 -59.61
CA ILE A 14 -7.07 -2.16 -58.84
C ILE A 14 -7.46 -2.57 -57.41
N GLY A 15 -7.04 -3.77 -57.00
CA GLY A 15 -7.31 -4.25 -55.65
C GLY A 15 -6.10 -4.13 -54.73
N ALA A 16 -6.24 -3.34 -53.65
CA ALA A 16 -5.13 -3.15 -52.70
C ALA A 16 -5.09 -4.24 -51.62
N ALA A 17 -3.89 -4.70 -51.27
CA ALA A 17 -3.71 -5.70 -50.21
C ALA A 17 -2.95 -5.10 -49.03
N ILE A 18 -3.65 -4.91 -47.91
CA ILE A 18 -3.07 -4.25 -46.73
C ILE A 18 -2.35 -5.23 -45.79
N VAL A 19 -1.22 -4.80 -45.23
CA VAL A 19 -0.47 -5.60 -44.25
C VAL A 19 -0.39 -4.88 -42.89
N GLY A 20 -0.52 -5.63 -41.81
CA GLY A 20 -0.47 -5.04 -40.46
C GLY A 20 0.46 -5.77 -39.51
N LEU A 21 1.54 -5.12 -39.11
CA LEU A 21 2.51 -5.72 -38.18
C LEU A 21 1.98 -5.72 -36.74
N ASP A 22 2.41 -6.71 -35.96
CA ASP A 22 2.02 -6.82 -34.55
C ASP A 22 2.94 -5.97 -33.64
N HIS A 23 2.38 -5.42 -32.58
CA HIS A 23 3.13 -4.58 -31.64
C HIS A 23 2.93 -5.04 -30.19
N GLY A 24 3.81 -4.58 -29.30
CA GLY A 24 3.76 -4.98 -27.90
C GLY A 24 4.91 -5.91 -27.52
N ASN A 25 6.09 -5.34 -27.31
CA ASN A 25 7.29 -6.12 -26.99
C ASN A 25 7.92 -5.67 -25.64
N GLU A 26 7.98 -6.60 -24.70
CA GLU A 26 8.51 -6.32 -23.35
C GLU A 26 10.02 -6.00 -23.36
N ALA A 27 10.49 -5.36 -22.29
CA ALA A 27 11.91 -5.05 -22.13
C ALA A 27 12.39 -5.43 -20.71
N ASP A 28 13.13 -6.53 -20.62
CA ASP A 28 13.66 -7.01 -19.34
C ASP A 28 14.86 -6.16 -18.87
N ALA A 29 15.14 -6.15 -17.57
CA ALA A 29 16.25 -5.34 -17.03
C ALA A 29 16.62 -5.74 -15.60
N ALA A 30 17.92 -5.69 -15.29
CA ALA A 30 18.43 -5.86 -13.92
C ALA A 30 18.08 -7.20 -13.27
N GLU A 31 17.68 -8.20 -14.06
CA GLU A 31 17.32 -9.51 -13.51
C GLU A 31 18.56 -10.41 -13.31
N GLN A 32 19.31 -10.14 -12.25
CA GLN A 32 20.44 -10.99 -11.86
C GLN A 32 20.39 -11.30 -10.35
N THR A 33 19.43 -10.68 -9.67
CA THR A 33 19.27 -10.85 -8.21
C THR A 33 18.31 -12.01 -7.88
N GLN A 34 18.87 -13.20 -7.72
CA GLN A 34 18.08 -14.37 -7.32
C GLN A 34 17.58 -14.24 -5.87
N PRO A 35 16.25 -14.28 -5.64
CA PRO A 35 15.66 -14.12 -4.30
C PRO A 35 15.95 -15.29 -3.36
N THR A 36 17.22 -15.45 -3.00
CA THR A 36 17.66 -16.57 -2.16
C THR A 36 17.20 -16.42 -0.70
N ASN A 37 16.02 -16.96 -0.40
CA ASN A 37 15.45 -16.90 0.96
C ASN A 37 14.94 -18.28 1.41
N GLN A 38 14.56 -18.36 2.67
CA GLN A 38 13.87 -19.55 3.22
C GLN A 38 12.39 -19.24 3.48
N SER A 39 11.98 -18.01 3.20
CA SER A 39 10.60 -17.55 3.47
C SER A 39 9.70 -17.66 2.24
N THR A 40 8.42 -17.96 2.48
CA THR A 40 7.41 -18.07 1.40
C THR A 40 6.06 -17.53 1.88
N THR A 41 5.59 -16.46 1.24
CA THR A 41 4.36 -15.76 1.68
C THR A 41 3.24 -15.85 0.63
N GLN A 42 2.15 -16.53 1.00
CA GLN A 42 0.96 -16.61 0.12
C GLN A 42 -0.16 -15.71 0.64
N SER A 43 -0.20 -14.47 0.14
CA SER A 43 -1.24 -13.51 0.51
C SER A 43 -2.18 -13.24 -0.68
N THR A 44 -3.33 -13.93 -0.70
CA THR A 44 -4.29 -13.82 -1.80
C THR A 44 -5.38 -12.77 -1.52
N SER A 45 -5.65 -12.50 -0.25
CA SER A 45 -6.65 -11.50 0.14
C SER A 45 -6.17 -10.08 -0.19
N GLY A 46 -6.36 -9.69 -1.45
CA GLY A 46 -5.94 -8.38 -1.94
C GLY A 46 -5.91 -8.33 -3.46
N SER A 47 -5.52 -7.18 -4.03
CA SER A 47 -5.46 -7.02 -5.49
C SER A 47 -4.97 -5.61 -5.88
N SER A 48 -4.88 -5.36 -7.18
CA SER A 48 -4.53 -4.03 -7.71
C SER A 48 -5.79 -3.19 -7.93
N ALA A 49 -6.95 -3.82 -7.79
CA ALA A 49 -8.24 -3.14 -8.01
C ALA A 49 -8.56 -2.15 -6.88
N ASN A 50 -8.06 -0.92 -7.03
CA ASN A 50 -8.27 0.12 -6.03
C ASN A 50 -9.72 0.65 -6.07
N LEU A 51 -10.48 0.37 -5.02
CA LEU A 51 -11.89 0.75 -4.95
C LEU A 51 -12.08 2.20 -4.44
N TYR A 52 -11.02 2.84 -3.96
CA TYR A 52 -11.11 4.24 -3.52
C TYR A 52 -11.08 5.19 -4.72
N THR A 53 -11.21 6.49 -4.47
CA THR A 53 -11.32 7.48 -5.56
C THR A 53 -10.22 8.55 -5.48
N ALA A 54 -9.85 9.11 -6.64
CA ALA A 54 -8.80 10.13 -6.71
C ALA A 54 -9.10 11.34 -5.82
N GLY A 55 -8.06 11.90 -5.21
CA GLY A 55 -8.22 13.05 -4.33
C GLY A 55 -8.34 12.67 -2.85
N GLN A 56 -8.66 11.40 -2.59
CA GLN A 56 -8.74 10.89 -1.22
C GLN A 56 -7.37 10.49 -0.68
N CYS A 57 -7.12 10.77 0.60
CA CYS A 57 -5.88 10.35 1.27
C CYS A 57 -5.74 8.82 1.24
N THR A 58 -6.87 8.12 1.24
CA THR A 58 -6.92 6.66 1.23
C THR A 58 -6.59 6.06 -0.15
N TRP A 59 -6.54 6.92 -1.17
CA TRP A 59 -6.39 6.47 -2.56
C TRP A 59 -4.94 6.06 -2.90
N TYR A 60 -4.01 7.01 -2.82
CA TYR A 60 -2.62 6.79 -3.23
C TYR A 60 -1.90 5.72 -2.38
N VAL A 61 -2.35 5.56 -1.14
CA VAL A 61 -1.72 4.60 -0.21
C VAL A 61 -1.77 3.16 -0.74
N TYR A 62 -2.84 2.83 -1.48
CA TYR A 62 -3.03 1.48 -2.00
C TYR A 62 -1.91 1.09 -2.98
N ASP A 63 -1.56 2.01 -3.87
CA ASP A 63 -0.45 1.81 -4.81
C ASP A 63 0.89 1.71 -4.05
N LYS A 64 1.05 2.55 -3.03
CA LYS A 64 2.27 2.57 -2.21
C LYS A 64 2.48 1.23 -1.46
N VAL A 65 1.39 0.57 -1.08
CA VAL A 65 1.46 -0.69 -0.33
C VAL A 65 1.34 -1.92 -1.26
N GLY A 66 1.33 -1.69 -2.57
CA GLY A 66 1.28 -2.79 -3.53
C GLY A 66 -0.09 -3.47 -3.64
N GLY A 67 -1.10 -2.90 -2.99
CA GLY A 67 -2.46 -3.44 -3.07
C GLY A 67 -2.70 -4.72 -2.26
N ASN A 68 -1.70 -5.18 -1.52
CA ASN A 68 -1.82 -6.44 -0.77
C ASN A 68 -2.56 -6.27 0.58
N ILE A 69 -3.30 -5.17 0.73
CA ILE A 69 -4.12 -4.94 1.92
C ILE A 69 -5.62 -5.13 1.66
N GLY A 70 -6.03 -4.87 0.41
CA GLY A 70 -7.44 -4.93 0.07
C GLY A 70 -8.16 -3.59 0.27
N SER A 71 -8.35 -2.85 -0.82
CA SER A 71 -9.01 -1.53 -0.75
C SER A 71 -10.51 -1.68 -0.51
N THR A 72 -10.91 -1.83 0.75
CA THR A 72 -12.33 -1.96 1.10
C THR A 72 -12.58 -1.52 2.55
N TRP A 73 -11.64 -0.77 3.11
CA TRP A 73 -11.70 -0.38 4.53
C TRP A 73 -12.45 0.93 4.74
N GLY A 74 -12.87 1.58 3.65
CA GLY A 74 -13.60 2.84 3.75
C GLY A 74 -12.71 4.03 4.13
N ASN A 75 -13.20 4.89 5.02
CA ASN A 75 -12.45 6.07 5.47
C ASN A 75 -11.24 5.68 6.34
N ALA A 76 -10.24 6.55 6.37
CA ALA A 76 -8.97 6.25 7.05
C ALA A 76 -9.17 5.91 8.54
N ASN A 77 -10.18 6.49 9.19
CA ASN A 77 -10.49 6.19 10.59
C ASN A 77 -10.72 4.68 10.82
N ASN A 78 -11.20 3.98 9.80
CA ASN A 78 -11.57 2.56 9.93
C ASN A 78 -10.40 1.62 9.53
N TRP A 79 -9.41 2.17 8.83
CA TRP A 79 -8.30 1.37 8.27
C TRP A 79 -7.64 0.42 9.29
N ALA A 80 -6.96 0.97 10.32
CA ALA A 80 -6.23 0.15 11.29
C ALA A 80 -7.14 -0.88 11.98
N SER A 81 -8.40 -0.52 12.20
CA SER A 81 -9.37 -1.42 12.81
C SER A 81 -9.69 -2.60 11.88
N ALA A 82 -9.97 -2.29 10.61
CA ALA A 82 -10.24 -3.31 9.59
C ALA A 82 -9.03 -4.23 9.38
N ALA A 83 -7.83 -3.63 9.37
CA ALA A 83 -6.57 -4.38 9.28
C ALA A 83 -6.49 -5.45 10.38
N SER A 84 -6.67 -5.04 11.63
CA SER A 84 -6.67 -5.98 12.76
C SER A 84 -7.80 -7.01 12.62
N SER A 85 -8.97 -6.55 12.17
CA SER A 85 -10.12 -7.44 11.94
C SER A 85 -9.82 -8.46 10.83
N ALA A 86 -8.93 -8.11 9.90
CA ALA A 86 -8.53 -9.01 8.81
C ALA A 86 -7.33 -9.90 9.21
N GLY A 87 -6.69 -9.57 10.33
CA GLY A 87 -5.54 -10.34 10.81
C GLY A 87 -4.19 -9.72 10.47
N TYR A 88 -4.20 -8.50 9.93
CA TYR A 88 -2.96 -7.79 9.59
C TYR A 88 -2.20 -7.34 10.85
N THR A 89 -1.01 -6.77 10.63
CA THR A 89 -0.11 -6.43 11.73
C THR A 89 -0.17 -4.93 12.07
N VAL A 90 -1.04 -4.57 13.01
CA VAL A 90 -1.21 -3.17 13.41
C VAL A 90 -0.43 -2.87 14.70
N ASN A 91 0.81 -2.39 14.56
CA ASN A 91 1.66 -2.08 15.72
C ASN A 91 2.10 -0.61 15.68
N ASN A 92 2.68 -0.10 16.77
CA ASN A 92 3.20 1.27 16.78
C ASN A 92 4.66 1.32 16.25
N SER A 93 5.16 0.18 15.77
CA SER A 93 6.49 0.12 15.15
C SER A 93 6.53 0.95 13.86
N PRO A 94 7.24 2.10 13.86
CA PRO A 94 7.26 3.05 12.72
C PRO A 94 8.19 2.62 11.57
N GLU A 95 8.71 1.40 11.64
CA GLU A 95 9.70 0.90 10.67
C GLU A 95 9.20 1.04 9.22
N ALA A 96 10.13 1.32 8.30
CA ALA A 96 9.80 1.58 6.89
C ALA A 96 9.06 0.40 6.23
N GLY A 97 8.09 0.72 5.37
CA GLY A 97 7.24 -0.31 4.79
C GLY A 97 5.97 -0.51 5.61
N SER A 98 5.23 0.56 5.83
CA SER A 98 4.04 0.53 6.69
C SER A 98 3.13 1.74 6.46
N ILE A 99 1.90 1.64 6.96
CA ILE A 99 0.91 2.72 6.84
C ILE A 99 0.53 3.26 8.23
N LEU A 100 0.65 4.56 8.43
CA LEU A 100 0.32 5.16 9.73
C LEU A 100 -1.09 5.79 9.72
N GLN A 101 -1.89 5.51 10.75
CA GLN A 101 -3.26 6.02 10.84
C GLN A 101 -3.38 7.21 11.81
N SER A 102 -4.06 8.26 11.38
CA SER A 102 -4.42 9.39 12.24
C SER A 102 -5.94 9.62 12.21
N THR A 103 -6.62 9.29 13.31
CA THR A 103 -8.09 9.41 13.39
C THR A 103 -8.54 10.86 13.63
N ALA A 104 -7.61 11.71 14.03
CA ALA A 104 -7.92 13.11 14.36
C ALA A 104 -8.36 13.93 13.13
N GLY A 105 -7.90 13.54 11.94
CA GLY A 105 -8.20 14.30 10.72
C GLY A 105 -9.61 14.07 10.16
N GLY A 106 -10.64 14.34 10.98
CA GLY A 106 -12.02 14.20 10.53
C GLY A 106 -12.40 12.78 10.09
N TYR A 107 -12.14 12.49 8.81
CA TYR A 107 -12.39 11.14 8.26
C TYR A 107 -11.13 10.27 8.37
N GLY A 108 -10.16 10.77 9.13
CA GLY A 108 -8.89 10.09 9.29
C GLY A 108 -7.90 10.44 8.20
N HIS A 109 -6.63 10.14 8.45
CA HIS A 109 -5.57 10.35 7.48
C HIS A 109 -4.56 9.19 7.51
N VAL A 110 -4.13 8.75 6.33
CA VAL A 110 -3.18 7.64 6.21
C VAL A 110 -2.13 7.91 5.11
N ALA A 111 -0.90 7.51 5.38
CA ALA A 111 0.20 7.68 4.41
C ALA A 111 1.21 6.52 4.52
N TYR A 112 2.12 6.42 3.54
CA TYR A 112 3.09 5.32 3.51
C TYR A 112 4.47 5.78 4.01
N VAL A 113 5.07 4.97 4.88
CA VAL A 113 6.39 5.28 5.45
C VAL A 113 7.52 4.97 4.46
N GLU A 114 8.17 6.01 3.94
CA GLU A 114 9.28 5.86 3.00
C GLU A 114 10.55 5.40 3.72
N ASN A 115 10.94 6.13 4.77
CA ASN A 115 12.20 5.85 5.48
C ASN A 115 12.17 6.38 6.93
N VAL A 116 12.80 5.64 7.84
CA VAL A 116 12.95 6.07 9.23
C VAL A 116 14.42 6.39 9.54
N ASN A 117 14.65 7.51 10.22
CA ASN A 117 16.01 7.94 10.57
C ASN A 117 16.42 7.44 11.96
N SER A 118 17.72 7.28 12.19
CA SER A 118 18.25 6.83 13.49
C SER A 118 17.82 7.77 14.63
N ASP A 119 17.53 9.03 14.29
CA ASP A 119 17.06 10.02 15.27
C ASP A 119 15.62 9.71 15.72
N GLY A 120 14.95 8.80 15.03
CA GLY A 120 13.57 8.46 15.35
C GLY A 120 12.55 9.13 14.43
N SER A 121 12.99 10.18 13.74
CA SER A 121 12.11 10.91 12.80
C SER A 121 11.68 10.03 11.64
N VAL A 122 10.37 9.96 11.42
CA VAL A 122 9.79 9.10 10.38
C VAL A 122 9.35 9.92 9.16
N GLU A 123 9.76 9.50 7.97
CA GLU A 123 9.45 10.22 6.73
C GLU A 123 8.39 9.48 5.90
N VAL A 124 7.20 10.08 5.79
CA VAL A 124 6.09 9.49 5.02
C VAL A 124 5.87 10.22 3.69
N SER A 125 5.16 9.57 2.76
CA SER A 125 4.86 10.15 1.45
C SER A 125 3.35 10.34 1.24
N GLU A 126 2.97 11.52 0.74
CA GLU A 126 1.57 11.87 0.52
C GLU A 126 1.34 12.40 -0.90
N MET A 127 0.14 12.23 -1.44
CA MET A 127 -0.21 12.85 -2.72
C MET A 127 -0.87 14.21 -2.47
N ASN A 128 -0.16 15.27 -2.83
CA ASN A 128 -0.60 16.64 -2.52
C ASN A 128 -1.75 17.09 -3.44
N TYR A 129 -2.94 16.53 -3.22
CA TYR A 129 -4.11 16.81 -4.07
C TYR A 129 -4.49 18.31 -4.09
N ASN A 130 -4.04 19.06 -3.08
CA ASN A 130 -4.35 20.49 -2.97
C ASN A 130 -3.25 21.36 -3.61
N GLY A 131 -2.41 20.75 -4.42
CA GLY A 131 -1.36 21.48 -5.15
C GLY A 131 -0.88 20.73 -6.38
N GLY A 132 -0.47 19.48 -6.19
CA GLY A 132 -0.12 18.59 -7.31
C GLY A 132 -0.99 17.34 -7.31
N PRO A 133 -2.17 17.37 -7.95
CA PRO A 133 -3.18 16.28 -7.87
C PRO A 133 -2.65 14.89 -8.30
N PHE A 134 -1.52 14.85 -9.00
CA PHE A 134 -0.97 13.59 -9.49
C PHE A 134 0.47 13.38 -9.01
N SER A 135 0.88 14.14 -7.99
CA SER A 135 2.27 14.11 -7.50
C SER A 135 2.36 13.75 -6.01
N VAL A 136 3.46 13.12 -5.62
CA VAL A 136 3.69 12.70 -4.24
C VAL A 136 4.81 13.53 -3.58
N SER A 137 4.51 14.12 -2.43
CA SER A 137 5.48 14.90 -1.66
C SER A 137 5.89 14.17 -0.37
N GLU A 138 6.95 14.66 0.26
CA GLU A 138 7.47 14.05 1.49
C GLU A 138 7.03 14.84 2.74
N ARG A 139 6.77 14.14 3.83
CA ARG A 139 6.40 14.78 5.10
C ARG A 139 7.04 14.06 6.29
N THR A 140 8.02 14.71 6.93
CA THR A 140 8.72 14.13 8.09
C THR A 140 7.95 14.40 9.40
N ILE A 141 7.91 13.40 10.27
CA ILE A 141 7.19 13.49 11.55
C ILE A 141 8.15 13.19 12.73
N SER A 142 7.90 13.81 13.89
CA SER A 142 8.75 13.60 15.08
C SER A 142 8.65 12.15 15.57
N ALA A 143 9.65 11.68 16.31
CA ALA A 143 9.66 10.30 16.81
C ALA A 143 8.45 10.01 17.72
N GLY A 144 8.37 10.71 18.86
CA GLY A 144 7.25 10.54 19.77
C GLY A 144 5.90 10.81 19.10
N GLU A 145 5.89 11.82 18.24
CA GLU A 145 4.69 12.21 17.50
C GLU A 145 4.27 11.13 16.50
N ALA A 146 5.26 10.47 15.90
CA ALA A 146 5.02 9.39 14.95
C ALA A 146 4.51 8.13 15.66
N SER A 147 5.13 7.80 16.79
CA SER A 147 4.74 6.62 17.60
C SER A 147 3.27 6.71 18.06
N SER A 148 2.69 7.92 17.98
CA SER A 148 1.28 8.13 18.32
C SER A 148 0.34 7.48 17.30
N TYR A 149 0.83 7.31 16.07
CA TYR A 149 0.02 6.76 14.98
C TYR A 149 0.07 5.22 14.95
N ASN A 150 -0.98 4.63 14.39
CA ASN A 150 -1.06 3.16 14.24
C ASN A 150 -0.45 2.71 12.90
N TYR A 151 0.59 1.87 12.98
CA TYR A 151 1.31 1.41 11.78
C TYR A 151 0.88 -0.01 11.34
N ILE A 152 0.31 -0.10 10.14
CA ILE A 152 -0.09 -1.39 9.56
C ILE A 152 1.05 -1.99 8.71
N HIS A 153 1.50 -3.19 9.08
CA HIS A 153 2.58 -3.89 8.36
C HIS A 153 2.05 -5.17 7.70
N LEU A 154 2.76 -5.64 6.66
CA LEU A 154 2.33 -6.84 5.91
C LEU A 154 3.13 -8.09 6.29
N ASN A 155 4.41 -7.91 6.62
CA ASN A 155 5.30 -9.03 6.97
C ASN A 155 5.45 -10.03 5.81
N MET A 1 -0.26 -54.13 -92.03
CA MET A 1 -1.53 -53.72 -91.37
C MET A 1 -1.30 -52.63 -90.30
N LYS A 2 -0.16 -52.68 -89.62
CA LYS A 2 0.14 -51.72 -88.55
C LYS A 2 0.68 -50.40 -89.12
N LYS A 3 -0.03 -49.30 -88.86
CA LYS A 3 0.41 -47.97 -89.32
C LYS A 3 0.63 -47.02 -88.13
N LEU A 4 1.83 -46.47 -88.03
CA LEU A 4 2.17 -45.54 -86.93
C LEU A 4 3.35 -44.63 -87.29
N VAL A 5 3.48 -43.52 -86.58
CA VAL A 5 4.57 -42.56 -86.78
C VAL A 5 5.20 -42.14 -85.44
N THR A 6 6.50 -41.92 -85.43
CA THR A 6 7.21 -41.49 -84.21
C THR A 6 7.62 -40.02 -84.29
N ALA A 7 6.71 -39.13 -83.88
CA ALA A 7 6.92 -37.68 -83.99
C ALA A 7 7.14 -37.03 -82.61
N THR A 8 7.61 -37.82 -81.65
CA THR A 8 7.80 -37.34 -80.27
C THR A 8 9.18 -36.68 -80.07
N THR A 9 9.17 -35.37 -79.88
CA THR A 9 10.39 -34.58 -79.58
C THR A 9 10.02 -33.18 -79.08
N LEU A 10 10.65 -32.74 -78.00
CA LEU A 10 10.29 -31.47 -77.35
C LEU A 10 11.52 -30.63 -76.96
N THR A 11 11.37 -29.31 -76.98
CA THR A 11 12.44 -28.39 -76.53
C THR A 11 12.16 -27.89 -75.10
N ALA A 12 13.22 -27.66 -74.33
CA ALA A 12 13.08 -27.18 -72.96
C ALA A 12 14.20 -26.21 -72.56
N GLY A 13 14.11 -25.65 -71.36
CA GLY A 13 15.17 -24.78 -70.84
C GLY A 13 15.01 -23.31 -71.23
N ILE A 14 14.05 -22.64 -70.61
CA ILE A 14 13.84 -21.19 -70.82
C ILE A 14 13.57 -20.48 -69.48
N GLY A 15 13.32 -19.17 -69.53
CA GLY A 15 12.96 -18.43 -68.32
C GLY A 15 14.15 -17.81 -67.60
N ALA A 16 13.86 -16.83 -66.74
CA ALA A 16 14.89 -16.14 -65.93
C ALA A 16 14.22 -15.25 -64.86
N ALA A 17 14.93 -15.00 -63.76
CA ALA A 17 14.42 -14.16 -62.68
C ALA A 17 15.55 -13.62 -61.79
N ILE A 18 15.32 -12.48 -61.15
CA ILE A 18 16.34 -11.84 -60.29
C ILE A 18 15.78 -11.48 -58.90
N VAL A 19 14.72 -12.18 -58.48
CA VAL A 19 14.05 -11.89 -57.21
C VAL A 19 14.99 -12.11 -56.01
N GLY A 20 15.63 -11.03 -55.56
CA GLY A 20 16.54 -11.08 -54.42
C GLY A 20 17.12 -9.72 -54.09
N LEU A 21 16.49 -9.01 -53.15
CA LEU A 21 16.88 -7.64 -52.82
C LEU A 21 16.85 -7.37 -51.30
N ASP A 22 17.60 -6.35 -50.88
CA ASP A 22 17.68 -5.95 -49.48
C ASP A 22 16.34 -5.43 -48.96
N HIS A 23 15.66 -6.22 -48.14
CA HIS A 23 14.33 -5.86 -47.62
C HIS A 23 14.07 -6.48 -46.23
N GLY A 24 15.13 -6.98 -45.59
CA GLY A 24 14.98 -7.61 -44.28
C GLY A 24 16.15 -7.33 -43.34
N ASN A 25 16.27 -6.09 -42.88
CA ASN A 25 17.33 -5.69 -41.94
C ASN A 25 16.75 -5.30 -40.57
N GLU A 26 16.68 -6.29 -39.67
CA GLU A 26 16.13 -6.07 -38.33
C GLU A 26 17.22 -6.22 -37.26
N ALA A 27 17.08 -5.51 -36.15
CA ALA A 27 18.06 -5.57 -35.06
C ALA A 27 17.58 -4.85 -33.79
N ASP A 28 18.10 -5.27 -32.64
CA ASP A 28 17.84 -4.58 -31.37
C ASP A 28 19.15 -4.47 -30.55
N ALA A 29 19.37 -3.29 -29.96
CA ALA A 29 20.63 -3.01 -29.25
C ALA A 29 20.42 -2.78 -27.75
N ALA A 30 19.25 -3.18 -27.24
CA ALA A 30 18.96 -3.06 -25.81
C ALA A 30 19.75 -4.10 -24.99
N GLU A 31 20.37 -3.64 -23.90
CA GLU A 31 21.09 -4.53 -22.98
C GLU A 31 20.09 -5.39 -22.19
N GLN A 32 20.29 -6.71 -22.19
CA GLN A 32 19.39 -7.64 -21.50
C GLN A 32 20.17 -8.69 -20.70
N THR A 33 20.01 -8.66 -19.38
CA THR A 33 20.57 -9.71 -18.50
C THR A 33 19.48 -10.24 -17.57
N GLN A 34 19.57 -11.52 -17.21
CA GLN A 34 18.53 -12.16 -16.38
C GLN A 34 19.13 -12.71 -15.08
N PRO A 35 18.38 -12.62 -13.96
CA PRO A 35 18.82 -13.18 -12.67
C PRO A 35 19.28 -14.64 -12.78
N THR A 36 20.52 -14.91 -12.33
CA THR A 36 21.15 -16.24 -12.48
C THR A 36 20.23 -17.40 -12.07
N ASN A 37 20.02 -17.56 -10.77
CA ASN A 37 19.15 -18.64 -10.24
C ASN A 37 18.88 -18.46 -8.74
N GLN A 38 17.61 -18.46 -8.36
CA GLN A 38 17.22 -18.35 -6.95
C GLN A 38 15.82 -18.95 -6.70
N SER A 39 15.74 -19.88 -5.75
CA SER A 39 14.48 -20.53 -5.40
C SER A 39 13.49 -19.55 -4.77
N THR A 40 12.46 -19.16 -5.54
CA THR A 40 11.47 -18.18 -5.09
C THR A 40 10.04 -18.65 -5.38
N THR A 41 9.21 -18.70 -4.35
CA THR A 41 7.81 -19.09 -4.52
C THR A 41 6.98 -17.94 -5.12
N GLN A 42 6.80 -17.97 -6.44
CA GLN A 42 6.09 -16.91 -7.16
C GLN A 42 4.61 -17.26 -7.34
N SER A 43 3.73 -16.36 -6.92
CA SER A 43 2.28 -16.60 -7.02
C SER A 43 1.50 -15.31 -7.32
N THR A 44 0.24 -15.46 -7.71
CA THR A 44 -0.62 -14.32 -8.04
C THR A 44 -1.40 -13.84 -6.81
N SER A 45 -0.96 -14.26 -5.64
CA SER A 45 -1.62 -13.92 -4.37
C SER A 45 -1.59 -12.41 -4.09
N GLY A 46 -2.71 -11.73 -4.36
CA GLY A 46 -2.81 -10.28 -4.13
C GLY A 46 -3.69 -9.59 -5.16
N SER A 47 -4.78 -8.97 -4.71
CA SER A 47 -5.71 -8.29 -5.62
C SER A 47 -5.50 -6.77 -5.63
N SER A 48 -4.89 -6.26 -6.69
CA SER A 48 -4.67 -4.81 -6.84
C SER A 48 -5.86 -4.14 -7.53
N ALA A 49 -6.82 -3.66 -6.76
CA ALA A 49 -8.00 -2.97 -7.31
C ALA A 49 -8.38 -1.76 -6.44
N ASN A 50 -7.92 -0.58 -6.83
CA ASN A 50 -8.21 0.64 -6.07
C ASN A 50 -9.66 1.11 -6.29
N LEU A 51 -10.54 0.77 -5.35
CA LEU A 51 -11.96 1.13 -5.44
C LEU A 51 -12.24 2.52 -4.84
N TYR A 52 -11.20 3.23 -4.42
CA TYR A 52 -11.35 4.59 -3.87
C TYR A 52 -11.40 5.64 -4.99
N THR A 53 -11.50 6.91 -4.63
CA THR A 53 -11.61 7.98 -5.62
C THR A 53 -10.37 8.89 -5.64
N ALA A 54 -10.03 9.41 -6.82
CA ALA A 54 -8.84 10.24 -7.00
C ALA A 54 -8.95 11.57 -6.22
N GLY A 55 -8.37 11.58 -5.02
CA GLY A 55 -8.43 12.76 -4.17
C GLY A 55 -8.35 12.42 -2.68
N GLN A 56 -8.70 11.18 -2.33
CA GLN A 56 -8.63 10.70 -0.95
C GLN A 56 -7.20 10.30 -0.57
N CYS A 57 -6.85 10.50 0.70
CA CYS A 57 -5.55 10.05 1.24
C CYS A 57 -5.41 8.54 1.07
N THR A 58 -6.52 7.82 1.27
CA THR A 58 -6.57 6.36 1.11
C THR A 58 -6.27 5.91 -0.32
N TRP A 59 -6.50 6.81 -1.28
CA TRP A 59 -6.34 6.50 -2.71
C TRP A 59 -4.89 6.13 -3.06
N TYR A 60 -3.96 7.08 -2.94
CA TYR A 60 -2.57 6.86 -3.36
C TYR A 60 -1.85 5.81 -2.49
N VAL A 61 -2.25 5.70 -1.22
CA VAL A 61 -1.64 4.71 -0.32
C VAL A 61 -1.85 3.27 -0.82
N TYR A 62 -3.02 3.00 -1.40
CA TYR A 62 -3.33 1.67 -1.93
C TYR A 62 -2.30 1.25 -3.00
N ASP A 63 -2.02 2.15 -3.94
CA ASP A 63 -1.04 1.89 -5.00
C ASP A 63 0.40 1.87 -4.45
N LYS A 64 0.70 2.77 -3.51
CA LYS A 64 2.03 2.81 -2.87
C LYS A 64 2.39 1.47 -2.22
N VAL A 65 1.39 0.81 -1.62
CA VAL A 65 1.62 -0.48 -0.96
C VAL A 65 1.44 -1.65 -1.96
N GLY A 66 1.31 -1.32 -3.25
CA GLY A 66 1.19 -2.34 -4.29
C GLY A 66 -0.22 -2.90 -4.44
N GLY A 67 -1.14 -2.46 -3.59
CA GLY A 67 -2.49 -3.00 -3.57
C GLY A 67 -2.62 -4.26 -2.70
N ASN A 68 -1.62 -4.51 -1.85
CA ASN A 68 -1.61 -5.69 -0.99
C ASN A 68 -2.46 -5.49 0.29
N ILE A 69 -3.23 -4.41 0.33
CA ILE A 69 -4.14 -4.14 1.45
C ILE A 69 -5.60 -4.28 1.02
N GLY A 70 -6.52 -4.18 1.98
CA GLY A 70 -7.94 -4.37 1.69
C GLY A 70 -8.64 -3.10 1.19
N SER A 71 -9.26 -3.20 0.03
CA SER A 71 -10.09 -2.10 -0.53
C SER A 71 -11.33 -1.86 0.35
N THR A 72 -11.69 -2.85 1.16
CA THR A 72 -12.85 -2.75 2.05
C THR A 72 -12.56 -1.92 3.33
N TRP A 73 -11.31 -1.53 3.54
CA TRP A 73 -10.92 -0.77 4.73
C TRP A 73 -11.67 0.58 4.82
N GLY A 74 -11.76 1.28 3.68
CA GLY A 74 -12.55 2.50 3.60
C GLY A 74 -11.93 3.70 4.34
N ASN A 75 -12.64 4.18 5.37
CA ASN A 75 -12.23 5.39 6.11
C ASN A 75 -10.83 5.25 6.71
N ALA A 76 -9.99 6.29 6.51
CA ALA A 76 -8.60 6.27 6.96
C ALA A 76 -8.49 6.04 8.48
N ASN A 77 -9.39 6.66 9.24
CA ASN A 77 -9.42 6.52 10.70
C ASN A 77 -9.82 5.08 11.10
N ASN A 78 -10.44 4.36 10.16
CA ASN A 78 -10.93 3.00 10.39
C ASN A 78 -9.90 1.91 9.99
N TRP A 79 -8.91 2.30 9.18
CA TRP A 79 -7.90 1.35 8.66
C TRP A 79 -7.31 0.42 9.74
N ALA A 80 -6.92 0.98 10.88
CA ALA A 80 -6.41 0.16 11.99
C ALA A 80 -7.45 -0.87 12.47
N SER A 81 -8.70 -0.40 12.66
CA SER A 81 -9.80 -1.27 13.10
C SER A 81 -10.04 -2.42 12.11
N ALA A 82 -9.93 -2.12 10.82
CA ALA A 82 -10.09 -3.13 9.77
C ALA A 82 -8.91 -4.11 9.74
N ALA A 83 -7.70 -3.59 9.53
CA ALA A 83 -6.48 -4.39 9.46
C ALA A 83 -6.32 -5.35 10.65
N SER A 84 -6.42 -4.82 11.87
CA SER A 84 -6.26 -5.63 13.08
C SER A 84 -7.24 -6.82 13.12
N SER A 85 -8.52 -6.54 12.94
CA SER A 85 -9.56 -7.59 12.98
C SER A 85 -9.53 -8.48 11.71
N ALA A 86 -8.95 -7.96 10.62
CA ALA A 86 -8.85 -8.71 9.37
C ALA A 86 -7.68 -9.71 9.38
N GLY A 87 -6.73 -9.52 10.29
CA GLY A 87 -5.60 -10.44 10.41
C GLY A 87 -4.26 -9.84 9.96
N TYR A 88 -4.15 -8.51 10.03
CA TYR A 88 -2.90 -7.83 9.70
C TYR A 88 -2.13 -7.44 10.98
N THR A 89 -1.02 -6.74 10.83
CA THR A 89 -0.19 -6.35 11.99
C THR A 89 -0.27 -4.85 12.27
N VAL A 90 -1.19 -4.45 13.14
CA VAL A 90 -1.33 -3.04 13.52
C VAL A 90 -0.59 -2.73 14.83
N ASN A 91 0.68 -2.33 14.70
CA ASN A 91 1.51 -1.98 15.85
C ASN A 91 2.04 -0.55 15.72
N ASN A 92 2.54 0.02 16.83
CA ASN A 92 3.10 1.38 16.78
C ASN A 92 4.52 1.38 16.20
N SER A 93 5.07 0.18 15.97
CA SER A 93 6.39 0.02 15.33
C SER A 93 6.45 0.81 14.01
N PRO A 94 7.18 1.95 14.01
CA PRO A 94 7.13 2.93 12.91
C PRO A 94 8.05 2.61 11.72
N GLU A 95 8.58 1.39 11.66
CA GLU A 95 9.54 1.02 10.63
C GLU A 95 8.95 1.09 9.20
N ALA A 96 9.82 1.35 8.23
CA ALA A 96 9.43 1.50 6.83
C ALA A 96 8.79 0.22 6.25
N GLY A 97 8.05 0.39 5.14
CA GLY A 97 7.32 -0.73 4.55
C GLY A 97 6.00 -1.01 5.26
N SER A 98 5.38 0.05 5.78
CA SER A 98 4.12 -0.05 6.52
C SER A 98 3.25 1.18 6.27
N ILE A 99 1.97 1.08 6.62
CA ILE A 99 1.04 2.21 6.47
C ILE A 99 0.81 2.92 7.79
N LEU A 100 1.21 4.18 7.85
CA LEU A 100 0.96 5.03 9.01
C LEU A 100 -0.47 5.55 9.01
N GLN A 101 -1.12 5.53 10.18
CA GLN A 101 -2.50 6.00 10.31
C GLN A 101 -2.61 7.16 11.29
N SER A 102 -2.78 8.37 10.78
CA SER A 102 -2.99 9.54 11.62
C SER A 102 -4.48 9.68 11.99
N THR A 103 -4.89 8.99 13.05
CA THR A 103 -6.27 9.10 13.58
C THR A 103 -6.52 10.51 14.14
N ALA A 104 -5.51 11.05 14.82
CA ALA A 104 -5.58 12.39 15.39
C ALA A 104 -5.43 13.46 14.30
N GLY A 105 -6.55 14.07 13.90
CA GLY A 105 -6.52 15.08 12.85
C GLY A 105 -7.87 15.25 12.15
N GLY A 106 -7.83 15.50 10.84
CA GLY A 106 -9.04 15.72 10.07
C GLY A 106 -9.84 14.45 9.79
N TYR A 107 -10.47 13.91 10.84
CA TYR A 107 -11.35 12.73 10.72
C TYR A 107 -10.62 11.46 10.25
N GLY A 108 -9.28 11.50 10.18
CA GLY A 108 -8.51 10.33 9.78
C GLY A 108 -7.61 10.56 8.56
N HIS A 109 -6.35 10.21 8.69
CA HIS A 109 -5.38 10.30 7.59
C HIS A 109 -4.48 9.06 7.54
N VAL A 110 -4.01 8.69 6.35
CA VAL A 110 -3.13 7.53 6.18
C VAL A 110 -2.04 7.80 5.13
N ALA A 111 -0.84 7.26 5.36
CA ALA A 111 0.28 7.45 4.44
C ALA A 111 1.28 6.29 4.53
N TYR A 112 1.87 5.93 3.39
CA TYR A 112 2.85 4.84 3.35
C TYR A 112 4.25 5.34 3.80
N VAL A 113 4.91 4.57 4.67
CA VAL A 113 6.20 4.97 5.23
C VAL A 113 7.35 4.71 4.23
N GLU A 114 7.98 5.80 3.78
CA GLU A 114 9.08 5.74 2.81
C GLU A 114 10.41 5.36 3.50
N ASN A 115 10.65 5.94 4.68
CA ASN A 115 11.91 5.73 5.40
C ASN A 115 11.83 6.25 6.85
N VAL A 116 12.59 5.65 7.75
CA VAL A 116 12.70 6.12 9.14
C VAL A 116 14.15 6.47 9.49
N ASN A 117 14.38 7.71 9.90
CA ASN A 117 15.73 8.20 10.20
C ASN A 117 16.19 7.83 11.62
N SER A 118 17.51 7.87 11.84
CA SER A 118 18.09 7.62 13.18
C SER A 118 17.50 8.57 14.24
N ASP A 119 16.96 9.70 13.78
CA ASP A 119 16.30 10.67 14.65
C ASP A 119 15.01 10.08 15.27
N GLY A 120 14.60 8.91 14.81
CA GLY A 120 13.33 8.31 15.23
C GLY A 120 12.13 8.90 14.48
N SER A 121 12.42 9.75 13.50
CA SER A 121 11.37 10.42 12.72
C SER A 121 10.92 9.58 11.51
N VAL A 122 9.61 9.43 11.36
CA VAL A 122 9.02 8.64 10.29
C VAL A 122 8.72 9.50 9.06
N GLU A 123 9.31 9.16 7.93
CA GLU A 123 9.09 9.89 6.67
C GLU A 123 8.06 9.16 5.80
N VAL A 124 6.86 9.72 5.69
CA VAL A 124 5.76 9.09 4.95
C VAL A 124 5.49 9.77 3.60
N SER A 125 4.80 9.06 2.71
CA SER A 125 4.49 9.57 1.36
C SER A 125 3.11 10.21 1.28
N GLU A 126 3.06 11.47 0.85
CA GLU A 126 1.79 12.18 0.66
C GLU A 126 1.68 12.77 -0.75
N MET A 127 0.46 12.88 -1.27
CA MET A 127 0.23 13.52 -2.57
C MET A 127 -0.26 14.96 -2.38
N ASN A 128 0.35 15.90 -3.10
CA ASN A 128 0.08 17.32 -2.89
C ASN A 128 -0.95 17.89 -3.90
N TYR A 129 -0.57 17.96 -5.17
CA TYR A 129 -1.37 18.66 -6.18
C TYR A 129 -2.50 17.78 -6.74
N ASN A 130 -3.73 18.28 -6.68
CA ASN A 130 -4.92 17.53 -7.12
C ASN A 130 -4.80 17.07 -8.59
N GLY A 131 -4.38 17.97 -9.46
CA GLY A 131 -4.21 17.63 -10.88
C GLY A 131 -2.85 17.03 -11.19
N GLY A 132 -2.16 16.56 -10.15
CA GLY A 132 -0.84 15.95 -10.32
C GLY A 132 -0.70 14.62 -9.58
N PRO A 133 -1.21 13.51 -10.15
CA PRO A 133 -1.17 12.18 -9.50
C PRO A 133 0.25 11.63 -9.35
N PHE A 134 1.23 12.37 -9.85
CA PHE A 134 2.64 12.02 -9.71
C PHE A 134 3.39 13.02 -8.80
N SER A 135 2.64 13.99 -8.26
CA SER A 135 3.22 15.00 -7.36
C SER A 135 3.21 14.52 -5.91
N VAL A 136 4.26 13.80 -5.53
CA VAL A 136 4.39 13.23 -4.18
C VAL A 136 5.45 13.96 -3.34
N SER A 137 5.25 14.02 -2.03
CA SER A 137 6.20 14.67 -1.12
C SER A 137 6.30 13.92 0.22
N GLU A 138 7.52 13.74 0.71
CA GLU A 138 7.77 12.99 1.95
C GLU A 138 7.58 13.88 3.20
N ARG A 139 6.66 13.48 4.07
CA ARG A 139 6.40 14.20 5.32
C ARG A 139 7.19 13.56 6.48
N THR A 140 8.07 14.34 7.10
CA THR A 140 8.89 13.85 8.22
C THR A 140 8.20 14.10 9.58
N ILE A 141 7.65 13.04 10.16
CA ILE A 141 6.98 13.11 11.47
C ILE A 141 7.91 12.62 12.59
N SER A 142 7.97 13.36 13.69
CA SER A 142 8.87 13.02 14.82
C SER A 142 8.35 11.81 15.61
N ALA A 143 9.27 11.15 16.33
CA ALA A 143 8.94 9.94 17.10
C ALA A 143 7.80 10.16 18.10
N GLY A 144 7.90 11.23 18.89
CA GLY A 144 6.85 11.57 19.86
C GLY A 144 5.47 11.73 19.21
N GLU A 145 5.43 12.45 18.09
CA GLU A 145 4.19 12.62 17.33
C GLU A 145 3.70 11.27 16.74
N ALA A 146 4.66 10.48 16.27
CA ALA A 146 4.37 9.18 15.64
C ALA A 146 3.86 8.14 16.64
N SER A 147 4.13 8.34 17.93
CA SER A 147 3.73 7.38 18.97
C SER A 147 2.21 7.28 19.12
N SER A 148 1.48 8.23 18.52
CA SER A 148 0.00 8.21 18.56
C SER A 148 -0.60 7.70 17.23
N TYR A 149 0.26 7.33 16.29
CA TYR A 149 -0.20 6.84 14.98
C TYR A 149 -0.05 5.31 14.90
N ASN A 150 -0.98 4.65 14.19
CA ASN A 150 -0.93 3.19 14.03
C ASN A 150 -0.20 2.80 12.74
N TYR A 151 0.61 1.75 12.79
CA TYR A 151 1.36 1.30 11.61
C TYR A 151 0.95 -0.13 11.19
N ILE A 152 0.40 -0.26 10.00
CA ILE A 152 -0.04 -1.55 9.47
C ILE A 152 1.11 -2.25 8.70
N HIS A 153 1.58 -3.36 9.24
CA HIS A 153 2.62 -4.18 8.59
C HIS A 153 1.98 -5.38 7.88
N LEU A 154 2.43 -5.68 6.65
CA LEU A 154 1.85 -6.76 5.85
C LEU A 154 2.65 -8.07 5.98
N ASN A 155 3.96 -7.96 6.20
CA ASN A 155 4.84 -9.13 6.39
C ASN A 155 4.89 -10.03 5.14
N MET A 1 -81.85 4.03 -8.28
CA MET A 1 -82.04 5.49 -8.49
C MET A 1 -80.74 6.29 -8.23
N LYS A 2 -79.70 5.60 -7.76
CA LYS A 2 -78.40 6.22 -7.48
C LYS A 2 -77.25 5.32 -7.94
N LYS A 3 -76.06 5.51 -7.34
CA LYS A 3 -74.89 4.63 -7.56
C LYS A 3 -74.27 4.80 -8.97
N LEU A 4 -74.49 5.95 -9.60
CA LEU A 4 -73.92 6.22 -10.94
C LEU A 4 -72.39 6.35 -10.89
N VAL A 5 -71.74 6.13 -12.03
CA VAL A 5 -70.28 6.18 -12.14
C VAL A 5 -69.81 6.60 -13.53
N THR A 6 -69.04 7.69 -13.60
CA THR A 6 -68.51 8.20 -14.88
C THR A 6 -67.21 7.50 -15.28
N ALA A 7 -66.96 7.40 -16.58
CA ALA A 7 -65.73 6.76 -17.09
C ALA A 7 -64.55 7.72 -17.04
N THR A 8 -63.33 7.17 -16.93
CA THR A 8 -62.12 7.98 -16.93
C THR A 8 -60.96 7.26 -17.62
N THR A 9 -59.95 8.03 -18.04
CA THR A 9 -58.79 7.48 -18.76
C THR A 9 -57.52 8.33 -18.52
N LEU A 10 -56.45 7.68 -18.05
CA LEU A 10 -55.15 8.35 -17.87
C LEU A 10 -54.06 7.65 -18.69
N THR A 11 -53.41 8.41 -19.58
CA THR A 11 -52.32 7.88 -20.41
C THR A 11 -51.01 7.78 -19.62
N ALA A 12 -50.44 6.57 -19.56
CA ALA A 12 -49.20 6.34 -18.82
C ALA A 12 -47.96 6.80 -19.62
N GLY A 13 -47.38 7.94 -19.22
CA GLY A 13 -46.19 8.46 -19.89
C GLY A 13 -44.90 7.84 -19.37
N ILE A 14 -44.54 6.67 -19.90
CA ILE A 14 -43.34 5.95 -19.46
C ILE A 14 -42.07 6.44 -20.19
N GLY A 15 -40.92 5.86 -19.83
CA GLY A 15 -39.66 6.24 -20.44
C GLY A 15 -38.45 5.96 -19.54
N ALA A 16 -37.25 5.91 -20.12
CA ALA A 16 -36.03 5.63 -19.36
C ALA A 16 -34.79 6.23 -20.04
N ALA A 17 -33.77 6.54 -19.24
CA ALA A 17 -32.49 7.04 -19.76
C ALA A 17 -31.31 6.52 -18.92
N ILE A 18 -30.57 5.55 -19.45
CA ILE A 18 -29.43 4.94 -18.75
C ILE A 18 -28.19 5.86 -18.77
N VAL A 19 -27.62 6.09 -17.58
CA VAL A 19 -26.39 6.88 -17.43
C VAL A 19 -25.39 6.17 -16.51
N GLY A 20 -24.09 6.29 -16.84
CA GLY A 20 -23.05 5.61 -16.06
C GLY A 20 -21.87 5.17 -16.92
N LEU A 21 -20.66 5.55 -16.52
CA LEU A 21 -19.43 5.22 -17.27
C LEU A 21 -18.33 4.68 -16.34
N ASP A 22 -17.38 3.93 -16.90
CA ASP A 22 -16.25 3.41 -16.13
C ASP A 22 -15.05 4.39 -16.14
N HIS A 23 -14.44 4.58 -14.97
CA HIS A 23 -13.27 5.45 -14.83
C HIS A 23 -11.95 4.67 -14.95
N GLY A 24 -12.00 3.36 -14.65
CA GLY A 24 -10.80 2.54 -14.66
C GLY A 24 -9.77 2.98 -13.61
N ASN A 25 -10.06 2.69 -12.34
CA ASN A 25 -9.17 3.06 -11.24
C ASN A 25 -7.99 2.08 -11.13
N GLU A 26 -6.78 2.62 -11.08
CA GLU A 26 -5.55 1.81 -11.10
C GLU A 26 -4.87 1.69 -9.73
N ALA A 27 -3.72 1.04 -9.73
CA ALA A 27 -2.87 0.87 -8.54
C ALA A 27 -1.62 0.05 -8.90
N ASP A 28 -0.44 0.62 -8.72
CA ASP A 28 0.81 -0.06 -9.07
C ASP A 28 1.11 -1.21 -8.10
N ALA A 29 1.96 -2.16 -8.52
CA ALA A 29 2.27 -3.34 -7.70
C ALA A 29 3.65 -3.20 -7.02
N ALA A 30 4.19 -1.98 -7.01
CA ALA A 30 5.52 -1.70 -6.46
C ALA A 30 5.67 -2.15 -4.99
N GLU A 31 6.18 -3.36 -4.79
CA GLU A 31 6.46 -3.87 -3.44
C GLU A 31 7.81 -3.34 -2.92
N GLN A 32 7.76 -2.39 -1.99
CA GLN A 32 8.95 -1.76 -1.44
C GLN A 32 9.72 -2.69 -0.48
N THR A 33 9.17 -2.90 0.72
CA THR A 33 9.79 -3.78 1.73
C THR A 33 8.78 -4.22 2.79
N GLN A 34 9.19 -5.15 3.66
CA GLN A 34 8.32 -5.63 4.73
C GLN A 34 8.94 -5.37 6.12
N PRO A 35 8.34 -4.44 6.90
CA PRO A 35 8.77 -4.19 8.29
C PRO A 35 8.48 -5.41 9.19
N THR A 36 9.51 -6.21 9.44
CA THR A 36 9.35 -7.51 10.11
C THR A 36 9.01 -7.38 11.61
N ASN A 37 7.78 -7.74 11.95
CA ASN A 37 7.33 -7.84 13.34
C ASN A 37 6.67 -9.21 13.60
N GLN A 38 6.38 -9.52 14.86
CA GLN A 38 5.78 -10.81 15.20
C GLN A 38 4.28 -10.85 14.83
N SER A 39 4.00 -11.30 13.60
CA SER A 39 2.63 -11.36 13.07
C SER A 39 2.03 -12.75 13.22
N THR A 40 0.70 -12.83 13.20
CA THR A 40 -0.01 -14.12 13.28
C THR A 40 -0.01 -14.83 11.93
N THR A 41 -0.13 -16.16 11.96
CA THR A 41 -0.06 -16.97 10.73
C THR A 41 -1.37 -16.96 9.93
N GLN A 42 -1.72 -15.80 9.38
CA GLN A 42 -2.88 -15.66 8.48
C GLN A 42 -2.57 -14.68 7.33
N SER A 43 -2.23 -15.24 6.16
CA SER A 43 -1.90 -14.42 4.98
C SER A 43 -3.14 -13.88 4.27
N THR A 44 -3.03 -12.69 3.70
CA THR A 44 -4.10 -12.09 2.91
C THR A 44 -3.75 -12.09 1.41
N SER A 45 -4.73 -11.77 0.57
CA SER A 45 -4.51 -11.75 -0.89
C SER A 45 -4.49 -10.31 -1.42
N GLY A 46 -5.24 -9.43 -0.76
CA GLY A 46 -5.34 -8.04 -1.21
C GLY A 46 -6.24 -7.89 -2.45
N SER A 47 -5.94 -6.88 -3.26
CA SER A 47 -6.70 -6.64 -4.50
C SER A 47 -6.06 -5.48 -5.30
N SER A 48 -5.56 -5.78 -6.50
CA SER A 48 -4.96 -4.75 -7.36
C SER A 48 -6.04 -3.79 -7.91
N ALA A 49 -5.63 -2.56 -8.26
CA ALA A 49 -6.56 -1.52 -8.72
C ALA A 49 -7.45 -1.00 -7.58
N ASN A 50 -7.26 0.27 -7.21
CA ASN A 50 -8.00 0.89 -6.10
C ASN A 50 -9.52 0.90 -6.34
N LEU A 51 -10.28 0.46 -5.33
CA LEU A 51 -11.75 0.38 -5.43
C LEU A 51 -12.44 1.53 -4.65
N TYR A 52 -11.81 2.71 -4.66
CA TYR A 52 -12.38 3.89 -3.99
C TYR A 52 -12.57 5.07 -4.96
N THR A 53 -11.51 5.88 -5.14
CA THR A 53 -11.57 7.04 -6.05
C THR A 53 -10.24 7.79 -6.12
N ALA A 54 -9.95 8.40 -7.26
CA ALA A 54 -8.68 9.11 -7.47
C ALA A 54 -8.72 10.53 -6.85
N GLY A 55 -7.76 10.82 -5.98
CA GLY A 55 -7.70 12.12 -5.31
C GLY A 55 -7.90 12.02 -3.79
N GLN A 56 -7.65 10.84 -3.24
CA GLN A 56 -7.80 10.60 -1.79
C GLN A 56 -6.54 9.93 -1.22
N CYS A 57 -6.26 10.16 0.07
CA CYS A 57 -5.13 9.50 0.73
C CYS A 57 -5.34 7.97 0.76
N THR A 58 -6.59 7.55 0.92
CA THR A 58 -6.97 6.13 0.86
C THR A 58 -6.65 5.53 -0.53
N TRP A 59 -6.64 6.39 -1.55
CA TRP A 59 -6.28 5.99 -2.91
C TRP A 59 -4.75 5.90 -3.06
N TYR A 60 -4.06 6.99 -2.74
CA TYR A 60 -2.61 7.07 -2.87
C TYR A 60 -1.89 5.95 -2.09
N VAL A 61 -2.20 5.82 -0.80
CA VAL A 61 -1.56 4.79 0.04
C VAL A 61 -1.81 3.38 -0.52
N TYR A 62 -2.97 3.19 -1.15
CA TYR A 62 -3.32 1.92 -1.77
C TYR A 62 -2.35 1.58 -2.92
N ASP A 63 -1.92 2.61 -3.64
CA ASP A 63 -0.92 2.50 -4.70
C ASP A 63 0.47 2.15 -4.12
N LYS A 64 0.84 2.84 -3.04
CA LYS A 64 2.15 2.62 -2.38
C LYS A 64 2.26 1.22 -1.77
N VAL A 65 1.14 0.66 -1.32
CA VAL A 65 1.13 -0.66 -0.71
C VAL A 65 0.93 -1.78 -1.77
N GLY A 66 0.98 -1.39 -3.05
CA GLY A 66 0.85 -2.36 -4.14
C GLY A 66 -0.53 -3.01 -4.23
N GLY A 67 -1.53 -2.40 -3.59
CA GLY A 67 -2.87 -2.98 -3.54
C GLY A 67 -2.93 -4.27 -2.72
N ASN A 68 -1.89 -4.53 -1.93
CA ASN A 68 -1.83 -5.77 -1.12
C ASN A 68 -2.78 -5.72 0.09
N ILE A 69 -3.43 -4.57 0.30
CA ILE A 69 -4.47 -4.44 1.31
C ILE A 69 -5.86 -4.57 0.67
N GLY A 70 -6.78 -5.25 1.35
CA GLY A 70 -8.12 -5.44 0.82
C GLY A 70 -9.01 -4.20 0.90
N SER A 71 -9.56 -3.77 -0.24
CA SER A 71 -10.49 -2.62 -0.27
C SER A 71 -11.80 -2.95 0.46
N THR A 72 -11.75 -2.89 1.79
CA THR A 72 -12.93 -3.15 2.63
C THR A 72 -12.83 -2.39 3.96
N TRP A 73 -11.88 -1.44 4.02
CA TRP A 73 -11.63 -0.67 5.23
C TRP A 73 -12.40 0.67 5.21
N GLY A 74 -12.54 1.26 4.03
CA GLY A 74 -13.29 2.51 3.89
C GLY A 74 -12.47 3.75 4.26
N ASN A 75 -13.05 4.61 5.10
CA ASN A 75 -12.36 5.83 5.54
C ASN A 75 -11.14 5.52 6.42
N ALA A 76 -10.15 6.40 6.38
CA ALA A 76 -8.84 6.15 6.97
C ALA A 76 -8.88 5.80 8.48
N ASN A 77 -9.81 6.39 9.22
CA ASN A 77 -9.90 6.11 10.68
C ASN A 77 -10.27 4.64 10.96
N ASN A 78 -11.00 4.02 10.03
CA ASN A 78 -11.43 2.62 10.20
C ASN A 78 -10.33 1.63 9.74
N TRP A 79 -9.33 2.14 9.01
CA TRP A 79 -8.24 1.29 8.47
C TRP A 79 -7.60 0.38 9.52
N ALA A 80 -6.97 0.97 10.55
CA ALA A 80 -6.28 0.19 11.59
C ALA A 80 -7.20 -0.86 12.24
N SER A 81 -8.44 -0.46 12.54
CA SER A 81 -9.43 -1.36 13.15
C SER A 81 -9.74 -2.57 12.25
N ALA A 82 -10.00 -2.29 10.97
CA ALA A 82 -10.37 -3.33 10.01
C ALA A 82 -9.15 -4.16 9.59
N ALA A 83 -7.98 -3.54 9.60
CA ALA A 83 -6.71 -4.22 9.30
C ALA A 83 -6.50 -5.40 10.24
N SER A 84 -6.45 -5.11 11.54
CA SER A 84 -6.23 -6.14 12.56
C SER A 84 -7.37 -7.19 12.54
N SER A 85 -8.59 -6.71 12.31
CA SER A 85 -9.76 -7.59 12.19
C SER A 85 -9.67 -8.53 10.98
N ALA A 86 -9.13 -8.03 9.87
CA ALA A 86 -9.04 -8.81 8.62
C ALA A 86 -7.83 -9.76 8.61
N GLY A 87 -6.98 -9.66 9.63
CA GLY A 87 -5.81 -10.55 9.72
C GLY A 87 -4.48 -9.81 9.56
N TYR A 88 -4.53 -8.51 9.33
CA TYR A 88 -3.32 -7.69 9.22
C TYR A 88 -2.71 -7.42 10.60
N THR A 89 -1.50 -6.87 10.61
CA THR A 89 -0.74 -6.70 11.87
C THR A 89 -0.52 -5.22 12.21
N VAL A 90 -1.28 -4.70 13.18
CA VAL A 90 -1.20 -3.29 13.56
C VAL A 90 -0.39 -3.08 14.85
N ASN A 91 0.70 -2.32 14.75
CA ASN A 91 1.55 -2.00 15.90
C ASN A 91 2.08 -0.57 15.78
N ASN A 92 2.68 -0.06 16.86
CA ASN A 92 3.31 1.27 16.82
C ASN A 92 4.77 1.19 16.34
N SER A 93 5.15 0.03 15.79
CA SER A 93 6.46 -0.15 15.15
C SER A 93 6.58 0.74 13.90
N PRO A 94 7.40 1.81 13.96
CA PRO A 94 7.47 2.83 12.91
C PRO A 94 8.38 2.47 11.73
N GLU A 95 8.78 1.20 11.62
CA GLU A 95 9.69 0.74 10.57
C GLU A 95 9.09 0.95 9.15
N ALA A 96 9.97 1.18 8.17
CA ALA A 96 9.56 1.47 6.79
C ALA A 96 8.74 0.34 6.15
N GLY A 97 7.89 0.69 5.19
CA GLY A 97 7.04 -0.30 4.52
C GLY A 97 5.72 -0.53 5.26
N SER A 98 5.28 0.44 6.05
CA SER A 98 4.03 0.33 6.81
C SER A 98 3.16 1.57 6.63
N ILE A 99 1.87 1.43 6.90
CA ILE A 99 0.92 2.56 6.80
C ILE A 99 0.58 3.09 8.19
N LEU A 100 0.87 4.36 8.45
CA LEU A 100 0.56 4.95 9.76
C LEU A 100 -0.78 5.70 9.74
N GLN A 101 -1.64 5.41 10.71
CA GLN A 101 -2.95 6.03 10.82
C GLN A 101 -2.96 7.24 11.77
N SER A 102 -3.39 8.38 11.25
CA SER A 102 -3.63 9.58 12.07
C SER A 102 -5.13 9.78 12.30
N THR A 103 -5.58 9.52 13.52
CA THR A 103 -7.00 9.69 13.89
C THR A 103 -7.35 11.16 14.17
N ALA A 104 -6.38 12.05 13.99
CA ALA A 104 -6.55 13.48 14.30
C ALA A 104 -7.40 14.22 13.26
N GLY A 105 -7.52 13.65 12.06
CA GLY A 105 -8.26 14.31 10.98
C GLY A 105 -9.68 13.77 10.81
N GLY A 106 -10.53 14.56 10.17
CA GLY A 106 -11.89 14.12 9.86
C GLY A 106 -11.91 12.93 8.90
N TYR A 107 -12.64 11.88 9.26
CA TYR A 107 -12.65 10.60 8.51
C TYR A 107 -11.31 9.86 8.67
N GLY A 108 -10.43 10.40 9.52
CA GLY A 108 -9.09 9.84 9.70
C GLY A 108 -8.14 10.16 8.56
N HIS A 109 -6.87 9.82 8.72
CA HIS A 109 -5.87 10.05 7.69
C HIS A 109 -4.79 8.95 7.72
N VAL A 110 -4.22 8.63 6.56
CA VAL A 110 -3.18 7.59 6.45
C VAL A 110 -2.08 7.99 5.45
N ALA A 111 -0.88 7.47 5.67
CA ALA A 111 0.26 7.71 4.78
C ALA A 111 1.22 6.51 4.78
N TYR A 112 2.16 6.48 3.83
CA TYR A 112 3.09 5.36 3.71
C TYR A 112 4.47 5.72 4.27
N VAL A 113 5.02 4.87 5.14
CA VAL A 113 6.35 5.08 5.72
C VAL A 113 7.47 4.65 4.76
N GLU A 114 8.21 5.64 4.24
CA GLU A 114 9.29 5.36 3.28
C GLU A 114 10.61 4.98 3.99
N ASN A 115 10.98 5.72 5.04
CA ASN A 115 12.26 5.49 5.73
C ASN A 115 12.27 6.07 7.16
N VAL A 116 13.01 5.41 8.05
CA VAL A 116 13.16 5.87 9.44
C VAL A 116 14.60 6.38 9.67
N ASN A 117 14.73 7.53 10.34
CA ASN A 117 16.04 8.15 10.55
C ASN A 117 16.65 7.79 11.91
N SER A 118 17.97 7.96 12.04
CA SER A 118 18.69 7.73 13.31
C SER A 118 18.18 8.66 14.42
N ASP A 119 17.57 9.77 14.01
CA ASP A 119 16.96 10.73 14.94
C ASP A 119 15.73 10.12 15.63
N GLY A 120 15.22 9.02 15.07
CA GLY A 120 13.95 8.45 15.53
C GLY A 120 12.76 8.96 14.72
N SER A 121 13.00 10.02 13.95
CA SER A 121 11.97 10.64 13.11
C SER A 121 11.60 9.77 11.90
N VAL A 122 10.31 9.75 11.57
CA VAL A 122 9.79 8.91 10.48
C VAL A 122 9.42 9.75 9.23
N GLU A 123 9.94 9.35 8.08
CA GLU A 123 9.62 10.02 6.81
C GLU A 123 8.43 9.35 6.10
N VAL A 124 7.35 10.09 5.94
CA VAL A 124 6.15 9.58 5.28
C VAL A 124 5.91 10.25 3.93
N SER A 125 5.34 9.49 2.99
CA SER A 125 4.98 10.01 1.67
C SER A 125 3.48 10.32 1.60
N GLU A 126 3.13 11.56 1.25
CA GLU A 126 1.72 11.99 1.24
C GLU A 126 1.34 12.72 -0.06
N MET A 127 0.08 13.15 -0.14
CA MET A 127 -0.43 13.88 -1.31
C MET A 127 -1.31 15.07 -0.88
N ASN A 128 -0.89 16.28 -1.23
CA ASN A 128 -1.60 17.49 -0.82
C ASN A 128 -2.01 18.36 -2.02
N TYR A 129 -1.03 18.87 -2.76
CA TYR A 129 -1.30 19.72 -3.93
C TYR A 129 -0.12 19.71 -4.91
N ASN A 130 1.07 20.06 -4.40
CA ASN A 130 2.30 20.08 -5.21
C ASN A 130 2.51 18.76 -5.95
N GLY A 131 2.49 18.82 -7.28
CA GLY A 131 2.72 17.63 -8.09
C GLY A 131 1.60 17.35 -9.09
N GLY A 132 0.50 16.76 -8.62
CA GLY A 132 -0.62 16.43 -9.49
C GLY A 132 -1.50 15.29 -8.98
N PRO A 133 -2.33 14.70 -9.85
CA PRO A 133 -3.27 13.61 -9.48
C PRO A 133 -2.60 12.39 -8.82
N PHE A 134 -1.37 12.09 -9.22
CA PHE A 134 -0.66 10.91 -8.69
C PHE A 134 0.79 11.22 -8.29
N SER A 135 1.08 12.49 -8.02
CA SER A 135 2.43 12.90 -7.57
C SER A 135 2.48 13.02 -6.05
N VAL A 136 3.68 12.94 -5.49
CA VAL A 136 3.85 12.82 -4.03
C VAL A 136 4.67 13.97 -3.41
N SER A 137 4.49 14.18 -2.10
CA SER A 137 5.34 15.07 -1.31
C SER A 137 5.64 14.44 0.05
N GLU A 138 6.92 14.44 0.44
CA GLU A 138 7.36 13.75 1.67
C GLU A 138 7.38 14.69 2.88
N ARG A 139 7.27 14.11 4.08
CA ARG A 139 7.38 14.89 5.32
C ARG A 139 8.06 14.07 6.43
N THR A 140 8.98 14.71 7.14
CA THR A 140 9.71 14.07 8.24
C THR A 140 9.03 14.35 9.59
N ILE A 141 8.25 13.39 10.07
CA ILE A 141 7.53 13.52 11.34
C ILE A 141 8.43 13.12 12.53
N SER A 142 8.42 13.93 13.59
CA SER A 142 9.22 13.63 14.79
C SER A 142 8.70 12.40 15.52
N ALA A 143 9.61 11.67 16.18
CA ALA A 143 9.28 10.42 16.87
C ALA A 143 8.10 10.57 17.85
N GLY A 144 8.11 11.65 18.63
CA GLY A 144 7.03 11.91 19.59
C GLY A 144 5.64 11.96 18.96
N GLU A 145 5.55 12.55 17.77
CA GLU A 145 4.28 12.66 17.05
C GLU A 145 3.97 11.37 16.27
N ALA A 146 5.02 10.79 15.67
CA ALA A 146 4.87 9.61 14.81
C ALA A 146 4.49 8.33 15.60
N SER A 147 5.13 8.14 16.75
CA SER A 147 4.99 6.88 17.51
C SER A 147 3.57 6.69 18.05
N SER A 148 2.79 7.75 18.03
CA SER A 148 1.40 7.70 18.51
C SER A 148 0.44 7.24 17.41
N TYR A 149 0.93 7.16 16.18
CA TYR A 149 0.13 6.69 15.04
C TYR A 149 0.14 5.15 14.96
N ASN A 150 -0.94 4.59 14.40
CA ASN A 150 -1.07 3.13 14.26
C ASN A 150 -0.48 2.64 12.93
N TYR A 151 0.61 1.89 13.00
CA TYR A 151 1.29 1.36 11.80
C TYR A 151 0.76 -0.03 11.41
N ILE A 152 0.16 -0.13 10.23
CA ILE A 152 -0.32 -1.41 9.70
C ILE A 152 0.82 -2.17 8.98
N HIS A 153 0.96 -3.46 9.30
CA HIS A 153 1.99 -4.32 8.70
C HIS A 153 1.33 -5.50 7.97
N LEU A 154 1.96 -5.96 6.88
CA LEU A 154 1.39 -7.00 6.02
C LEU A 154 2.01 -8.38 6.28
N ASN A 155 1.17 -9.41 6.37
CA ASN A 155 1.63 -10.81 6.32
C ASN A 155 1.26 -11.43 4.97
N MET A 1 -11.23 4.46 -79.69
CA MET A 1 -11.32 3.69 -78.41
C MET A 1 -9.94 3.60 -77.73
N LYS A 2 -9.94 3.30 -76.42
CA LYS A 2 -8.69 3.20 -75.65
C LYS A 2 -7.74 2.12 -76.21
N LYS A 3 -6.86 2.53 -77.13
CA LYS A 3 -5.94 1.59 -77.79
C LYS A 3 -4.81 1.16 -76.84
N LEU A 4 -4.10 2.13 -76.27
CA LEU A 4 -3.02 1.86 -75.31
C LEU A 4 -3.49 2.10 -73.87
N VAL A 5 -3.83 1.02 -73.17
CA VAL A 5 -4.28 1.11 -71.78
C VAL A 5 -3.09 1.20 -70.81
N THR A 6 -2.78 2.41 -70.36
CA THR A 6 -1.67 2.65 -69.44
C THR A 6 -2.18 2.93 -68.02
N ALA A 7 -1.26 2.95 -67.06
CA ALA A 7 -1.61 3.14 -65.64
C ALA A 7 -0.37 3.45 -64.79
N THR A 8 -0.60 3.98 -63.59
CA THR A 8 0.49 4.28 -62.64
C THR A 8 0.56 3.23 -61.53
N THR A 9 -0.01 2.05 -61.80
CA THR A 9 -0.05 0.94 -60.83
C THR A 9 0.81 -0.25 -61.29
N LEU A 10 1.80 -0.62 -60.47
CA LEU A 10 2.66 -1.79 -60.74
C LEU A 10 3.48 -1.64 -62.03
N THR A 11 3.68 -0.40 -62.47
CA THR A 11 4.45 -0.12 -63.69
C THR A 11 5.86 0.41 -63.37
N ALA A 12 6.75 0.32 -64.36
CA ALA A 12 8.15 0.76 -64.20
C ALA A 12 8.31 2.27 -64.44
N GLY A 13 9.53 2.77 -64.26
CA GLY A 13 9.82 4.18 -64.49
C GLY A 13 9.61 5.06 -63.25
N ILE A 14 8.47 4.88 -62.58
CA ILE A 14 8.13 5.69 -61.40
C ILE A 14 8.46 4.93 -60.09
N GLY A 15 9.39 3.96 -60.17
CA GLY A 15 9.76 3.17 -59.00
C GLY A 15 10.65 3.93 -58.02
N ALA A 16 10.05 4.84 -57.26
CA ALA A 16 10.79 5.61 -56.25
C ALA A 16 10.74 4.93 -54.87
N ALA A 17 11.89 4.45 -54.39
CA ALA A 17 11.98 3.76 -53.10
C ALA A 17 12.21 4.75 -51.94
N ILE A 18 11.80 4.37 -50.74
CA ILE A 18 11.94 5.23 -49.56
C ILE A 18 13.22 4.88 -48.76
N VAL A 19 14.17 5.82 -48.74
CA VAL A 19 15.43 5.63 -48.01
C VAL A 19 15.45 6.49 -46.73
N GLY A 20 15.71 5.85 -45.59
CA GLY A 20 15.76 6.57 -44.32
C GLY A 20 16.83 6.02 -43.38
N LEU A 21 17.86 6.82 -43.11
CA LEU A 21 18.95 6.41 -42.24
C LEU A 21 18.53 6.40 -40.76
N ASP A 22 19.27 5.66 -39.93
CA ASP A 22 18.97 5.53 -38.50
C ASP A 22 19.77 6.53 -37.65
N HIS A 23 19.39 6.68 -36.37
CA HIS A 23 20.10 7.56 -35.44
C HIS A 23 20.67 6.76 -34.26
N GLY A 24 21.98 6.55 -34.26
CA GLY A 24 22.63 5.74 -33.23
C GLY A 24 22.47 6.31 -31.81
N ASN A 25 21.80 5.57 -30.93
CA ASN A 25 21.65 5.96 -29.52
C ASN A 25 22.77 5.35 -28.66
N GLU A 26 23.44 6.19 -27.88
CA GLU A 26 24.55 5.72 -27.03
C GLU A 26 24.10 5.51 -25.57
N ALA A 27 24.20 4.27 -25.10
CA ALA A 27 23.88 3.93 -23.71
C ALA A 27 24.85 2.88 -23.16
N ASP A 28 24.99 2.83 -21.84
CA ASP A 28 25.90 1.88 -21.19
C ASP A 28 25.16 0.97 -20.20
N ALA A 29 25.88 0.05 -19.59
CA ALA A 29 25.29 -0.91 -18.64
C ALA A 29 26.01 -0.89 -17.29
N ALA A 30 25.24 -0.83 -16.21
CA ALA A 30 25.78 -0.86 -14.86
C ALA A 30 25.63 -2.26 -14.23
N GLU A 31 26.11 -2.42 -13.00
CA GLU A 31 25.95 -3.69 -12.28
C GLU A 31 25.77 -3.46 -10.77
N GLN A 32 25.16 -4.43 -10.12
CA GLN A 32 24.99 -4.41 -8.65
C GLN A 32 25.37 -5.78 -8.07
N THR A 33 25.15 -5.96 -6.77
CA THR A 33 25.37 -7.25 -6.12
C THR A 33 24.30 -8.27 -6.58
N GLN A 34 24.46 -9.52 -6.16
CA GLN A 34 23.52 -10.58 -6.54
C GLN A 34 22.59 -10.94 -5.37
N PRO A 35 21.33 -10.46 -5.39
CA PRO A 35 20.36 -10.72 -4.32
C PRO A 35 19.86 -12.17 -4.30
N THR A 36 20.58 -13.04 -3.57
CA THR A 36 20.22 -14.46 -3.49
C THR A 36 19.07 -14.70 -2.52
N ASN A 37 17.87 -14.27 -2.91
CA ASN A 37 16.67 -14.49 -2.10
C ASN A 37 16.15 -15.93 -2.30
N GLN A 38 16.54 -16.83 -1.40
CA GLN A 38 16.19 -18.25 -1.53
C GLN A 38 14.74 -18.55 -1.11
N SER A 39 14.02 -17.54 -0.63
CA SER A 39 12.62 -17.70 -0.24
C SER A 39 11.67 -17.59 -1.44
N THR A 40 11.27 -18.73 -2.00
CA THR A 40 10.37 -18.76 -3.16
C THR A 40 8.91 -18.76 -2.71
N THR A 41 8.39 -17.58 -2.38
CA THR A 41 7.00 -17.43 -1.95
C THR A 41 6.08 -17.16 -3.15
N GLN A 42 4.90 -17.77 -3.14
CA GLN A 42 3.90 -17.56 -4.19
C GLN A 42 2.95 -16.40 -3.83
N SER A 43 3.42 -15.52 -2.95
CA SER A 43 2.63 -14.38 -2.47
C SER A 43 2.50 -13.29 -3.54
N THR A 44 1.43 -13.35 -4.32
CA THR A 44 1.18 -12.38 -5.40
C THR A 44 0.29 -11.22 -4.92
N SER A 45 0.32 -10.11 -5.66
CA SER A 45 -0.56 -8.96 -5.35
C SER A 45 -1.99 -9.21 -5.85
N GLY A 46 -2.98 -8.96 -4.99
CA GLY A 46 -4.37 -9.19 -5.37
C GLY A 46 -5.04 -7.94 -5.96
N SER A 47 -4.25 -6.90 -6.23
CA SER A 47 -4.80 -5.66 -6.80
C SER A 47 -3.74 -4.89 -7.59
N SER A 48 -3.85 -4.90 -8.91
CA SER A 48 -2.91 -4.18 -9.79
C SER A 48 -3.47 -2.80 -10.21
N ALA A 49 -4.68 -2.50 -9.72
CA ALA A 49 -5.33 -1.21 -10.00
C ALA A 49 -5.83 -0.56 -8.71
N ASN A 50 -6.21 0.71 -8.78
CA ASN A 50 -6.71 1.42 -7.61
C ASN A 50 -8.24 1.52 -7.64
N LEU A 51 -8.88 1.25 -6.50
CA LEU A 51 -10.35 1.13 -6.44
C LEU A 51 -11.03 2.39 -5.90
N TYR A 52 -10.26 3.33 -5.34
CA TYR A 52 -10.85 4.55 -4.77
C TYR A 52 -10.57 5.80 -5.62
N THR A 53 -11.33 6.86 -5.34
CA THR A 53 -11.26 8.11 -6.13
C THR A 53 -10.08 9.00 -5.72
N ALA A 54 -9.76 9.98 -6.56
CA ALA A 54 -8.64 10.90 -6.34
C ALA A 54 -8.97 12.01 -5.30
N GLY A 55 -9.72 11.63 -4.26
CA GLY A 55 -10.11 12.59 -3.22
C GLY A 55 -10.17 11.97 -1.83
N GLN A 56 -9.55 10.79 -1.68
CA GLN A 56 -9.51 10.08 -0.40
C GLN A 56 -8.06 9.80 0.03
N CYS A 57 -7.75 9.99 1.31
CA CYS A 57 -6.40 9.75 1.83
C CYS A 57 -5.98 8.28 1.65
N THR A 58 -6.96 7.41 1.43
CA THR A 58 -6.71 5.98 1.20
C THR A 58 -6.23 5.71 -0.24
N TRP A 59 -6.64 6.58 -1.16
CA TRP A 59 -6.37 6.44 -2.59
C TRP A 59 -4.87 6.30 -2.91
N TYR A 60 -4.09 7.36 -2.70
CA TYR A 60 -2.68 7.38 -3.10
C TYR A 60 -1.85 6.32 -2.35
N VAL A 61 -2.29 5.97 -1.13
CA VAL A 61 -1.60 4.95 -0.33
C VAL A 61 -1.81 3.53 -0.90
N TYR A 62 -3.00 3.29 -1.44
CA TYR A 62 -3.37 1.98 -1.98
C TYR A 62 -2.37 1.49 -3.05
N ASP A 63 -1.84 2.43 -3.83
CA ASP A 63 -0.81 2.12 -4.84
C ASP A 63 0.57 1.90 -4.19
N LYS A 64 0.92 2.78 -3.23
CA LYS A 64 2.22 2.71 -2.55
C LYS A 64 2.40 1.39 -1.78
N VAL A 65 1.30 0.82 -1.30
CA VAL A 65 1.34 -0.46 -0.58
C VAL A 65 1.25 -1.66 -1.55
N GLY A 66 1.21 -1.37 -2.84
CA GLY A 66 1.14 -2.42 -3.86
C GLY A 66 -0.19 -3.17 -3.89
N GLY A 67 -1.24 -2.53 -3.39
CA GLY A 67 -2.58 -3.13 -3.39
C GLY A 67 -2.69 -4.47 -2.64
N ASN A 68 -1.76 -4.73 -1.70
CA ASN A 68 -1.78 -5.98 -0.94
C ASN A 68 -2.76 -5.92 0.26
N ILE A 69 -3.49 -4.81 0.38
CA ILE A 69 -4.44 -4.62 1.49
C ILE A 69 -5.89 -4.63 0.99
N GLY A 70 -6.80 -5.17 1.80
CA GLY A 70 -8.22 -5.14 1.46
C GLY A 70 -8.83 -3.73 1.58
N SER A 71 -9.22 -3.15 0.45
CA SER A 71 -9.77 -1.77 0.42
C SER A 71 -11.15 -1.68 1.10
N THR A 72 -11.73 -2.82 1.46
CA THR A 72 -13.05 -2.87 2.09
C THR A 72 -13.09 -2.19 3.48
N TRP A 73 -11.94 -1.72 3.95
CA TRP A 73 -11.86 -1.02 5.24
C TRP A 73 -12.64 0.30 5.24
N GLY A 74 -12.78 0.90 4.06
CA GLY A 74 -13.50 2.17 3.93
C GLY A 74 -12.59 3.39 4.04
N ASN A 75 -12.97 4.35 4.88
CA ASN A 75 -12.19 5.58 5.03
C ASN A 75 -11.01 5.39 6.00
N ALA A 76 -10.12 6.38 6.01
CA ALA A 76 -8.83 6.26 6.71
C ALA A 76 -8.94 6.34 8.25
N ASN A 77 -10.15 6.15 8.78
CA ASN A 77 -10.37 6.11 10.23
C ASN A 77 -10.53 4.66 10.74
N ASN A 78 -11.02 3.77 9.87
CA ASN A 78 -11.36 2.40 10.27
C ASN A 78 -10.21 1.41 9.98
N TRP A 79 -9.13 1.89 9.36
CA TRP A 79 -7.99 1.05 8.97
C TRP A 79 -7.39 0.27 10.15
N ALA A 80 -6.98 0.97 11.20
CA ALA A 80 -6.35 0.35 12.38
C ALA A 80 -7.23 -0.77 12.96
N SER A 81 -8.52 -0.51 13.09
CA SER A 81 -9.49 -1.49 13.61
C SER A 81 -9.65 -2.69 12.66
N ALA A 82 -9.98 -2.40 11.41
CA ALA A 82 -10.23 -3.44 10.39
C ALA A 82 -8.98 -4.29 10.12
N ALA A 83 -7.85 -3.62 9.87
CA ALA A 83 -6.56 -4.31 9.64
C ALA A 83 -6.28 -5.34 10.73
N SER A 84 -6.26 -4.90 11.98
CA SER A 84 -5.96 -5.79 13.11
C SER A 84 -7.02 -6.90 13.23
N SER A 85 -8.28 -6.54 13.00
CA SER A 85 -9.39 -7.51 13.04
C SER A 85 -9.34 -8.47 11.85
N ALA A 86 -8.73 -8.04 10.75
CA ALA A 86 -8.66 -8.83 9.51
C ALA A 86 -7.31 -9.56 9.37
N GLY A 87 -6.56 -9.65 10.45
CA GLY A 87 -5.30 -10.40 10.45
C GLY A 87 -4.06 -9.52 10.23
N TYR A 88 -4.24 -8.33 9.67
CA TYR A 88 -3.10 -7.43 9.43
C TYR A 88 -2.45 -6.99 10.75
N THR A 89 -1.17 -6.63 10.67
CA THR A 89 -0.37 -6.38 11.88
C THR A 89 -0.26 -4.89 12.22
N VAL A 90 -1.12 -4.40 13.11
CA VAL A 90 -1.11 -2.99 13.50
C VAL A 90 -0.29 -2.77 14.79
N ASN A 91 0.85 -2.09 14.66
CA ASN A 91 1.75 -1.83 15.81
C ASN A 91 2.20 -0.36 15.84
N ASN A 92 2.92 0.03 16.89
CA ASN A 92 3.55 1.36 16.94
C ASN A 92 4.92 1.34 16.24
N SER A 93 5.30 0.18 15.71
CA SER A 93 6.54 0.03 14.94
C SER A 93 6.47 0.77 13.60
N PRO A 94 7.32 1.81 13.41
CA PRO A 94 7.34 2.60 12.16
C PRO A 94 8.12 1.91 11.03
N GLU A 95 8.54 0.66 11.25
CA GLU A 95 9.40 -0.07 10.29
C GLU A 95 8.90 0.06 8.84
N ALA A 96 9.84 0.27 7.91
CA ALA A 96 9.52 0.58 6.51
C ALA A 96 8.59 -0.46 5.86
N GLY A 97 7.89 -0.02 4.81
CA GLY A 97 6.90 -0.88 4.15
C GLY A 97 5.57 -0.94 4.90
N SER A 98 5.26 0.11 5.66
CA SER A 98 4.04 0.14 6.47
C SER A 98 3.23 1.44 6.24
N ILE A 99 2.08 1.52 6.87
CA ILE A 99 1.17 2.67 6.73
C ILE A 99 0.73 3.21 8.09
N LEU A 100 0.89 4.51 8.34
CA LEU A 100 0.50 5.08 9.64
C LEU A 100 -0.85 5.80 9.55
N GLN A 101 -1.68 5.61 10.58
CA GLN A 101 -3.00 6.25 10.65
C GLN A 101 -3.00 7.43 11.62
N SER A 102 -3.13 8.64 11.08
CA SER A 102 -3.09 9.88 11.88
C SER A 102 -4.45 10.23 12.50
N THR A 103 -5.53 9.85 11.82
CA THR A 103 -6.94 10.07 12.28
C THR A 103 -7.35 11.56 12.30
N ALA A 104 -6.39 12.47 12.41
CA ALA A 104 -6.68 13.90 12.58
C ALA A 104 -7.32 14.56 11.33
N GLY A 105 -8.65 14.44 11.22
CA GLY A 105 -9.40 15.19 10.22
C GLY A 105 -9.37 14.59 8.81
N GLY A 106 -10.55 14.53 8.16
CA GLY A 106 -10.63 14.05 6.78
C GLY A 106 -11.03 12.58 6.68
N TYR A 107 -12.11 12.19 7.39
CA TYR A 107 -12.53 10.78 7.45
C TYR A 107 -11.39 9.90 7.98
N GLY A 108 -10.57 10.47 8.85
CA GLY A 108 -9.34 9.82 9.29
C GLY A 108 -8.16 10.28 8.46
N HIS A 109 -7.04 9.56 8.53
CA HIS A 109 -5.88 9.89 7.70
C HIS A 109 -4.83 8.77 7.74
N VAL A 110 -4.31 8.42 6.56
CA VAL A 110 -3.27 7.38 6.44
C VAL A 110 -2.24 7.76 5.37
N ALA A 111 -0.98 7.42 5.61
CA ALA A 111 0.10 7.69 4.64
C ALA A 111 1.11 6.54 4.63
N TYR A 112 1.83 6.40 3.53
CA TYR A 112 2.81 5.31 3.38
C TYR A 112 4.19 5.71 3.89
N VAL A 113 4.77 4.89 4.76
CA VAL A 113 6.10 5.14 5.33
C VAL A 113 7.22 4.87 4.31
N GLU A 114 7.95 5.91 3.95
CA GLU A 114 9.09 5.79 3.04
C GLU A 114 10.30 5.17 3.74
N ASN A 115 10.71 5.77 4.86
CA ASN A 115 11.86 5.28 5.64
C ASN A 115 11.81 5.78 7.10
N VAL A 116 12.62 5.15 7.95
CA VAL A 116 12.73 5.54 9.36
C VAL A 116 14.15 6.03 9.68
N ASN A 117 14.25 7.20 10.30
CA ASN A 117 15.55 7.72 10.72
C ASN A 117 15.95 7.16 12.09
N SER A 118 17.25 6.93 12.31
CA SER A 118 17.75 6.43 13.59
C SER A 118 17.39 7.39 14.75
N ASP A 119 17.14 8.65 14.39
CA ASP A 119 16.68 9.67 15.34
C ASP A 119 15.31 9.31 15.95
N GLY A 120 14.54 8.48 15.23
CA GLY A 120 13.18 8.15 15.64
C GLY A 120 12.14 8.79 14.74
N SER A 121 12.55 9.84 14.04
CA SER A 121 11.67 10.56 13.08
C SER A 121 11.34 9.69 11.86
N VAL A 122 10.08 9.68 11.46
CA VAL A 122 9.60 8.84 10.35
C VAL A 122 9.34 9.68 9.08
N GLU A 123 9.77 9.16 7.93
CA GLU A 123 9.54 9.82 6.64
C GLU A 123 8.33 9.19 5.94
N VAL A 124 7.28 9.98 5.70
CA VAL A 124 6.07 9.48 5.03
C VAL A 124 5.82 10.20 3.70
N SER A 125 5.07 9.55 2.80
CA SER A 125 4.72 10.13 1.50
C SER A 125 3.22 10.46 1.43
N GLU A 126 2.90 11.72 1.15
CA GLU A 126 1.50 12.18 1.12
C GLU A 126 1.18 12.93 -0.18
N MET A 127 -0.09 12.89 -0.58
CA MET A 127 -0.53 13.51 -1.84
C MET A 127 -0.59 15.05 -1.71
N ASN A 128 0.34 15.74 -2.37
CA ASN A 128 0.35 17.21 -2.38
C ASN A 128 -0.60 17.75 -3.46
N TYR A 129 -0.68 17.03 -4.59
CA TYR A 129 -1.62 17.33 -5.68
C TYR A 129 -1.23 18.61 -6.47
N ASN A 130 -0.39 19.46 -5.89
CA ASN A 130 0.04 20.68 -6.56
C ASN A 130 1.13 20.39 -7.61
N GLY A 131 0.93 20.90 -8.83
CA GLY A 131 1.86 20.63 -9.92
C GLY A 131 1.40 19.47 -10.80
N GLY A 132 2.07 18.33 -10.67
CA GLY A 132 1.71 17.14 -11.45
C GLY A 132 0.46 16.42 -10.94
N PRO A 133 -0.13 15.52 -11.75
CA PRO A 133 -1.35 14.78 -11.37
C PRO A 133 -1.16 13.93 -10.09
N PHE A 134 -0.14 13.07 -10.10
CA PHE A 134 0.17 12.22 -8.96
C PHE A 134 1.29 12.83 -8.11
N SER A 135 1.19 14.13 -7.84
CA SER A 135 2.22 14.86 -7.09
C SER A 135 2.26 14.41 -5.62
N VAL A 136 2.98 13.34 -5.34
CA VAL A 136 3.16 12.83 -3.98
C VAL A 136 4.47 13.35 -3.36
N SER A 137 4.35 14.14 -2.28
CA SER A 137 5.53 14.72 -1.61
C SER A 137 5.87 13.99 -0.31
N GLU A 138 6.99 14.35 0.31
CA GLU A 138 7.44 13.72 1.56
C GLU A 138 7.25 14.65 2.77
N ARG A 139 7.15 14.05 3.95
CA ARG A 139 7.16 14.80 5.22
C ARG A 139 7.77 13.94 6.34
N THR A 140 8.75 14.49 7.04
CA THR A 140 9.41 13.79 8.15
C THR A 140 8.86 14.25 9.50
N ILE A 141 8.18 13.35 10.20
CA ILE A 141 7.58 13.67 11.49
C ILE A 141 8.39 13.08 12.65
N SER A 142 8.63 13.90 13.68
CA SER A 142 9.41 13.47 14.86
C SER A 142 8.74 12.32 15.62
N ALA A 143 9.56 11.49 16.30
CA ALA A 143 9.08 10.30 17.00
C ALA A 143 7.91 10.60 17.97
N GLY A 144 8.00 11.73 18.69
CA GLY A 144 6.98 12.11 19.65
C GLY A 144 5.56 12.13 19.06
N GLU A 145 5.43 12.59 17.82
CA GLU A 145 4.13 12.62 17.13
C GLU A 145 3.93 11.37 16.27
N ALA A 146 4.92 11.06 15.42
CA ALA A 146 4.83 9.93 14.49
C ALA A 146 4.52 8.59 15.18
N SER A 147 5.29 8.27 16.22
CA SER A 147 5.16 6.96 16.89
C SER A 147 3.80 6.79 17.59
N SER A 148 3.06 7.88 17.74
CA SER A 148 1.71 7.82 18.32
C SER A 148 0.73 7.18 17.34
N TYR A 149 0.99 7.35 16.06
CA TYR A 149 0.11 6.85 15.00
C TYR A 149 0.18 5.32 14.86
N ASN A 150 -0.91 4.73 14.39
CA ASN A 150 -1.01 3.26 14.23
C ASN A 150 -0.41 2.81 12.88
N TYR A 151 0.65 2.01 12.94
CA TYR A 151 1.30 1.51 11.72
C TYR A 151 0.80 0.11 11.32
N ILE A 152 0.12 0.03 10.18
CA ILE A 152 -0.33 -1.26 9.62
C ILE A 152 0.84 -1.97 8.90
N HIS A 153 1.06 -3.24 9.24
CA HIS A 153 2.13 -4.04 8.63
C HIS A 153 1.55 -5.26 7.91
N LEU A 154 2.25 -5.73 6.88
CA LEU A 154 1.80 -6.86 6.07
C LEU A 154 2.52 -8.15 6.43
N ASN A 155 3.85 -8.06 6.60
CA ASN A 155 4.70 -9.25 6.83
C ASN A 155 4.71 -10.18 5.60
N MET A 1 62.45 -25.27 -3.28
CA MET A 1 61.70 -23.99 -3.20
C MET A 1 60.23 -24.25 -2.83
N LYS A 2 59.37 -23.22 -2.95
CA LYS A 2 57.95 -23.37 -2.59
C LYS A 2 57.17 -24.14 -3.68
N LYS A 3 56.88 -25.41 -3.39
CA LYS A 3 56.12 -26.25 -4.33
C LYS A 3 54.72 -26.61 -3.77
N LEU A 4 54.16 -25.70 -2.98
CA LEU A 4 52.87 -25.94 -2.33
C LEU A 4 51.69 -25.75 -3.32
N VAL A 5 51.26 -26.84 -3.94
CA VAL A 5 50.10 -26.81 -4.84
C VAL A 5 48.79 -26.85 -4.02
N THR A 6 47.75 -26.17 -4.50
CA THR A 6 46.47 -26.09 -3.79
C THR A 6 45.41 -27.05 -4.36
N ALA A 7 45.83 -27.90 -5.30
CA ALA A 7 44.91 -28.80 -6.00
C ALA A 7 44.32 -29.88 -5.08
N THR A 8 43.05 -29.72 -4.73
CA THR A 8 42.28 -30.75 -4.00
C THR A 8 40.80 -30.70 -4.41
N THR A 9 40.19 -31.86 -4.61
CA THR A 9 38.82 -31.94 -5.13
C THR A 9 37.75 -31.79 -4.03
N LEU A 10 36.75 -30.94 -4.32
CA LEU A 10 35.60 -30.73 -3.43
C LEU A 10 34.37 -30.31 -4.24
N THR A 11 33.18 -30.63 -3.74
CA THR A 11 31.93 -30.31 -4.47
C THR A 11 30.69 -30.40 -3.56
N ALA A 12 29.52 -30.12 -4.13
CA ALA A 12 28.25 -30.17 -3.39
C ALA A 12 27.04 -30.24 -4.34
N GLY A 13 25.84 -30.41 -3.79
CA GLY A 13 24.63 -30.46 -4.60
C GLY A 13 24.00 -31.84 -4.68
N ILE A 14 23.00 -32.09 -3.85
CA ILE A 14 22.28 -33.37 -3.86
C ILE A 14 21.11 -33.36 -4.86
N GLY A 15 21.05 -34.38 -5.73
CA GLY A 15 20.00 -34.48 -6.73
C GLY A 15 19.93 -33.27 -7.68
N ALA A 16 18.78 -33.04 -8.29
CA ALA A 16 18.57 -31.91 -9.20
C ALA A 16 17.15 -31.34 -9.08
N ALA A 17 17.04 -30.02 -8.90
CA ALA A 17 15.74 -29.36 -8.76
C ALA A 17 15.06 -29.10 -10.12
N ILE A 18 13.74 -28.95 -10.10
CA ILE A 18 12.96 -28.65 -11.31
C ILE A 18 13.08 -27.16 -11.70
N VAL A 19 13.12 -26.89 -13.00
CA VAL A 19 13.19 -25.50 -13.51
C VAL A 19 11.85 -25.04 -14.10
N GLY A 20 11.29 -23.97 -13.54
CA GLY A 20 10.02 -23.44 -14.04
C GLY A 20 10.21 -22.56 -15.27
N LEU A 21 10.76 -23.15 -16.33
CA LEU A 21 11.10 -22.41 -17.55
C LEU A 21 9.85 -21.78 -18.21
N ASP A 22 9.77 -20.44 -18.16
CA ASP A 22 8.64 -19.70 -18.74
C ASP A 22 8.81 -19.49 -20.26
N HIS A 23 7.69 -19.31 -20.97
CA HIS A 23 7.73 -19.15 -22.44
C HIS A 23 6.85 -17.99 -22.94
N GLY A 24 6.43 -17.09 -22.04
CA GLY A 24 5.64 -15.94 -22.46
C GLY A 24 4.41 -15.67 -21.58
N ASN A 25 4.10 -14.39 -21.39
CA ASN A 25 2.89 -13.95 -20.67
C ASN A 25 2.96 -14.22 -19.15
N GLU A 26 3.90 -15.05 -18.71
CA GLU A 26 4.04 -15.40 -17.29
C GLU A 26 4.33 -14.18 -16.42
N ALA A 27 3.75 -14.15 -15.22
CA ALA A 27 3.91 -13.02 -14.30
C ALA A 27 5.31 -12.96 -13.66
N ASP A 28 5.62 -11.84 -13.03
CA ASP A 28 6.90 -11.66 -12.34
C ASP A 28 6.93 -12.45 -11.02
N ALA A 29 7.46 -13.67 -11.06
CA ALA A 29 7.45 -14.55 -9.88
C ALA A 29 8.87 -14.83 -9.35
N ALA A 30 9.16 -14.33 -8.15
CA ALA A 30 10.44 -14.59 -7.48
C ALA A 30 10.22 -14.91 -5.99
N GLU A 31 10.53 -16.15 -5.59
CA GLU A 31 10.30 -16.60 -4.22
C GLU A 31 11.42 -16.17 -3.26
N GLN A 32 12.55 -15.74 -3.83
CA GLN A 32 13.72 -15.31 -3.05
C GLN A 32 13.36 -14.17 -2.09
N THR A 33 13.38 -14.46 -0.79
CA THR A 33 13.14 -13.44 0.24
C THR A 33 13.84 -13.82 1.56
N GLN A 34 14.02 -12.83 2.42
CA GLN A 34 14.60 -13.05 3.75
C GLN A 34 13.53 -12.79 4.84
N PRO A 35 13.01 -13.87 5.47
CA PRO A 35 11.89 -13.76 6.42
C PRO A 35 12.25 -13.06 7.74
N THR A 36 12.03 -11.74 7.79
CA THR A 36 12.10 -10.98 9.05
C THR A 36 10.83 -11.23 9.87
N ASN A 37 9.74 -11.51 9.17
CA ASN A 37 8.46 -11.85 9.79
C ASN A 37 8.36 -13.37 10.02
N GLN A 38 7.62 -13.77 11.05
CA GLN A 38 7.44 -15.19 11.36
C GLN A 38 6.51 -15.88 10.35
N SER A 39 6.82 -17.14 10.03
CA SER A 39 6.06 -17.90 9.02
C SER A 39 4.65 -18.25 9.50
N THR A 40 3.64 -17.71 8.82
CA THR A 40 2.24 -17.96 9.17
C THR A 40 1.32 -17.83 7.95
N THR A 41 0.23 -18.58 7.95
CA THR A 41 -0.78 -18.50 6.88
C THR A 41 -2.20 -18.58 7.49
N GLN A 42 -3.11 -17.75 7.01
CA GLN A 42 -4.42 -17.61 7.64
C GLN A 42 -5.47 -16.98 6.70
N SER A 43 -6.53 -16.42 7.28
CA SER A 43 -7.67 -15.89 6.51
C SER A 43 -7.41 -14.49 5.92
N THR A 44 -6.15 -14.19 5.58
CA THR A 44 -5.81 -12.89 4.99
C THR A 44 -6.38 -12.73 3.57
N SER A 45 -7.51 -12.04 3.45
CA SER A 45 -8.18 -11.87 2.14
C SER A 45 -8.52 -10.40 1.86
N GLY A 46 -7.49 -9.60 1.57
CA GLY A 46 -7.69 -8.19 1.26
C GLY A 46 -8.04 -7.96 -0.22
N SER A 47 -8.57 -6.77 -0.53
CA SER A 47 -8.89 -6.40 -1.91
C SER A 47 -7.62 -6.17 -2.75
N SER A 48 -7.74 -6.35 -4.06
CA SER A 48 -6.61 -6.17 -4.98
C SER A 48 -6.59 -4.76 -5.58
N ALA A 49 -7.62 -4.43 -6.35
CA ALA A 49 -7.71 -3.15 -7.08
C ALA A 49 -8.09 -1.97 -6.17
N ASN A 50 -8.03 -0.76 -6.73
CA ASN A 50 -8.38 0.47 -6.01
C ASN A 50 -9.90 0.68 -5.95
N LEU A 51 -10.51 0.41 -4.80
CA LEU A 51 -11.95 0.61 -4.63
C LEU A 51 -12.32 2.08 -4.37
N TYR A 52 -11.34 2.89 -3.99
CA TYR A 52 -11.57 4.32 -3.71
C TYR A 52 -11.58 5.16 -5.00
N THR A 53 -11.58 6.48 -4.85
CA THR A 53 -11.60 7.40 -5.99
C THR A 53 -10.33 8.28 -6.05
N ALA A 54 -9.99 8.73 -7.25
CA ALA A 54 -8.79 9.58 -7.44
C ALA A 54 -8.90 10.90 -6.65
N GLY A 55 -8.35 10.90 -5.44
CA GLY A 55 -8.38 12.09 -4.59
C GLY A 55 -8.21 11.76 -3.10
N GLN A 56 -8.86 10.68 -2.66
CA GLN A 56 -8.77 10.25 -1.26
C GLN A 56 -7.32 9.86 -0.88
N CYS A 57 -6.93 10.16 0.35
CA CYS A 57 -5.57 9.81 0.82
C CYS A 57 -5.34 8.30 0.79
N THR A 58 -6.39 7.55 1.10
CA THR A 58 -6.35 6.09 1.07
C THR A 58 -6.15 5.54 -0.36
N TRP A 59 -6.39 6.40 -1.35
CA TRP A 59 -6.25 6.01 -2.77
C TRP A 59 -4.77 5.92 -3.20
N TYR A 60 -4.04 7.04 -3.12
CA TYR A 60 -2.65 7.08 -3.59
C TYR A 60 -1.69 6.30 -2.67
N VAL A 61 -1.99 6.25 -1.36
CA VAL A 61 -1.19 5.44 -0.44
C VAL A 61 -1.31 3.95 -0.80
N TYR A 62 -2.47 3.56 -1.32
CA TYR A 62 -2.71 2.19 -1.76
C TYR A 62 -1.68 1.76 -2.83
N ASP A 63 -1.36 2.68 -3.73
CA ASP A 63 -0.38 2.41 -4.79
C ASP A 63 1.05 2.30 -4.21
N LYS A 64 1.35 3.12 -3.21
CA LYS A 64 2.67 3.10 -2.55
C LYS A 64 3.01 1.70 -1.99
N VAL A 65 1.97 0.99 -1.55
CA VAL A 65 2.12 -0.38 -1.03
C VAL A 65 1.68 -1.43 -2.07
N GLY A 66 1.55 -0.99 -3.33
CA GLY A 66 1.17 -1.90 -4.41
C GLY A 66 -0.28 -2.40 -4.34
N GLY A 67 -0.99 -1.98 -3.30
CA GLY A 67 -2.36 -2.45 -3.09
C GLY A 67 -2.43 -3.77 -2.33
N ASN A 68 -1.30 -4.22 -1.78
CA ASN A 68 -1.20 -5.52 -1.09
C ASN A 68 -1.79 -5.47 0.34
N ILE A 69 -2.87 -4.73 0.53
CA ILE A 69 -3.50 -4.58 1.85
C ILE A 69 -5.03 -4.74 1.81
N GLY A 70 -5.67 -4.16 0.78
CA GLY A 70 -7.13 -4.22 0.69
C GLY A 70 -7.80 -2.87 0.88
N SER A 71 -8.18 -2.23 -0.23
CA SER A 71 -8.81 -0.90 -0.19
C SER A 71 -10.30 -0.97 0.15
N THR A 72 -10.65 -1.79 1.13
CA THR A 72 -12.07 -2.02 1.50
C THR A 72 -12.33 -1.77 3.00
N TRP A 73 -11.42 -1.04 3.65
CA TRP A 73 -11.49 -0.83 5.11
C TRP A 73 -12.28 0.45 5.49
N GLY A 74 -12.97 1.04 4.52
CA GLY A 74 -13.77 2.24 4.80
C GLY A 74 -12.93 3.51 4.92
N ASN A 75 -13.33 4.41 5.82
CA ASN A 75 -12.60 5.66 6.04
C ASN A 75 -11.22 5.38 6.67
N ALA A 76 -10.25 6.27 6.41
CA ALA A 76 -8.88 6.10 6.89
C ALA A 76 -8.81 5.84 8.41
N ASN A 77 -9.67 6.51 9.19
CA ASN A 77 -9.70 6.32 10.64
C ASN A 77 -10.05 4.87 11.04
N ASN A 78 -10.77 4.17 10.17
CA ASN A 78 -11.19 2.79 10.45
C ASN A 78 -10.21 1.77 9.86
N TRP A 79 -9.22 2.24 9.10
CA TRP A 79 -8.23 1.35 8.46
C TRP A 79 -7.54 0.42 9.46
N ALA A 80 -6.91 0.99 10.48
CA ALA A 80 -6.21 0.20 11.50
C ALA A 80 -7.16 -0.74 12.25
N SER A 81 -8.35 -0.23 12.57
CA SER A 81 -9.38 -1.02 13.27
C SER A 81 -9.89 -2.20 12.41
N ALA A 82 -9.98 -1.97 11.10
CA ALA A 82 -10.44 -3.01 10.17
C ALA A 82 -9.35 -4.05 9.88
N ALA A 83 -8.13 -3.57 9.61
CA ALA A 83 -6.97 -4.44 9.37
C ALA A 83 -6.77 -5.45 10.51
N SER A 84 -6.65 -4.94 11.73
CA SER A 84 -6.49 -5.78 12.92
C SER A 84 -7.64 -6.78 13.06
N SER A 85 -8.88 -6.27 12.97
CA SER A 85 -10.08 -7.12 13.04
C SER A 85 -10.19 -8.10 11.86
N ALA A 86 -9.41 -7.85 10.80
CA ALA A 86 -9.37 -8.75 9.64
C ALA A 86 -8.21 -9.76 9.74
N GLY A 87 -7.49 -9.73 10.87
CA GLY A 87 -6.38 -10.64 11.10
C GLY A 87 -5.03 -10.08 10.67
N TYR A 88 -5.03 -8.89 10.08
CA TYR A 88 -3.78 -8.23 9.64
C TYR A 88 -3.00 -7.66 10.82
N THR A 89 -1.76 -7.24 10.56
CA THR A 89 -0.82 -6.85 11.62
C THR A 89 -0.76 -5.33 11.82
N VAL A 90 -1.50 -4.83 12.80
CA VAL A 90 -1.46 -3.41 13.15
C VAL A 90 -0.61 -3.19 14.42
N ASN A 91 0.68 -2.92 14.22
CA ASN A 91 1.60 -2.69 15.33
C ASN A 91 2.22 -1.29 15.25
N ASN A 92 2.33 -0.62 16.40
CA ASN A 92 2.76 0.78 16.43
C ASN A 92 4.27 0.97 16.23
N SER A 93 4.98 -0.07 15.79
CA SER A 93 6.38 0.06 15.38
C SER A 93 6.49 0.96 14.14
N PRO A 94 7.12 2.14 14.27
CA PRO A 94 7.14 3.17 13.20
C PRO A 94 8.18 2.90 12.10
N GLU A 95 8.61 1.65 11.94
CA GLU A 95 9.65 1.32 10.95
C GLU A 95 9.13 1.34 9.50
N ALA A 96 10.07 1.46 8.56
CA ALA A 96 9.74 1.60 7.13
C ALA A 96 8.95 0.39 6.58
N GLY A 97 8.32 0.60 5.42
CA GLY A 97 7.54 -0.46 4.80
C GLY A 97 6.21 -0.72 5.49
N SER A 98 5.54 0.36 5.90
CA SER A 98 4.25 0.26 6.59
C SER A 98 3.40 1.51 6.35
N ILE A 99 2.11 1.44 6.69
CA ILE A 99 1.21 2.59 6.56
C ILE A 99 0.77 3.09 7.94
N LEU A 100 1.00 4.37 8.24
CA LEU A 100 0.59 4.91 9.54
C LEU A 100 -0.87 5.42 9.48
N GLN A 101 -1.63 5.15 10.53
CA GLN A 101 -3.05 5.53 10.58
C GLN A 101 -3.27 6.61 11.65
N SER A 102 -3.56 7.84 11.20
CA SER A 102 -3.80 8.97 12.09
C SER A 102 -5.29 9.34 12.17
N THR A 103 -5.78 9.55 13.38
CA THR A 103 -7.20 9.85 13.61
C THR A 103 -7.40 11.29 14.14
N ALA A 104 -6.42 12.15 13.88
CA ALA A 104 -6.47 13.54 14.35
C ALA A 104 -7.60 14.34 13.70
N GLY A 105 -7.65 14.34 12.36
CA GLY A 105 -8.69 15.07 11.66
C GLY A 105 -8.99 14.53 10.26
N GLY A 106 -9.90 15.19 9.54
CA GLY A 106 -10.26 14.78 8.19
C GLY A 106 -10.83 13.38 8.11
N TYR A 107 -11.51 12.94 9.18
CA TYR A 107 -12.05 11.58 9.26
C TYR A 107 -10.95 10.51 9.10
N GLY A 108 -9.73 10.88 9.48
CA GLY A 108 -8.61 9.95 9.42
C GLY A 108 -7.70 10.21 8.24
N HIS A 109 -6.42 9.85 8.38
CA HIS A 109 -5.45 10.04 7.32
C HIS A 109 -4.35 8.96 7.37
N VAL A 110 -3.90 8.53 6.19
CA VAL A 110 -2.87 7.49 6.09
C VAL A 110 -1.77 7.89 5.07
N ALA A 111 -0.57 7.34 5.28
CA ALA A 111 0.56 7.54 4.35
C ALA A 111 1.57 6.40 4.46
N TYR A 112 2.40 6.22 3.44
CA TYR A 112 3.34 5.10 3.41
C TYR A 112 4.73 5.52 3.93
N VAL A 113 5.24 4.78 4.91
CA VAL A 113 6.55 5.06 5.51
C VAL A 113 7.70 4.63 4.59
N GLU A 114 8.38 5.62 4.01
CA GLU A 114 9.52 5.38 3.11
C GLU A 114 10.79 5.04 3.89
N ASN A 115 11.10 5.86 4.90
CA ASN A 115 12.32 5.67 5.70
C ASN A 115 12.15 6.27 7.11
N VAL A 116 12.90 5.75 8.08
CA VAL A 116 12.85 6.25 9.46
C VAL A 116 14.22 6.71 9.94
N ASN A 117 14.38 8.02 10.13
CA ASN A 117 15.66 8.59 10.57
C ASN A 117 16.04 8.13 11.99
N SER A 118 17.28 7.67 12.16
CA SER A 118 17.78 7.24 13.48
C SER A 118 17.73 8.37 14.51
N ASP A 119 17.65 9.61 14.04
CA ASP A 119 17.50 10.78 14.91
C ASP A 119 16.12 10.81 15.59
N GLY A 120 15.18 10.02 15.07
CA GLY A 120 13.84 9.96 15.65
C GLY A 120 12.78 10.66 14.81
N SER A 121 12.65 10.23 13.54
CA SER A 121 11.67 10.84 12.62
C SER A 121 11.20 9.82 11.58
N VAL A 122 9.90 9.80 11.32
CA VAL A 122 9.30 8.91 10.32
C VAL A 122 8.98 9.67 9.03
N GLU A 123 9.64 9.30 7.94
CA GLU A 123 9.44 9.93 6.63
C GLU A 123 8.33 9.21 5.84
N VAL A 124 7.15 9.82 5.77
CA VAL A 124 6.01 9.23 5.06
C VAL A 124 5.71 9.98 3.75
N SER A 125 5.52 9.23 2.67
CA SER A 125 5.22 9.81 1.36
C SER A 125 3.71 9.99 1.15
N GLU A 126 3.26 11.24 1.06
CA GLU A 126 1.85 11.55 0.85
C GLU A 126 1.65 12.56 -0.29
N MET A 127 0.53 12.44 -1.00
CA MET A 127 0.17 13.42 -2.03
C MET A 127 -0.49 14.65 -1.40
N ASN A 128 0.24 15.75 -1.38
CA ASN A 128 -0.25 17.01 -0.78
C ASN A 128 -1.02 17.85 -1.80
N TYR A 129 -0.78 17.58 -3.08
CA TYR A 129 -1.42 18.28 -4.19
C TYR A 129 -1.13 19.80 -4.11
N ASN A 130 0.15 20.15 -4.24
CA ASN A 130 0.57 21.56 -4.18
C ASN A 130 0.32 22.26 -5.53
N GLY A 131 1.02 21.79 -6.58
CA GLY A 131 0.85 22.37 -7.91
C GLY A 131 0.52 21.34 -8.99
N GLY A 132 1.34 20.30 -9.08
CA GLY A 132 1.12 19.25 -10.08
C GLY A 132 0.00 18.28 -9.71
N PRO A 133 -0.74 17.73 -10.70
CA PRO A 133 -1.86 16.81 -10.46
C PRO A 133 -1.45 15.52 -9.72
N PHE A 134 -0.14 15.25 -9.69
CA PHE A 134 0.41 14.07 -9.00
C PHE A 134 1.41 14.50 -7.90
N SER A 135 1.21 15.73 -7.39
CA SER A 135 2.12 16.32 -6.40
C SER A 135 2.24 15.49 -5.11
N VAL A 136 3.29 14.67 -5.02
CA VAL A 136 3.56 13.88 -3.81
C VAL A 136 4.73 14.49 -3.03
N SER A 137 4.51 14.74 -1.74
CA SER A 137 5.53 15.31 -0.85
C SER A 137 5.98 14.30 0.21
N GLU A 138 7.29 14.22 0.44
CA GLU A 138 7.84 13.32 1.45
C GLU A 138 7.75 13.99 2.83
N ARG A 139 6.71 13.65 3.58
CA ARG A 139 6.39 14.30 4.85
C ARG A 139 7.18 13.71 6.03
N THR A 140 8.17 14.45 6.53
CA THR A 140 8.97 14.01 7.68
C THR A 140 8.32 14.41 9.00
N ILE A 141 7.86 13.41 9.77
CA ILE A 141 7.19 13.64 11.05
C ILE A 141 8.05 13.14 12.24
N SER A 142 8.08 13.92 13.33
CA SER A 142 8.81 13.51 14.54
C SER A 142 8.28 12.18 15.10
N ALA A 143 9.19 11.27 15.45
CA ALA A 143 8.81 9.94 15.95
C ALA A 143 7.94 10.03 17.22
N GLY A 144 8.22 11.01 18.08
CA GLY A 144 7.41 11.22 19.28
C GLY A 144 5.92 11.34 18.98
N GLU A 145 5.58 12.24 18.04
CA GLU A 145 4.20 12.41 17.57
C GLU A 145 3.73 11.16 16.79
N ALA A 146 4.60 10.67 15.91
CA ALA A 146 4.29 9.54 15.03
C ALA A 146 3.95 8.25 15.79
N SER A 147 4.54 8.07 16.98
CA SER A 147 4.36 6.85 17.78
C SER A 147 2.87 6.61 18.14
N SER A 148 2.06 7.66 18.15
CA SER A 148 0.63 7.54 18.48
C SER A 148 -0.17 6.94 17.32
N TYR A 149 0.38 7.00 16.12
CA TYR A 149 -0.31 6.50 14.92
C TYR A 149 -0.13 4.99 14.77
N ASN A 150 -1.13 4.31 14.21
CA ASN A 150 -1.10 2.85 14.08
C ASN A 150 -0.51 2.43 12.73
N TYR A 151 0.58 1.65 12.75
CA TYR A 151 1.26 1.24 11.52
C TYR A 151 0.85 -0.18 11.07
N ILE A 152 0.32 -0.29 9.86
CA ILE A 152 -0.04 -1.57 9.27
C ILE A 152 1.19 -2.25 8.64
N HIS A 153 1.53 -3.45 9.11
CA HIS A 153 2.69 -4.20 8.61
C HIS A 153 2.23 -5.49 7.91
N LEU A 154 2.98 -5.91 6.88
CA LEU A 154 2.60 -7.09 6.09
C LEU A 154 3.55 -8.27 6.30
N ASN A 155 3.02 -9.37 6.85
CA ASN A 155 3.79 -10.62 6.97
C ASN A 155 3.69 -11.43 5.67
N MET A 1 34.41 -51.41 58.50
CA MET A 1 33.05 -51.94 58.80
C MET A 1 32.44 -52.63 57.57
N LYS A 2 31.49 -53.53 57.81
CA LYS A 2 30.80 -54.25 56.73
C LYS A 2 29.97 -53.28 55.86
N LYS A 3 30.57 -52.79 54.78
CA LYS A 3 29.92 -51.81 53.91
C LYS A 3 29.81 -52.31 52.46
N LEU A 4 28.58 -52.40 51.96
CA LEU A 4 28.34 -52.78 50.57
C LEU A 4 28.56 -51.58 49.64
N VAL A 5 29.75 -51.49 49.06
CA VAL A 5 30.09 -50.36 48.18
C VAL A 5 29.41 -50.47 46.81
N THR A 6 28.38 -49.66 46.61
CA THR A 6 27.63 -49.62 45.35
C THR A 6 26.93 -48.27 45.16
N ALA A 7 27.00 -47.72 43.96
CA ALA A 7 26.46 -46.38 43.69
C ALA A 7 25.28 -46.43 42.71
N THR A 8 24.09 -46.05 43.19
CA THR A 8 22.89 -45.98 42.34
C THR A 8 23.07 -44.95 41.22
N THR A 9 23.62 -45.39 40.10
CA THR A 9 23.97 -44.50 38.99
C THR A 9 23.02 -44.69 37.80
N LEU A 10 22.55 -43.58 37.23
CA LEU A 10 21.62 -43.62 36.09
C LEU A 10 22.07 -42.72 34.94
N THR A 11 21.31 -42.72 33.85
CA THR A 11 21.59 -41.85 32.69
C THR A 11 20.32 -41.64 31.84
N ALA A 12 20.22 -40.49 31.18
CA ALA A 12 19.03 -40.14 30.38
C ALA A 12 19.31 -40.20 28.87
N GLY A 13 18.27 -39.92 28.07
CA GLY A 13 18.42 -39.96 26.61
C GLY A 13 18.27 -41.38 26.04
N ILE A 14 17.28 -41.58 25.18
CA ILE A 14 17.02 -42.92 24.61
C ILE A 14 16.07 -42.90 23.38
N GLY A 15 15.00 -42.10 23.45
CA GLY A 15 13.96 -42.17 22.42
C GLY A 15 13.73 -40.85 21.65
N ALA A 16 13.02 -40.95 20.53
CA ALA A 16 12.74 -39.77 19.68
C ALA A 16 11.51 -40.02 18.78
N ALA A 17 10.91 -38.95 18.26
CA ALA A 17 9.67 -39.06 17.45
C ALA A 17 9.92 -38.78 15.96
N ILE A 18 8.96 -39.19 15.12
CA ILE A 18 9.04 -38.99 13.66
C ILE A 18 8.55 -37.57 13.27
N VAL A 19 8.99 -37.06 12.12
CA VAL A 19 8.62 -35.71 11.67
C VAL A 19 7.39 -35.69 10.75
N GLY A 20 7.51 -36.27 9.55
CA GLY A 20 6.43 -36.19 8.58
C GLY A 20 6.25 -34.79 8.00
N LEU A 21 7.12 -34.42 7.07
CA LEU A 21 7.14 -33.04 6.52
C LEU A 21 6.36 -32.98 5.20
N ASP A 22 5.50 -31.96 5.06
CA ASP A 22 4.73 -31.77 3.82
C ASP A 22 5.57 -31.06 2.75
N HIS A 23 6.30 -31.84 1.94
CA HIS A 23 7.17 -31.29 0.90
C HIS A 23 7.38 -32.28 -0.25
N GLY A 24 7.15 -31.81 -1.47
CA GLY A 24 7.36 -32.63 -2.66
C GLY A 24 8.81 -32.62 -3.15
N ASN A 25 9.18 -31.62 -3.93
CA ASN A 25 10.54 -31.50 -4.47
C ASN A 25 11.00 -30.03 -4.53
N GLU A 26 10.40 -29.25 -5.43
CA GLU A 26 10.79 -27.83 -5.63
C GLU A 26 9.57 -26.91 -5.62
N ALA A 27 9.79 -25.61 -5.38
CA ALA A 27 8.71 -24.63 -5.32
C ALA A 27 9.24 -23.18 -5.31
N ASP A 28 9.09 -22.49 -6.46
CA ASP A 28 9.47 -21.08 -6.57
C ASP A 28 8.84 -20.45 -7.83
N ALA A 29 8.45 -19.17 -7.75
CA ALA A 29 7.81 -18.47 -8.86
C ALA A 29 7.91 -16.95 -8.69
N ALA A 30 7.94 -16.22 -9.80
CA ALA A 30 8.10 -14.75 -9.78
C ALA A 30 6.82 -14.03 -9.33
N GLU A 31 5.72 -14.75 -9.21
CA GLU A 31 4.43 -14.15 -8.80
C GLU A 31 4.21 -14.26 -7.28
N GLN A 32 5.07 -15.02 -6.61
CA GLN A 32 4.87 -15.36 -5.19
C GLN A 32 5.42 -14.27 -4.25
N THR A 33 5.21 -14.47 -2.96
CA THR A 33 5.70 -13.55 -1.93
C THR A 33 7.15 -13.89 -1.51
N GLN A 34 7.98 -12.86 -1.35
CA GLN A 34 9.38 -13.04 -0.91
C GLN A 34 9.93 -11.76 -0.27
N PRO A 35 9.65 -11.53 1.02
CA PRO A 35 10.14 -10.38 1.78
C PRO A 35 11.39 -10.70 2.61
N THR A 36 11.99 -9.66 3.20
CA THR A 36 13.14 -9.84 4.12
C THR A 36 12.67 -10.44 5.46
N ASN A 37 11.40 -10.21 5.80
CA ASN A 37 10.83 -10.72 7.05
C ASN A 37 10.65 -12.25 7.02
N GLN A 38 11.46 -12.95 7.80
CA GLN A 38 11.35 -14.40 7.93
C GLN A 38 10.59 -14.75 9.23
N SER A 39 9.26 -14.71 9.15
CA SER A 39 8.40 -14.83 10.35
C SER A 39 7.57 -16.13 10.35
N THR A 40 6.75 -16.30 11.40
CA THR A 40 5.91 -17.50 11.55
C THR A 40 4.45 -17.15 11.93
N THR A 41 4.03 -15.92 11.62
CA THR A 41 2.69 -15.44 12.00
C THR A 41 1.68 -15.56 10.85
N GLN A 42 0.46 -15.07 11.06
CA GLN A 42 -0.60 -15.17 10.03
C GLN A 42 -0.29 -14.33 8.77
N SER A 43 -0.78 -14.82 7.62
CA SER A 43 -0.60 -14.14 6.33
C SER A 43 -1.95 -14.08 5.58
N THR A 44 -2.14 -13.03 4.78
CA THR A 44 -3.42 -12.81 4.08
C THR A 44 -3.24 -12.71 2.56
N SER A 45 -4.37 -12.78 1.83
CA SER A 45 -4.37 -12.56 0.38
C SER A 45 -4.76 -11.12 0.06
N GLY A 46 -3.92 -10.42 -0.72
CA GLY A 46 -4.15 -9.00 -0.98
C GLY A 46 -5.08 -8.70 -2.15
N SER A 47 -5.17 -7.42 -2.50
CA SER A 47 -6.03 -6.96 -3.61
C SER A 47 -5.20 -6.13 -4.61
N SER A 48 -5.83 -5.60 -5.65
CA SER A 48 -5.09 -4.87 -6.70
C SER A 48 -5.89 -3.75 -7.37
N ALA A 49 -7.03 -3.36 -6.78
CA ALA A 49 -7.88 -2.32 -7.38
C ALA A 49 -8.18 -1.17 -6.41
N ASN A 50 -7.74 0.05 -6.76
CA ASN A 50 -8.02 1.24 -5.94
C ASN A 50 -9.47 1.72 -6.17
N LEU A 51 -10.40 1.16 -5.39
CA LEU A 51 -11.83 1.52 -5.52
C LEU A 51 -12.20 2.74 -4.65
N TYR A 52 -11.41 3.82 -4.77
CA TYR A 52 -11.64 5.04 -3.99
C TYR A 52 -11.97 6.23 -4.91
N THR A 53 -11.80 7.45 -4.40
CA THR A 53 -12.01 8.66 -5.21
C THR A 53 -10.71 9.46 -5.37
N ALA A 54 -10.54 10.07 -6.54
CA ALA A 54 -9.29 10.79 -6.87
C ALA A 54 -9.14 12.07 -6.03
N GLY A 55 -8.57 11.94 -4.83
CA GLY A 55 -8.36 13.09 -3.96
C GLY A 55 -8.15 12.72 -2.50
N GLN A 56 -8.75 11.62 -2.07
CA GLN A 56 -8.64 11.19 -0.66
C GLN A 56 -7.30 10.50 -0.37
N CYS A 57 -6.85 10.60 0.88
CA CYS A 57 -5.54 10.06 1.30
C CYS A 57 -5.40 8.57 0.97
N THR A 58 -6.48 7.81 1.19
CA THR A 58 -6.47 6.36 0.96
C THR A 58 -6.23 6.01 -0.52
N TRP A 59 -6.55 6.95 -1.41
CA TRP A 59 -6.43 6.75 -2.86
C TRP A 59 -4.98 6.45 -3.29
N TYR A 60 -4.02 7.26 -2.81
CA TYR A 60 -2.61 7.07 -3.19
C TYR A 60 -1.94 5.96 -2.37
N VAL A 61 -2.27 5.88 -1.07
CA VAL A 61 -1.64 4.88 -0.19
C VAL A 61 -1.87 3.45 -0.70
N TYR A 62 -3.09 3.18 -1.17
CA TYR A 62 -3.47 1.86 -1.66
C TYR A 62 -2.51 1.40 -2.79
N ASP A 63 -2.12 2.35 -3.65
CA ASP A 63 -1.18 2.05 -4.74
C ASP A 63 0.26 1.97 -4.22
N LYS A 64 0.60 2.87 -3.29
CA LYS A 64 1.93 2.91 -2.67
C LYS A 64 2.33 1.55 -2.07
N VAL A 65 1.39 0.91 -1.37
CA VAL A 65 1.64 -0.38 -0.74
C VAL A 65 1.54 -1.55 -1.74
N GLY A 66 0.82 -1.32 -2.84
CA GLY A 66 0.66 -2.36 -3.86
C GLY A 66 -0.74 -3.00 -3.87
N GLY A 67 -1.68 -2.42 -3.13
CA GLY A 67 -3.05 -2.93 -3.11
C GLY A 67 -3.27 -4.10 -2.14
N ASN A 68 -2.18 -4.72 -1.69
CA ASN A 68 -2.27 -5.88 -0.80
C ASN A 68 -2.59 -5.49 0.65
N ILE A 69 -3.80 -5.01 0.87
CA ILE A 69 -4.27 -4.63 2.22
C ILE A 69 -5.78 -4.88 2.39
N GLY A 70 -6.59 -4.31 1.50
CA GLY A 70 -8.03 -4.53 1.55
C GLY A 70 -8.85 -3.29 1.19
N SER A 71 -9.38 -3.26 -0.03
CA SER A 71 -10.21 -2.13 -0.49
C SER A 71 -11.41 -1.88 0.44
N THR A 72 -11.87 -2.93 1.12
CA THR A 72 -13.04 -2.84 2.02
C THR A 72 -12.81 -1.88 3.21
N TRP A 73 -11.56 -1.54 3.49
CA TRP A 73 -11.23 -0.64 4.60
C TRP A 73 -11.86 0.75 4.40
N GLY A 74 -11.78 1.26 3.17
CA GLY A 74 -12.43 2.52 2.84
C GLY A 74 -11.84 3.74 3.54
N ASN A 75 -12.42 4.10 4.69
CA ASN A 75 -12.03 5.31 5.42
C ASN A 75 -10.73 5.11 6.22
N ALA A 76 -9.87 6.12 6.21
CA ALA A 76 -8.56 6.05 6.88
C ALA A 76 -8.70 5.80 8.40
N ASN A 77 -9.81 6.27 8.98
CA ASN A 77 -10.08 6.04 10.41
C ASN A 77 -10.34 4.56 10.73
N ASN A 78 -10.64 3.78 9.69
CA ASN A 78 -10.95 2.35 9.84
C ASN A 78 -9.71 1.45 9.64
N TRP A 79 -8.81 1.88 8.74
CA TRP A 79 -7.67 1.05 8.30
C TRP A 79 -7.04 0.16 9.39
N ALA A 80 -6.46 0.76 10.44
CA ALA A 80 -5.79 -0.01 11.50
C ALA A 80 -6.75 -1.02 12.18
N SER A 81 -7.99 -0.60 12.41
CA SER A 81 -9.00 -1.46 13.06
C SER A 81 -9.39 -2.63 12.15
N ALA A 82 -9.62 -2.34 10.87
CA ALA A 82 -9.98 -3.36 9.89
C ALA A 82 -8.81 -4.33 9.64
N ALA A 83 -7.59 -3.79 9.64
CA ALA A 83 -6.37 -4.60 9.51
C ALA A 83 -6.26 -5.61 10.65
N SER A 84 -6.22 -5.11 11.88
CA SER A 84 -6.11 -5.97 13.07
C SER A 84 -7.27 -6.97 13.15
N SER A 85 -8.45 -6.56 12.67
CA SER A 85 -9.63 -7.43 12.62
C SER A 85 -9.51 -8.52 11.55
N ALA A 86 -9.01 -8.15 10.37
CA ALA A 86 -8.92 -9.08 9.23
C ALA A 86 -7.76 -10.08 9.37
N GLY A 87 -6.90 -9.87 10.36
CA GLY A 87 -5.79 -10.79 10.60
C GLY A 87 -4.42 -10.18 10.28
N TYR A 88 -4.41 -8.87 9.99
CA TYR A 88 -3.15 -8.17 9.70
C TYR A 88 -2.41 -7.79 10.98
N THR A 89 -1.16 -7.36 10.82
CA THR A 89 -0.28 -7.06 11.96
C THR A 89 -0.12 -5.54 12.16
N VAL A 90 -0.83 -4.99 13.14
CA VAL A 90 -0.76 -3.55 13.43
C VAL A 90 0.04 -3.28 14.72
N ASN A 91 1.21 -2.68 14.57
CA ASN A 91 2.03 -2.28 15.72
C ASN A 91 2.51 -0.83 15.56
N ASN A 92 2.70 -0.13 16.68
CA ASN A 92 3.13 1.27 16.66
C ASN A 92 4.63 1.42 16.34
N SER A 93 5.25 0.34 15.89
CA SER A 93 6.67 0.36 15.49
C SER A 93 6.86 1.09 14.16
N PRO A 94 7.61 2.21 14.15
CA PRO A 94 7.89 2.97 12.92
C PRO A 94 8.84 2.21 11.98
N GLU A 95 8.28 1.65 10.92
CA GLU A 95 9.04 0.78 10.01
C GLU A 95 8.82 1.18 8.53
N ALA A 96 9.90 1.22 7.76
CA ALA A 96 9.82 1.56 6.33
C ALA A 96 9.07 0.48 5.54
N GLY A 97 7.97 0.88 4.88
CA GLY A 97 7.14 -0.08 4.15
C GLY A 97 5.81 -0.37 4.85
N SER A 98 5.44 0.46 5.82
CA SER A 98 4.17 0.30 6.53
C SER A 98 3.29 1.55 6.37
N ILE A 99 2.03 1.45 6.79
CA ILE A 99 1.10 2.59 6.71
C ILE A 99 0.73 3.08 8.11
N LEU A 100 0.97 4.37 8.39
CA LEU A 100 0.62 4.93 9.70
C LEU A 100 -0.77 5.57 9.68
N GLN A 101 -1.57 5.27 10.71
CA GLN A 101 -2.92 5.83 10.82
C GLN A 101 -2.93 7.09 11.69
N SER A 102 -3.21 8.24 11.08
CA SER A 102 -3.24 9.53 11.79
C SER A 102 -4.66 9.89 12.25
N THR A 103 -5.68 9.24 11.66
CA THR A 103 -7.11 9.48 11.99
C THR A 103 -7.49 10.98 12.03
N ALA A 104 -6.69 11.82 11.37
CA ALA A 104 -6.89 13.28 11.41
C ALA A 104 -8.12 13.74 10.62
N GLY A 105 -9.19 14.10 11.34
CA GLY A 105 -10.34 14.77 10.73
C GLY A 105 -11.37 13.83 10.08
N GLY A 106 -12.44 13.52 10.81
CA GLY A 106 -13.59 12.80 10.25
C GLY A 106 -13.23 11.48 9.56
N TYR A 107 -12.87 11.57 8.28
CA TYR A 107 -12.51 10.38 7.49
C TYR A 107 -11.16 9.79 7.96
N GLY A 108 -10.31 10.66 8.50
CA GLY A 108 -9.01 10.24 8.96
C GLY A 108 -7.89 10.50 7.96
N HIS A 109 -6.66 10.19 8.36
CA HIS A 109 -5.49 10.36 7.49
C HIS A 109 -4.55 9.15 7.57
N VAL A 110 -3.97 8.79 6.42
CA VAL A 110 -3.00 7.69 6.33
C VAL A 110 -1.95 7.99 5.26
N ALA A 111 -0.72 7.54 5.48
CA ALA A 111 0.37 7.74 4.51
C ALA A 111 1.32 6.54 4.47
N TYR A 112 2.10 6.43 3.41
CA TYR A 112 3.06 5.33 3.25
C TYR A 112 4.45 5.71 3.78
N VAL A 113 4.96 4.93 4.73
CA VAL A 113 6.27 5.20 5.32
C VAL A 113 7.43 4.91 4.33
N GLU A 114 8.03 5.98 3.80
CA GLU A 114 9.19 5.85 2.91
C GLU A 114 10.41 5.32 3.68
N ASN A 115 10.72 5.95 4.80
CA ASN A 115 11.87 5.57 5.63
C ASN A 115 11.73 6.11 7.05
N VAL A 116 12.53 5.58 7.98
CA VAL A 116 12.47 6.00 9.39
C VAL A 116 13.86 6.38 9.91
N ASN A 117 13.92 7.43 10.71
CA ASN A 117 15.18 7.87 11.34
C ASN A 117 15.36 7.18 12.70
N SER A 118 16.61 6.92 13.07
CA SER A 118 16.93 6.22 14.34
C SER A 118 16.45 7.01 15.57
N ASP A 119 16.25 8.32 15.39
CA ASP A 119 15.71 9.16 16.48
C ASP A 119 14.23 8.85 16.74
N GLY A 120 13.55 8.29 15.74
CA GLY A 120 12.11 8.01 15.84
C GLY A 120 11.28 8.75 14.80
N SER A 121 11.87 9.79 14.19
CA SER A 121 11.18 10.59 13.16
C SER A 121 10.88 9.74 11.91
N VAL A 122 9.61 9.73 11.51
CA VAL A 122 9.15 8.89 10.39
C VAL A 122 8.95 9.70 9.10
N GLU A 123 9.63 9.28 8.03
CA GLU A 123 9.51 9.94 6.72
C GLU A 123 8.43 9.25 5.86
N VAL A 124 7.35 9.97 5.58
CA VAL A 124 6.20 9.42 4.85
C VAL A 124 5.94 10.14 3.52
N SER A 125 5.14 9.51 2.65
CA SER A 125 4.82 10.08 1.33
C SER A 125 3.30 10.36 1.20
N GLU A 126 2.98 11.50 0.56
CA GLU A 126 1.59 11.95 0.39
C GLU A 126 1.36 12.52 -1.03
N MET A 127 0.10 12.55 -1.46
CA MET A 127 -0.25 13.16 -2.76
C MET A 127 -0.38 14.69 -2.62
N ASN A 128 0.18 15.43 -3.59
CA ASN A 128 0.21 16.90 -3.50
C ASN A 128 -1.19 17.54 -3.62
N TYR A 129 -2.01 17.04 -4.54
CA TYR A 129 -3.40 17.53 -4.66
C TYR A 129 -4.32 16.49 -5.32
N ASN A 130 -5.62 16.71 -5.19
CA ASN A 130 -6.65 15.84 -5.79
C ASN A 130 -6.54 15.83 -7.32
N GLY A 131 -6.23 14.66 -7.88
CA GLY A 131 -6.01 14.54 -9.33
C GLY A 131 -4.58 14.90 -9.74
N GLY A 132 -3.62 14.66 -8.84
CA GLY A 132 -2.22 14.96 -9.11
C GLY A 132 -1.54 13.93 -10.02
N PRO A 133 -0.21 14.02 -10.17
CA PRO A 133 0.57 13.09 -11.01
C PRO A 133 0.96 11.79 -10.29
N PHE A 134 1.69 10.93 -10.98
CA PHE A 134 2.23 9.71 -10.37
C PHE A 134 3.30 10.04 -9.31
N SER A 135 3.85 11.26 -9.39
CA SER A 135 4.87 11.71 -8.45
C SER A 135 4.27 12.01 -7.07
N VAL A 136 4.55 11.14 -6.10
CA VAL A 136 4.03 11.29 -4.74
C VAL A 136 4.98 12.12 -3.87
N SER A 137 4.43 13.16 -3.22
CA SER A 137 5.23 14.04 -2.33
C SER A 137 5.69 13.32 -1.07
N GLU A 138 6.50 14.00 -0.25
CA GLU A 138 7.11 13.38 0.94
C GLU A 138 7.23 14.38 2.10
N ARG A 139 7.33 13.86 3.33
CA ARG A 139 7.54 14.70 4.53
C ARG A 139 8.16 13.89 5.67
N THR A 140 8.53 14.57 6.76
CA THR A 140 9.08 13.90 7.95
C THR A 140 8.32 14.31 9.21
N ILE A 141 7.79 13.33 9.93
CA ILE A 141 7.03 13.59 11.16
C ILE A 141 7.93 13.49 12.41
N SER A 142 7.75 14.43 13.34
CA SER A 142 8.56 14.48 14.57
C SER A 142 8.41 13.20 15.42
N ALA A 143 9.53 12.71 15.95
CA ALA A 143 9.56 11.48 16.76
C ALA A 143 8.51 11.50 17.88
N GLY A 144 8.38 12.64 18.56
CA GLY A 144 7.43 12.77 19.66
C GLY A 144 5.98 12.50 19.26
N GLU A 145 5.65 12.73 17.99
CA GLU A 145 4.28 12.49 17.49
C GLU A 145 4.18 11.11 16.79
N ALA A 146 5.30 10.64 16.24
CA ALA A 146 5.33 9.38 15.49
C ALA A 146 4.81 8.17 16.30
N SER A 147 4.97 8.21 17.62
CA SER A 147 4.56 7.09 18.49
C SER A 147 3.04 7.07 18.72
N SER A 148 2.34 8.09 18.24
CA SER A 148 0.88 8.18 18.42
C SER A 148 0.12 7.43 17.33
N TYR A 149 0.82 7.09 16.25
CA TYR A 149 0.19 6.49 15.07
C TYR A 149 0.24 4.95 15.11
N ASN A 150 -0.82 4.31 14.61
CA ASN A 150 -0.85 2.84 14.48
C ASN A 150 -0.37 2.42 13.08
N TYR A 151 0.73 1.68 13.03
CA TYR A 151 1.34 1.29 11.75
C TYR A 151 0.89 -0.12 11.33
N ILE A 152 0.31 -0.22 10.13
CA ILE A 152 -0.07 -1.52 9.56
C ILE A 152 1.11 -2.19 8.87
N HIS A 153 1.46 -3.42 9.29
CA HIS A 153 2.57 -4.17 8.70
C HIS A 153 2.06 -5.42 7.97
N LEU A 154 2.60 -5.70 6.79
CA LEU A 154 2.15 -6.84 5.99
C LEU A 154 3.07 -8.07 6.16
N ASN A 155 2.61 -9.05 6.93
CA ASN A 155 3.32 -10.33 7.06
C ASN A 155 3.07 -11.21 5.83
N MET A 1 -35.41 -4.62 -84.23
CA MET A 1 -35.21 -5.53 -85.39
C MET A 1 -35.96 -6.86 -85.18
N LYS A 2 -36.59 -7.36 -86.24
CA LYS A 2 -37.24 -8.68 -86.19
C LYS A 2 -36.20 -9.80 -86.13
N LYS A 3 -35.86 -10.22 -84.92
CA LYS A 3 -34.78 -11.20 -84.72
C LYS A 3 -35.27 -12.42 -83.94
N LEU A 4 -35.09 -13.61 -84.51
CA LEU A 4 -35.53 -14.84 -83.86
C LEU A 4 -34.51 -15.30 -82.81
N VAL A 5 -34.63 -14.75 -81.61
CA VAL A 5 -33.74 -15.09 -80.49
C VAL A 5 -34.41 -16.06 -79.52
N THR A 6 -34.17 -17.35 -79.70
CA THR A 6 -34.73 -18.37 -78.81
C THR A 6 -33.65 -19.40 -78.42
N ALA A 7 -33.06 -19.20 -77.24
CA ALA A 7 -31.97 -20.08 -76.76
C ALA A 7 -32.08 -20.34 -75.26
N THR A 8 -31.72 -21.56 -74.84
CA THR A 8 -31.73 -21.96 -73.43
C THR A 8 -31.15 -23.37 -73.25
N THR A 9 -30.80 -23.73 -72.02
CA THR A 9 -30.27 -25.08 -71.72
C THR A 9 -30.93 -25.69 -70.48
N LEU A 10 -30.68 -26.99 -70.27
CA LEU A 10 -31.37 -27.74 -69.22
C LEU A 10 -30.45 -27.99 -68.02
N THR A 11 -30.85 -27.48 -66.85
CA THR A 11 -30.06 -27.63 -65.62
C THR A 11 -30.20 -29.03 -65.01
N ALA A 12 -29.08 -29.73 -64.86
CA ALA A 12 -29.06 -31.07 -64.25
C ALA A 12 -28.11 -31.12 -63.04
N GLY A 13 -27.92 -32.32 -62.48
CA GLY A 13 -26.99 -32.48 -61.35
C GLY A 13 -27.29 -33.74 -60.52
N ILE A 14 -26.25 -34.57 -60.31
CA ILE A 14 -26.40 -35.80 -59.50
C ILE A 14 -25.91 -35.59 -58.06
N GLY A 15 -26.85 -35.55 -57.11
CA GLY A 15 -26.51 -35.34 -55.71
C GLY A 15 -26.45 -36.63 -54.90
N ALA A 16 -25.39 -37.41 -55.10
CA ALA A 16 -25.19 -38.65 -54.32
C ALA A 16 -24.42 -38.37 -53.02
N ALA A 17 -25.14 -38.21 -51.92
CA ALA A 17 -24.53 -37.85 -50.64
C ALA A 17 -23.94 -39.07 -49.92
N ILE A 18 -22.63 -39.26 -50.08
CA ILE A 18 -21.90 -40.34 -49.40
C ILE A 18 -21.66 -40.00 -47.91
N VAL A 19 -21.75 -41.03 -47.05
CA VAL A 19 -21.54 -40.85 -45.60
C VAL A 19 -20.83 -42.07 -44.99
N GLY A 20 -20.38 -41.94 -43.73
CA GLY A 20 -19.79 -43.07 -43.02
C GLY A 20 -18.54 -42.71 -42.23
N LEU A 21 -17.92 -41.57 -42.55
CA LEU A 21 -16.69 -41.14 -41.87
C LEU A 21 -16.97 -40.62 -40.44
N ASP A 22 -16.42 -41.30 -39.45
CA ASP A 22 -16.64 -40.95 -38.04
C ASP A 22 -15.56 -39.98 -37.54
N HIS A 23 -15.99 -38.82 -37.03
CA HIS A 23 -15.07 -37.81 -36.49
C HIS A 23 -15.65 -37.13 -35.23
N GLY A 24 -14.79 -36.44 -34.48
CA GLY A 24 -15.23 -35.73 -33.29
C GLY A 24 -14.46 -36.12 -32.03
N ASN A 25 -13.85 -35.14 -31.37
CA ASN A 25 -13.12 -35.38 -30.11
C ASN A 25 -13.51 -34.34 -29.03
N GLU A 26 -13.68 -34.81 -27.79
CA GLU A 26 -14.04 -33.91 -26.67
C GLU A 26 -12.84 -33.07 -26.21
N ALA A 27 -12.99 -31.75 -26.25
CA ALA A 27 -11.92 -30.84 -25.82
C ALA A 27 -12.45 -29.43 -25.49
N ASP A 28 -12.16 -28.98 -24.28
CA ASP A 28 -12.52 -27.61 -23.84
C ASP A 28 -11.24 -26.77 -23.60
N ALA A 29 -10.31 -26.84 -24.53
CA ALA A 29 -8.98 -26.20 -24.38
C ALA A 29 -8.20 -26.82 -23.20
N ALA A 30 -8.47 -28.09 -22.94
CA ALA A 30 -7.85 -28.81 -21.82
C ALA A 30 -6.37 -29.18 -22.07
N GLU A 31 -5.74 -28.50 -23.02
CA GLU A 31 -4.34 -28.75 -23.36
C GLU A 31 -3.41 -27.84 -22.54
N GLN A 32 -3.91 -27.38 -21.39
CA GLN A 32 -3.19 -26.44 -20.53
C GLN A 32 -2.06 -27.11 -19.74
N THR A 33 -1.10 -26.30 -19.28
CA THR A 33 -0.05 -26.75 -18.36
C THR A 33 0.41 -25.59 -17.46
N GLN A 34 0.17 -25.72 -16.16
CA GLN A 34 0.50 -24.65 -15.21
C GLN A 34 0.71 -25.20 -13.79
N PRO A 35 1.94 -25.06 -13.25
CA PRO A 35 2.24 -25.43 -11.86
C PRO A 35 1.62 -24.46 -10.85
N THR A 36 0.54 -24.89 -10.19
CA THR A 36 -0.15 -24.05 -9.20
C THR A 36 0.78 -23.68 -8.04
N ASN A 37 0.87 -22.39 -7.73
CA ASN A 37 1.74 -21.91 -6.66
C ASN A 37 1.48 -22.64 -5.34
N GLN A 38 2.55 -22.94 -4.60
CA GLN A 38 2.45 -23.73 -3.38
C GLN A 38 1.71 -22.99 -2.26
N SER A 39 0.38 -23.11 -2.27
CA SER A 39 -0.47 -22.48 -1.26
C SER A 39 -0.40 -23.24 0.07
N THR A 40 0.15 -22.60 1.11
CA THR A 40 0.20 -23.19 2.44
C THR A 40 -1.21 -23.28 3.06
N THR A 41 -2.09 -22.36 2.66
CA THR A 41 -3.48 -22.36 3.11
C THR A 41 -4.40 -21.72 2.07
N GLN A 42 -5.57 -22.32 1.84
CA GLN A 42 -6.57 -21.77 0.94
C GLN A 42 -7.64 -20.96 1.72
N SER A 43 -7.39 -20.75 3.01
CA SER A 43 -8.33 -20.01 3.87
C SER A 43 -8.16 -18.49 3.76
N THR A 44 -7.42 -18.05 2.74
CA THR A 44 -7.21 -16.62 2.49
C THR A 44 -7.05 -16.33 0.99
N SER A 45 -7.20 -15.06 0.60
CA SER A 45 -7.08 -14.67 -0.83
C SER A 45 -6.64 -13.20 -0.98
N GLY A 46 -7.34 -12.30 -0.31
CA GLY A 46 -7.03 -10.87 -0.41
C GLY A 46 -7.87 -10.16 -1.47
N SER A 47 -9.04 -9.68 -1.07
CA SER A 47 -9.95 -8.94 -1.98
C SER A 47 -9.56 -7.46 -2.06
N SER A 48 -9.15 -7.00 -3.25
CA SER A 48 -8.68 -5.61 -3.41
C SER A 48 -9.05 -5.02 -4.78
N ALA A 49 -9.41 -3.73 -4.77
CA ALA A 49 -9.76 -2.99 -5.98
C ALA A 49 -9.81 -1.48 -5.68
N ASN A 50 -9.07 -0.67 -6.45
CA ASN A 50 -8.96 0.76 -6.16
C ASN A 50 -10.33 1.46 -6.22
N LEU A 51 -10.97 1.59 -5.05
CA LEU A 51 -12.27 2.25 -4.92
C LEU A 51 -12.11 3.73 -4.50
N TYR A 52 -10.93 4.29 -4.75
CA TYR A 52 -10.62 5.66 -4.32
C TYR A 52 -10.51 6.61 -5.52
N THR A 53 -10.24 7.88 -5.26
CA THR A 53 -10.19 8.90 -6.32
C THR A 53 -8.88 9.69 -6.32
N ALA A 54 -8.47 10.15 -7.49
CA ALA A 54 -7.21 10.89 -7.65
C ALA A 54 -7.23 12.24 -6.92
N GLY A 55 -6.42 12.36 -5.87
CA GLY A 55 -6.41 13.57 -5.05
C GLY A 55 -6.59 13.27 -3.57
N GLN A 56 -6.71 11.98 -3.22
CA GLN A 56 -6.87 11.54 -1.83
C GLN A 56 -5.67 10.70 -1.37
N CYS A 57 -5.30 10.85 -0.09
CA CYS A 57 -4.18 10.10 0.49
C CYS A 57 -4.40 8.58 0.38
N THR A 58 -5.60 8.12 0.72
CA THR A 58 -5.97 6.70 0.61
C THR A 58 -5.67 6.12 -0.79
N TRP A 59 -6.04 6.88 -1.82
CA TRP A 59 -5.78 6.51 -3.22
C TRP A 59 -4.29 6.23 -3.47
N TYR A 60 -3.44 7.15 -3.01
CA TYR A 60 -1.98 7.02 -3.20
C TYR A 60 -1.40 5.87 -2.36
N VAL A 61 -1.73 5.83 -1.08
CA VAL A 61 -1.21 4.80 -0.16
C VAL A 61 -1.57 3.39 -0.65
N TYR A 62 -2.80 3.23 -1.13
CA TYR A 62 -3.27 1.95 -1.67
C TYR A 62 -2.35 1.43 -2.79
N ASP A 63 -1.91 2.33 -3.66
CA ASP A 63 -1.02 1.96 -4.77
C ASP A 63 0.39 1.62 -4.26
N LYS A 64 0.91 2.42 -3.33
CA LYS A 64 2.25 2.18 -2.76
C LYS A 64 2.33 0.82 -2.04
N VAL A 65 1.24 0.41 -1.41
CA VAL A 65 1.18 -0.91 -0.74
C VAL A 65 0.79 -2.02 -1.72
N GLY A 66 0.70 -1.67 -3.00
CA GLY A 66 0.37 -2.65 -4.04
C GLY A 66 -1.01 -3.27 -3.89
N GLY A 67 -1.88 -2.63 -3.13
CA GLY A 67 -3.22 -3.16 -2.89
C GLY A 67 -3.24 -4.45 -2.08
N ASN A 68 -2.14 -4.78 -1.40
CA ASN A 68 -2.04 -6.03 -0.62
C ASN A 68 -2.78 -5.93 0.74
N ILE A 69 -3.49 -4.84 0.96
CA ILE A 69 -4.21 -4.62 2.23
C ILE A 69 -5.69 -5.01 2.14
N GLY A 70 -6.31 -4.74 0.98
CA GLY A 70 -7.75 -4.91 0.86
C GLY A 70 -8.48 -3.56 0.87
N SER A 71 -8.90 -3.09 -0.30
CA SER A 71 -9.53 -1.76 -0.44
C SER A 71 -10.83 -1.63 0.36
N THR A 72 -11.41 -2.76 0.75
CA THR A 72 -12.66 -2.79 1.54
C THR A 72 -12.53 -2.02 2.86
N TRP A 73 -11.29 -1.72 3.29
CA TRP A 73 -11.05 -0.91 4.49
C TRP A 73 -11.72 0.48 4.35
N GLY A 74 -11.64 1.05 3.15
CA GLY A 74 -12.34 2.29 2.83
C GLY A 74 -11.90 3.49 3.66
N ASN A 75 -12.73 3.87 4.64
CA ASN A 75 -12.52 5.08 5.44
C ASN A 75 -11.15 5.08 6.14
N ALA A 76 -10.44 6.21 6.07
CA ALA A 76 -9.06 6.31 6.57
C ALA A 76 -8.96 6.13 8.10
N ASN A 77 -10.09 6.16 8.80
CA ASN A 77 -10.12 5.88 10.24
C ASN A 77 -10.39 4.39 10.54
N ASN A 78 -10.77 3.63 9.51
CA ASN A 78 -11.11 2.21 9.65
C ASN A 78 -9.91 1.29 9.38
N TRP A 79 -8.97 1.75 8.56
CA TRP A 79 -7.80 0.94 8.14
C TRP A 79 -7.18 0.10 9.28
N ALA A 80 -6.74 0.74 10.36
CA ALA A 80 -6.16 0.01 11.51
C ALA A 80 -7.15 -1.01 12.10
N SER A 81 -8.40 -0.59 12.28
CA SER A 81 -9.47 -1.46 12.79
C SER A 81 -9.66 -2.70 11.92
N ALA A 82 -9.82 -2.48 10.61
CA ALA A 82 -10.01 -3.56 9.65
C ALA A 82 -8.79 -4.49 9.60
N ALA A 83 -7.59 -3.90 9.58
CA ALA A 83 -6.34 -4.66 9.64
C ALA A 83 -6.33 -5.64 10.82
N SER A 84 -6.52 -5.10 12.03
CA SER A 84 -6.56 -5.92 13.25
C SER A 84 -7.66 -6.99 13.16
N SER A 85 -8.84 -6.60 12.69
CA SER A 85 -9.99 -7.50 12.56
C SER A 85 -9.80 -8.54 11.44
N ALA A 86 -8.92 -8.24 10.48
CA ALA A 86 -8.66 -9.14 9.35
C ALA A 86 -7.47 -10.08 9.60
N GLY A 87 -6.72 -9.82 10.67
CA GLY A 87 -5.58 -10.68 11.01
C GLY A 87 -4.21 -10.03 10.74
N TYR A 88 -4.21 -8.75 10.42
CA TYR A 88 -2.96 -8.01 10.19
C TYR A 88 -2.36 -7.51 11.51
N THR A 89 -1.10 -7.07 11.46
CA THR A 89 -0.36 -6.69 12.68
C THR A 89 -0.33 -5.17 12.87
N VAL A 90 -1.30 -4.65 13.63
CA VAL A 90 -1.38 -3.21 13.92
C VAL A 90 -0.62 -2.86 15.22
N ASN A 91 0.61 -2.37 15.07
CA ASN A 91 1.43 -1.95 16.21
C ASN A 91 1.94 -0.52 16.03
N ASN A 92 2.64 0.02 17.03
CA ASN A 92 3.21 1.36 16.94
C ASN A 92 4.67 1.31 16.44
N SER A 93 4.99 0.25 15.69
CA SER A 93 6.33 0.07 15.10
C SER A 93 6.47 0.86 13.78
N PRO A 94 7.25 1.97 13.79
CA PRO A 94 7.38 2.86 12.62
C PRO A 94 8.36 2.36 11.54
N GLU A 95 8.66 1.06 11.56
CA GLU A 95 9.57 0.46 10.55
C GLU A 95 9.10 0.74 9.11
N ALA A 96 10.05 0.97 8.22
CA ALA A 96 9.76 1.34 6.83
C ALA A 96 9.01 0.23 6.07
N GLY A 97 8.13 0.64 5.15
CA GLY A 97 7.31 -0.30 4.40
C GLY A 97 6.00 -0.65 5.09
N SER A 98 5.44 0.33 5.81
CA SER A 98 4.17 0.12 6.52
C SER A 98 3.23 1.32 6.34
N ILE A 99 1.97 1.16 6.75
CA ILE A 99 0.98 2.25 6.67
C ILE A 99 0.64 2.75 8.08
N LEU A 100 0.61 4.06 8.28
CA LEU A 100 0.27 4.61 9.60
C LEU A 100 -1.08 5.35 9.58
N GLN A 101 -1.94 5.03 10.54
CA GLN A 101 -3.26 5.67 10.64
C GLN A 101 -3.29 6.67 11.81
N SER A 102 -3.75 7.90 11.53
CA SER A 102 -3.82 8.97 12.53
C SER A 102 -5.18 9.03 13.25
N THR A 103 -6.26 8.78 12.50
CA THR A 103 -7.65 8.85 13.02
C THR A 103 -8.03 10.25 13.55
N ALA A 104 -7.18 11.25 13.28
CA ALA A 104 -7.40 12.62 13.79
C ALA A 104 -8.81 13.18 13.44
N GLY A 105 -9.05 13.42 12.15
CA GLY A 105 -10.33 13.99 11.72
C GLY A 105 -10.63 13.78 10.25
N GLY A 106 -11.80 14.20 9.80
CA GLY A 106 -12.17 14.09 8.38
C GLY A 106 -12.18 12.65 7.87
N TYR A 107 -12.89 11.76 8.57
CA TYR A 107 -12.92 10.33 8.25
C TYR A 107 -11.55 9.66 8.47
N GLY A 108 -10.67 10.31 9.23
CA GLY A 108 -9.35 9.75 9.53
C GLY A 108 -8.26 10.25 8.59
N HIS A 109 -7.15 9.51 8.55
CA HIS A 109 -6.01 9.86 7.69
C HIS A 109 -4.94 8.76 7.73
N VAL A 110 -4.39 8.44 6.56
CA VAL A 110 -3.37 7.38 6.44
C VAL A 110 -2.28 7.79 5.44
N ALA A 111 -1.06 7.28 5.65
CA ALA A 111 0.06 7.52 4.74
C ALA A 111 1.03 6.32 4.70
N TYR A 112 1.93 6.30 3.73
CA TYR A 112 2.90 5.19 3.60
C TYR A 112 4.28 5.60 4.12
N VAL A 113 4.87 4.75 4.96
CA VAL A 113 6.19 5.00 5.55
C VAL A 113 7.32 4.62 4.58
N GLU A 114 8.05 5.63 4.09
CA GLU A 114 9.15 5.43 3.13
C GLU A 114 10.43 4.96 3.82
N ASN A 115 10.91 5.73 4.79
CA ASN A 115 12.20 5.45 5.45
C ASN A 115 12.27 5.96 6.89
N VAL A 116 12.94 5.19 7.75
CA VAL A 116 13.14 5.56 9.17
C VAL A 116 14.53 6.17 9.37
N ASN A 117 14.60 7.26 10.14
CA ASN A 117 15.87 7.96 10.40
C ASN A 117 16.47 7.54 11.75
N SER A 118 17.81 7.50 11.84
CA SER A 118 18.48 7.09 13.08
C SER A 118 18.09 7.97 14.28
N ASP A 119 17.85 9.27 14.02
CA ASP A 119 17.39 10.20 15.06
C ASP A 119 15.96 9.90 15.55
N GLY A 120 15.28 8.98 14.89
CA GLY A 120 13.93 8.58 15.29
C GLY A 120 12.82 9.19 14.43
N SER A 121 13.20 9.97 13.42
CA SER A 121 12.23 10.62 12.51
C SER A 121 11.67 9.62 11.48
N VAL A 122 10.38 9.76 11.17
CA VAL A 122 9.70 8.87 10.21
C VAL A 122 9.28 9.62 8.94
N GLU A 123 9.87 9.25 7.80
CA GLU A 123 9.55 9.89 6.52
C GLU A 123 8.39 9.18 5.80
N VAL A 124 7.30 9.91 5.58
CA VAL A 124 6.10 9.36 4.93
C VAL A 124 5.69 10.18 3.69
N SER A 125 5.12 9.50 2.70
CA SER A 125 4.60 10.18 1.50
C SER A 125 3.07 10.29 1.54
N GLU A 126 2.58 11.53 1.60
CA GLU A 126 1.14 11.80 1.69
C GLU A 126 0.59 12.41 0.39
N MET A 127 -0.63 12.92 0.44
CA MET A 127 -1.22 13.66 -0.69
C MET A 127 -2.12 14.81 -0.18
N ASN A 128 -1.70 16.04 -0.44
CA ASN A 128 -2.44 17.23 0.01
C ASN A 128 -2.66 18.23 -1.14
N TYR A 129 -1.62 19.00 -1.47
CA TYR A 129 -1.73 20.01 -2.56
C TYR A 129 -0.36 20.28 -3.21
N ASN A 130 -0.27 19.96 -4.51
CA ASN A 130 0.89 20.32 -5.36
C ASN A 130 0.78 19.63 -6.73
N GLY A 131 1.36 20.25 -7.76
CA GLY A 131 1.37 19.66 -9.10
C GLY A 131 -0.02 19.35 -9.66
N GLY A 132 -0.47 18.11 -9.48
CA GLY A 132 -1.78 17.69 -9.99
C GLY A 132 -2.46 16.65 -9.10
N PRO A 133 -3.56 16.04 -9.58
CA PRO A 133 -4.35 15.07 -8.78
C PRO A 133 -3.60 13.74 -8.52
N PHE A 134 -2.37 13.63 -9.02
CA PHE A 134 -1.54 12.43 -8.83
C PHE A 134 -0.21 12.76 -8.14
N SER A 135 0.00 14.04 -7.83
CA SER A 135 1.26 14.49 -7.23
C SER A 135 1.31 14.24 -5.73
N VAL A 136 2.48 13.86 -5.24
CA VAL A 136 2.66 13.44 -3.85
C VAL A 136 3.15 14.59 -2.96
N SER A 137 2.71 14.60 -1.70
CA SER A 137 3.17 15.60 -0.72
C SER A 137 3.88 14.90 0.45
N GLU A 138 5.15 15.20 0.63
CA GLU A 138 5.99 14.47 1.60
C GLU A 138 5.95 15.11 3.00
N ARG A 139 6.25 14.32 4.02
CA ARG A 139 6.26 14.80 5.41
C ARG A 139 7.25 13.98 6.28
N THR A 140 8.10 14.69 7.01
CA THR A 140 9.01 14.04 7.97
C THR A 140 8.45 14.13 9.39
N ILE A 141 7.82 13.04 9.83
CA ILE A 141 7.14 13.00 11.13
C ILE A 141 8.14 12.95 12.30
N SER A 142 7.88 13.76 13.32
CA SER A 142 8.75 13.83 14.51
C SER A 142 8.68 12.53 15.33
N ALA A 143 9.79 12.19 15.99
CA ALA A 143 9.88 10.97 16.80
C ALA A 143 8.72 10.86 17.81
N GLY A 144 8.43 11.96 18.50
CA GLY A 144 7.31 11.97 19.44
C GLY A 144 5.95 11.90 18.75
N GLU A 145 5.82 12.55 17.59
CA GLU A 145 4.58 12.55 16.82
C GLU A 145 4.26 11.15 16.25
N ALA A 146 5.31 10.41 15.88
CA ALA A 146 5.17 9.05 15.34
C ALA A 146 4.37 8.13 16.28
N SER A 147 4.56 8.32 17.59
CA SER A 147 3.86 7.51 18.61
C SER A 147 2.34 7.79 18.64
N SER A 148 1.89 8.75 17.83
CA SER A 148 0.46 9.09 17.74
C SER A 148 -0.25 8.32 16.62
N TYR A 149 0.49 7.48 15.90
CA TYR A 149 -0.05 6.76 14.74
C TYR A 149 0.00 5.24 14.91
N ASN A 150 -0.92 4.55 14.24
CA ASN A 150 -0.96 3.08 14.24
C ASN A 150 -0.34 2.51 12.95
N TYR A 151 0.75 1.78 13.08
CA TYR A 151 1.46 1.24 11.92
C TYR A 151 1.03 -0.21 11.60
N ILE A 152 0.37 -0.39 10.46
CA ILE A 152 -0.09 -1.71 10.01
C ILE A 152 1.05 -2.49 9.35
N HIS A 153 1.28 -3.71 9.83
CA HIS A 153 2.24 -4.64 9.22
C HIS A 153 1.50 -5.81 8.57
N LEU A 154 1.87 -6.14 7.34
CA LEU A 154 1.13 -7.11 6.54
C LEU A 154 1.56 -8.56 6.85
N ASN A 155 2.70 -8.71 7.52
CA ASN A 155 3.28 -10.04 7.81
C ASN A 155 3.80 -10.73 6.54
N MET A 1 -6.31 17.20 52.28
CA MET A 1 -7.54 17.18 51.44
C MET A 1 -7.29 16.58 50.04
N LYS A 2 -6.07 16.10 49.78
CA LYS A 2 -5.74 15.51 48.47
C LYS A 2 -6.42 14.14 48.26
N LYS A 3 -6.74 13.84 47.01
CA LYS A 3 -7.39 12.57 46.65
C LYS A 3 -6.35 11.48 46.34
N LEU A 4 -6.11 10.60 47.31
CA LEU A 4 -5.24 9.44 47.12
C LEU A 4 -6.04 8.21 46.67
N VAL A 5 -7.25 8.46 46.18
CA VAL A 5 -8.13 7.41 45.67
C VAL A 5 -8.27 7.49 44.14
N THR A 6 -7.91 6.40 43.45
CA THR A 6 -8.03 6.32 41.99
C THR A 6 -8.64 4.98 41.56
N ALA A 7 -9.96 4.93 41.43
CA ALA A 7 -10.66 3.70 41.04
C ALA A 7 -11.11 3.76 39.57
N THR A 8 -10.43 3.02 38.71
CA THR A 8 -10.76 2.98 37.28
C THR A 8 -10.26 1.70 36.61
N THR A 9 -10.54 1.56 35.32
CA THR A 9 -10.19 0.35 34.57
C THR A 9 -9.75 0.67 33.14
N LEU A 10 -8.82 -0.12 32.61
CA LEU A 10 -8.41 -0.01 31.21
C LEU A 10 -9.54 -0.39 30.25
N THR A 11 -9.36 -0.15 28.96
CA THR A 11 -10.38 -0.49 27.97
C THR A 11 -10.45 -2.00 27.75
N ALA A 12 -11.33 -2.68 28.50
CA ALA A 12 -11.49 -4.12 28.40
C ALA A 12 -12.24 -4.51 27.11
N GLY A 13 -11.50 -4.63 26.01
CA GLY A 13 -12.09 -5.00 24.74
C GLY A 13 -12.35 -6.50 24.63
N ILE A 14 -13.48 -6.95 25.16
CA ILE A 14 -13.87 -8.37 25.07
C ILE A 14 -14.05 -8.80 23.60
N GLY A 15 -13.14 -9.64 23.13
CA GLY A 15 -13.16 -10.06 21.73
C GLY A 15 -14.20 -11.14 21.44
N ALA A 16 -15.48 -10.79 21.55
CA ALA A 16 -16.57 -11.73 21.31
C ALA A 16 -17.11 -11.62 19.87
N ALA A 17 -16.27 -11.17 18.95
CA ALA A 17 -16.69 -10.95 17.55
C ALA A 17 -16.62 -12.25 16.73
N ILE A 18 -17.78 -12.89 16.54
CA ILE A 18 -17.89 -14.09 15.69
C ILE A 18 -18.03 -13.68 14.21
N VAL A 19 -17.16 -14.21 13.36
CA VAL A 19 -17.17 -13.90 11.92
C VAL A 19 -17.53 -15.13 11.08
N GLY A 20 -18.48 -14.96 10.16
CA GLY A 20 -18.91 -16.06 9.29
C GLY A 20 -19.11 -15.61 7.84
N LEU A 21 -18.22 -16.06 6.95
CA LEU A 21 -18.30 -15.69 5.53
C LEU A 21 -19.03 -16.76 4.69
N ASP A 22 -19.30 -16.44 3.42
CA ASP A 22 -20.06 -17.34 2.54
C ASP A 22 -19.51 -17.33 1.09
N HIS A 23 -19.90 -18.34 0.31
CA HIS A 23 -19.52 -18.44 -1.11
C HIS A 23 -20.75 -18.29 -2.02
N GLY A 24 -20.62 -17.51 -3.10
CA GLY A 24 -21.75 -17.27 -4.00
C GLY A 24 -21.40 -17.44 -5.47
N ASN A 25 -22.27 -18.16 -6.20
CA ASN A 25 -22.12 -18.35 -7.66
C ASN A 25 -20.70 -18.82 -8.05
N GLU A 26 -20.47 -20.13 -7.99
CA GLU A 26 -19.18 -20.71 -8.36
C GLU A 26 -19.25 -21.48 -9.69
N ALA A 27 -18.79 -20.83 -10.76
CA ALA A 27 -18.81 -21.43 -12.10
C ALA A 27 -17.85 -20.71 -13.06
N ASP A 28 -17.27 -21.46 -14.00
CA ASP A 28 -16.36 -20.89 -14.99
C ASP A 28 -16.38 -21.71 -16.30
N ALA A 29 -15.97 -21.08 -17.41
CA ALA A 29 -15.88 -21.74 -18.71
C ALA A 29 -14.71 -21.16 -19.52
N ALA A 30 -13.65 -21.94 -19.69
CA ALA A 30 -12.43 -21.44 -20.34
C ALA A 30 -11.87 -22.43 -21.37
N GLU A 31 -12.02 -22.09 -22.66
CA GLU A 31 -11.42 -22.89 -23.74
C GLU A 31 -9.91 -22.61 -23.81
N GLN A 32 -9.14 -23.36 -23.01
CA GLN A 32 -7.71 -23.13 -22.85
C GLN A 32 -7.05 -24.25 -22.06
N THR A 33 -5.74 -24.13 -21.86
CA THR A 33 -5.03 -25.01 -20.91
C THR A 33 -5.53 -24.76 -19.49
N GLN A 34 -5.86 -25.83 -18.77
CA GLN A 34 -6.37 -25.73 -17.40
C GLN A 34 -5.36 -25.04 -16.47
N PRO A 35 -5.85 -24.25 -15.48
CA PRO A 35 -4.97 -23.52 -14.53
C PRO A 35 -3.95 -24.44 -13.82
N THR A 36 -2.75 -24.51 -14.37
CA THR A 36 -1.68 -25.34 -13.80
C THR A 36 -0.89 -24.58 -12.72
N ASN A 37 -1.49 -24.47 -11.54
CA ASN A 37 -0.83 -23.81 -10.41
C ASN A 37 0.20 -24.75 -9.76
N GLN A 38 1.49 -24.46 -9.97
CA GLN A 38 2.59 -25.31 -9.49
C GLN A 38 2.43 -25.69 -8.00
N SER A 39 2.05 -24.71 -7.18
CA SER A 39 1.81 -24.95 -5.75
C SER A 39 0.31 -24.95 -5.45
N THR A 40 -0.29 -26.15 -5.39
CA THR A 40 -1.72 -26.30 -5.11
C THR A 40 -2.10 -25.72 -3.74
N THR A 41 -2.46 -24.44 -3.73
CA THR A 41 -2.84 -23.75 -2.48
C THR A 41 -3.61 -22.46 -2.78
N GLN A 42 -4.05 -21.77 -1.72
CA GLN A 42 -4.78 -20.51 -1.87
C GLN A 42 -4.21 -19.42 -0.94
N SER A 43 -4.89 -18.27 -0.89
CA SER A 43 -4.43 -17.15 -0.06
C SER A 43 -5.59 -16.20 0.29
N THR A 44 -5.28 -15.11 0.99
CA THR A 44 -6.28 -14.10 1.35
C THR A 44 -6.56 -13.15 0.16
N SER A 45 -7.69 -13.35 -0.50
CA SER A 45 -8.05 -12.57 -1.69
C SER A 45 -8.75 -11.25 -1.33
N GLY A 46 -8.15 -10.12 -1.71
CA GLY A 46 -8.74 -8.82 -1.45
C GLY A 46 -9.62 -8.31 -2.60
N SER A 47 -9.10 -7.36 -3.38
CA SER A 47 -9.85 -6.77 -4.51
C SER A 47 -9.11 -6.97 -5.84
N SER A 48 -9.77 -6.60 -6.94
CA SER A 48 -9.19 -6.70 -8.28
C SER A 48 -8.65 -5.34 -8.77
N ALA A 49 -9.39 -4.28 -8.47
CA ALA A 49 -9.03 -2.93 -8.90
C ALA A 49 -9.10 -1.91 -7.74
N ASN A 50 -8.51 -0.73 -7.95
CA ASN A 50 -8.51 0.33 -6.94
C ASN A 50 -9.93 0.87 -6.70
N LEU A 51 -10.48 0.60 -5.52
CA LEU A 51 -11.85 1.02 -5.18
C LEU A 51 -11.91 2.51 -4.78
N TYR A 52 -10.76 3.12 -4.53
CA TYR A 52 -10.71 4.52 -4.08
C TYR A 52 -10.71 5.51 -5.26
N THR A 53 -10.69 6.80 -4.97
CA THR A 53 -10.74 7.85 -5.99
C THR A 53 -9.62 8.88 -5.84
N ALA A 54 -9.21 9.49 -6.94
CA ALA A 54 -8.15 10.50 -6.94
C ALA A 54 -8.45 11.65 -5.96
N GLY A 55 -7.44 12.09 -5.22
CA GLY A 55 -7.65 13.10 -4.18
C GLY A 55 -7.58 12.51 -2.77
N GLN A 56 -7.94 11.24 -2.64
CA GLN A 56 -7.88 10.53 -1.37
C GLN A 56 -6.44 10.07 -1.05
N CYS A 57 -6.01 10.25 0.20
CA CYS A 57 -4.74 9.68 0.66
C CYS A 57 -4.75 8.16 0.50
N THR A 58 -5.88 7.55 0.84
CA THR A 58 -6.11 6.11 0.67
C THR A 58 -5.80 5.65 -0.77
N TRP A 59 -6.27 6.43 -1.74
CA TRP A 59 -6.04 6.14 -3.17
C TRP A 59 -4.54 6.01 -3.49
N TYR A 60 -3.75 7.01 -3.10
CA TYR A 60 -2.31 7.01 -3.34
C TYR A 60 -1.59 5.90 -2.56
N VAL A 61 -1.91 5.79 -1.27
CA VAL A 61 -1.30 4.78 -0.41
C VAL A 61 -1.60 3.35 -0.90
N TYR A 62 -2.80 3.15 -1.46
CA TYR A 62 -3.21 1.86 -2.01
C TYR A 62 -2.19 1.33 -3.05
N ASP A 63 -1.78 2.20 -3.96
CA ASP A 63 -0.81 1.84 -5.00
C ASP A 63 0.59 1.64 -4.38
N LYS A 64 0.95 2.52 -3.47
CA LYS A 64 2.24 2.43 -2.76
C LYS A 64 2.37 1.14 -1.94
N VAL A 65 1.24 0.64 -1.42
CA VAL A 65 1.24 -0.61 -0.66
C VAL A 65 0.98 -1.83 -1.58
N GLY A 66 0.93 -1.58 -2.89
CA GLY A 66 0.76 -2.65 -3.87
C GLY A 66 -0.65 -3.25 -3.89
N GLY A 67 -1.58 -2.62 -3.19
CA GLY A 67 -2.95 -3.14 -3.13
C GLY A 67 -3.10 -4.42 -2.33
N ASN A 68 -2.09 -4.75 -1.52
CA ASN A 68 -2.10 -5.99 -0.72
C ASN A 68 -2.90 -5.83 0.59
N ILE A 69 -3.89 -4.93 0.58
CA ILE A 69 -4.71 -4.65 1.76
C ILE A 69 -6.20 -4.80 1.45
N GLY A 70 -7.02 -4.94 2.51
CA GLY A 70 -8.46 -5.02 2.33
C GLY A 70 -9.08 -3.70 1.90
N SER A 71 -8.95 -3.37 0.60
CA SER A 71 -9.45 -2.10 0.06
C SER A 71 -10.90 -1.81 0.46
N THR A 72 -11.68 -2.86 0.70
CA THR A 72 -13.10 -2.74 1.06
C THR A 72 -13.32 -1.96 2.36
N TRP A 73 -12.27 -1.82 3.18
CA TRP A 73 -12.37 -1.07 4.45
C TRP A 73 -12.88 0.37 4.23
N GLY A 74 -12.51 0.95 3.08
CA GLY A 74 -12.98 2.29 2.72
C GLY A 74 -12.34 3.41 3.54
N ASN A 75 -13.13 3.99 4.44
CA ASN A 75 -12.71 5.16 5.23
C ASN A 75 -11.39 4.92 5.99
N ALA A 76 -10.48 5.89 5.91
CA ALA A 76 -9.13 5.77 6.48
C ALA A 76 -9.13 5.46 7.99
N ASN A 77 -10.18 5.88 8.70
CA ASN A 77 -10.30 5.61 10.14
C ASN A 77 -10.48 4.10 10.43
N ASN A 78 -11.18 3.42 9.54
CA ASN A 78 -11.51 1.99 9.72
C ASN A 78 -10.27 1.10 9.56
N TRP A 79 -9.32 1.53 8.73
CA TRP A 79 -8.14 0.73 8.38
C TRP A 79 -7.50 -0.02 9.58
N ALA A 80 -7.06 0.74 10.60
CA ALA A 80 -6.43 0.14 11.78
C ALA A 80 -7.35 -0.86 12.50
N SER A 81 -8.62 -0.49 12.68
CA SER A 81 -9.59 -1.35 13.37
C SER A 81 -9.87 -2.63 12.58
N ALA A 82 -10.27 -2.48 11.32
CA ALA A 82 -10.53 -3.62 10.44
C ALA A 82 -9.29 -4.51 10.28
N ALA A 83 -8.11 -3.89 10.25
CA ALA A 83 -6.85 -4.63 10.16
C ALA A 83 -6.69 -5.61 11.32
N SER A 84 -6.93 -5.14 12.54
CA SER A 84 -6.85 -6.00 13.75
C SER A 84 -7.96 -7.06 13.74
N SER A 85 -9.09 -6.73 13.12
CA SER A 85 -10.22 -7.67 12.99
C SER A 85 -9.95 -8.71 11.89
N ALA A 86 -9.20 -8.33 10.85
CA ALA A 86 -8.89 -9.23 9.73
C ALA A 86 -7.65 -10.07 10.00
N GLY A 87 -6.76 -9.58 10.87
CA GLY A 87 -5.55 -10.32 11.21
C GLY A 87 -4.25 -9.62 10.77
N TYR A 88 -4.37 -8.40 10.24
CA TYR A 88 -3.20 -7.62 9.84
C TYR A 88 -2.40 -7.15 11.06
N THR A 89 -1.19 -6.64 10.82
CA THR A 89 -0.26 -6.26 11.90
C THR A 89 -0.26 -4.75 12.16
N VAL A 90 -1.01 -4.30 13.16
CA VAL A 90 -1.06 -2.88 13.52
C VAL A 90 -0.21 -2.58 14.78
N ASN A 91 1.02 -2.13 14.55
CA ASN A 91 1.95 -1.83 15.66
C ASN A 91 2.43 -0.37 15.58
N ASN A 92 3.14 0.08 16.60
CA ASN A 92 3.75 1.42 16.59
C ASN A 92 5.14 1.38 15.92
N SER A 93 5.54 0.21 15.42
CA SER A 93 6.80 0.06 14.67
C SER A 93 6.76 0.90 13.39
N PRO A 94 7.61 1.94 13.28
CA PRO A 94 7.58 2.87 12.14
C PRO A 94 8.34 2.36 10.91
N GLU A 95 8.78 1.10 10.94
CA GLU A 95 9.62 0.53 9.87
C GLU A 95 9.02 0.78 8.47
N ALA A 96 9.88 1.11 7.51
CA ALA A 96 9.47 1.48 6.15
C ALA A 96 8.62 0.40 5.47
N GLY A 97 7.83 0.80 4.48
CA GLY A 97 6.92 -0.14 3.81
C GLY A 97 5.67 -0.43 4.64
N SER A 98 5.18 0.59 5.34
CA SER A 98 3.99 0.46 6.19
C SER A 98 3.07 1.68 6.04
N ILE A 99 1.92 1.63 6.72
CA ILE A 99 0.92 2.71 6.63
C ILE A 99 0.54 3.22 8.03
N LEU A 100 0.72 4.51 8.30
CA LEU A 100 0.38 5.05 9.62
C LEU A 100 -0.98 5.77 9.61
N GLN A 101 -1.79 5.52 10.64
CA GLN A 101 -3.10 6.14 10.77
C GLN A 101 -3.08 7.31 11.78
N SER A 102 -3.51 8.49 11.33
CA SER A 102 -3.57 9.68 12.21
C SER A 102 -4.93 9.80 12.93
N THR A 103 -5.97 9.17 12.36
CA THR A 103 -7.35 9.18 12.92
C THR A 103 -8.03 10.56 12.88
N ALA A 104 -7.43 11.56 13.54
CA ALA A 104 -8.03 12.91 13.68
C ALA A 104 -8.25 13.66 12.34
N GLY A 105 -8.10 12.98 11.21
CA GLY A 105 -8.31 13.61 9.91
C GLY A 105 -9.77 13.58 9.45
N GLY A 106 -10.71 13.85 10.37
CA GLY A 106 -12.13 13.84 10.04
C GLY A 106 -12.67 12.43 9.77
N TYR A 107 -12.39 11.91 8.58
CA TYR A 107 -12.78 10.54 8.22
C TYR A 107 -11.60 9.57 8.43
N GLY A 108 -10.65 10.00 9.25
CA GLY A 108 -9.39 9.28 9.40
C GLY A 108 -8.34 9.77 8.42
N HIS A 109 -7.11 9.30 8.56
CA HIS A 109 -6.02 9.69 7.66
C HIS A 109 -4.90 8.64 7.67
N VAL A 110 -4.41 8.29 6.49
CA VAL A 110 -3.34 7.29 6.36
C VAL A 110 -2.28 7.73 5.33
N ALA A 111 -1.03 7.44 5.61
CA ALA A 111 0.08 7.75 4.70
C ALA A 111 1.11 6.60 4.66
N TYR A 112 1.87 6.53 3.58
CA TYR A 112 2.83 5.43 3.39
C TYR A 112 4.24 5.84 3.86
N VAL A 113 4.89 4.96 4.63
CA VAL A 113 6.21 5.25 5.18
C VAL A 113 7.33 4.90 4.18
N GLU A 114 8.08 5.92 3.75
CA GLU A 114 9.18 5.74 2.79
C GLU A 114 10.50 5.40 3.48
N ASN A 115 10.92 6.25 4.42
CA ASN A 115 12.18 6.05 5.14
C ASN A 115 12.10 6.52 6.60
N VAL A 116 12.80 5.81 7.48
CA VAL A 116 12.82 6.16 8.90
C VAL A 116 14.23 6.56 9.37
N ASN A 117 14.31 7.65 10.11
CA ASN A 117 15.58 8.10 10.70
C ASN A 117 15.93 7.24 11.93
N SER A 118 17.22 7.11 12.21
CA SER A 118 17.71 6.22 13.30
C SER A 118 16.94 6.38 14.62
N ASP A 119 16.62 7.63 14.99
CA ASP A 119 15.92 7.91 16.24
C ASP A 119 14.45 7.47 16.22
N GLY A 120 13.88 7.35 15.03
CA GLY A 120 12.47 6.97 14.89
C GLY A 120 11.65 7.98 14.11
N SER A 121 12.27 9.07 13.67
CA SER A 121 11.58 10.10 12.87
C SER A 121 11.13 9.53 11.51
N VAL A 122 9.83 9.54 11.29
CA VAL A 122 9.21 8.85 10.14
C VAL A 122 8.97 9.81 8.96
N GLU A 123 9.55 9.49 7.81
CA GLU A 123 9.32 10.25 6.58
C GLU A 123 8.23 9.59 5.73
N VAL A 124 7.04 10.18 5.72
CA VAL A 124 5.89 9.61 5.01
C VAL A 124 5.69 10.22 3.62
N SER A 125 4.90 9.54 2.79
CA SER A 125 4.64 9.97 1.40
C SER A 125 3.16 10.33 1.20
N GLU A 126 2.89 11.59 0.83
CA GLU A 126 1.52 12.08 0.62
C GLU A 126 1.35 12.70 -0.77
N MET A 127 0.13 13.13 -1.08
CA MET A 127 -0.18 13.80 -2.36
C MET A 127 -1.13 14.98 -2.12
N ASN A 128 -1.02 16.03 -2.95
CA ASN A 128 -1.87 17.24 -2.86
C ASN A 128 -1.49 18.15 -1.66
N TYR A 129 -0.92 17.54 -0.62
CA TYR A 129 -0.36 18.27 0.53
C TYR A 129 0.77 19.22 0.04
N ASN A 130 1.46 19.89 0.97
CA ASN A 130 2.53 20.84 0.62
C ASN A 130 3.49 20.29 -0.46
N GLY A 131 3.25 20.70 -1.70
CA GLY A 131 4.04 20.19 -2.83
C GLY A 131 3.40 20.50 -4.18
N GLY A 132 2.12 20.12 -4.33
CA GLY A 132 1.40 20.41 -5.57
C GLY A 132 0.47 19.29 -6.03
N PRO A 133 -0.31 19.50 -7.12
CA PRO A 133 -1.23 18.49 -7.67
C PRO A 133 -0.48 17.27 -8.23
N PHE A 134 -0.87 16.06 -7.81
CA PHE A 134 -0.21 14.80 -8.20
C PHE A 134 1.22 14.67 -7.63
N SER A 135 1.85 15.79 -7.29
CA SER A 135 3.20 15.78 -6.72
C SER A 135 3.20 15.20 -5.30
N VAL A 136 4.24 14.44 -4.99
CA VAL A 136 4.35 13.77 -3.70
C VAL A 136 4.94 14.69 -2.62
N SER A 137 4.17 14.88 -1.55
CA SER A 137 4.63 15.67 -0.40
C SER A 137 5.31 14.79 0.64
N GLU A 138 6.24 15.37 1.39
CA GLU A 138 7.04 14.60 2.35
C GLU A 138 6.96 15.19 3.77
N ARG A 139 6.18 14.53 4.63
CA ARG A 139 6.03 14.99 6.02
C ARG A 139 7.00 14.25 6.95
N THR A 140 8.04 14.95 7.39
CA THR A 140 9.00 14.37 8.35
C THR A 140 8.44 14.45 9.77
N ILE A 141 7.97 13.30 10.27
CA ILE A 141 7.37 13.21 11.60
C ILE A 141 8.42 12.84 12.68
N SER A 142 8.71 13.79 13.57
CA SER A 142 9.70 13.57 14.65
C SER A 142 9.31 12.41 15.58
N ALA A 143 10.32 11.78 16.20
CA ALA A 143 10.11 10.61 17.08
C ALA A 143 8.99 10.84 18.12
N GLY A 144 9.05 11.98 18.81
CA GLY A 144 8.01 12.31 19.80
C GLY A 144 6.61 12.36 19.20
N GLU A 145 6.50 12.88 17.98
CA GLU A 145 5.22 12.98 17.28
C GLU A 145 4.71 11.60 16.80
N ALA A 146 5.64 10.75 16.36
CA ALA A 146 5.30 9.43 15.80
C ALA A 146 4.67 8.49 16.86
N SER A 147 4.95 8.75 18.14
CA SER A 147 4.50 7.89 19.24
C SER A 147 2.97 7.66 19.27
N SER A 148 2.21 8.50 18.56
CA SER A 148 0.74 8.42 18.57
C SER A 148 0.16 7.67 17.35
N TYR A 149 0.97 7.44 16.32
CA TYR A 149 0.47 6.88 15.06
C TYR A 149 0.49 5.33 15.06
N ASN A 150 -0.52 4.75 14.43
CA ASN A 150 -0.62 3.28 14.29
C ASN A 150 -0.17 2.82 12.90
N TYR A 151 0.91 2.04 12.85
CA TYR A 151 1.50 1.56 11.58
C TYR A 151 1.04 0.15 11.23
N ILE A 152 0.34 0.01 10.09
CA ILE A 152 -0.07 -1.30 9.58
C ILE A 152 1.07 -1.93 8.75
N HIS A 153 1.37 -3.20 9.02
CA HIS A 153 2.41 -3.95 8.31
C HIS A 153 1.79 -5.20 7.64
N LEU A 154 2.34 -5.61 6.50
CA LEU A 154 1.77 -6.70 5.72
C LEU A 154 2.38 -8.07 6.08
N ASN A 155 1.53 -9.06 6.30
CA ASN A 155 1.95 -10.44 6.58
C ASN A 155 2.34 -11.21 5.30
N MET A 1 -40.36 60.00 -71.07
CA MET A 1 -39.87 58.60 -71.13
C MET A 1 -38.88 58.31 -69.99
N LYS A 2 -38.86 57.06 -69.53
CA LYS A 2 -37.98 56.64 -68.43
C LYS A 2 -37.49 55.20 -68.63
N LYS A 3 -36.20 54.98 -68.42
CA LYS A 3 -35.57 53.67 -68.69
C LYS A 3 -35.08 52.98 -67.41
N LEU A 4 -35.88 52.05 -66.91
CA LEU A 4 -35.49 51.20 -65.79
C LEU A 4 -35.15 49.79 -66.32
N VAL A 5 -33.86 49.50 -66.46
CA VAL A 5 -33.42 48.22 -67.04
C VAL A 5 -33.73 47.05 -66.10
N THR A 6 -34.61 46.16 -66.55
CA THR A 6 -35.01 44.97 -65.77
C THR A 6 -33.98 43.84 -65.91
N ALA A 7 -32.70 44.17 -65.71
CA ALA A 7 -31.62 43.21 -65.85
C ALA A 7 -31.50 42.29 -64.63
N THR A 8 -32.51 41.45 -64.41
CA THR A 8 -32.51 40.49 -63.30
C THR A 8 -32.23 39.07 -63.82
N THR A 9 -30.95 38.68 -63.78
CA THR A 9 -30.54 37.35 -64.25
C THR A 9 -30.50 36.35 -63.09
N LEU A 10 -30.96 35.13 -63.35
CA LEU A 10 -31.07 34.11 -62.29
C LEU A 10 -29.80 33.24 -62.21
N THR A 11 -28.64 33.86 -62.39
CA THR A 11 -27.35 33.15 -62.35
C THR A 11 -27.05 32.61 -60.94
N ALA A 12 -27.40 31.34 -60.70
CA ALA A 12 -27.16 30.70 -59.40
C ALA A 12 -27.49 29.20 -59.45
N GLY A 13 -26.54 28.36 -59.08
CA GLY A 13 -26.75 26.91 -59.10
C GLY A 13 -25.62 26.13 -58.45
N ILE A 14 -25.83 25.69 -57.21
CA ILE A 14 -24.83 24.91 -56.49
C ILE A 14 -24.95 23.40 -56.82
N GLY A 15 -23.86 22.81 -57.31
CA GLY A 15 -23.85 21.39 -57.63
C GLY A 15 -22.74 20.63 -56.92
N ALA A 16 -22.21 21.21 -55.85
CA ALA A 16 -21.12 20.59 -55.08
C ALA A 16 -21.64 19.54 -54.09
N ALA A 17 -21.48 18.27 -54.44
CA ALA A 17 -21.89 17.16 -53.55
C ALA A 17 -21.17 15.85 -53.94
N ILE A 18 -20.02 15.61 -53.34
CA ILE A 18 -19.23 14.40 -53.63
C ILE A 18 -19.57 13.25 -52.67
N VAL A 19 -19.31 12.02 -53.10
CA VAL A 19 -19.56 10.83 -52.26
C VAL A 19 -18.24 10.20 -51.80
N GLY A 20 -17.78 10.58 -50.62
CA GLY A 20 -16.51 10.07 -50.09
C GLY A 20 -16.63 9.54 -48.67
N LEU A 21 -16.88 8.24 -48.54
CA LEU A 21 -17.01 7.58 -47.23
C LEU A 21 -16.12 6.33 -47.15
N ASP A 22 -14.85 6.54 -46.85
CA ASP A 22 -13.88 5.45 -46.80
C ASP A 22 -13.91 4.71 -45.45
N HIS A 23 -13.22 3.57 -45.38
CA HIS A 23 -13.31 2.69 -44.21
C HIS A 23 -11.91 2.31 -43.68
N GLY A 24 -11.88 1.56 -42.58
CA GLY A 24 -10.62 1.15 -41.99
C GLY A 24 -10.75 0.64 -40.56
N ASN A 25 -11.20 -0.60 -40.39
CA ASN A 25 -11.33 -1.22 -39.07
C ASN A 25 -10.07 -2.03 -38.73
N GLU A 26 -9.13 -1.42 -38.00
CA GLU A 26 -7.85 -2.07 -37.67
C GLU A 26 -7.51 -1.96 -36.17
N ALA A 27 -7.50 -3.09 -35.48
CA ALA A 27 -7.11 -3.13 -34.05
C ALA A 27 -6.87 -4.57 -33.57
N ASP A 28 -5.62 -5.02 -33.65
CA ASP A 28 -5.23 -6.36 -33.17
C ASP A 28 -4.51 -6.30 -31.81
N ALA A 29 -4.84 -7.24 -30.92
CA ALA A 29 -4.21 -7.31 -29.59
C ALA A 29 -4.43 -8.67 -28.92
N ALA A 30 -3.45 -9.57 -29.04
CA ALA A 30 -3.53 -10.89 -28.40
C ALA A 30 -2.28 -11.16 -27.55
N GLU A 31 -2.32 -10.77 -26.29
CA GLU A 31 -1.19 -10.95 -25.37
C GLU A 31 -1.35 -12.22 -24.51
N GLN A 32 -0.37 -13.11 -24.57
CA GLN A 32 -0.43 -14.40 -23.85
C GLN A 32 0.68 -14.51 -22.80
N THR A 33 0.30 -14.74 -21.55
CA THR A 33 1.27 -14.88 -20.44
C THR A 33 0.67 -15.66 -19.26
N GLN A 34 1.22 -16.85 -18.99
CA GLN A 34 0.79 -17.66 -17.85
C GLN A 34 1.92 -17.83 -16.81
N PRO A 35 1.62 -17.62 -15.51
CA PRO A 35 2.57 -17.88 -14.42
C PRO A 35 2.85 -19.38 -14.25
N THR A 36 4.13 -19.75 -14.30
CA THR A 36 4.56 -21.17 -14.33
C THR A 36 3.94 -22.02 -13.20
N ASN A 37 4.32 -21.76 -11.94
CA ASN A 37 3.80 -22.55 -10.81
C ASN A 37 3.35 -21.66 -9.64
N GLN A 38 2.09 -21.85 -9.21
CA GLN A 38 1.53 -21.14 -8.06
C GLN A 38 1.48 -22.05 -6.81
N SER A 39 2.38 -21.81 -5.86
CA SER A 39 2.47 -22.64 -4.64
C SER A 39 1.83 -21.96 -3.43
N THR A 40 0.79 -21.16 -3.67
CA THR A 40 0.11 -20.42 -2.58
C THR A 40 -1.41 -20.68 -2.59
N THR A 41 -2.04 -20.51 -1.42
CA THR A 41 -3.49 -20.74 -1.26
C THR A 41 -4.33 -19.89 -2.23
N GLN A 42 -5.20 -20.54 -3.00
CA GLN A 42 -6.01 -19.86 -4.02
C GLN A 42 -7.38 -19.41 -3.47
N SER A 43 -7.38 -18.87 -2.24
CA SER A 43 -8.62 -18.35 -1.64
C SER A 43 -8.99 -16.99 -2.22
N THR A 44 -9.77 -17.00 -3.30
CA THR A 44 -10.14 -15.78 -4.03
C THR A 44 -11.29 -15.02 -3.36
N SER A 45 -11.01 -14.35 -2.23
CA SER A 45 -12.04 -13.55 -1.52
C SER A 45 -11.50 -12.17 -1.10
N GLY A 46 -10.32 -11.81 -1.58
CA GLY A 46 -9.72 -10.51 -1.24
C GLY A 46 -10.32 -9.35 -2.04
N SER A 47 -10.41 -8.18 -1.42
CA SER A 47 -10.95 -6.98 -2.09
C SER A 47 -9.89 -6.28 -2.95
N SER A 48 -9.64 -6.81 -4.14
CA SER A 48 -8.71 -6.19 -5.09
C SER A 48 -9.45 -5.20 -6.01
N ALA A 49 -9.63 -3.97 -5.53
CA ALA A 49 -10.39 -2.95 -6.27
C ALA A 49 -10.09 -1.53 -5.79
N ASN A 50 -9.95 -0.61 -6.73
CA ASN A 50 -9.69 0.80 -6.41
C ASN A 50 -11.00 1.52 -6.06
N LEU A 51 -11.30 1.62 -4.77
CA LEU A 51 -12.56 2.23 -4.30
C LEU A 51 -12.41 3.74 -4.01
N TYR A 52 -11.53 4.41 -4.75
CA TYR A 52 -11.25 5.84 -4.51
C TYR A 52 -11.37 6.66 -5.80
N THR A 53 -11.21 7.98 -5.71
CA THR A 53 -11.41 8.88 -6.87
C THR A 53 -10.11 9.52 -7.38
N ALA A 54 -8.97 8.94 -7.01
CA ALA A 54 -7.64 9.49 -7.36
C ALA A 54 -7.39 10.84 -6.65
N GLY A 55 -6.12 11.16 -6.42
CA GLY A 55 -5.78 12.40 -5.72
C GLY A 55 -5.87 12.26 -4.21
N GLN A 56 -6.81 11.45 -3.73
CA GLN A 56 -6.97 11.16 -2.30
C GLN A 56 -5.72 10.46 -1.75
N CYS A 57 -5.31 10.82 -0.54
CA CYS A 57 -4.15 10.20 0.11
C CYS A 57 -4.30 8.67 0.16
N THR A 58 -5.49 8.23 0.56
CA THR A 58 -5.84 6.79 0.60
C THR A 58 -5.58 6.10 -0.74
N TRP A 59 -5.97 6.76 -1.83
CA TRP A 59 -5.73 6.24 -3.19
C TRP A 59 -4.24 5.97 -3.43
N TYR A 60 -3.41 6.97 -3.09
CA TYR A 60 -1.95 6.86 -3.25
C TYR A 60 -1.36 5.75 -2.37
N VAL A 61 -1.80 5.70 -1.11
CA VAL A 61 -1.33 4.67 -0.17
C VAL A 61 -1.67 3.26 -0.67
N TYR A 62 -2.90 3.10 -1.17
CA TYR A 62 -3.35 1.82 -1.72
C TYR A 62 -2.42 1.32 -2.83
N ASP A 63 -1.92 2.24 -3.65
CA ASP A 63 -0.98 1.89 -4.72
C ASP A 63 0.41 1.56 -4.15
N LYS A 64 0.92 2.42 -3.27
CA LYS A 64 2.26 2.23 -2.67
C LYS A 64 2.38 0.90 -1.92
N VAL A 65 1.29 0.49 -1.26
CA VAL A 65 1.26 -0.78 -0.51
C VAL A 65 1.03 -1.98 -1.44
N GLY A 66 1.12 -1.75 -2.76
CA GLY A 66 0.94 -2.81 -3.75
C GLY A 66 -0.48 -3.38 -3.77
N GLY A 67 -1.43 -2.64 -3.23
CA GLY A 67 -2.82 -3.10 -3.19
C GLY A 67 -3.01 -4.39 -2.40
N ASN A 68 -2.10 -4.69 -1.47
CA ASN A 68 -2.18 -5.91 -0.65
C ASN A 68 -3.04 -5.70 0.60
N ILE A 69 -3.75 -4.57 0.67
CA ILE A 69 -4.63 -4.27 1.80
C ILE A 69 -6.10 -4.31 1.38
N GLY A 70 -6.97 -4.68 2.31
CA GLY A 70 -8.41 -4.68 2.05
C GLY A 70 -8.99 -3.28 1.88
N SER A 71 -8.90 -2.74 0.67
CA SER A 71 -9.41 -1.38 0.36
C SER A 71 -10.87 -1.19 0.81
N THR A 72 -11.59 -2.30 0.99
CA THR A 72 -13.00 -2.27 1.43
C THR A 72 -13.16 -1.75 2.87
N TRP A 73 -12.05 -1.44 3.54
CA TRP A 73 -12.09 -0.89 4.91
C TRP A 73 -12.78 0.48 4.96
N GLY A 74 -12.82 1.19 3.83
CA GLY A 74 -13.52 2.47 3.75
C GLY A 74 -12.64 3.67 4.11
N ASN A 75 -13.15 4.54 4.98
CA ASN A 75 -12.44 5.77 5.35
C ASN A 75 -11.24 5.48 6.27
N ALA A 76 -10.25 6.38 6.24
CA ALA A 76 -8.96 6.18 6.91
C ALA A 76 -9.03 6.27 8.46
N ASN A 77 -10.16 5.89 9.04
CA ASN A 77 -10.28 5.73 10.50
C ASN A 77 -10.46 4.24 10.86
N ASN A 78 -10.85 3.45 9.86
CA ASN A 78 -11.20 2.03 10.07
C ASN A 78 -10.09 1.08 9.57
N TRP A 79 -9.01 1.63 9.02
CA TRP A 79 -7.98 0.82 8.36
C TRP A 79 -7.23 -0.09 9.36
N ALA A 80 -6.61 0.51 10.37
CA ALA A 80 -5.88 -0.25 11.38
C ALA A 80 -6.80 -1.18 12.18
N SER A 81 -7.98 -0.68 12.53
CA SER A 81 -8.97 -1.48 13.27
C SER A 81 -9.36 -2.75 12.50
N ALA A 82 -9.74 -2.57 11.23
CA ALA A 82 -10.10 -3.70 10.37
C ALA A 82 -8.89 -4.62 10.10
N ALA A 83 -7.72 -4.01 9.96
CA ALA A 83 -6.46 -4.76 9.80
C ALA A 83 -6.25 -5.74 10.95
N SER A 84 -6.33 -5.24 12.19
CA SER A 84 -6.20 -6.08 13.39
C SER A 84 -7.32 -7.12 13.47
N SER A 85 -8.51 -6.76 12.98
CA SER A 85 -9.67 -7.67 12.98
C SER A 85 -9.57 -8.75 11.89
N ALA A 86 -8.97 -8.41 10.77
CA ALA A 86 -8.84 -9.33 9.63
C ALA A 86 -7.68 -10.33 9.80
N GLY A 87 -6.49 -9.80 10.11
CA GLY A 87 -5.32 -10.66 10.28
C GLY A 87 -4.00 -10.02 9.88
N TYR A 88 -3.96 -8.68 9.90
CA TYR A 88 -2.74 -7.93 9.58
C TYR A 88 -1.90 -7.67 10.84
N THR A 89 -0.77 -7.02 10.66
CA THR A 89 0.18 -6.73 11.76
C THR A 89 0.18 -5.24 12.11
N VAL A 90 -0.70 -4.84 13.03
CA VAL A 90 -0.83 -3.42 13.41
C VAL A 90 -0.13 -3.14 14.75
N ASN A 91 0.96 -2.39 14.71
CA ASN A 91 1.74 -2.06 15.90
C ASN A 91 2.12 -0.57 15.93
N ASN A 92 2.78 -0.15 17.00
CA ASN A 92 3.30 1.23 17.09
C ASN A 92 4.72 1.32 16.52
N SER A 93 5.24 0.18 16.05
CA SER A 93 6.56 0.13 15.40
C SER A 93 6.54 0.87 14.05
N PRO A 94 7.28 1.97 13.95
CA PRO A 94 7.23 2.87 12.78
C PRO A 94 8.14 2.48 11.60
N GLU A 95 8.68 1.26 11.62
CA GLU A 95 9.61 0.81 10.57
C GLU A 95 8.97 0.89 9.17
N ALA A 96 9.80 1.22 8.17
CA ALA A 96 9.35 1.36 6.79
C ALA A 96 8.61 0.11 6.27
N GLY A 97 7.78 0.30 5.24
CA GLY A 97 6.95 -0.78 4.75
C GLY A 97 5.65 -0.90 5.55
N SER A 98 5.08 0.24 5.92
CA SER A 98 3.85 0.26 6.73
C SER A 98 3.03 1.53 6.48
N ILE A 99 1.84 1.56 7.07
CA ILE A 99 0.91 2.68 6.90
C ILE A 99 0.45 3.24 8.26
N LEU A 100 0.64 4.53 8.51
CA LEU A 100 0.21 5.12 9.80
C LEU A 100 -1.22 5.66 9.71
N GLN A 101 -2.02 5.43 10.74
CA GLN A 101 -3.40 5.93 10.79
C GLN A 101 -3.55 7.08 11.78
N SER A 102 -4.13 8.19 11.31
CA SER A 102 -4.31 9.39 12.15
C SER A 102 -5.52 9.29 13.09
N THR A 103 -6.71 9.06 12.53
CA THR A 103 -8.00 9.04 13.28
C THR A 103 -8.40 10.45 13.78
N ALA A 104 -7.50 11.12 14.50
CA ALA A 104 -7.74 12.45 15.06
C ALA A 104 -8.21 13.47 13.99
N GLY A 105 -7.78 13.26 12.74
CA GLY A 105 -8.17 14.16 11.66
C GLY A 105 -9.66 14.14 11.31
N GLY A 106 -10.44 13.28 11.99
CA GLY A 106 -11.87 13.18 11.73
C GLY A 106 -12.19 12.32 10.51
N TYR A 107 -11.78 12.80 9.34
CA TYR A 107 -11.93 12.05 8.09
C TYR A 107 -10.96 10.87 8.03
N GLY A 108 -10.14 10.72 9.08
CA GLY A 108 -9.04 9.79 9.05
C GLY A 108 -7.89 10.28 8.18
N HIS A 109 -6.81 9.50 8.14
CA HIS A 109 -5.65 9.84 7.31
C HIS A 109 -4.61 8.73 7.37
N VAL A 110 -4.03 8.42 6.21
CA VAL A 110 -3.04 7.35 6.07
C VAL A 110 -1.95 7.73 5.06
N ALA A 111 -0.72 7.27 5.33
CA ALA A 111 0.42 7.51 4.42
C ALA A 111 1.44 6.37 4.52
N TYR A 112 2.14 6.10 3.42
CA TYR A 112 3.11 5.00 3.37
C TYR A 112 4.49 5.45 3.87
N VAL A 113 5.05 4.71 4.84
CA VAL A 113 6.34 5.05 5.42
C VAL A 113 7.50 4.79 4.44
N GLU A 114 8.14 5.87 3.98
CA GLU A 114 9.28 5.78 3.06
C GLU A 114 10.57 5.34 3.78
N ASN A 115 10.83 5.93 4.94
CA ASN A 115 12.06 5.66 5.70
C ASN A 115 11.95 6.09 7.17
N VAL A 116 12.87 5.58 7.99
CA VAL A 116 12.95 5.96 9.40
C VAL A 116 14.39 6.34 9.77
N ASN A 117 14.63 7.63 10.00
CA ASN A 117 15.99 8.11 10.29
C ASN A 117 16.41 7.79 11.73
N SER A 118 17.73 7.75 11.95
CA SER A 118 18.29 7.43 13.27
C SER A 118 17.86 8.43 14.36
N ASP A 119 17.29 9.56 13.95
CA ASP A 119 16.77 10.55 14.89
C ASP A 119 15.41 10.11 15.47
N GLY A 120 14.87 9.01 14.95
CA GLY A 120 13.55 8.53 15.38
C GLY A 120 12.42 9.07 14.51
N SER A 121 12.72 10.12 13.74
CA SER A 121 11.75 10.76 12.85
C SER A 121 11.33 9.83 11.69
N VAL A 122 10.02 9.73 11.49
CA VAL A 122 9.46 8.85 10.45
C VAL A 122 9.09 9.64 9.18
N GLU A 123 9.63 9.21 8.05
CA GLU A 123 9.40 9.91 6.77
C GLU A 123 8.34 9.17 5.93
N VAL A 124 7.17 9.79 5.76
CA VAL A 124 6.07 9.16 5.02
C VAL A 124 5.73 9.92 3.72
N SER A 125 5.18 9.19 2.74
CA SER A 125 4.77 9.79 1.46
C SER A 125 3.25 10.03 1.40
N GLU A 126 2.87 11.28 1.19
CA GLU A 126 1.45 11.68 1.15
C GLU A 126 1.14 12.47 -0.14
N MET A 127 0.16 12.01 -0.91
CA MET A 127 -0.28 12.75 -2.10
C MET A 127 -0.92 14.09 -1.69
N ASN A 128 -0.26 15.20 -2.02
CA ASN A 128 -0.68 16.52 -1.54
C ASN A 128 -0.59 17.59 -2.66
N TYR A 129 0.47 17.52 -3.46
CA TYR A 129 0.68 18.47 -4.55
C TYR A 129 -0.32 18.23 -5.70
N ASN A 130 -0.48 19.24 -6.55
CA ASN A 130 -1.38 19.13 -7.72
C ASN A 130 -0.59 18.73 -8.97
N GLY A 131 -0.92 17.56 -9.53
CA GLY A 131 -0.23 17.08 -10.71
C GLY A 131 -0.79 15.76 -11.24
N GLY A 132 -0.81 14.74 -10.39
CA GLY A 132 -1.31 13.44 -10.81
C GLY A 132 -0.92 12.31 -9.86
N PRO A 133 -0.83 11.06 -10.37
CA PRO A 133 -0.53 9.87 -9.54
C PRO A 133 0.76 10.00 -8.71
N PHE A 134 1.66 10.90 -9.10
CA PHE A 134 2.94 11.07 -8.40
C PHE A 134 3.20 12.52 -7.96
N SER A 135 2.13 13.29 -7.76
CA SER A 135 2.26 14.62 -7.15
C SER A 135 2.22 14.50 -5.62
N VAL A 136 3.31 13.97 -5.07
CA VAL A 136 3.38 13.58 -3.66
C VAL A 136 4.21 14.55 -2.81
N SER A 137 4.05 14.46 -1.49
CA SER A 137 4.84 15.25 -0.54
C SER A 137 5.57 14.32 0.43
N GLU A 138 6.80 14.67 0.77
CA GLU A 138 7.60 13.90 1.72
C GLU A 138 7.50 14.52 3.13
N ARG A 139 6.70 13.90 4.00
CA ARG A 139 6.44 14.44 5.33
C ARG A 139 7.25 13.70 6.42
N THR A 140 8.29 14.34 6.94
CA THR A 140 9.08 13.78 8.04
C THR A 140 8.49 14.17 9.40
N ILE A 141 7.82 13.21 10.06
CA ILE A 141 7.18 13.46 11.35
C ILE A 141 8.10 13.09 12.53
N SER A 142 8.07 13.92 13.59
CA SER A 142 8.87 13.65 14.80
C SER A 142 8.42 12.36 15.50
N ALA A 143 9.36 11.66 16.12
CA ALA A 143 9.08 10.37 16.78
C ALA A 143 7.91 10.46 17.76
N GLY A 144 7.91 11.47 18.61
CA GLY A 144 6.84 11.64 19.61
C GLY A 144 5.44 11.72 19.00
N GLU A 145 5.33 12.33 17.83
CA GLU A 145 4.04 12.45 17.14
C GLU A 145 3.77 11.23 16.23
N ALA A 146 4.84 10.70 15.63
CA ALA A 146 4.73 9.54 14.74
C ALA A 146 4.20 8.30 15.48
N SER A 147 4.78 8.00 16.64
CA SER A 147 4.36 6.85 17.45
C SER A 147 2.95 7.02 18.03
N SER A 148 2.39 8.23 17.86
CA SER A 148 1.00 8.50 18.25
C SER A 148 0.02 7.96 17.19
N TYR A 149 0.57 7.59 16.04
CA TYR A 149 -0.23 7.00 14.96
C TYR A 149 0.05 5.50 14.86
N ASN A 150 -1.01 4.70 14.71
CA ASN A 150 -0.87 3.23 14.64
C ASN A 150 -0.49 2.76 13.22
N TYR A 151 0.55 1.93 13.13
CA TYR A 151 1.11 1.48 11.84
C TYR A 151 0.63 0.08 11.44
N ILE A 152 0.04 -0.01 10.25
CA ILE A 152 -0.35 -1.29 9.66
C ILE A 152 0.83 -1.90 8.87
N HIS A 153 1.22 -3.13 9.22
CA HIS A 153 2.30 -3.84 8.54
C HIS A 153 1.76 -5.07 7.81
N LEU A 154 2.39 -5.46 6.71
CA LEU A 154 1.95 -6.62 5.93
C LEU A 154 2.66 -7.90 6.36
N ASN A 155 1.89 -8.93 6.66
CA ASN A 155 2.45 -10.22 7.13
C ASN A 155 2.04 -11.38 6.21
N MET A 1 79.49 -1.07 -40.86
CA MET A 1 79.47 -2.40 -41.53
C MET A 1 78.30 -2.52 -42.54
N LYS A 2 77.14 -1.98 -42.17
CA LYS A 2 75.90 -2.16 -42.94
C LYS A 2 75.57 -3.65 -43.12
N LYS A 3 74.91 -4.22 -42.11
CA LYS A 3 74.49 -5.63 -42.13
C LYS A 3 73.01 -5.75 -41.73
N LEU A 4 72.21 -6.36 -42.60
CA LEU A 4 70.77 -6.52 -42.34
C LEU A 4 70.31 -7.99 -42.44
N VAL A 5 69.41 -8.39 -41.57
CA VAL A 5 68.88 -9.76 -41.57
C VAL A 5 67.60 -9.86 -42.42
N THR A 6 66.73 -8.87 -42.29
CA THR A 6 65.47 -8.79 -43.06
C THR A 6 64.42 -9.80 -42.59
N ALA A 7 64.78 -11.08 -42.56
CA ALA A 7 63.86 -12.13 -42.09
C ALA A 7 63.65 -12.05 -40.56
N THR A 8 62.59 -11.37 -40.16
CA THR A 8 62.28 -11.20 -38.73
C THR A 8 61.43 -12.34 -38.19
N THR A 9 61.90 -13.01 -37.13
CA THR A 9 61.15 -14.10 -36.50
C THR A 9 59.82 -13.59 -35.92
N LEU A 10 58.72 -13.89 -36.64
CA LEU A 10 57.37 -13.50 -36.20
C LEU A 10 56.66 -14.63 -35.45
N THR A 11 55.47 -14.35 -34.93
CA THR A 11 54.68 -15.34 -34.18
C THR A 11 53.20 -15.30 -34.57
N ALA A 12 52.64 -16.46 -34.93
CA ALA A 12 51.22 -16.55 -35.31
C ALA A 12 50.59 -17.85 -34.79
N GLY A 13 49.32 -17.78 -34.38
CA GLY A 13 48.62 -18.96 -33.88
C GLY A 13 47.49 -18.61 -32.92
N ILE A 14 47.69 -18.94 -31.63
CA ILE A 14 46.71 -18.67 -30.54
C ILE A 14 45.25 -18.99 -30.91
N GLY A 15 45.05 -19.89 -31.86
CA GLY A 15 43.70 -20.27 -32.28
C GLY A 15 43.23 -21.56 -31.64
N ALA A 16 42.43 -21.45 -30.57
CA ALA A 16 41.90 -22.61 -29.86
C ALA A 16 40.67 -22.26 -29.00
N ALA A 17 39.64 -23.10 -29.06
CA ALA A 17 38.40 -22.87 -28.31
C ALA A 17 37.56 -24.15 -28.17
N ILE A 18 36.84 -24.28 -27.06
CA ILE A 18 35.96 -25.43 -26.82
C ILE A 18 34.57 -25.00 -26.29
N VAL A 19 33.54 -25.77 -26.59
CA VAL A 19 32.18 -25.49 -26.13
C VAL A 19 31.44 -26.77 -25.69
N GLY A 20 30.33 -26.59 -24.95
CA GLY A 20 29.50 -27.72 -24.52
C GLY A 20 28.02 -27.47 -24.77
N LEU A 21 27.24 -28.54 -24.97
CA LEU A 21 25.82 -28.41 -25.31
C LEU A 21 24.91 -28.71 -24.09
N ASP A 22 24.12 -27.71 -23.69
CA ASP A 22 23.21 -27.85 -22.53
C ASP A 22 21.86 -28.48 -22.93
N HIS A 23 21.19 -29.09 -21.95
CA HIS A 23 19.88 -29.72 -22.17
C HIS A 23 19.01 -29.66 -20.90
N GLY A 24 17.69 -29.58 -21.07
CA GLY A 24 16.78 -29.53 -19.95
C GLY A 24 15.35 -29.94 -20.32
N ASN A 25 14.38 -29.14 -19.89
CA ASN A 25 12.95 -29.40 -20.19
C ASN A 25 12.09 -28.16 -19.93
N GLU A 26 10.77 -28.31 -20.08
CA GLU A 26 9.84 -27.18 -19.94
C GLU A 26 8.80 -27.42 -18.81
N ALA A 27 7.66 -28.02 -19.18
CA ALA A 27 6.59 -28.31 -18.23
C ALA A 27 5.85 -29.59 -18.65
N ASP A 28 6.58 -30.69 -18.66
CA ASP A 28 6.11 -31.96 -19.22
C ASP A 28 5.10 -32.68 -18.28
N ALA A 29 4.66 -32.00 -17.23
CA ALA A 29 3.67 -32.56 -16.30
C ALA A 29 2.28 -32.61 -16.96
N ALA A 30 1.69 -33.81 -17.00
CA ALA A 30 0.38 -34.00 -17.64
C ALA A 30 -0.77 -33.44 -16.79
N GLU A 31 -1.13 -32.18 -17.04
CA GLU A 31 -2.22 -31.53 -16.30
C GLU A 31 -3.58 -31.80 -16.96
N GLN A 32 -4.16 -32.95 -16.65
CA GLN A 32 -5.49 -33.33 -17.15
C GLN A 32 -6.60 -32.77 -16.23
N THR A 33 -6.19 -32.00 -15.22
CA THR A 33 -7.14 -31.42 -14.26
C THR A 33 -7.57 -29.99 -14.62
N GLN A 34 -8.73 -29.58 -14.12
CA GLN A 34 -9.23 -28.22 -14.35
C GLN A 34 -10.36 -27.89 -13.35
N PRO A 35 -10.04 -27.15 -12.28
CA PRO A 35 -11.03 -26.76 -11.26
C PRO A 35 -11.88 -25.55 -11.67
N THR A 36 -13.14 -25.79 -12.05
CA THR A 36 -14.07 -24.70 -12.38
C THR A 36 -14.79 -24.16 -11.13
N ASN A 37 -14.59 -24.84 -10.00
CA ASN A 37 -15.19 -24.42 -8.73
C ASN A 37 -14.52 -23.14 -8.19
N GLN A 38 -15.32 -22.24 -7.61
CA GLN A 38 -14.80 -20.98 -7.08
C GLN A 38 -14.56 -21.02 -5.56
N SER A 39 -14.89 -22.15 -4.93
CA SER A 39 -14.68 -22.33 -3.48
C SER A 39 -13.18 -22.39 -3.15
N THR A 40 -12.60 -21.22 -2.87
CA THR A 40 -11.17 -21.11 -2.56
C THR A 40 -10.28 -21.56 -3.73
N THR A 41 -10.04 -20.66 -4.68
CA THR A 41 -9.22 -20.95 -5.87
C THR A 41 -7.75 -20.60 -5.64
N GLN A 42 -6.86 -21.57 -5.88
CA GLN A 42 -5.41 -21.34 -5.74
C GLN A 42 -4.90 -20.34 -6.78
N SER A 43 -5.26 -20.54 -8.05
CA SER A 43 -4.87 -19.63 -9.12
C SER A 43 -5.60 -18.29 -9.01
N THR A 44 -5.04 -17.38 -8.21
CA THR A 44 -5.62 -16.05 -8.02
C THR A 44 -5.07 -15.04 -9.04
N SER A 45 -5.94 -14.44 -9.84
CA SER A 45 -5.52 -13.50 -10.89
C SER A 45 -4.90 -12.22 -10.28
N GLY A 46 -3.84 -11.72 -10.90
CA GLY A 46 -3.23 -10.47 -10.46
C GLY A 46 -4.01 -9.24 -10.91
N SER A 47 -5.26 -9.13 -10.46
CA SER A 47 -6.12 -7.99 -10.79
C SER A 47 -5.77 -6.78 -9.92
N SER A 48 -4.96 -5.87 -10.46
CA SER A 48 -4.48 -4.69 -9.71
C SER A 48 -5.14 -3.41 -10.21
N ALA A 49 -6.01 -2.84 -9.38
CA ALA A 49 -6.69 -1.58 -9.70
C ALA A 49 -7.04 -0.81 -8.41
N ASN A 50 -6.79 0.50 -8.40
CA ASN A 50 -7.09 1.32 -7.23
C ASN A 50 -8.61 1.51 -7.08
N LEU A 51 -9.21 0.72 -6.18
CA LEU A 51 -10.67 0.72 -6.01
C LEU A 51 -11.15 1.85 -5.08
N TYR A 52 -10.31 2.86 -4.87
CA TYR A 52 -10.72 4.04 -4.09
C TYR A 52 -10.92 5.27 -4.99
N THR A 53 -11.17 6.41 -4.36
CA THR A 53 -11.47 7.65 -5.10
C THR A 53 -10.28 8.63 -5.08
N ALA A 54 -10.09 9.33 -6.20
CA ALA A 54 -8.95 10.25 -6.35
C ALA A 54 -9.15 11.54 -5.55
N GLY A 55 -8.07 12.04 -4.95
CA GLY A 55 -8.14 13.26 -4.16
C GLY A 55 -8.12 13.01 -2.66
N GLN A 56 -8.42 11.79 -2.25
CA GLN A 56 -8.44 11.43 -0.82
C GLN A 56 -7.12 10.78 -0.37
N CYS A 57 -6.89 10.77 0.94
CA CYS A 57 -5.64 10.24 1.51
C CYS A 57 -5.48 8.74 1.23
N THR A 58 -6.56 7.99 1.40
CA THR A 58 -6.56 6.53 1.21
C THR A 58 -6.17 6.12 -0.23
N TRP A 59 -6.41 7.02 -1.18
CA TRP A 59 -6.18 6.73 -2.60
C TRP A 59 -4.70 6.42 -2.90
N TYR A 60 -3.82 7.40 -2.68
CA TYR A 60 -2.40 7.24 -3.02
C TYR A 60 -1.72 6.16 -2.14
N VAL A 61 -2.21 5.99 -0.91
CA VAL A 61 -1.67 4.97 0.00
C VAL A 61 -1.84 3.56 -0.58
N TYR A 62 -3.04 3.30 -1.11
CA TYR A 62 -3.36 2.00 -1.73
C TYR A 62 -2.37 1.68 -2.86
N ASP A 63 -1.92 2.71 -3.56
CA ASP A 63 -0.93 2.56 -4.64
C ASP A 63 0.49 2.37 -4.08
N LYS A 64 0.86 3.20 -3.10
CA LYS A 64 2.18 3.12 -2.45
C LYS A 64 2.43 1.73 -1.81
N VAL A 65 1.36 1.11 -1.33
CA VAL A 65 1.46 -0.22 -0.72
C VAL A 65 1.22 -1.34 -1.76
N GLY A 66 1.25 -0.96 -3.05
CA GLY A 66 1.08 -1.94 -4.13
C GLY A 66 -0.26 -2.68 -4.09
N GLY A 67 -1.25 -2.09 -3.44
CA GLY A 67 -2.58 -2.72 -3.35
C GLY A 67 -2.60 -4.05 -2.61
N ASN A 68 -1.59 -4.30 -1.76
CA ASN A 68 -1.51 -5.57 -1.01
C ASN A 68 -2.37 -5.55 0.27
N ILE A 69 -3.23 -4.54 0.41
CA ILE A 69 -4.11 -4.42 1.58
C ILE A 69 -5.60 -4.47 1.18
N GLY A 70 -6.48 -4.45 2.19
CA GLY A 70 -7.92 -4.49 1.93
C GLY A 70 -8.44 -3.30 1.14
N SER A 71 -8.94 -3.55 -0.07
CA SER A 71 -9.46 -2.49 -0.95
C SER A 71 -10.84 -1.97 -0.51
N THR A 72 -11.37 -2.50 0.59
CA THR A 72 -12.68 -2.08 1.10
C THR A 72 -12.59 -1.50 2.53
N TRP A 73 -11.40 -1.07 2.94
CA TRP A 73 -11.21 -0.49 4.28
C TRP A 73 -11.87 0.90 4.38
N GLY A 74 -11.80 1.67 3.30
CA GLY A 74 -12.50 2.96 3.22
C GLY A 74 -11.97 4.02 4.20
N ASN A 75 -12.79 4.36 5.20
CA ASN A 75 -12.47 5.41 6.17
C ASN A 75 -11.03 5.30 6.71
N ALA A 76 -10.27 6.37 6.59
CA ALA A 76 -8.86 6.39 7.03
C ALA A 76 -8.73 6.24 8.56
N ASN A 77 -9.83 6.40 9.28
CA ASN A 77 -9.86 6.18 10.73
C ASN A 77 -10.31 4.75 11.08
N ASN A 78 -10.60 3.95 10.05
CA ASN A 78 -11.11 2.58 10.23
C ASN A 78 -10.02 1.52 9.95
N TRP A 79 -8.91 1.95 9.35
CA TRP A 79 -7.87 1.02 8.87
C TRP A 79 -7.29 0.12 9.98
N ALA A 80 -7.19 0.63 11.21
CA ALA A 80 -6.70 -0.16 12.34
C ALA A 80 -7.65 -1.32 12.67
N SER A 81 -8.93 -1.01 12.82
CA SER A 81 -9.96 -2.04 13.06
C SER A 81 -10.08 -2.99 11.87
N ALA A 82 -10.09 -2.41 10.66
CA ALA A 82 -10.16 -3.19 9.42
C ALA A 82 -8.96 -4.14 9.28
N ALA A 83 -7.77 -3.66 9.62
CA ALA A 83 -6.57 -4.49 9.63
C ALA A 83 -6.74 -5.69 10.57
N SER A 84 -7.14 -5.40 11.81
CA SER A 84 -7.42 -6.45 12.80
C SER A 84 -8.53 -7.41 12.31
N SER A 85 -9.50 -6.88 11.57
CA SER A 85 -10.60 -7.68 11.01
C SER A 85 -10.14 -8.53 9.82
N ALA A 86 -9.09 -8.08 9.13
CA ALA A 86 -8.54 -8.82 7.98
C ALA A 86 -7.29 -9.63 8.34
N GLY A 87 -6.91 -9.59 9.61
CA GLY A 87 -5.77 -10.39 10.09
C GLY A 87 -4.41 -9.77 9.78
N TYR A 88 -4.30 -8.45 9.94
CA TYR A 88 -3.03 -7.74 9.71
C TYR A 88 -2.34 -7.37 11.03
N THR A 89 -1.09 -6.93 10.93
CA THR A 89 -0.23 -6.70 12.11
C THR A 89 -0.24 -5.23 12.55
N VAL A 90 -1.04 -4.90 13.57
CA VAL A 90 -1.16 -3.52 14.05
C VAL A 90 -0.29 -3.27 15.30
N ASN A 91 0.84 -2.59 15.10
CA ASN A 91 1.75 -2.19 16.21
C ASN A 91 2.27 -0.77 15.98
N ASN A 92 2.80 -0.14 17.01
CA ASN A 92 3.28 1.25 16.90
C ASN A 92 4.74 1.34 16.41
N SER A 93 5.32 0.20 16.08
CA SER A 93 6.66 0.16 15.46
C SER A 93 6.66 0.98 14.15
N PRO A 94 7.41 2.11 14.11
CA PRO A 94 7.36 3.05 12.98
C PRO A 94 8.15 2.61 11.74
N GLU A 95 8.81 1.45 11.82
CA GLU A 95 9.67 0.95 10.73
C GLU A 95 8.97 1.00 9.35
N ALA A 96 9.75 1.39 8.34
CA ALA A 96 9.24 1.57 6.96
C ALA A 96 8.59 0.29 6.40
N GLY A 97 7.81 0.46 5.33
CA GLY A 97 7.07 -0.66 4.76
C GLY A 97 5.76 -0.94 5.50
N SER A 98 5.15 0.13 6.01
CA SER A 98 3.90 0.02 6.77
C SER A 98 3.02 1.27 6.55
N ILE A 99 1.76 1.20 6.98
CA ILE A 99 0.85 2.35 6.87
C ILE A 99 0.43 2.86 8.27
N LEU A 100 0.65 4.14 8.56
CA LEU A 100 0.28 4.68 9.87
C LEU A 100 -1.09 5.38 9.84
N GLN A 101 -1.91 5.10 10.84
CA GLN A 101 -3.21 5.74 10.98
C GLN A 101 -3.14 6.92 11.96
N SER A 102 -3.09 8.12 11.42
CA SER A 102 -3.01 9.35 12.23
C SER A 102 -4.37 9.74 12.81
N THR A 103 -5.45 9.39 12.08
CA THR A 103 -6.85 9.73 12.46
C THR A 103 -7.15 11.25 12.37
N ALA A 104 -6.16 12.09 12.57
CA ALA A 104 -6.35 13.55 12.48
C ALA A 104 -6.64 14.00 11.03
N GLY A 105 -7.91 14.28 10.73
CA GLY A 105 -8.28 14.75 9.40
C GLY A 105 -9.73 14.47 9.03
N GLY A 106 -10.66 14.74 9.94
CA GLY A 106 -12.09 14.50 9.67
C GLY A 106 -12.43 13.01 9.56
N TYR A 107 -12.26 12.44 8.38
CA TYR A 107 -12.51 11.01 8.16
C TYR A 107 -11.26 10.18 8.52
N GLY A 108 -10.26 10.86 9.08
CA GLY A 108 -9.01 10.21 9.43
C GLY A 108 -7.88 10.52 8.47
N HIS A 109 -6.70 9.97 8.74
CA HIS A 109 -5.53 10.15 7.87
C HIS A 109 -4.62 8.92 7.93
N VAL A 110 -4.23 8.42 6.76
CA VAL A 110 -3.32 7.28 6.65
C VAL A 110 -2.26 7.54 5.57
N ALA A 111 -1.07 6.98 5.77
CA ALA A 111 0.02 7.18 4.81
C ALA A 111 1.05 6.04 4.86
N TYR A 112 1.72 5.80 3.74
CA TYR A 112 2.77 4.79 3.66
C TYR A 112 4.09 5.32 4.23
N VAL A 113 4.70 4.58 5.14
CA VAL A 113 5.99 4.96 5.71
C VAL A 113 7.14 4.70 4.72
N GLU A 114 7.60 5.78 4.10
CA GLU A 114 8.69 5.73 3.12
C GLU A 114 9.99 5.21 3.75
N ASN A 115 10.45 5.91 4.79
CA ASN A 115 11.70 5.57 5.48
C ASN A 115 11.76 6.22 6.88
N VAL A 116 12.44 5.55 7.82
CA VAL A 116 12.66 6.10 9.15
C VAL A 116 14.17 6.32 9.40
N ASN A 117 14.50 7.46 10.01
CA ASN A 117 15.90 7.81 10.28
C ASN A 117 16.25 7.68 11.76
N SER A 118 17.52 7.37 12.05
CA SER A 118 17.98 7.02 13.40
C SER A 118 17.78 8.15 14.42
N ASP A 119 17.99 9.40 13.99
CA ASP A 119 17.82 10.56 14.89
C ASP A 119 16.42 10.58 15.51
N GLY A 120 15.40 10.36 14.68
CA GLY A 120 14.03 10.29 15.17
C GLY A 120 13.03 11.02 14.27
N SER A 121 12.89 10.54 13.04
CA SER A 121 11.92 11.10 12.10
C SER A 121 11.38 10.03 11.16
N VAL A 122 10.06 10.02 10.98
CA VAL A 122 9.38 9.08 10.10
C VAL A 122 8.86 9.78 8.83
N GLU A 123 9.38 9.36 7.68
CA GLU A 123 8.98 9.94 6.39
C GLU A 123 7.75 9.22 5.81
N VAL A 124 6.65 9.95 5.66
CA VAL A 124 5.37 9.37 5.20
C VAL A 124 4.93 9.91 3.83
N SER A 125 4.21 9.08 3.08
CA SER A 125 3.73 9.43 1.73
C SER A 125 2.50 10.35 1.78
N GLU A 126 2.54 11.45 1.02
CA GLU A 126 1.35 12.34 0.90
C GLU A 126 1.21 12.92 -0.51
N MET A 127 -0.03 13.12 -0.93
CA MET A 127 -0.33 13.77 -2.22
C MET A 127 -0.69 15.26 -2.00
N ASN A 128 -0.51 16.08 -3.04
CA ASN A 128 -0.80 17.52 -2.95
C ASN A 128 0.06 18.19 -1.85
N TYR A 129 1.32 17.78 -1.77
CA TYR A 129 2.23 18.26 -0.72
C TYR A 129 3.52 18.82 -1.34
N ASN A 130 4.52 19.13 -0.49
CA ASN A 130 5.81 19.70 -0.94
C ASN A 130 6.36 19.02 -2.21
N GLY A 131 6.18 19.65 -3.36
CA GLY A 131 6.70 19.12 -4.61
C GLY A 131 5.96 17.88 -5.10
N GLY A 132 4.63 17.88 -4.98
CA GLY A 132 3.85 16.73 -5.43
C GLY A 132 2.35 17.00 -5.52
N PRO A 133 1.88 17.71 -6.57
CA PRO A 133 0.43 17.89 -6.81
C PRO A 133 -0.22 16.63 -7.42
N PHE A 134 0.48 16.02 -8.38
CA PHE A 134 0.06 14.74 -8.98
C PHE A 134 1.10 13.65 -8.70
N SER A 135 1.96 13.91 -7.71
CA SER A 135 3.04 12.98 -7.33
C SER A 135 3.10 12.81 -5.81
N VAL A 136 3.49 11.62 -5.37
CA VAL A 136 3.51 11.32 -3.93
C VAL A 136 4.76 11.91 -3.24
N SER A 137 4.53 12.96 -2.44
CA SER A 137 5.60 13.60 -1.67
C SER A 137 5.87 12.85 -0.35
N GLU A 138 6.89 13.29 0.39
CA GLU A 138 7.31 12.61 1.63
C GLU A 138 7.40 13.60 2.81
N ARG A 139 6.41 13.58 3.70
CA ARG A 139 6.43 14.43 4.89
C ARG A 139 7.33 13.82 5.98
N THR A 140 8.29 14.60 6.47
CA THR A 140 9.22 14.13 7.52
C THR A 140 8.68 14.48 8.91
N ILE A 141 8.06 13.51 9.57
CA ILE A 141 7.40 13.72 10.87
C ILE A 141 8.34 13.39 12.05
N SER A 142 8.34 14.23 13.08
CA SER A 142 9.15 13.99 14.29
C SER A 142 8.74 12.69 15.00
N ALA A 143 9.71 12.07 15.69
CA ALA A 143 9.48 10.81 16.40
C ALA A 143 8.33 10.92 17.42
N GLY A 144 8.35 11.97 18.23
CA GLY A 144 7.30 12.19 19.24
C GLY A 144 5.89 12.23 18.65
N GLU A 145 5.77 12.81 17.47
CA GLU A 145 4.49 12.90 16.77
C GLU A 145 4.09 11.53 16.15
N ALA A 146 5.00 10.98 15.35
CA ALA A 146 4.76 9.74 14.62
C ALA A 146 4.50 8.53 15.56
N SER A 147 5.25 8.46 16.65
CA SER A 147 5.14 7.33 17.60
C SER A 147 3.74 7.26 18.25
N SER A 148 2.98 8.34 18.14
CA SER A 148 1.61 8.39 18.69
C SER A 148 0.63 7.63 17.78
N TYR A 149 1.04 7.38 16.53
CA TYR A 149 0.17 6.76 15.53
C TYR A 149 0.35 5.23 15.50
N ASN A 150 -0.70 4.52 15.08
CA ASN A 150 -0.66 3.06 14.96
C ASN A 150 -0.20 2.64 13.54
N TYR A 151 0.75 1.71 13.47
CA TYR A 151 1.32 1.28 12.18
C TYR A 151 0.85 -0.12 11.75
N ILE A 152 0.38 -0.21 10.52
CA ILE A 152 -0.08 -1.47 9.92
C ILE A 152 1.06 -2.15 9.15
N HIS A 153 1.52 -3.29 9.65
CA HIS A 153 2.66 -4.01 9.05
C HIS A 153 2.21 -5.26 8.30
N LEU A 154 2.84 -5.53 7.16
CA LEU A 154 2.52 -6.69 6.34
C LEU A 154 3.47 -7.86 6.63
N ASN A 155 4.77 -7.54 6.80
CA ASN A 155 5.81 -8.54 7.12
C ASN A 155 5.93 -9.63 6.04
N MET A 1 -68.55 -3.37 -54.93
CA MET A 1 -67.60 -4.29 -55.63
C MET A 1 -67.22 -5.48 -54.74
N LYS A 2 -66.66 -5.23 -53.57
CA LYS A 2 -66.36 -6.30 -52.60
C LYS A 2 -67.64 -6.77 -51.89
N LYS A 3 -68.13 -7.94 -52.29
CA LYS A 3 -69.38 -8.48 -51.73
C LYS A 3 -69.14 -9.26 -50.42
N LEU A 4 -68.35 -10.33 -50.50
CA LEU A 4 -68.07 -11.18 -49.33
C LEU A 4 -66.56 -11.42 -49.16
N VAL A 5 -66.14 -11.72 -47.92
CA VAL A 5 -64.73 -11.96 -47.62
C VAL A 5 -64.57 -13.13 -46.61
N THR A 6 -63.70 -14.08 -46.92
CA THR A 6 -63.52 -15.28 -46.10
C THR A 6 -62.06 -15.47 -45.66
N ALA A 7 -61.84 -15.74 -44.37
CA ALA A 7 -60.51 -16.03 -43.83
C ALA A 7 -60.43 -17.47 -43.30
N THR A 8 -59.65 -18.31 -43.97
CA THR A 8 -59.60 -19.75 -43.64
C THR A 8 -58.28 -20.16 -42.97
N THR A 9 -57.18 -19.50 -43.32
CA THR A 9 -55.86 -19.87 -42.80
C THR A 9 -55.52 -19.17 -41.47
N LEU A 10 -54.99 -19.94 -40.52
CA LEU A 10 -54.49 -19.38 -39.25
C LEU A 10 -53.01 -19.75 -39.05
N THR A 11 -52.26 -18.86 -38.41
CA THR A 11 -50.80 -19.05 -38.21
C THR A 11 -50.51 -20.19 -37.22
N ALA A 12 -50.13 -21.35 -37.75
CA ALA A 12 -49.79 -22.51 -36.92
C ALA A 12 -48.57 -23.25 -37.48
N GLY A 13 -47.48 -23.25 -36.72
CA GLY A 13 -46.25 -23.91 -37.15
C GLY A 13 -45.28 -24.16 -35.99
N ILE A 14 -43.98 -24.04 -36.26
CA ILE A 14 -42.95 -24.26 -35.23
C ILE A 14 -41.80 -23.25 -35.35
N GLY A 15 -41.86 -22.18 -34.56
CA GLY A 15 -40.81 -21.16 -34.58
C GLY A 15 -39.76 -21.35 -33.50
N ALA A 16 -39.16 -22.54 -33.46
CA ALA A 16 -38.15 -22.88 -32.43
C ALA A 16 -36.80 -22.21 -32.71
N ALA A 17 -36.34 -21.37 -31.78
CA ALA A 17 -35.06 -20.65 -31.94
C ALA A 17 -34.37 -20.40 -30.59
N ILE A 18 -33.05 -20.58 -30.54
CA ILE A 18 -32.25 -20.34 -29.31
C ILE A 18 -31.03 -19.44 -29.61
N VAL A 19 -30.86 -18.37 -28.82
CA VAL A 19 -29.81 -17.36 -29.08
C VAL A 19 -28.46 -17.74 -28.43
N GLY A 20 -28.33 -17.50 -27.12
CA GLY A 20 -27.05 -17.72 -26.44
C GLY A 20 -26.09 -16.53 -26.57
N LEU A 21 -26.37 -15.45 -25.84
CA LEU A 21 -25.57 -14.22 -25.92
C LEU A 21 -24.38 -14.24 -24.93
N ASP A 22 -23.22 -13.79 -25.41
CA ASP A 22 -22.00 -13.71 -24.58
C ASP A 22 -20.90 -12.91 -25.31
N HIS A 23 -20.27 -11.96 -24.60
CA HIS A 23 -19.17 -11.17 -25.17
C HIS A 23 -18.47 -10.32 -24.10
N GLY A 24 -17.14 -10.29 -24.14
CA GLY A 24 -16.37 -9.47 -23.19
C GLY A 24 -15.50 -10.29 -22.24
N ASN A 25 -14.18 -10.11 -22.34
CA ASN A 25 -13.23 -10.80 -21.46
C ASN A 25 -11.96 -9.98 -21.25
N GLU A 26 -11.52 -9.87 -19.99
CA GLU A 26 -10.31 -9.13 -19.64
C GLU A 26 -9.52 -9.82 -18.52
N ALA A 27 -8.20 -9.78 -18.60
CA ALA A 27 -7.34 -10.43 -17.60
C ALA A 27 -5.91 -9.89 -17.62
N ASP A 28 -5.64 -8.85 -16.82
CA ASP A 28 -4.31 -8.25 -16.74
C ASP A 28 -3.37 -9.07 -15.82
N ALA A 29 -2.08 -8.71 -15.80
CA ALA A 29 -1.09 -9.44 -15.00
C ALA A 29 0.09 -8.54 -14.59
N ALA A 30 0.78 -8.92 -13.51
CA ALA A 30 1.92 -8.15 -12.99
C ALA A 30 2.63 -8.88 -11.82
N GLU A 31 3.57 -9.76 -12.15
CA GLU A 31 4.33 -10.51 -11.13
C GLU A 31 5.84 -10.27 -11.27
N GLN A 32 6.46 -9.71 -10.23
CA GLN A 32 7.91 -9.47 -10.25
C GLN A 32 8.60 -10.07 -9.00
N THR A 33 9.87 -10.43 -9.16
CA THR A 33 10.68 -10.96 -8.05
C THR A 33 11.78 -9.96 -7.67
N GLN A 34 12.19 -9.98 -6.39
CA GLN A 34 13.20 -9.05 -5.87
C GLN A 34 14.29 -9.80 -5.09
N PRO A 35 15.48 -9.19 -4.89
CA PRO A 35 16.57 -9.80 -4.11
C PRO A 35 16.32 -9.81 -2.58
N THR A 36 15.04 -9.89 -2.19
CA THR A 36 14.66 -9.93 -0.76
C THR A 36 14.89 -11.32 -0.17
N ASN A 37 14.43 -11.54 1.06
CA ASN A 37 14.44 -12.88 1.65
C ASN A 37 13.35 -13.76 1.02
N GLN A 38 13.19 -14.98 1.53
CA GLN A 38 12.28 -15.97 0.92
C GLN A 38 11.36 -16.65 1.94
N SER A 39 10.10 -16.21 1.97
CA SER A 39 9.07 -16.83 2.82
C SER A 39 8.52 -18.11 2.17
N THR A 40 7.91 -18.97 2.97
CA THR A 40 7.21 -20.15 2.46
C THR A 40 5.76 -19.80 2.09
N THR A 41 5.24 -20.40 1.02
CA THR A 41 3.90 -20.06 0.48
C THR A 41 3.77 -18.56 0.20
N GLN A 42 4.02 -18.17 -1.06
CA GLN A 42 4.09 -16.75 -1.45
C GLN A 42 2.68 -16.16 -1.68
N SER A 43 2.61 -14.82 -1.73
CA SER A 43 1.36 -14.13 -2.08
C SER A 43 0.89 -14.52 -3.48
N THR A 44 -0.34 -15.02 -3.58
CA THR A 44 -0.86 -15.55 -4.85
C THR A 44 -0.85 -14.51 -5.97
N SER A 45 -1.62 -13.43 -5.82
CA SER A 45 -1.67 -12.36 -6.84
C SER A 45 -2.23 -11.06 -6.27
N GLY A 46 -1.58 -9.94 -6.60
CA GLY A 46 -2.11 -8.62 -6.27
C GLY A 46 -3.10 -8.11 -7.32
N SER A 47 -3.61 -6.90 -7.13
CA SER A 47 -4.59 -6.33 -8.07
C SER A 47 -4.39 -4.82 -8.24
N SER A 48 -4.70 -4.32 -9.44
CA SER A 48 -4.61 -2.87 -9.73
C SER A 48 -5.95 -2.16 -9.43
N ALA A 49 -7.04 -2.91 -9.42
CA ALA A 49 -8.37 -2.36 -9.17
C ALA A 49 -8.51 -1.79 -7.74
N ASN A 50 -8.30 -0.49 -7.60
CA ASN A 50 -8.41 0.17 -6.29
C ASN A 50 -9.85 0.65 -6.02
N LEU A 51 -10.30 0.53 -4.78
CA LEU A 51 -11.67 0.87 -4.41
C LEU A 51 -11.81 2.30 -3.88
N TYR A 52 -10.79 3.14 -4.13
CA TYR A 52 -10.83 4.55 -3.71
C TYR A 52 -10.84 5.50 -4.92
N THR A 53 -10.75 6.80 -4.65
CA THR A 53 -10.81 7.82 -5.71
C THR A 53 -9.64 8.82 -5.61
N ALA A 54 -9.37 9.53 -6.71
CA ALA A 54 -8.18 10.39 -6.82
C ALA A 54 -8.31 11.73 -6.03
N GLY A 55 -8.97 11.68 -4.88
CA GLY A 55 -9.15 12.88 -4.05
C GLY A 55 -9.14 12.61 -2.56
N GLN A 56 -8.88 11.35 -2.18
CA GLN A 56 -8.86 10.96 -0.76
C GLN A 56 -7.46 10.48 -0.33
N CYS A 57 -7.11 10.73 0.93
CA CYS A 57 -5.82 10.26 1.48
C CYS A 57 -5.67 8.73 1.32
N THR A 58 -6.80 8.04 1.37
CA THR A 58 -6.83 6.57 1.27
C THR A 58 -6.41 6.04 -0.11
N TRP A 59 -6.45 6.91 -1.12
CA TRP A 59 -6.17 6.50 -2.50
C TRP A 59 -4.67 6.29 -2.77
N TYR A 60 -3.90 7.38 -2.81
CA TYR A 60 -2.49 7.34 -3.24
C TYR A 60 -1.62 6.42 -2.35
N VAL A 61 -2.09 6.08 -1.15
CA VAL A 61 -1.38 5.13 -0.28
C VAL A 61 -1.43 3.71 -0.89
N TYR A 62 -2.54 3.39 -1.55
CA TYR A 62 -2.74 2.10 -2.19
C TYR A 62 -1.63 1.81 -3.22
N ASP A 63 -1.41 2.76 -4.13
CA ASP A 63 -0.37 2.64 -5.14
C ASP A 63 1.03 2.47 -4.52
N LYS A 64 1.32 3.24 -3.48
CA LYS A 64 2.63 3.18 -2.81
C LYS A 64 2.85 1.83 -2.10
N VAL A 65 1.78 1.22 -1.60
CA VAL A 65 1.88 -0.09 -0.94
C VAL A 65 1.69 -1.25 -1.94
N GLY A 66 1.67 -0.92 -3.23
CA GLY A 66 1.53 -1.92 -4.28
C GLY A 66 0.15 -2.59 -4.29
N GLY A 67 -0.80 -2.00 -3.59
CA GLY A 67 -2.16 -2.55 -3.54
C GLY A 67 -2.28 -3.83 -2.71
N ASN A 68 -1.21 -4.21 -2.01
CA ASN A 68 -1.19 -5.47 -1.25
C ASN A 68 -1.94 -5.36 0.10
N ILE A 69 -3.02 -4.59 0.12
CA ILE A 69 -3.83 -4.38 1.33
C ILE A 69 -5.28 -4.81 1.13
N GLY A 70 -5.78 -4.69 -0.10
CA GLY A 70 -7.18 -5.04 -0.38
C GLY A 70 -8.06 -3.83 -0.69
N SER A 71 -7.71 -2.68 -0.10
CA SER A 71 -8.43 -1.39 -0.32
C SER A 71 -9.92 -1.45 0.09
N THR A 72 -10.35 -2.57 0.66
CA THR A 72 -11.75 -2.73 1.09
C THR A 72 -11.98 -2.15 2.49
N TRP A 73 -10.98 -1.43 3.02
CA TRP A 73 -11.05 -0.87 4.37
C TRP A 73 -11.88 0.43 4.38
N GLY A 74 -11.78 1.23 3.33
CA GLY A 74 -12.61 2.43 3.20
C GLY A 74 -12.04 3.66 3.91
N ASN A 75 -12.82 4.23 4.82
CA ASN A 75 -12.43 5.44 5.57
C ASN A 75 -11.05 5.31 6.22
N ALA A 76 -10.28 6.41 6.20
CA ALA A 76 -8.90 6.40 6.72
C ALA A 76 -8.86 6.08 8.23
N ASN A 77 -9.89 6.49 8.96
CA ASN A 77 -9.98 6.20 10.40
C ASN A 77 -10.42 4.75 10.67
N ASN A 78 -10.62 3.97 9.60
CA ASN A 78 -11.12 2.59 9.72
C ASN A 78 -10.07 1.55 9.25
N TRP A 79 -8.96 2.03 8.68
CA TRP A 79 -7.92 1.14 8.14
C TRP A 79 -7.34 0.18 9.18
N ALA A 80 -6.82 0.72 10.28
CA ALA A 80 -6.21 -0.09 11.34
C ALA A 80 -7.25 -0.96 12.05
N SER A 81 -8.47 -0.44 12.16
CA SER A 81 -9.58 -1.21 12.76
C SER A 81 -9.87 -2.48 11.96
N ALA A 82 -10.05 -2.32 10.65
CA ALA A 82 -10.32 -3.45 9.76
C ALA A 82 -9.08 -4.36 9.61
N ALA A 83 -7.91 -3.73 9.52
CA ALA A 83 -6.64 -4.48 9.44
C ALA A 83 -6.46 -5.42 10.65
N SER A 84 -6.48 -4.85 11.85
CA SER A 84 -6.28 -5.64 13.08
C SER A 84 -7.35 -6.74 13.22
N SER A 85 -8.58 -6.43 12.81
CA SER A 85 -9.68 -7.41 12.86
C SER A 85 -9.51 -8.52 11.81
N ALA A 86 -9.06 -8.14 10.61
CA ALA A 86 -8.91 -9.08 9.49
C ALA A 86 -7.60 -9.88 9.57
N GLY A 87 -6.90 -9.80 10.70
CA GLY A 87 -5.69 -10.61 10.90
C GLY A 87 -4.40 -9.91 10.49
N TYR A 88 -4.47 -8.64 10.09
CA TYR A 88 -3.27 -7.88 9.75
C TYR A 88 -2.53 -7.42 11.01
N THR A 89 -1.28 -7.01 10.84
CA THR A 89 -0.40 -6.69 11.97
C THR A 89 -0.31 -5.18 12.21
N VAL A 90 -1.06 -4.68 13.20
CA VAL A 90 -1.08 -3.24 13.53
C VAL A 90 -0.36 -2.95 14.86
N ASN A 91 0.70 -2.13 14.80
CA ASN A 91 1.49 -1.80 16.00
C ASN A 91 1.89 -0.32 15.99
N ASN A 92 2.68 0.09 16.99
CA ASN A 92 3.25 1.44 17.02
C ASN A 92 4.70 1.45 16.48
N SER A 93 5.15 0.30 16.00
CA SER A 93 6.46 0.19 15.34
C SER A 93 6.45 0.94 14.00
N PRO A 94 7.24 2.03 13.87
CA PRO A 94 7.20 2.92 12.69
C PRO A 94 8.05 2.45 11.50
N GLU A 95 8.34 1.16 11.44
CA GLU A 95 9.24 0.62 10.41
C GLU A 95 8.71 0.84 8.98
N ALA A 96 9.63 0.98 8.02
CA ALA A 96 9.31 1.21 6.60
C ALA A 96 8.44 0.08 6.01
N GLY A 97 7.81 0.36 4.87
CA GLY A 97 6.89 -0.60 4.27
C GLY A 97 5.62 -0.79 5.07
N SER A 98 5.15 0.31 5.69
CA SER A 98 3.97 0.26 6.56
C SER A 98 3.08 1.49 6.35
N ILE A 99 1.86 1.44 6.86
CA ILE A 99 0.92 2.57 6.76
C ILE A 99 0.58 3.11 8.15
N LEU A 100 0.74 4.42 8.39
CA LEU A 100 0.35 5.00 9.69
C LEU A 100 -1.02 5.68 9.60
N GLN A 101 -1.80 5.60 10.68
CA GLN A 101 -3.14 6.16 10.71
C GLN A 101 -3.32 7.21 11.82
N SER A 102 -3.93 8.34 11.45
CA SER A 102 -4.28 9.40 12.39
C SER A 102 -5.81 9.52 12.53
N THR A 103 -6.33 9.25 13.72
CA THR A 103 -7.78 9.35 13.98
C THR A 103 -8.15 10.75 14.53
N ALA A 104 -7.23 11.70 14.41
CA ALA A 104 -7.43 13.04 14.94
C ALA A 104 -8.43 13.86 14.11
N GLY A 105 -8.31 13.82 12.78
CA GLY A 105 -9.14 14.65 11.91
C GLY A 105 -10.38 13.94 11.35
N GLY A 106 -11.37 13.72 12.23
CA GLY A 106 -12.68 13.17 11.81
C GLY A 106 -12.58 11.94 10.90
N TYR A 107 -12.57 12.18 9.59
CA TYR A 107 -12.51 11.11 8.58
C TYR A 107 -11.23 10.27 8.71
N GLY A 108 -10.20 10.87 9.31
CA GLY A 108 -8.95 10.16 9.51
C GLY A 108 -7.91 10.45 8.45
N HIS A 109 -6.68 9.99 8.67
CA HIS A 109 -5.59 10.16 7.71
C HIS A 109 -4.67 8.93 7.69
N VAL A 110 -4.20 8.55 6.50
CA VAL A 110 -3.29 7.42 6.33
C VAL A 110 -2.17 7.74 5.31
N ALA A 111 -0.98 7.20 5.53
CA ALA A 111 0.15 7.42 4.63
C ALA A 111 1.16 6.27 4.67
N TYR A 112 1.91 6.10 3.57
CA TYR A 112 2.90 5.01 3.46
C TYR A 112 4.29 5.46 3.93
N VAL A 113 4.84 4.76 4.93
CA VAL A 113 6.16 5.09 5.48
C VAL A 113 7.29 4.90 4.44
N GLU A 114 7.92 6.00 4.05
CA GLU A 114 9.03 5.98 3.08
C GLU A 114 10.34 5.54 3.73
N ASN A 115 10.77 6.25 4.78
CA ASN A 115 12.06 5.98 5.42
C ASN A 115 12.05 6.30 6.93
N VAL A 116 12.72 5.47 7.71
CA VAL A 116 12.85 5.67 9.15
C VAL A 116 14.28 6.07 9.53
N ASN A 117 14.41 7.19 10.25
CA ASN A 117 15.72 7.66 10.71
C ASN A 117 16.03 7.17 12.13
N SER A 118 17.31 6.87 12.38
CA SER A 118 17.74 6.37 13.71
C SER A 118 17.45 7.38 14.83
N ASP A 119 17.39 8.67 14.45
CA ASP A 119 17.02 9.75 15.38
C ASP A 119 15.57 9.61 15.88
N GLY A 120 14.78 8.78 15.18
CA GLY A 120 13.38 8.61 15.51
C GLY A 120 12.45 9.26 14.50
N SER A 121 12.99 10.13 13.66
CA SER A 121 12.20 10.83 12.63
C SER A 121 11.68 9.86 11.56
N VAL A 122 10.36 9.80 11.43
CA VAL A 122 9.72 8.89 10.47
C VAL A 122 9.15 9.65 9.26
N GLU A 123 9.68 9.37 8.09
CA GLU A 123 9.27 10.05 6.85
C GLU A 123 8.21 9.24 6.10
N VAL A 124 6.99 9.79 6.02
CA VAL A 124 5.87 9.09 5.39
C VAL A 124 5.51 9.70 4.02
N SER A 125 4.68 8.98 3.27
CA SER A 125 4.29 9.40 1.91
C SER A 125 2.83 9.87 1.89
N GLU A 126 2.63 11.18 1.79
CA GLU A 126 1.29 11.78 1.80
C GLU A 126 1.20 12.95 0.82
N MET A 127 0.32 12.84 -0.18
CA MET A 127 0.06 13.95 -1.10
C MET A 127 -0.62 15.11 -0.37
N ASN A 128 0.04 16.26 -0.32
CA ASN A 128 -0.49 17.42 0.41
C ASN A 128 -0.83 18.58 -0.53
N TYR A 129 0.21 19.30 -0.97
CA TYR A 129 0.02 20.52 -1.78
C TYR A 129 0.64 20.38 -3.18
N ASN A 130 1.92 19.99 -3.22
CA ASN A 130 2.63 19.82 -4.50
C ASN A 130 3.21 18.40 -4.62
N GLY A 131 3.30 17.89 -5.85
CA GLY A 131 3.81 16.55 -6.07
C GLY A 131 3.46 16.01 -7.46
N GLY A 132 2.16 15.84 -7.72
CA GLY A 132 1.70 15.36 -9.01
C GLY A 132 0.42 14.54 -8.90
N PRO A 133 -0.39 14.47 -9.98
CA PRO A 133 -1.66 13.70 -9.97
C PRO A 133 -1.49 12.24 -9.52
N PHE A 134 -0.37 11.63 -9.89
CA PHE A 134 -0.09 10.23 -9.55
C PHE A 134 1.13 10.10 -8.63
N SER A 135 1.81 11.22 -8.39
CA SER A 135 3.02 11.25 -7.55
C SER A 135 2.70 11.74 -6.13
N VAL A 136 3.11 10.99 -5.12
CA VAL A 136 2.77 11.30 -3.73
C VAL A 136 3.88 12.11 -3.04
N SER A 137 3.48 13.09 -2.23
CA SER A 137 4.44 13.91 -1.47
C SER A 137 4.99 13.13 -0.25
N GLU A 138 5.94 13.72 0.47
CA GLU A 138 6.54 13.06 1.65
C GLU A 138 6.62 14.02 2.85
N ARG A 139 6.21 13.53 4.02
CA ARG A 139 6.26 14.32 5.26
C ARG A 139 7.25 13.72 6.27
N THR A 140 8.23 14.52 6.70
CA THR A 140 9.18 14.08 7.73
C THR A 140 8.61 14.34 9.13
N ILE A 141 8.07 13.30 9.76
CA ILE A 141 7.41 13.43 11.07
C ILE A 141 8.37 13.15 12.23
N SER A 142 8.26 13.95 13.30
CA SER A 142 9.10 13.81 14.50
C SER A 142 8.77 12.52 15.27
N ALA A 143 9.77 11.96 15.96
CA ALA A 143 9.59 10.72 16.74
C ALA A 143 8.42 10.80 17.72
N GLY A 144 8.41 11.85 18.54
CA GLY A 144 7.35 12.03 19.54
C GLY A 144 5.95 12.17 18.95
N GLU A 145 5.87 12.38 17.63
CA GLU A 145 4.59 12.49 16.94
C GLU A 145 4.25 11.18 16.21
N ALA A 146 5.20 10.68 15.43
CA ALA A 146 5.01 9.49 14.59
C ALA A 146 4.56 8.27 15.40
N SER A 147 5.28 7.96 16.48
CA SER A 147 5.00 6.78 17.31
C SER A 147 3.58 6.79 17.93
N SER A 148 2.88 7.92 17.82
CA SER A 148 1.52 8.05 18.35
C SER A 148 0.47 7.49 17.37
N TYR A 149 0.85 7.36 16.10
CA TYR A 149 -0.07 6.89 15.06
C TYR A 149 -0.09 5.35 14.97
N ASN A 150 -1.14 4.80 14.34
CA ASN A 150 -1.28 3.35 14.19
C ASN A 150 -0.62 2.84 12.90
N TYR A 151 0.40 1.98 13.04
CA TYR A 151 1.14 1.46 11.89
C TYR A 151 0.68 0.05 11.48
N ILE A 152 0.06 -0.05 10.30
CA ILE A 152 -0.32 -1.35 9.74
C ILE A 152 0.87 -1.99 9.01
N HIS A 153 1.09 -3.29 9.24
CA HIS A 153 2.23 -4.00 8.66
C HIS A 153 1.77 -5.22 7.83
N LEU A 154 2.45 -5.47 6.73
CA LEU A 154 2.12 -6.60 5.83
C LEU A 154 3.20 -7.70 5.87
N ASN A 155 4.47 -7.27 5.97
CA ASN A 155 5.62 -8.17 5.88
C ASN A 155 5.58 -9.04 4.61
N MET A 1 36.10 8.33 -106.45
CA MET A 1 34.99 7.52 -106.98
C MET A 1 34.50 6.46 -105.97
N LYS A 2 35.43 5.71 -105.37
CA LYS A 2 35.08 4.63 -104.46
C LYS A 2 34.98 5.08 -102.99
N LYS A 3 34.03 4.52 -102.26
CA LYS A 3 33.89 4.77 -100.83
C LYS A 3 33.91 3.44 -100.05
N LEU A 4 33.97 3.51 -98.73
CA LEU A 4 34.05 2.30 -97.89
C LEU A 4 33.36 2.50 -96.53
N VAL A 5 33.30 1.42 -95.75
CA VAL A 5 32.67 1.44 -94.42
C VAL A 5 33.69 1.14 -93.31
N THR A 6 33.34 1.51 -92.08
CA THR A 6 34.19 1.22 -90.91
C THR A 6 33.98 -0.20 -90.39
N ALA A 7 34.81 -1.13 -90.86
CA ALA A 7 34.66 -2.55 -90.52
C ALA A 7 35.79 -3.07 -89.61
N THR A 8 35.42 -3.50 -88.39
CA THR A 8 36.35 -4.14 -87.47
C THR A 8 35.63 -5.14 -86.54
N THR A 9 36.37 -5.80 -85.67
CA THR A 9 35.78 -6.80 -84.74
C THR A 9 36.10 -6.47 -83.28
N LEU A 10 35.08 -6.53 -82.43
CA LEU A 10 35.28 -6.38 -80.98
C LEU A 10 34.49 -7.46 -80.22
N THR A 11 35.14 -8.09 -79.24
CA THR A 11 34.54 -9.24 -78.53
C THR A 11 34.11 -8.88 -77.11
N ALA A 12 32.84 -9.11 -76.79
CA ALA A 12 32.33 -8.91 -75.43
C ALA A 12 32.73 -10.08 -74.51
N GLY A 13 33.11 -9.75 -73.28
CA GLY A 13 33.51 -10.79 -72.33
C GLY A 13 33.39 -10.35 -70.87
N ILE A 14 32.17 -10.06 -70.43
CA ILE A 14 31.91 -9.62 -69.05
C ILE A 14 31.49 -10.81 -68.15
N GLY A 15 31.72 -10.68 -66.84
CA GLY A 15 31.36 -11.75 -65.92
C GLY A 15 32.08 -11.65 -64.58
N ALA A 16 31.47 -10.98 -63.61
CA ALA A 16 32.05 -10.82 -62.27
C ALA A 16 31.58 -11.92 -61.30
N ALA A 17 32.46 -12.86 -60.98
CA ALA A 17 32.14 -13.95 -60.07
C ALA A 17 32.40 -13.57 -58.60
N ILE A 18 31.65 -14.18 -57.68
CA ILE A 18 31.80 -13.91 -56.24
C ILE A 18 31.93 -15.20 -55.43
N VAL A 19 32.41 -15.08 -54.20
CA VAL A 19 32.49 -16.23 -53.28
C VAL A 19 31.29 -16.25 -52.33
N GLY A 20 30.30 -17.10 -52.64
CA GLY A 20 29.11 -17.20 -51.81
C GLY A 20 29.02 -18.52 -51.03
N LEU A 21 28.93 -18.41 -49.71
CA LEU A 21 28.80 -19.58 -48.84
C LEU A 21 27.83 -19.28 -47.68
N ASP A 22 26.71 -19.98 -47.65
CA ASP A 22 25.68 -19.77 -46.61
C ASP A 22 25.99 -20.64 -45.37
N HIS A 23 25.84 -20.05 -44.18
CA HIS A 23 26.20 -20.73 -42.93
C HIS A 23 25.36 -20.25 -41.74
N GLY A 24 25.06 -21.17 -40.83
CA GLY A 24 24.28 -20.85 -39.63
C GLY A 24 24.73 -21.62 -38.40
N ASN A 25 24.28 -21.21 -37.22
CA ASN A 25 24.69 -21.87 -35.97
C ASN A 25 23.61 -21.75 -34.87
N GLU A 26 23.03 -22.89 -34.50
CA GLU A 26 22.03 -22.95 -33.42
C GLU A 26 22.06 -24.30 -32.70
N ALA A 27 22.06 -24.28 -31.37
CA ALA A 27 22.09 -25.52 -30.57
C ALA A 27 21.23 -25.39 -29.30
N ASP A 28 20.13 -26.14 -29.23
CA ASP A 28 19.26 -26.14 -28.05
C ASP A 28 19.59 -27.32 -27.11
N ALA A 29 20.11 -27.00 -25.93
CA ALA A 29 20.42 -28.01 -24.91
C ALA A 29 19.66 -27.73 -23.62
N ALA A 30 18.35 -27.47 -23.75
CA ALA A 30 17.50 -27.08 -22.63
C ALA A 30 17.54 -28.10 -21.48
N GLU A 31 18.17 -27.71 -20.38
CA GLU A 31 18.28 -28.57 -19.20
C GLU A 31 16.93 -28.66 -18.45
N GLN A 32 16.09 -29.60 -18.87
CA GLN A 32 14.78 -29.81 -18.26
C GLN A 32 14.85 -30.85 -17.13
N THR A 33 14.98 -30.36 -15.90
CA THR A 33 15.04 -31.24 -14.72
C THR A 33 13.63 -31.49 -14.16
N GLN A 34 12.64 -30.91 -14.83
CA GLN A 34 11.22 -31.05 -14.45
C GLN A 34 10.96 -30.56 -13.01
N PRO A 35 10.87 -29.23 -12.81
CA PRO A 35 10.53 -28.65 -11.50
C PRO A 35 9.01 -28.61 -11.26
N THR A 36 8.51 -29.58 -10.47
CA THR A 36 7.08 -29.68 -10.20
C THR A 36 6.69 -28.94 -8.91
N ASN A 37 5.44 -28.47 -8.86
CA ASN A 37 4.93 -27.77 -7.68
C ASN A 37 3.58 -28.35 -7.24
N GLN A 38 3.15 -28.01 -6.01
CA GLN A 38 1.87 -28.48 -5.48
C GLN A 38 0.68 -27.83 -6.21
N SER A 39 0.81 -26.54 -6.51
CA SER A 39 -0.23 -25.78 -7.22
C SER A 39 0.32 -24.45 -7.74
N THR A 40 0.38 -24.29 -9.05
CA THR A 40 0.89 -23.04 -9.66
C THR A 40 -0.11 -21.89 -9.52
N THR A 41 -0.25 -21.38 -8.30
CA THR A 41 -1.13 -20.24 -8.02
C THR A 41 -0.51 -19.33 -6.95
N GLN A 42 0.25 -18.33 -7.41
CA GLN A 42 0.98 -17.43 -6.51
C GLN A 42 0.31 -16.04 -6.43
N SER A 43 -0.48 -15.71 -7.44
CA SER A 43 -1.11 -14.39 -7.53
C SER A 43 -2.28 -14.26 -6.54
N THR A 44 -1.96 -14.09 -5.26
CA THR A 44 -2.95 -13.79 -4.24
C THR A 44 -3.32 -12.30 -4.29
N SER A 45 -2.29 -11.46 -4.26
CA SER A 45 -2.44 -10.02 -4.49
C SER A 45 -1.89 -9.63 -5.87
N GLY A 46 -2.75 -9.74 -6.90
CA GLY A 46 -2.34 -9.39 -8.25
C GLY A 46 -3.28 -8.40 -8.91
N SER A 47 -4.56 -8.44 -8.55
CA SER A 47 -5.58 -7.52 -9.07
C SER A 47 -5.48 -6.14 -8.40
N SER A 48 -4.55 -5.32 -8.88
CA SER A 48 -4.34 -3.96 -8.36
C SER A 48 -5.49 -3.04 -8.76
N ALA A 49 -6.55 -3.04 -7.98
CA ALA A 49 -7.73 -2.22 -8.27
C ALA A 49 -8.06 -1.28 -7.11
N ASN A 50 -8.04 0.02 -7.39
CA ASN A 50 -8.31 1.03 -6.36
C ASN A 50 -9.83 1.24 -6.19
N LEU A 51 -10.43 0.53 -5.23
CA LEU A 51 -11.86 0.68 -4.94
C LEU A 51 -12.18 2.06 -4.32
N TYR A 52 -11.14 2.73 -3.80
CA TYR A 52 -11.29 4.06 -3.23
C TYR A 52 -11.48 5.13 -4.33
N THR A 53 -11.75 6.36 -3.91
CA THR A 53 -12.04 7.46 -4.85
C THR A 53 -10.86 8.43 -4.97
N ALA A 54 -10.72 9.03 -6.15
CA ALA A 54 -9.65 9.99 -6.43
C ALA A 54 -9.87 11.30 -5.66
N GLY A 55 -8.97 11.60 -4.73
CA GLY A 55 -9.11 12.81 -3.91
C GLY A 55 -9.06 12.52 -2.42
N GLN A 56 -9.18 11.24 -2.06
CA GLN A 56 -9.10 10.81 -0.65
C GLN A 56 -7.71 10.25 -0.33
N CYS A 57 -7.25 10.49 0.90
CA CYS A 57 -5.92 10.01 1.36
C CYS A 57 -5.78 8.49 1.20
N THR A 58 -6.90 7.79 1.23
CA THR A 58 -6.92 6.32 1.07
C THR A 58 -6.50 5.88 -0.34
N TRP A 59 -6.72 6.74 -1.33
CA TRP A 59 -6.48 6.42 -2.74
C TRP A 59 -4.99 6.18 -3.05
N TYR A 60 -4.16 7.21 -2.90
CA TYR A 60 -2.75 7.13 -3.28
C TYR A 60 -1.98 6.07 -2.46
N VAL A 61 -2.38 5.91 -1.19
CA VAL A 61 -1.73 4.93 -0.30
C VAL A 61 -1.89 3.50 -0.83
N TYR A 62 -3.06 3.20 -1.40
CA TYR A 62 -3.33 1.88 -1.98
C TYR A 62 -2.31 1.56 -3.10
N ASP A 63 -1.95 2.58 -3.87
CA ASP A 63 -0.95 2.42 -4.94
C ASP A 63 0.48 2.29 -4.35
N LYS A 64 0.77 3.09 -3.33
CA LYS A 64 2.06 3.02 -2.62
C LYS A 64 2.33 1.62 -2.04
N VAL A 65 1.30 1.04 -1.41
CA VAL A 65 1.43 -0.30 -0.81
C VAL A 65 1.33 -1.41 -1.89
N GLY A 66 1.09 -1.01 -3.14
CA GLY A 66 1.04 -1.96 -4.25
C GLY A 66 -0.25 -2.78 -4.30
N GLY A 67 -1.31 -2.24 -3.69
CA GLY A 67 -2.61 -2.90 -3.71
C GLY A 67 -2.66 -4.23 -2.95
N ASN A 68 -1.66 -4.48 -2.10
CA ASN A 68 -1.58 -5.74 -1.34
C ASN A 68 -2.50 -5.76 -0.12
N ILE A 69 -3.27 -4.69 0.09
CA ILE A 69 -4.20 -4.59 1.21
C ILE A 69 -5.65 -4.69 0.73
N GLY A 70 -6.54 -5.23 1.58
CA GLY A 70 -7.95 -5.30 1.24
C GLY A 70 -8.64 -3.94 1.30
N SER A 71 -9.03 -3.40 0.14
CA SER A 71 -9.69 -2.08 0.07
C SER A 71 -11.06 -2.08 0.77
N THR A 72 -11.48 -3.24 1.27
CA THR A 72 -12.75 -3.36 2.01
C THR A 72 -12.74 -2.56 3.32
N TRP A 73 -11.55 -2.10 3.74
CA TRP A 73 -11.43 -1.28 4.95
C TRP A 73 -12.26 0.00 4.85
N GLY A 74 -12.10 0.72 3.75
CA GLY A 74 -12.86 1.95 3.53
C GLY A 74 -12.14 3.21 4.02
N ASN A 75 -12.85 4.01 4.83
CA ASN A 75 -12.27 5.26 5.36
C ASN A 75 -11.01 5.00 6.20
N ALA A 76 -10.02 5.88 6.05
CA ALA A 76 -8.70 5.70 6.67
C ALA A 76 -8.77 5.44 8.19
N ASN A 77 -9.64 6.16 8.89
CA ASN A 77 -9.76 6.01 10.35
C ASN A 77 -10.17 4.59 10.76
N ASN A 78 -10.80 3.85 9.86
CA ASN A 78 -11.23 2.48 10.13
C ASN A 78 -10.09 1.47 9.88
N TRP A 79 -9.13 1.84 9.02
CA TRP A 79 -8.03 0.94 8.62
C TRP A 79 -7.39 0.19 9.81
N ALA A 80 -7.09 0.92 10.89
CA ALA A 80 -6.46 0.31 12.07
C ALA A 80 -7.31 -0.83 12.66
N SER A 81 -8.63 -0.63 12.69
CA SER A 81 -9.54 -1.63 13.25
C SER A 81 -9.83 -2.76 12.24
N ALA A 82 -10.15 -2.37 11.02
CA ALA A 82 -10.46 -3.34 9.95
C ALA A 82 -9.24 -4.25 9.65
N ALA A 83 -8.05 -3.68 9.64
CA ALA A 83 -6.81 -4.45 9.44
C ALA A 83 -6.62 -5.49 10.55
N SER A 84 -6.67 -5.05 11.81
CA SER A 84 -6.51 -5.96 12.96
C SER A 84 -7.60 -7.05 12.96
N SER A 85 -8.83 -6.65 12.67
CA SER A 85 -9.96 -7.58 12.58
C SER A 85 -9.78 -8.57 11.42
N ALA A 86 -9.11 -8.12 10.35
CA ALA A 86 -8.87 -8.98 9.17
C ALA A 86 -7.62 -9.85 9.32
N GLY A 87 -6.89 -9.66 10.42
CA GLY A 87 -5.71 -10.48 10.68
C GLY A 87 -4.38 -9.80 10.32
N TYR A 88 -4.46 -8.54 9.87
CA TYR A 88 -3.25 -7.77 9.56
C TYR A 88 -2.49 -7.35 10.82
N THR A 89 -1.31 -6.76 10.65
CA THR A 89 -0.42 -6.46 11.78
C THR A 89 -0.39 -4.95 12.11
N VAL A 90 -1.36 -4.50 12.92
CA VAL A 90 -1.45 -3.09 13.31
C VAL A 90 -0.74 -2.82 14.65
N ASN A 91 0.38 -2.09 14.58
CA ASN A 91 1.16 -1.75 15.78
C ASN A 91 1.85 -0.39 15.60
N ASN A 92 2.25 0.23 16.72
CA ASN A 92 2.94 1.53 16.69
C ASN A 92 4.42 1.40 16.23
N SER A 93 4.73 0.33 15.48
CA SER A 93 6.08 0.14 14.92
C SER A 93 6.25 0.96 13.63
N PRO A 94 7.07 2.03 13.68
CA PRO A 94 7.21 2.97 12.55
C PRO A 94 8.17 2.50 11.44
N GLU A 95 8.64 1.25 11.53
CA GLU A 95 9.59 0.71 10.54
C GLU A 95 9.10 0.89 9.09
N ALA A 96 10.04 1.16 8.18
CA ALA A 96 9.72 1.42 6.77
C ALA A 96 8.94 0.27 6.12
N GLY A 97 8.15 0.60 5.10
CA GLY A 97 7.31 -0.39 4.43
C GLY A 97 6.01 -0.65 5.16
N SER A 98 5.41 0.39 5.73
CA SER A 98 4.14 0.28 6.45
C SER A 98 3.27 1.52 6.26
N ILE A 99 2.08 1.51 6.85
CA ILE A 99 1.12 2.62 6.68
C ILE A 99 0.69 3.19 8.03
N LEU A 100 0.94 4.48 8.26
CA LEU A 100 0.57 5.11 9.54
C LEU A 100 -0.89 5.59 9.53
N GLN A 101 -1.66 5.16 10.53
CA GLN A 101 -3.07 5.55 10.65
C GLN A 101 -3.23 6.59 11.78
N SER A 102 -3.54 7.83 11.40
CA SER A 102 -3.51 8.99 12.30
C SER A 102 -4.55 8.92 13.43
N THR A 103 -5.84 8.79 13.07
CA THR A 103 -6.99 8.87 14.03
C THR A 103 -7.07 10.23 14.76
N ALA A 104 -6.14 11.14 14.49
CA ALA A 104 -6.09 12.42 15.20
C ALA A 104 -7.33 13.30 14.91
N GLY A 105 -8.13 13.57 15.94
CA GLY A 105 -9.29 14.44 15.80
C GLY A 105 -10.52 13.73 15.23
N GLY A 106 -10.33 12.92 14.20
CA GLY A 106 -11.43 12.20 13.58
C GLY A 106 -11.20 11.94 12.09
N TYR A 107 -10.76 12.97 11.38
CA TYR A 107 -10.43 12.85 9.96
C TYR A 107 -9.24 11.90 9.75
N GLY A 108 -9.57 10.62 9.66
CA GLY A 108 -8.55 9.59 9.44
C GLY A 108 -7.63 9.86 8.27
N HIS A 109 -6.35 10.10 8.56
CA HIS A 109 -5.34 10.30 7.53
C HIS A 109 -4.33 9.13 7.50
N VAL A 110 -3.87 8.76 6.31
CA VAL A 110 -2.92 7.65 6.14
C VAL A 110 -1.89 7.97 5.04
N ALA A 111 -0.70 7.39 5.20
CA ALA A 111 0.38 7.51 4.21
C ALA A 111 1.36 6.33 4.33
N TYR A 112 2.27 6.20 3.36
CA TYR A 112 3.20 5.06 3.34
C TYR A 112 4.59 5.47 3.86
N VAL A 113 5.13 4.71 4.81
CA VAL A 113 6.43 5.03 5.42
C VAL A 113 7.60 4.63 4.50
N GLU A 114 8.32 5.63 4.00
CA GLU A 114 9.46 5.41 3.10
C GLU A 114 10.77 5.13 3.86
N ASN A 115 11.12 6.03 4.79
CA ASN A 115 12.37 5.89 5.55
C ASN A 115 12.21 6.35 7.00
N VAL A 116 12.99 5.74 7.90
CA VAL A 116 13.00 6.10 9.33
C VAL A 116 14.43 6.37 9.81
N ASN A 117 14.61 7.48 10.50
CA ASN A 117 15.92 7.85 11.06
C ASN A 117 16.06 7.40 12.52
N SER A 118 17.30 7.21 12.98
CA SER A 118 17.57 6.70 14.34
C SER A 118 17.08 7.65 15.43
N ASP A 119 16.85 8.92 15.07
CA ASP A 119 16.23 9.89 15.99
C ASP A 119 14.74 9.56 16.24
N GLY A 120 14.21 8.61 15.46
CA GLY A 120 12.79 8.28 15.51
C GLY A 120 11.98 9.06 14.48
N SER A 121 12.67 9.90 13.70
CA SER A 121 12.03 10.71 12.65
C SER A 121 11.52 9.82 11.51
N VAL A 122 10.21 9.88 11.26
CA VAL A 122 9.57 9.05 10.24
C VAL A 122 9.21 9.87 8.98
N GLU A 123 9.79 9.49 7.84
CA GLU A 123 9.51 10.16 6.57
C GLU A 123 8.47 9.39 5.75
N VAL A 124 7.26 9.94 5.68
CA VAL A 124 6.15 9.29 4.97
C VAL A 124 5.90 9.94 3.60
N SER A 125 5.52 9.12 2.63
CA SER A 125 5.23 9.60 1.28
C SER A 125 3.75 9.95 1.11
N GLU A 126 3.49 11.25 0.92
CA GLU A 126 2.12 11.75 0.72
C GLU A 126 1.96 12.38 -0.67
N MET A 127 0.81 13.00 -0.93
CA MET A 127 0.61 13.76 -2.16
C MET A 127 -0.04 15.13 -1.85
N ASN A 128 0.61 16.20 -2.31
CA ASN A 128 0.13 17.57 -2.05
C ASN A 128 -0.94 18.00 -3.05
N TYR A 129 -1.88 17.09 -3.36
CA TYR A 129 -2.96 17.37 -4.33
C TYR A 129 -3.72 18.66 -3.98
N ASN A 130 -3.85 18.94 -2.67
CA ASN A 130 -4.52 20.15 -2.20
C ASN A 130 -3.75 21.43 -2.57
N GLY A 131 -2.44 21.31 -2.71
CA GLY A 131 -1.61 22.46 -3.08
C GLY A 131 -1.19 22.45 -4.54
N GLY A 132 -0.51 21.37 -4.96
CA GLY A 132 -0.08 21.25 -6.35
C GLY A 132 -0.74 20.08 -7.08
N PRO A 133 -0.52 19.97 -8.41
CA PRO A 133 -1.15 18.94 -9.25
C PRO A 133 -0.70 17.51 -8.90
N PHE A 134 -1.50 16.82 -8.08
CA PHE A 134 -1.29 15.39 -7.73
C PHE A 134 0.19 15.02 -7.42
N SER A 135 0.98 16.01 -7.01
CA SER A 135 2.41 15.80 -6.73
C SER A 135 2.63 14.99 -5.44
N VAL A 136 3.47 13.96 -5.54
CA VAL A 136 3.80 13.11 -4.38
C VAL A 136 5.10 13.58 -3.71
N SER A 137 5.05 13.84 -2.39
CA SER A 137 6.21 14.37 -1.65
C SER A 137 6.32 13.77 -0.24
N GLU A 138 7.47 13.98 0.40
CA GLU A 138 7.79 13.34 1.69
C GLU A 138 7.55 14.31 2.87
N ARG A 139 6.94 13.79 3.96
CA ARG A 139 6.80 14.58 5.20
C ARG A 139 7.67 13.99 6.33
N THR A 140 8.53 14.81 6.93
CA THR A 140 9.39 14.37 8.04
C THR A 140 8.73 14.60 9.40
N ILE A 141 8.25 13.52 10.02
CA ILE A 141 7.57 13.60 11.32
C ILE A 141 8.52 13.25 12.48
N SER A 142 8.40 13.99 13.59
CA SER A 142 9.24 13.74 14.78
C SER A 142 8.81 12.47 15.52
N ALA A 143 9.73 11.87 16.26
CA ALA A 143 9.48 10.62 16.99
C ALA A 143 8.26 10.73 17.93
N GLY A 144 8.22 11.81 18.72
CA GLY A 144 7.12 12.01 19.66
C GLY A 144 5.75 12.04 19.00
N GLU A 145 5.66 12.69 17.85
CA GLU A 145 4.42 12.76 17.07
C GLU A 145 4.13 11.43 16.35
N ALA A 146 5.16 10.86 15.72
CA ALA A 146 5.03 9.65 14.91
C ALA A 146 4.62 8.42 15.74
N SER A 147 5.15 8.31 16.95
CA SER A 147 4.92 7.13 17.80
C SER A 147 3.43 6.96 18.17
N SER A 148 2.63 8.00 17.98
CA SER A 148 1.20 7.96 18.31
C SER A 148 0.39 7.24 17.23
N TYR A 149 0.87 7.30 15.98
CA TYR A 149 0.13 6.73 14.84
C TYR A 149 0.17 5.19 14.83
N ASN A 150 -0.90 4.58 14.33
CA ASN A 150 -0.98 3.12 14.23
C ASN A 150 -0.48 2.63 12.87
N TYR A 151 0.70 2.00 12.84
CA TYR A 151 1.30 1.55 11.59
C TYR A 151 0.84 0.13 11.22
N ILE A 152 0.19 0.00 10.07
CA ILE A 152 -0.23 -1.30 9.55
C ILE A 152 0.93 -2.01 8.83
N HIS A 153 1.16 -3.27 9.19
CA HIS A 153 2.20 -4.10 8.57
C HIS A 153 1.57 -5.34 7.94
N LEU A 154 2.30 -6.00 7.03
CA LEU A 154 1.72 -7.10 6.23
C LEU A 154 2.21 -8.50 6.69
N ASN A 155 1.31 -9.47 6.67
CA ASN A 155 1.61 -10.85 7.07
C ASN A 155 1.42 -11.81 5.88
N MET A 1 -81.79 -7.13 -60.89
CA MET A 1 -81.26 -8.02 -59.82
C MET A 1 -80.34 -9.11 -60.41
N LYS A 2 -79.03 -8.89 -60.31
CA LYS A 2 -78.02 -9.85 -60.79
C LYS A 2 -76.82 -9.88 -59.84
N LYS A 3 -76.16 -11.03 -59.74
CA LYS A 3 -74.99 -11.17 -58.86
C LYS A 3 -74.01 -12.27 -59.33
N LEU A 4 -72.78 -11.85 -59.60
CA LEU A 4 -71.68 -12.79 -59.91
C LEU A 4 -70.54 -12.59 -58.89
N VAL A 5 -69.81 -13.67 -58.58
CA VAL A 5 -68.72 -13.59 -57.58
C VAL A 5 -67.75 -14.78 -57.69
N THR A 6 -66.46 -14.52 -57.45
CA THR A 6 -65.45 -15.58 -57.38
C THR A 6 -65.21 -16.00 -55.92
N ALA A 7 -65.87 -17.08 -55.50
CA ALA A 7 -65.92 -17.48 -54.09
C ALA A 7 -64.71 -18.30 -53.61
N THR A 8 -63.72 -18.52 -54.49
CA THR A 8 -62.53 -19.31 -54.11
C THR A 8 -61.61 -18.56 -53.14
N THR A 9 -60.74 -19.31 -52.48
CA THR A 9 -59.78 -18.76 -51.49
C THR A 9 -58.52 -19.63 -51.41
N LEU A 10 -57.35 -19.00 -51.31
CA LEU A 10 -56.07 -19.71 -51.23
C LEU A 10 -55.48 -19.65 -49.82
N THR A 11 -55.41 -20.80 -49.15
CA THR A 11 -54.87 -20.86 -47.79
C THR A 11 -53.72 -21.88 -47.69
N ALA A 12 -52.49 -21.39 -47.56
CA ALA A 12 -51.30 -22.26 -47.44
C ALA A 12 -50.03 -21.44 -47.13
N GLY A 13 -49.17 -21.99 -46.28
CA GLY A 13 -47.91 -21.32 -45.92
C GLY A 13 -47.15 -22.04 -44.82
N ILE A 14 -45.99 -22.63 -45.17
CA ILE A 14 -45.19 -23.38 -44.20
C ILE A 14 -43.91 -22.62 -43.79
N GLY A 15 -43.61 -22.62 -42.49
CA GLY A 15 -42.39 -21.98 -41.99
C GLY A 15 -41.56 -22.92 -41.10
N ALA A 16 -40.75 -23.76 -41.73
CA ALA A 16 -39.95 -24.76 -40.98
C ALA A 16 -38.61 -24.19 -40.52
N ALA A 17 -38.24 -24.47 -39.26
CA ALA A 17 -36.98 -23.96 -38.69
C ALA A 17 -36.62 -24.70 -37.38
N ILE A 18 -35.66 -25.63 -37.45
CA ILE A 18 -35.20 -26.36 -36.28
C ILE A 18 -33.97 -25.70 -35.61
N VAL A 19 -33.50 -26.28 -34.53
CA VAL A 19 -32.37 -25.73 -33.77
C VAL A 19 -31.14 -26.67 -33.77
N GLY A 20 -29.95 -26.08 -33.90
CA GLY A 20 -28.72 -26.86 -33.92
C GLY A 20 -27.48 -25.99 -33.76
N LEU A 21 -26.74 -26.17 -32.65
CA LEU A 21 -25.56 -25.34 -32.36
C LEU A 21 -24.25 -26.16 -32.38
N ASP A 22 -23.18 -25.57 -32.90
CA ASP A 22 -21.87 -26.21 -32.92
C ASP A 22 -21.23 -26.15 -31.53
N HIS A 23 -20.45 -27.18 -31.18
CA HIS A 23 -19.86 -27.29 -29.85
C HIS A 23 -18.50 -28.02 -29.89
N GLY A 24 -17.42 -27.30 -29.59
CA GLY A 24 -16.08 -27.90 -29.62
C GLY A 24 -15.43 -27.94 -28.24
N ASN A 25 -16.25 -27.92 -27.19
CA ASN A 25 -15.73 -27.93 -25.80
C ASN A 25 -15.66 -29.37 -25.24
N GLU A 26 -14.96 -29.52 -24.12
CA GLU A 26 -14.82 -30.83 -23.45
C GLU A 26 -14.28 -30.67 -22.02
N ALA A 27 -14.16 -31.79 -21.30
CA ALA A 27 -13.62 -31.79 -19.93
C ALA A 27 -13.42 -33.23 -19.41
N ASP A 28 -12.73 -33.36 -18.28
CA ASP A 28 -12.55 -34.65 -17.63
C ASP A 28 -13.76 -34.98 -16.74
N ALA A 29 -14.34 -36.16 -16.94
CA ALA A 29 -15.57 -36.56 -16.23
C ALA A 29 -15.25 -37.44 -15.00
N ALA A 30 -15.96 -37.18 -13.91
CA ALA A 30 -15.80 -37.94 -12.67
C ALA A 30 -17.00 -37.70 -11.73
N GLU A 31 -17.13 -38.55 -10.71
CA GLU A 31 -18.25 -38.42 -9.75
C GLU A 31 -17.95 -37.38 -8.66
N GLN A 32 -17.05 -36.44 -8.95
CA GLN A 32 -16.63 -35.42 -7.97
C GLN A 32 -16.12 -36.07 -6.68
N THR A 33 -15.33 -37.14 -6.83
CA THR A 33 -14.77 -37.86 -5.69
C THR A 33 -13.60 -37.11 -5.06
N GLN A 34 -13.93 -36.08 -4.27
CA GLN A 34 -12.94 -35.26 -3.55
C GLN A 34 -12.05 -34.45 -4.52
N PRO A 35 -12.19 -33.11 -4.53
CA PRO A 35 -11.33 -32.25 -5.35
C PRO A 35 -9.87 -32.23 -4.85
N THR A 36 -9.15 -33.32 -5.12
CA THR A 36 -7.75 -33.47 -4.68
C THR A 36 -6.80 -32.55 -5.47
N ASN A 37 -6.29 -31.52 -4.80
CA ASN A 37 -5.31 -30.60 -5.38
C ASN A 37 -5.79 -29.95 -6.70
N GLN A 38 -6.59 -28.89 -6.58
CA GLN A 38 -7.03 -28.12 -7.75
C GLN A 38 -6.69 -26.63 -7.59
N SER A 39 -7.18 -26.01 -6.51
CA SER A 39 -6.94 -24.59 -6.25
C SER A 39 -7.02 -24.26 -4.76
N THR A 40 -5.88 -23.87 -4.20
CA THR A 40 -5.82 -23.48 -2.77
C THR A 40 -5.56 -21.97 -2.63
N THR A 41 -4.83 -21.40 -3.59
CA THR A 41 -4.53 -19.96 -3.61
C THR A 41 -5.69 -19.18 -4.24
N GLN A 42 -6.79 -19.05 -3.50
CA GLN A 42 -7.97 -18.33 -3.99
C GLN A 42 -7.82 -16.81 -3.83
N SER A 43 -6.86 -16.38 -3.00
CA SER A 43 -6.57 -14.96 -2.83
C SER A 43 -5.66 -14.45 -3.95
N THR A 44 -5.65 -13.13 -4.16
CA THR A 44 -4.92 -12.49 -5.27
C THR A 44 -5.25 -13.16 -6.62
N SER A 45 -6.35 -12.73 -7.23
CA SER A 45 -6.81 -13.28 -8.50
C SER A 45 -7.77 -12.31 -9.21
N GLY A 46 -7.83 -12.37 -10.54
CA GLY A 46 -8.65 -11.46 -11.31
C GLY A 46 -7.84 -10.30 -11.91
N SER A 47 -7.80 -9.17 -11.22
CA SER A 47 -7.05 -7.99 -11.67
C SER A 47 -6.53 -7.16 -10.49
N SER A 48 -6.07 -5.94 -10.75
CA SER A 48 -5.60 -5.03 -9.70
C SER A 48 -5.88 -3.57 -10.07
N ALA A 49 -6.33 -2.79 -9.08
CA ALA A 49 -6.65 -1.37 -9.30
C ALA A 49 -6.97 -0.67 -7.97
N ASN A 50 -6.97 0.65 -7.97
CA ASN A 50 -7.33 1.43 -6.78
C ASN A 50 -8.86 1.57 -6.67
N LEU A 51 -9.45 0.83 -5.74
CA LEU A 51 -10.92 0.83 -5.56
C LEU A 51 -11.45 2.14 -4.96
N TYR A 52 -10.54 3.07 -4.66
CA TYR A 52 -10.92 4.36 -4.05
C TYR A 52 -11.00 5.47 -5.10
N THR A 53 -11.29 6.69 -4.65
CA THR A 53 -11.44 7.85 -5.54
C THR A 53 -10.45 8.98 -5.19
N ALA A 54 -10.16 9.83 -6.16
CA ALA A 54 -9.28 10.99 -5.95
C ALA A 54 -9.81 11.92 -4.86
N GLY A 55 -8.91 12.60 -4.16
CA GLY A 55 -9.30 13.48 -3.07
C GLY A 55 -9.21 12.81 -1.70
N GLN A 56 -9.27 11.48 -1.68
CA GLN A 56 -9.18 10.71 -0.42
C GLN A 56 -7.71 10.37 -0.09
N CYS A 57 -7.35 10.41 1.19
CA CYS A 57 -5.98 10.06 1.63
C CYS A 57 -5.62 8.61 1.22
N THR A 58 -6.64 7.76 1.10
CA THR A 58 -6.44 6.35 0.74
C THR A 58 -6.07 6.18 -0.74
N TRP A 59 -6.31 7.23 -1.53
CA TRP A 59 -6.07 7.22 -2.98
C TRP A 59 -4.60 6.92 -3.34
N TYR A 60 -3.67 7.70 -2.77
CA TYR A 60 -2.24 7.53 -3.06
C TYR A 60 -1.63 6.33 -2.30
N VAL A 61 -2.11 6.09 -1.08
CA VAL A 61 -1.59 5.00 -0.25
C VAL A 61 -1.77 3.63 -0.93
N TYR A 62 -2.93 3.42 -1.54
CA TYR A 62 -3.27 2.13 -2.14
C TYR A 62 -2.24 1.72 -3.23
N ASP A 63 -1.74 2.69 -3.99
CA ASP A 63 -0.75 2.42 -5.03
C ASP A 63 0.65 2.19 -4.42
N LYS A 64 1.00 3.01 -3.43
CA LYS A 64 2.30 2.89 -2.73
C LYS A 64 2.43 1.56 -1.97
N VAL A 65 1.30 0.99 -1.54
CA VAL A 65 1.29 -0.31 -0.85
C VAL A 65 1.08 -1.47 -1.86
N GLY A 66 1.01 -1.15 -3.15
CA GLY A 66 0.86 -2.18 -4.18
C GLY A 66 -0.50 -2.86 -4.18
N GLY A 67 -1.46 -2.28 -3.44
CA GLY A 67 -2.81 -2.85 -3.38
C GLY A 67 -2.90 -4.18 -2.62
N ASN A 68 -1.89 -4.50 -1.82
CA ASN A 68 -1.86 -5.77 -1.06
C ASN A 68 -2.63 -5.66 0.27
N ILE A 69 -3.66 -4.81 0.30
CA ILE A 69 -4.46 -4.59 1.51
C ILE A 69 -5.98 -4.70 1.22
N GLY A 70 -6.74 -5.12 2.22
CA GLY A 70 -8.19 -5.25 2.07
C GLY A 70 -8.88 -3.90 1.85
N SER A 71 -9.18 -3.59 0.59
CA SER A 71 -9.82 -2.31 0.22
C SER A 71 -11.20 -2.11 0.89
N THR A 72 -11.71 -3.15 1.55
CA THR A 72 -13.01 -3.08 2.24
C THR A 72 -12.99 -2.12 3.45
N TRP A 73 -11.80 -1.69 3.87
CA TRP A 73 -11.65 -0.78 5.01
C TRP A 73 -12.32 0.58 4.75
N GLY A 74 -11.89 1.28 3.70
CA GLY A 74 -12.52 2.54 3.33
C GLY A 74 -11.91 3.76 4.02
N ASN A 75 -12.68 4.38 4.93
CA ASN A 75 -12.22 5.57 5.65
C ASN A 75 -11.00 5.24 6.54
N ALA A 76 -10.04 6.15 6.58
CA ALA A 76 -8.79 5.95 7.32
C ALA A 76 -9.03 5.52 8.78
N ASN A 77 -9.97 6.18 9.45
CA ASN A 77 -10.28 5.88 10.86
C ASN A 77 -10.65 4.41 11.11
N ASN A 78 -11.08 3.71 10.05
CA ASN A 78 -11.46 2.30 10.14
C ASN A 78 -10.27 1.35 9.87
N TRP A 79 -9.27 1.84 9.15
CA TRP A 79 -8.11 1.01 8.72
C TRP A 79 -7.47 0.23 9.87
N ALA A 80 -7.35 0.85 11.05
CA ALA A 80 -6.66 0.23 12.18
C ALA A 80 -7.39 -1.02 12.69
N SER A 81 -8.61 -0.84 13.21
CA SER A 81 -9.39 -1.96 13.75
C SER A 81 -9.73 -2.99 12.66
N ALA A 82 -10.00 -2.51 11.45
CA ALA A 82 -10.32 -3.39 10.33
C ALA A 82 -9.12 -4.29 9.95
N ALA A 83 -7.93 -3.69 9.89
CA ALA A 83 -6.70 -4.45 9.61
C ALA A 83 -6.45 -5.52 10.68
N SER A 84 -6.48 -5.11 11.95
CA SER A 84 -6.25 -6.03 13.07
C SER A 84 -7.35 -7.10 13.15
N SER A 85 -8.56 -6.77 12.70
CA SER A 85 -9.67 -7.73 12.65
C SER A 85 -9.54 -8.70 11.47
N ALA A 86 -9.05 -8.20 10.34
CA ALA A 86 -8.91 -8.99 9.12
C ALA A 86 -7.74 -10.01 9.21
N GLY A 87 -6.78 -9.74 10.09
CA GLY A 87 -5.64 -10.64 10.26
C GLY A 87 -4.29 -9.97 9.99
N TYR A 88 -4.31 -8.66 9.74
CA TYR A 88 -3.08 -7.90 9.52
C TYR A 88 -2.33 -7.62 10.84
N THR A 89 -1.27 -6.83 10.76
CA THR A 89 -0.43 -6.55 11.94
C THR A 89 -0.37 -5.04 12.24
N VAL A 90 -1.19 -4.57 13.18
CA VAL A 90 -1.26 -3.14 13.53
C VAL A 90 -0.49 -2.84 14.83
N ASN A 91 0.65 -2.16 14.70
CA ASN A 91 1.46 -1.77 15.85
C ASN A 91 2.05 -0.37 15.66
N ASN A 92 2.22 0.37 16.76
CA ASN A 92 2.75 1.73 16.70
C ASN A 92 4.26 1.75 16.39
N SER A 93 4.89 0.59 16.43
CA SER A 93 6.31 0.46 16.08
C SER A 93 6.59 1.00 14.67
N PRO A 94 7.46 2.02 14.54
CA PRO A 94 7.73 2.69 13.27
C PRO A 94 8.83 2.01 12.43
N GLU A 95 8.47 1.62 11.22
CA GLU A 95 9.43 1.05 10.27
C GLU A 95 8.97 1.23 8.81
N ALA A 96 9.91 1.21 7.88
CA ALA A 96 9.59 1.38 6.45
C ALA A 96 8.75 0.22 5.90
N GLY A 97 7.95 0.51 4.87
CA GLY A 97 7.08 -0.50 4.28
C GLY A 97 5.83 -0.77 5.10
N SER A 98 5.23 0.30 5.62
CA SER A 98 4.00 0.18 6.44
C SER A 98 3.15 1.46 6.32
N ILE A 99 1.86 1.34 6.63
CA ILE A 99 0.95 2.50 6.59
C ILE A 99 0.66 2.98 8.02
N LEU A 100 0.88 4.27 8.30
CA LEU A 100 0.60 4.79 9.64
C LEU A 100 -0.76 5.51 9.68
N GLN A 101 -1.63 5.06 10.59
CA GLN A 101 -3.01 5.53 10.64
C GLN A 101 -3.28 6.38 11.90
N SER A 102 -3.76 7.61 11.71
CA SER A 102 -4.05 8.53 12.83
C SER A 102 -5.56 8.74 13.03
N THR A 103 -6.08 8.26 14.15
CA THR A 103 -7.51 8.41 14.48
C THR A 103 -7.79 9.79 15.07
N ALA A 104 -7.71 10.83 14.23
CA ALA A 104 -8.04 12.19 14.62
C ALA A 104 -9.56 12.39 14.76
N GLY A 105 -10.33 11.58 14.04
CA GLY A 105 -11.79 11.70 14.05
C GLY A 105 -12.36 12.04 12.68
N GLY A 106 -13.65 11.77 12.49
CA GLY A 106 -14.32 12.08 11.22
C GLY A 106 -13.83 11.21 10.06
N TYR A 107 -12.65 11.53 9.53
CA TYR A 107 -12.06 10.80 8.39
C TYR A 107 -10.90 9.90 8.84
N GLY A 108 -10.04 10.44 9.70
CA GLY A 108 -8.77 9.78 10.02
C GLY A 108 -7.64 10.26 9.10
N HIS A 109 -6.52 9.56 9.08
CA HIS A 109 -5.43 9.86 8.14
C HIS A 109 -4.50 8.66 7.94
N VAL A 110 -4.04 8.48 6.70
CA VAL A 110 -3.14 7.36 6.35
C VAL A 110 -2.04 7.80 5.36
N ALA A 111 -0.83 7.28 5.54
CA ALA A 111 0.27 7.52 4.62
C ALA A 111 1.25 6.35 4.61
N TYR A 112 2.01 6.19 3.53
CA TYR A 112 2.94 5.07 3.39
C TYR A 112 4.36 5.47 3.81
N VAL A 113 4.97 4.67 4.69
CA VAL A 113 6.30 4.97 5.24
C VAL A 113 7.43 4.59 4.27
N GLU A 114 8.21 5.58 3.86
CA GLU A 114 9.35 5.37 2.96
C GLU A 114 10.61 4.93 3.75
N ASN A 115 10.98 5.73 4.75
CA ASN A 115 12.16 5.44 5.58
C ASN A 115 12.02 6.03 7.00
N VAL A 116 12.71 5.42 7.97
CA VAL A 116 12.68 5.89 9.36
C VAL A 116 14.09 6.20 9.86
N ASN A 117 14.27 7.39 10.45
CA ASN A 117 15.56 7.82 10.98
C ASN A 117 15.86 7.16 12.33
N SER A 118 17.14 7.14 12.72
CA SER A 118 17.55 6.57 14.01
C SER A 118 16.98 7.36 15.19
N ASP A 119 16.58 8.61 14.94
CA ASP A 119 15.91 9.44 15.96
C ASP A 119 14.53 8.87 16.31
N GLY A 120 13.96 8.09 15.41
CA GLY A 120 12.57 7.65 15.53
C GLY A 120 11.66 8.42 14.58
N SER A 121 12.24 9.39 13.87
CA SER A 121 11.52 10.19 12.88
C SER A 121 11.05 9.32 11.70
N VAL A 122 9.77 9.41 11.37
CA VAL A 122 9.19 8.57 10.31
C VAL A 122 8.91 9.38 9.03
N GLU A 123 9.68 9.10 7.99
CA GLU A 123 9.53 9.79 6.70
C GLU A 123 8.52 9.06 5.79
N VAL A 124 7.34 9.66 5.64
CA VAL A 124 6.25 9.05 4.89
C VAL A 124 5.99 9.76 3.55
N SER A 125 5.09 9.19 2.74
CA SER A 125 4.72 9.75 1.44
C SER A 125 3.24 10.14 1.39
N GLU A 126 2.98 11.39 1.02
CA GLU A 126 1.60 11.91 0.91
C GLU A 126 1.30 12.43 -0.50
N MET A 127 0.15 13.06 -0.68
CA MET A 127 -0.21 13.64 -1.99
C MET A 127 -0.70 15.08 -1.84
N ASN A 128 -0.19 15.98 -2.69
CA ASN A 128 -0.57 17.39 -2.64
C ASN A 128 -1.80 17.68 -3.52
N TYR A 129 -1.79 17.15 -4.74
CA TYR A 129 -2.91 17.35 -5.67
C TYR A 129 -3.99 16.28 -5.51
N ASN A 130 -5.15 16.71 -5.01
CA ASN A 130 -6.28 15.82 -4.73
C ASN A 130 -6.59 14.85 -5.88
N GLY A 131 -6.49 15.32 -7.12
CA GLY A 131 -6.77 14.47 -8.28
C GLY A 131 -5.79 14.67 -9.42
N GLY A 132 -4.50 14.71 -9.09
CA GLY A 132 -3.47 14.95 -10.09
C GLY A 132 -2.71 13.69 -10.51
N PRO A 133 -1.45 13.82 -10.96
CA PRO A 133 -0.62 12.66 -11.37
C PRO A 133 0.04 11.93 -10.19
N PHE A 134 1.15 11.25 -10.45
CA PHE A 134 1.90 10.52 -9.42
C PHE A 134 2.87 11.44 -8.63
N SER A 135 2.61 12.75 -8.66
CA SER A 135 3.48 13.72 -7.95
C SER A 135 3.31 13.62 -6.42
N VAL A 136 4.02 12.68 -5.82
CA VAL A 136 3.92 12.41 -4.38
C VAL A 136 4.68 13.46 -3.54
N SER A 137 4.06 13.90 -2.44
CA SER A 137 4.67 14.88 -1.53
C SER A 137 5.45 14.17 -0.41
N GLU A 138 6.62 14.73 -0.06
CA GLU A 138 7.49 14.13 0.96
C GLU A 138 7.21 14.71 2.35
N ARG A 139 7.18 13.85 3.38
CA ARG A 139 6.90 14.29 4.75
C ARG A 139 7.78 13.56 5.79
N THR A 140 8.53 14.32 6.57
CA THR A 140 9.36 13.75 7.64
C THR A 140 8.71 13.99 9.01
N ILE A 141 8.02 12.99 9.54
CA ILE A 141 7.31 13.12 10.82
C ILE A 141 8.27 12.94 12.01
N SER A 142 8.22 13.90 12.93
CA SER A 142 9.09 13.86 14.13
C SER A 142 8.73 12.70 15.05
N ALA A 143 9.75 12.15 15.73
CA ALA A 143 9.58 10.99 16.61
C ALA A 143 8.43 11.18 17.63
N GLY A 144 8.40 12.33 18.28
CA GLY A 144 7.35 12.62 19.25
C GLY A 144 5.94 12.51 18.67
N GLU A 145 5.80 12.87 17.40
CA GLU A 145 4.50 12.79 16.72
C GLU A 145 4.25 11.37 16.16
N ALA A 146 5.33 10.71 15.74
CA ALA A 146 5.25 9.36 15.17
C ALA A 146 4.74 8.32 16.18
N SER A 147 4.66 8.71 17.45
CA SER A 147 4.21 7.80 18.53
C SER A 147 2.69 7.60 18.51
N SER A 148 1.96 8.52 17.90
CA SER A 148 0.49 8.49 17.89
C SER A 148 -0.07 7.57 16.80
N TYR A 149 0.63 7.51 15.67
CA TYR A 149 0.15 6.76 14.50
C TYR A 149 0.20 5.24 14.72
N ASN A 150 -0.76 4.53 14.14
CA ASN A 150 -0.77 3.06 14.18
C ASN A 150 -0.27 2.49 12.86
N TYR A 151 0.87 1.80 12.88
CA TYR A 151 1.50 1.30 11.66
C TYR A 151 1.03 -0.12 11.30
N ILE A 152 0.35 -0.24 10.16
CA ILE A 152 -0.03 -1.55 9.64
C ILE A 152 1.14 -2.17 8.87
N HIS A 153 1.76 -3.20 9.45
CA HIS A 153 2.95 -3.83 8.86
C HIS A 153 2.58 -5.07 8.05
N LEU A 154 3.01 -5.09 6.79
CA LEU A 154 2.74 -6.23 5.92
C LEU A 154 3.88 -7.27 6.00
N ASN A 155 3.70 -8.29 6.84
CA ASN A 155 4.70 -9.36 6.99
C ASN A 155 4.66 -10.34 5.80
#